data_9IKH
#
_entry.id   9IKH
#
_cell.length_a   182.100
_cell.length_b   204.300
_cell.length_c   177.800
_cell.angle_alpha   90.00
_cell.angle_beta   90.00
_cell.angle_gamma   90.00
#
_symmetry.space_group_name_H-M   'P 21 21 21'
#
loop_
_entity.id
_entity.type
_entity.pdbx_description
1 polymer 'Cytochrome c oxidase subunit 1'
2 polymer 'Cytochrome c oxidase subunit 2'
3 polymer 'Cytochrome c oxidase subunit 3'
4 polymer 'Cytochrome c oxidase subunit 4 isoform 1, mitochondrial'
5 polymer 'Cytochrome c oxidase subunit 5A'
6 polymer 'Cytochrome c oxidase subunit 5B, mitochondrial'
7 polymer 'Cytochrome c oxidase subunit 6A2, mitochondrial'
8 polymer 'Cytochrome c oxidase subunit 6B1'
9 polymer 'Cytochrome c oxidase subunit 6C'
10 polymer 'Cytochrome c oxidase subunit 7A1'
11 polymer 'Cytochrome c oxidase subunit 7B, mitochondrial'
12 polymer 'Cytochrome c oxidase subunit 7C, mitochondrial'
13 polymer 'Cytochrome c oxidase subunit 8B, mitochondrial'
14 non-polymer HEME-A
15 non-polymer 'COPPER (II) ION'
16 non-polymer 'MAGNESIUM ION'
17 non-polymer 'SODIUM ION'
18 non-polymer 'PEROXIDE ION'
19 non-polymer 'NITROUS OXIDE'
20 non-polymer EICOSANE
21 non-polymer DECYL-BETA-D-MALTOPYRANOSIDE
22 non-polymer 1,2-ETHANEDIOL
23 non-polymer '(1R)-2-{[{[(2S)-2,3-DIHYDROXYPROPYL]OXY}(HYDROXY)PHOSPHORYL]OXY}-1-[(PALMITOYLOXY)METHYL]ETHYL (11E)-OCTADEC-11-ENOATE'
24 non-polymer 'DINUCLEAR COPPER ION'
25 non-polymer 'CHOLIC ACID'
26 non-polymer 'UNKNOWN ATOM OR ION'
27 non-polymer CARDIOLIPIN
28 non-polymer 'ZINC ION'
29 non-polymer '(1S)-2-{[(2-AMINOETHOXY)(HYDROXY)PHOSPHORYL]OXY}-1-[(STEAROYLOXY)METHYL]ETHYL (5E,8E,11E,14E)-ICOSA-5,8,11,14-TETRAENOATE'
30 water water
#
loop_
_entity_poly.entity_id
_entity_poly.type
_entity_poly.pdbx_seq_one_letter_code
_entity_poly.pdbx_strand_id
1 'polypeptide(L)'
;(FME)FINRWLFSTNHKDIGTLYLLFGAWAGMVGTALSLLIRAELGQPGTLLGDDQIYNVVVTAHAFVMIFFMVMPIMIG
GFGNWLVPLMIGAPDMAFPRMNNMSFWLLPPSFLLLLASSMVEAGAGTGWTVYPPLAGNLAHAGASVDLTIFSLHLAGVS
SILGAINFITTIINMKPPAMSQYQTPLFVWSVMITAVLLLLSLPVLAAGITMLLTDRNLNTTFFDPAGGGDPILYQHLFW
FFGHPEVYILILPGFGMISHIVTYYSGKKEPFGYMGMVWAMMSIGFLGFIVWAHHMFTVGMDVDTRAYFTSATMIIAIPT
GVKVFSWLATLHGGNIKWSPAMMWALGFIFLFTVGGLTGIVLANSSLDIVLHDTYYVVAHFHYVLSMGAVFAIMGGFVHW
FPLFSGYTLNDTWAKIHFAIMFVGVNMTFFPQHFLGLSGMPRRYSDYPDAYTMWNTISSMGSFISLTAVMLMVFIIWEAF
ASKREVLTVDLTTTNLEWLNGCPPPYHTFEEPTYVNLK
;
A,N
2 'polypeptide(L)'
;(FME)AYPMQLGFQDATSPIMEELLHFHDHTLMIVFLISSLVLYIISLMLTTKLTHTSTMDAQEVETIWTILPAIILILI
ALPSLRILYMMDEINNPSLTVKTMGHQWYWSYEYTDYEDLSFDSYMIPTSELKPGELRLLEVDNRVVLPMEMTIRMLVSS
EDVLHSWAVPSLGLKTDAIPGRLNQTTLMSSRPGLYYGQCSEICGSNHSFMPIVLELVPLKYFEKWSASML
;
B,O
3 'polypeptide(L)'
;MTHQTHAYHMVNPSPWPLTGALSALLMTSGLTMWFHFNSMTLLMIGLTTNMLTMYQWWRDVIRESTFQGHHTPAVQKGLR
YGMILFIISEVLFFTGFFWAFYHSSLAPTPELGGCWPPTGIHPLNPLEVPLLNTSVLLASGVSITWAHHSLMEGDRKHML
QALFITITLGVYFTLLQASEYYEAPFTISDGVYGSTFFVATGFHGLHVIIGSTFLIVCFFRQLKFHFTSNHHFGFEAAAW
YWHFVDVVWLFLYVSIYWWGS
;
C,P
4 'polypeptide(L)'
;AHGSVVKSEDYALPSYVDRRDYPLPDVAHVKNLSASQKALKEKEKASWSSLSIDEKVELYRLKFKESFAEMNRSTNEWKT
VVGAAMFFIGFTALLLIWEKHYVYGPIPHTFEEEWVAKQTKRMLDMKVAPIQGFSAKWDYDKNEWKK
;
D,Q
5 'polypeptide(L)'
;SHGSHETDEEFDARWVTYFNKPDIDAWELRKGMNTLVGYDLVPEPKIIDAALRACRRLNDFASAVRILEVVKDKAGPHKE
IYPYVIQELRPTLNELGISTPEELGLDKV
;
E,R
6 'polypeptide(L)'
;ASGGGVPTDEEQATGLEREVMLAARKGQDPYNILAPKATSGTKEDPNLVPSITNKRIVGCICEEDNSTVIWFWLHKGEAQ
RCPSCGTHYKLVPHQLAH
;
F,S
7 'polypeptide(L)'
;ASAAKGDHGGTGARTWRFLTFGLALPSVALCTLNSWLHSGHRERPAFIPYHHLRIRTKPFSWGDGNHTFFHNPRVNPLPT
GYEKP
;
G,T
8 'polypeptide(L)'
;AEDIQAKIKNYQTAPFDSRFPNQNQTRNCWQNYLDFHRCEKAMTAKGGDVSVCEWYRRVYKSLCPISWVSTWDDRRAEGT
FPGKI
;
H,U
9 'polypeptide(L)' STALAKPQMRGLLARRLRFHIVGAFMVSLGFATFYKFAVAEKRKKAYADFYRNYDSMKDFEEMRKAGIFQSAK I,V
10 'polypeptide(L)' FENRVAEKQKLFQEDNGLPVHLKGGATDNILYRVTMTLCLGGTLYSLYCLGWASFPHKK J,W
11 'polypeptide(L)' IHQKRAPDFHDKYGNAVLASGATFCVAVWVYMATQIGIEWNPSPVGRVTPKEWREQ K,X
12 'polypeptide(L)' SHYEEGPGKNIPFSVENKWRLLAMMTLFFGSGFAAPFFIVRHQLLKK L,Y
13 'polypeptide(L)' ITAKPAKTPTSPKEQAIGLSVTFLSFLLPAGWVLYHLDNYKKSSAA M,Z
#
# COMPACT_ATOMS: atom_id res chain seq x y z
N PHE A 2 -2.75 44.86 28.16
CA PHE A 2 -2.43 43.68 28.93
C PHE A 2 -3.17 42.45 28.38
N ILE A 3 -4.49 42.57 28.12
CA ILE A 3 -5.28 41.46 27.54
C ILE A 3 -4.67 41.12 26.17
N ASN A 4 -4.40 42.10 25.30
CA ASN A 4 -3.91 41.83 23.94
C ASN A 4 -2.59 41.06 24.06
N ARG A 5 -1.75 41.47 24.99
CA ARG A 5 -0.39 40.89 25.13
C ARG A 5 -0.47 39.47 25.72
N TRP A 6 -1.27 39.23 26.76
CA TRP A 6 -1.11 38.00 27.58
C TRP A 6 -2.23 37.00 27.36
N LEU A 7 -3.40 37.44 26.85
CA LEU A 7 -4.52 36.53 26.52
C LEU A 7 -4.58 36.27 25.01
N PHE A 8 -4.13 37.23 24.17
CA PHE A 8 -4.23 37.18 22.70
C PHE A 8 -2.83 37.00 22.04
N SER A 9 -1.85 36.47 22.79
CA SER A 9 -0.46 36.44 22.31
C SER A 9 -0.37 35.70 20.97
N THR A 10 0.54 36.19 20.13
CA THR A 10 1.11 35.48 18.96
C THR A 10 2.64 35.53 19.00
N ASN A 11 3.20 35.59 20.20
CA ASN A 11 4.64 35.80 20.39
C ASN A 11 5.23 34.58 21.10
N HIS A 12 6.24 33.95 20.51
CA HIS A 12 6.84 32.71 21.06
C HIS A 12 7.40 32.91 22.48
N LYS A 13 7.99 34.07 22.78
CA LYS A 13 8.62 34.32 24.10
C LYS A 13 7.51 34.47 25.16
N ASP A 14 6.51 35.30 24.90
CA ASP A 14 5.44 35.50 25.90
C ASP A 14 4.73 34.17 26.15
N ILE A 15 4.50 33.40 25.09
CA ILE A 15 3.80 32.10 25.24
C ILE A 15 4.71 31.15 26.05
N GLY A 16 6.00 31.14 25.76
CA GLY A 16 6.97 30.39 26.59
C GLY A 16 6.87 30.82 28.06
N THR A 17 6.79 32.13 28.31
CA THR A 17 6.63 32.67 29.69
C THR A 17 5.34 32.13 30.34
N LEU A 18 4.24 32.15 29.61
CA LEU A 18 2.97 31.62 30.14
C LEU A 18 3.15 30.13 30.51
N TYR A 19 3.74 29.35 29.62
CA TYR A 19 4.02 27.92 29.94
C TYR A 19 4.86 27.76 31.23
N LEU A 20 5.93 28.54 31.40
CA LEU A 20 6.80 28.41 32.58
C LEU A 20 6.00 28.76 33.84
N LEU A 21 5.18 29.81 33.80
CA LEU A 21 4.34 30.18 34.99
C LEU A 21 3.36 29.04 35.34
N PHE A 22 2.70 28.50 34.32
CA PHE A 22 1.73 27.40 34.43
C PHE A 22 2.42 26.18 35.03
N GLY A 23 3.57 25.82 34.45
CA GLY A 23 4.32 24.67 34.94
C GLY A 23 4.79 24.84 36.39
N ALA A 24 5.22 26.03 36.76
CA ALA A 24 5.66 26.33 38.13
C ALA A 24 4.50 26.13 39.10
N TRP A 25 3.32 26.65 38.76
CA TRP A 25 2.10 26.50 39.61
C TRP A 25 1.78 25.00 39.74
N ALA A 26 1.74 24.30 38.60
CA ALA A 26 1.50 22.84 38.55
C ALA A 26 2.53 22.11 39.45
N GLY A 27 3.80 22.52 39.42
CA GLY A 27 4.82 21.86 40.25
C GLY A 27 4.49 22.00 41.74
N MET A 28 3.86 23.13 42.14
CA MET A 28 3.49 23.29 43.57
C MET A 28 2.35 22.31 43.91
N VAL A 29 1.39 22.16 43.00
CA VAL A 29 0.29 21.18 43.20
C VAL A 29 0.87 19.76 43.31
N GLY A 30 1.76 19.42 42.39
CA GLY A 30 2.31 18.06 42.36
C GLY A 30 3.16 17.77 43.59
N THR A 31 3.87 18.78 44.07
CA THR A 31 4.66 18.70 45.31
C THR A 31 3.74 18.44 46.53
N ALA A 32 2.64 19.19 46.66
CA ALA A 32 1.68 19.03 47.76
C ALA A 32 1.16 17.57 47.72
N LEU A 33 0.78 17.09 46.52
CA LEU A 33 0.26 15.73 46.35
C LEU A 33 1.34 14.74 46.82
N SER A 34 2.61 14.96 46.43
CA SER A 34 3.71 14.03 46.81
C SER A 34 3.86 14.02 48.35
N LEU A 35 3.68 15.15 49.03
CA LEU A 35 3.83 15.20 50.50
C LEU A 35 2.65 14.49 51.19
N LEU A 36 1.44 14.55 50.64
CA LEU A 36 0.30 13.80 51.19
C LEU A 36 0.58 12.30 51.07
N ILE A 37 1.09 11.86 49.94
CA ILE A 37 1.50 10.44 49.74
C ILE A 37 2.43 10.07 50.91
N ARG A 38 3.49 10.84 51.08
CA ARG A 38 4.57 10.46 52.02
C ARG A 38 4.13 10.70 53.47
N ALA A 39 3.19 11.60 53.72
CA ALA A 39 2.59 11.77 55.05
C ALA A 39 1.80 10.50 55.39
N GLU A 40 0.99 10.00 54.47
CA GLU A 40 0.24 8.74 54.68
C GLU A 40 1.19 7.58 55.00
N LEU A 41 2.32 7.50 54.30
CA LEU A 41 3.24 6.34 54.43
C LEU A 41 4.33 6.57 55.49
N GLY A 42 4.37 7.71 56.13
CA GLY A 42 5.51 8.09 56.99
C GLY A 42 5.50 7.43 58.34
N GLN A 43 4.37 6.84 58.73
CA GLN A 43 4.27 5.92 59.88
C GLN A 43 3.21 4.87 59.52
N PRO A 44 3.37 3.66 60.07
CA PRO A 44 2.43 2.56 59.84
C PRO A 44 1.06 2.98 60.39
N GLY A 45 0.02 2.50 59.74
CA GLY A 45 -1.37 2.85 60.05
C GLY A 45 -1.97 3.70 58.97
N THR A 46 -3.14 4.25 59.27
CA THR A 46 -3.92 5.04 58.32
C THR A 46 -3.95 6.48 58.81
N LEU A 47 -3.55 7.41 57.96
CA LEU A 47 -3.59 8.87 58.27
C LEU A 47 -4.87 9.49 57.68
N LEU A 48 -5.10 9.34 56.38
CA LEU A 48 -6.16 10.09 55.62
C LEU A 48 -7.47 9.30 55.56
N GLY A 49 -7.43 8.09 55.07
CA GLY A 49 -8.62 7.26 54.87
C GLY A 49 -8.10 6.02 54.20
N ASP A 50 -8.99 5.36 53.48
CA ASP A 50 -8.70 4.04 52.88
C ASP A 50 -8.00 4.28 51.56
N ASP A 51 -7.85 3.25 50.74
CA ASP A 51 -7.05 3.36 49.50
C ASP A 51 -7.73 4.32 48.51
N GLN A 52 -9.02 4.65 48.65
CA GLN A 52 -9.65 5.50 47.61
C GLN A 52 -9.08 6.93 47.70
N ILE A 53 -9.21 7.60 48.85
CA ILE A 53 -8.63 8.97 48.96
C ILE A 53 -7.14 8.89 48.65
N TYR A 54 -6.46 7.87 49.16
CA TYR A 54 -5.01 7.75 48.95
C TYR A 54 -4.73 7.72 47.44
N ASN A 55 -5.45 6.85 46.69
CA ASN A 55 -5.12 6.65 45.26
C ASN A 55 -5.64 7.82 44.43
N VAL A 56 -6.63 8.57 44.92
CA VAL A 56 -6.97 9.85 44.24
C VAL A 56 -5.74 10.77 44.27
N VAL A 57 -5.12 10.88 45.44
CA VAL A 57 -3.88 11.69 45.62
C VAL A 57 -2.75 11.15 44.71
N VAL A 58 -2.51 9.85 44.72
CA VAL A 58 -1.42 9.26 43.89
C VAL A 58 -1.71 9.55 42.40
N THR A 59 -2.93 9.31 41.97
CA THR A 59 -3.32 9.47 40.55
C THR A 59 -3.07 10.94 40.16
N ALA A 60 -3.56 11.88 40.98
CA ALA A 60 -3.48 13.34 40.66
C ALA A 60 -2.01 13.76 40.68
N HIS A 61 -1.26 13.24 41.65
CA HIS A 61 0.20 13.52 41.72
C HIS A 61 0.85 13.25 40.36
N ALA A 62 0.61 12.07 39.79
CA ALA A 62 1.24 11.66 38.51
C ALA A 62 0.76 12.56 37.36
N PHE A 63 -0.55 12.74 37.24
CA PHE A 63 -1.06 13.53 36.09
C PHE A 63 -0.49 14.95 36.14
N VAL A 64 -0.49 15.56 37.33
CA VAL A 64 -0.02 16.95 37.50
C VAL A 64 1.48 16.98 37.16
N MET A 65 2.28 16.09 37.75
CA MET A 65 3.76 16.16 37.51
C MET A 65 4.07 15.97 36.02
N ILE A 66 3.36 15.07 35.33
CA ILE A 66 3.67 14.71 33.92
C ILE A 66 3.05 15.73 32.95
N PHE A 67 1.74 15.91 33.02
CA PHE A 67 1.01 16.69 32.00
C PHE A 67 1.04 18.19 32.30
N PHE A 68 1.15 18.62 33.56
CA PHE A 68 1.02 20.06 33.90
C PHE A 68 2.34 20.66 34.35
N MET A 69 3.32 19.84 34.75
CA MET A 69 4.61 20.39 35.17
C MET A 69 5.66 20.07 34.10
N VAL A 70 5.98 18.81 33.86
CA VAL A 70 7.18 18.54 33.01
C VAL A 70 6.90 18.94 31.56
N MET A 71 5.79 18.47 30.95
CA MET A 71 5.59 18.73 29.50
C MET A 71 5.46 20.22 29.24
N PRO A 72 4.62 20.96 29.99
CA PRO A 72 4.53 22.41 29.75
C PRO A 72 5.88 23.15 29.93
N ILE A 73 6.63 22.82 30.96
CA ILE A 73 7.91 23.51 31.19
C ILE A 73 8.88 23.15 30.03
N MET A 74 9.11 21.87 29.73
CA MET A 74 10.19 21.48 28.77
C MET A 74 9.79 21.91 27.35
N ILE A 75 8.56 21.60 26.95
CA ILE A 75 8.16 21.75 25.55
C ILE A 75 7.54 23.14 25.36
N GLY A 76 6.51 23.44 26.15
CA GLY A 76 5.86 24.73 26.00
C GLY A 76 6.74 25.89 26.41
N GLY A 77 7.53 25.75 27.47
CA GLY A 77 8.30 26.86 28.03
C GLY A 77 9.67 26.98 27.38
N PHE A 78 10.58 26.04 27.66
CA PHE A 78 11.91 26.08 27.03
C PHE A 78 11.78 25.95 25.51
N GLY A 79 10.90 25.09 24.99
CA GLY A 79 10.79 24.91 23.54
C GLY A 79 10.35 26.21 22.87
N ASN A 80 9.29 26.85 23.35
CA ASN A 80 8.84 28.11 22.72
C ASN A 80 9.89 29.22 22.86
N TRP A 81 10.50 29.37 24.02
CA TRP A 81 11.50 30.44 24.21
C TRP A 81 12.69 30.18 23.30
N LEU A 82 13.25 28.96 23.30
CA LEU A 82 14.61 28.75 22.77
C LEU A 82 14.62 28.34 21.30
N VAL A 83 13.65 27.55 20.83
CA VAL A 83 13.74 26.94 19.49
C VAL A 83 13.84 28.02 18.42
N PRO A 84 12.93 29.02 18.39
CA PRO A 84 12.99 30.05 17.36
C PRO A 84 14.33 30.79 17.47
N LEU A 85 14.76 31.11 18.68
CA LEU A 85 16.01 31.87 18.85
C LEU A 85 17.20 31.03 18.35
N MET A 86 17.20 29.74 18.61
CA MET A 86 18.37 28.90 18.25
C MET A 86 18.44 28.67 16.73
N ILE A 87 17.35 28.92 15.99
CA ILE A 87 17.41 28.78 14.49
C ILE A 87 17.24 30.13 13.80
N GLY A 88 17.29 31.22 14.56
CA GLY A 88 17.20 32.57 13.98
C GLY A 88 15.85 32.81 13.33
N ALA A 89 14.81 32.14 13.80
CA ALA A 89 13.43 32.31 13.26
C ALA A 89 12.71 33.45 13.95
N PRO A 90 11.78 34.14 13.25
CA PRO A 90 11.12 35.30 13.84
C PRO A 90 9.98 34.98 14.82
N ASP A 91 9.48 33.75 14.74
CA ASP A 91 8.49 33.18 15.66
C ASP A 91 8.33 31.71 15.27
N MET A 92 7.29 31.06 15.81
CA MET A 92 6.82 29.73 15.41
C MET A 92 6.06 29.81 14.05
N ALA A 93 5.92 28.69 13.35
CA ALA A 93 5.21 28.61 12.06
C ALA A 93 3.75 29.08 12.30
N PHE A 94 3.11 28.68 13.40
CA PHE A 94 1.65 28.90 13.63
C PHE A 94 1.49 29.60 14.96
N PRO A 95 1.83 30.93 14.98
CA PRO A 95 1.95 31.66 16.23
C PRO A 95 0.62 31.79 16.94
N ARG A 96 -0.51 31.76 16.20
CA ARG A 96 -1.84 31.86 16.84
C ARG A 96 -2.25 30.46 17.35
N MET A 97 -2.06 29.42 16.55
CA MET A 97 -2.33 28.05 17.05
C MET A 97 -1.47 27.78 18.32
N ASN A 98 -0.26 28.32 18.37
CA ASN A 98 0.65 28.16 19.53
C ASN A 98 -0.05 28.62 20.82
N ASN A 99 -0.76 29.74 20.74
CA ASN A 99 -1.47 30.34 21.89
C ASN A 99 -2.61 29.41 22.34
N MET A 100 -3.25 28.68 21.41
CA MET A 100 -4.33 27.75 21.80
C MET A 100 -3.74 26.51 22.49
N SER A 101 -2.56 26.05 22.09
CA SER A 101 -1.86 24.97 22.84
C SER A 101 -1.72 25.40 24.29
N PHE A 102 -1.29 26.62 24.55
CA PHE A 102 -1.18 27.11 25.93
C PHE A 102 -2.57 27.16 26.60
N TRP A 103 -3.54 27.87 26.02
CA TRP A 103 -4.82 28.11 26.72
C TRP A 103 -5.67 26.86 26.91
N LEU A 104 -5.40 25.76 26.22
CA LEU A 104 -6.05 24.47 26.51
C LEU A 104 -5.58 23.93 27.88
N LEU A 105 -4.43 24.35 28.43
CA LEU A 105 -3.95 23.68 29.64
C LEU A 105 -4.71 24.12 30.90
N PRO A 106 -5.04 25.43 31.13
CA PRO A 106 -5.83 25.77 32.32
C PRO A 106 -7.14 24.98 32.39
N PRO A 107 -7.91 24.91 31.30
CA PRO A 107 -9.11 24.07 31.30
C PRO A 107 -8.83 22.58 31.56
N SER A 108 -7.80 22.02 30.92
CA SER A 108 -7.37 20.64 31.20
C SER A 108 -7.19 20.48 32.72
N PHE A 109 -6.49 21.43 33.34
CA PHE A 109 -6.13 21.34 34.78
C PHE A 109 -7.43 21.48 35.59
N LEU A 110 -8.29 22.40 35.17
CA LEU A 110 -9.60 22.58 35.85
C LEU A 110 -10.39 21.25 35.83
N LEU A 111 -10.42 20.52 34.71
CA LEU A 111 -11.15 19.26 34.65
C LEU A 111 -10.50 18.24 35.61
N LEU A 112 -9.18 18.19 35.70
CA LEU A 112 -8.54 17.24 36.64
C LEU A 112 -8.93 17.62 38.08
N LEU A 113 -8.85 18.89 38.46
N LEU A 113 -8.83 18.93 38.45
CA LEU A 113 -9.19 19.29 39.85
CA LEU A 113 -9.33 19.46 39.77
C LEU A 113 -10.72 19.06 40.07
C LEU A 113 -10.71 18.88 40.00
N ALA A 114 -11.56 19.14 39.03
CA ALA A 114 -13.00 18.84 39.16
C ALA A 114 -13.19 17.35 39.45
N SER A 115 -12.43 16.47 38.76
N SER A 115 -12.45 16.50 38.74
CA SER A 115 -12.49 15.00 38.96
CA SER A 115 -12.46 15.03 38.93
C SER A 115 -12.33 14.71 40.45
C SER A 115 -12.33 14.72 40.43
N SER A 116 -11.45 15.47 41.15
CA SER A 116 -11.05 15.14 42.54
C SER A 116 -12.05 15.69 43.56
N MET A 117 -12.89 16.62 43.12
N MET A 117 -12.89 16.64 43.14
CA MET A 117 -13.87 17.36 43.97
CA MET A 117 -13.86 17.34 44.01
C MET A 117 -15.23 16.68 43.93
C MET A 117 -15.22 16.65 43.94
N VAL A 118 -15.58 16.06 42.80
CA VAL A 118 -16.91 15.43 42.62
C VAL A 118 -16.81 13.99 43.10
N GLU A 119 -17.92 13.44 43.56
CA GLU A 119 -18.04 12.04 44.03
C GLU A 119 -16.84 11.74 44.94
N ALA A 120 -16.13 10.64 44.68
CA ALA A 120 -15.01 10.20 45.54
C ALA A 120 -13.69 10.30 44.77
N GLY A 121 -13.65 11.06 43.67
CA GLY A 121 -12.43 11.21 42.85
C GLY A 121 -12.15 10.00 41.99
N ALA A 122 -11.10 10.09 41.16
CA ALA A 122 -10.66 8.99 40.29
C ALA A 122 -9.44 8.35 40.96
N GLY A 123 -9.67 7.29 41.72
CA GLY A 123 -8.64 6.56 42.46
C GLY A 123 -8.20 5.39 41.60
N THR A 124 -7.67 5.67 40.40
CA THR A 124 -7.51 4.61 39.38
C THR A 124 -6.04 4.27 39.12
N GLY A 125 -5.14 5.10 39.58
CA GLY A 125 -3.77 5.17 39.02
C GLY A 125 -3.78 6.01 37.75
N TRP A 126 -2.63 6.59 37.37
CA TRP A 126 -2.55 7.46 36.16
C TRP A 126 -2.77 6.68 34.85
N THR A 127 -2.74 5.37 34.92
CA THR A 127 -2.96 4.41 33.82
C THR A 127 -4.46 4.24 33.54
N VAL A 128 -5.29 4.51 34.54
CA VAL A 128 -6.79 4.51 34.42
C VAL A 128 -7.27 3.14 33.88
N TYR A 129 -6.75 2.01 34.39
CA TYR A 129 -7.18 0.67 33.90
C TYR A 129 -8.65 0.40 34.24
N PRO A 130 -9.42 -0.12 33.27
CA PRO A 130 -10.69 -0.80 33.58
C PRO A 130 -10.38 -2.19 34.10
N PRO A 131 -11.34 -2.87 34.77
CA PRO A 131 -12.66 -2.30 35.12
C PRO A 131 -12.72 -1.37 36.35
N LEU A 132 -11.63 -1.22 37.12
CA LEU A 132 -11.67 -0.27 38.27
C LEU A 132 -12.12 1.14 37.79
N ALA A 133 -11.64 1.61 36.63
CA ALA A 133 -11.97 2.93 36.06
C ALA A 133 -13.34 2.91 35.34
N GLY A 134 -14.03 1.75 35.28
CA GLY A 134 -15.33 1.61 34.58
C GLY A 134 -16.49 2.16 35.41
N ASN A 135 -17.68 2.11 34.82
CA ASN A 135 -18.87 2.80 35.40
C ASN A 135 -19.48 2.02 36.57
N LEU A 136 -19.02 0.80 36.89
N LEU A 136 -18.98 0.85 36.95
CA LEU A 136 -19.50 0.02 38.08
CA LEU A 136 -19.54 0.12 38.12
C LEU A 136 -18.61 0.35 39.28
C LEU A 136 -18.61 0.27 39.33
N ALA A 137 -17.30 0.15 39.13
CA ALA A 137 -16.32 0.33 40.22
C ALA A 137 -15.92 1.81 40.39
N HIS A 138 -16.15 2.67 39.40
CA HIS A 138 -15.96 4.14 39.52
C HIS A 138 -17.20 4.83 38.92
N ALA A 139 -18.37 4.58 39.47
CA ALA A 139 -19.62 5.22 39.03
C ALA A 139 -19.47 6.74 39.21
N GLY A 140 -20.07 7.49 38.29
CA GLY A 140 -20.14 8.95 38.42
C GLY A 140 -19.08 9.69 37.60
N ALA A 141 -19.00 11.01 37.79
CA ALA A 141 -18.32 11.92 36.83
C ALA A 141 -16.77 11.86 36.93
N SER A 142 -16.17 11.38 38.02
CA SER A 142 -14.72 11.60 38.27
C SER A 142 -13.87 11.08 37.10
N VAL A 143 -14.08 9.85 36.70
CA VAL A 143 -13.20 9.27 35.64
C VAL A 143 -13.50 9.99 34.31
N ASP A 144 -14.74 10.38 34.04
CA ASP A 144 -15.02 11.07 32.77
C ASP A 144 -14.28 12.41 32.76
N LEU A 145 -14.26 13.12 33.89
CA LEU A 145 -13.54 14.41 33.98
C LEU A 145 -12.05 14.17 33.76
N THR A 146 -11.53 13.08 34.25
CA THR A 146 -10.10 12.74 34.02
C THR A 146 -9.88 12.51 32.51
N ILE A 147 -10.76 11.73 31.87
CA ILE A 147 -10.63 11.44 30.42
C ILE A 147 -10.64 12.77 29.65
N PHE A 148 -11.58 13.64 29.97
CA PHE A 148 -11.67 14.92 29.24
C PHE A 148 -10.44 15.79 29.51
N SER A 149 -9.92 15.77 30.74
CA SER A 149 -8.64 16.46 31.06
C SER A 149 -7.56 15.98 30.08
N LEU A 150 -7.44 14.66 29.95
CA LEU A 150 -6.44 14.06 29.03
C LEU A 150 -6.71 14.45 27.57
N HIS A 151 -7.98 14.49 27.15
CA HIS A 151 -8.31 14.92 25.78
C HIS A 151 -7.77 16.33 25.51
N LEU A 152 -8.03 17.27 26.41
CA LEU A 152 -7.60 18.68 26.17
C LEU A 152 -6.06 18.74 26.21
N ALA A 153 -5.42 18.12 27.17
CA ALA A 153 -3.93 18.10 27.19
C ALA A 153 -3.37 17.44 25.92
N GLY A 154 -4.03 16.38 25.44
CA GLY A 154 -3.71 15.68 24.18
C GLY A 154 -3.76 16.61 22.98
N VAL A 155 -4.85 17.34 22.83
CA VAL A 155 -5.00 18.26 21.69
C VAL A 155 -3.91 19.34 21.78
N SER A 156 -3.72 19.88 22.98
CA SER A 156 -2.69 20.91 23.23
C SER A 156 -1.37 20.41 22.64
N SER A 157 -0.95 19.22 23.05
CA SER A 157 0.40 18.72 22.67
C SER A 157 0.44 18.29 21.20
N ILE A 158 -0.65 17.78 20.63
CA ILE A 158 -0.68 17.39 19.19
C ILE A 158 -0.50 18.65 18.35
N LEU A 159 -1.27 19.69 18.65
CA LEU A 159 -1.11 20.93 17.88
C LEU A 159 0.28 21.52 18.12
N GLY A 160 0.78 21.44 19.36
CA GLY A 160 2.15 21.90 19.69
C GLY A 160 3.21 21.14 18.88
N ALA A 161 3.06 19.82 18.76
CA ALA A 161 3.98 18.95 17.97
C ALA A 161 3.95 19.38 16.49
N ILE A 162 2.77 19.62 15.92
CA ILE A 162 2.65 20.07 14.50
C ILE A 162 3.45 21.38 14.36
N ASN A 163 3.29 22.27 15.33
CA ASN A 163 3.93 23.60 15.33
C ASN A 163 5.46 23.42 15.39
N PHE A 164 5.95 22.64 16.32
CA PHE A 164 7.43 22.49 16.46
C PHE A 164 8.02 21.82 15.22
N ILE A 165 7.43 20.76 14.72
CA ILE A 165 8.00 20.01 13.55
C ILE A 165 8.04 20.99 12.37
N THR A 166 6.93 21.69 12.12
CA THR A 166 6.88 22.61 10.98
C THR A 166 7.95 23.70 11.15
N THR A 167 8.03 24.31 12.34
CA THR A 167 8.97 25.43 12.59
C THR A 167 10.40 24.92 12.33
N ILE A 168 10.72 23.77 12.89
CA ILE A 168 12.13 23.27 12.88
C ILE A 168 12.50 22.84 11.45
N ILE A 169 11.58 22.25 10.71
CA ILE A 169 11.83 21.83 9.29
C ILE A 169 11.87 23.06 8.35
N ASN A 170 10.96 24.01 8.53
CA ASN A 170 10.63 25.01 7.48
C ASN A 170 11.31 26.36 7.76
N MET A 171 11.73 26.69 8.98
CA MET A 171 12.05 28.10 9.33
C MET A 171 13.50 28.26 9.77
N LYS A 172 14.40 27.41 9.32
CA LYS A 172 15.82 27.63 9.58
C LYS A 172 16.38 28.55 8.49
N PRO A 173 17.54 29.19 8.70
CA PRO A 173 18.20 29.90 7.59
C PRO A 173 18.38 28.92 6.43
N PRO A 174 18.25 29.40 5.19
CA PRO A 174 18.29 28.54 4.02
C PRO A 174 19.63 27.82 3.87
N ALA A 175 20.75 28.33 4.37
CA ALA A 175 22.04 27.59 4.33
C ALA A 175 22.12 26.53 5.43
N MET A 176 21.27 26.62 6.47
CA MET A 176 21.39 25.71 7.65
C MET A 176 20.71 24.36 7.34
N SER A 177 21.48 23.29 7.25
CA SER A 177 20.87 21.94 7.16
C SER A 177 20.38 21.50 8.55
N GLN A 178 19.64 20.41 8.58
CA GLN A 178 19.21 19.83 9.86
C GLN A 178 20.46 19.43 10.66
N TYR A 179 21.60 19.14 10.01
CA TYR A 179 22.82 18.76 10.75
C TYR A 179 23.64 19.99 11.18
N GLN A 180 23.07 21.18 11.09
CA GLN A 180 23.66 22.40 11.68
C GLN A 180 22.71 23.03 12.70
N THR A 181 21.71 22.28 13.17
CA THR A 181 20.83 22.79 14.24
C THR A 181 21.33 22.28 15.58
N PRO A 182 21.21 23.08 16.64
CA PRO A 182 21.59 22.65 17.97
C PRO A 182 20.84 21.40 18.47
N LEU A 183 21.53 20.63 19.32
CA LEU A 183 20.95 19.40 19.93
C LEU A 183 19.61 19.68 20.63
N PHE A 184 19.41 20.82 21.28
CA PHE A 184 18.13 21.06 21.97
C PHE A 184 17.01 21.08 20.90
N VAL A 185 17.29 21.71 19.77
CA VAL A 185 16.31 21.79 18.65
C VAL A 185 16.01 20.37 18.15
N TRP A 186 17.01 19.53 17.93
CA TRP A 186 16.78 18.12 17.59
C TRP A 186 15.91 17.45 18.67
N SER A 187 16.21 17.65 19.94
CA SER A 187 15.52 16.96 21.04
C SER A 187 14.02 17.33 20.99
N VAL A 188 13.71 18.59 20.62
CA VAL A 188 12.29 19.05 20.57
C VAL A 188 11.61 18.46 19.32
N MET A 189 12.29 18.41 18.18
CA MET A 189 11.70 17.87 16.94
C MET A 189 11.36 16.39 17.16
N ILE A 190 12.28 15.63 17.76
CA ILE A 190 12.05 14.19 17.97
C ILE A 190 10.90 13.99 18.98
N THR A 191 10.91 14.74 20.08
CA THR A 191 9.82 14.71 21.09
C THR A 191 8.49 14.98 20.36
N ALA A 192 8.48 15.95 19.47
CA ALA A 192 7.23 16.37 18.76
C ALA A 192 6.74 15.22 17.87
N VAL A 193 7.67 14.52 17.21
CA VAL A 193 7.28 13.33 16.40
C VAL A 193 6.65 12.27 17.33
N LEU A 194 7.28 11.99 18.47
CA LEU A 194 6.71 11.01 19.43
C LEU A 194 5.27 11.43 19.85
N LEU A 195 5.08 12.70 20.17
CA LEU A 195 3.76 13.20 20.61
C LEU A 195 2.74 12.99 19.48
N LEU A 196 3.09 13.38 18.26
CA LEU A 196 2.20 13.32 17.07
C LEU A 196 1.69 11.89 16.89
N LEU A 197 2.56 10.89 17.06
CA LEU A 197 2.20 9.49 16.80
C LEU A 197 1.54 8.80 18.00
N SER A 198 1.93 9.13 19.21
CA SER A 198 1.52 8.40 20.45
C SER A 198 0.18 8.96 20.97
N LEU A 199 0.06 10.26 21.08
CA LEU A 199 -1.16 10.82 21.73
C LEU A 199 -2.47 10.40 21.04
N PRO A 200 -2.53 10.29 19.70
CA PRO A 200 -3.79 9.88 19.08
C PRO A 200 -4.20 8.46 19.50
N VAL A 201 -3.24 7.60 19.84
CA VAL A 201 -3.57 6.22 20.24
C VAL A 201 -4.12 6.29 21.66
N LEU A 202 -3.52 7.10 22.54
CA LEU A 202 -4.11 7.34 23.87
C LEU A 202 -5.54 7.87 23.67
N ALA A 203 -5.71 8.83 22.79
CA ALA A 203 -7.04 9.47 22.57
C ALA A 203 -8.06 8.40 22.19
N ALA A 204 -7.66 7.48 21.31
CA ALA A 204 -8.55 6.38 20.89
C ALA A 204 -8.89 5.52 22.12
N GLY A 205 -7.87 5.10 22.87
CA GLY A 205 -8.13 4.23 24.03
C GLY A 205 -9.04 4.89 25.09
N ILE A 206 -8.79 6.14 25.46
CA ILE A 206 -9.57 6.77 26.57
C ILE A 206 -10.96 7.10 26.03
N THR A 207 -11.07 7.30 24.73
CA THR A 207 -12.41 7.49 24.09
C THR A 207 -13.22 6.19 24.19
N MET A 208 -12.59 5.04 23.95
N MET A 208 -12.57 5.04 23.99
CA MET A 208 -13.22 3.71 24.14
CA MET A 208 -13.24 3.72 24.11
C MET A 208 -13.64 3.57 25.60
C MET A 208 -13.58 3.46 25.59
N LEU A 209 -12.79 3.99 26.53
CA LEU A 209 -13.16 3.91 27.97
C LEU A 209 -14.40 4.81 28.24
N LEU A 210 -14.40 5.98 27.65
CA LEU A 210 -15.53 6.96 27.76
C LEU A 210 -16.83 6.32 27.25
N THR A 211 -16.79 5.68 26.09
CA THR A 211 -17.98 5.01 25.48
C THR A 211 -18.35 3.79 26.32
N ASP A 212 -17.39 3.01 26.84
CA ASP A 212 -17.77 1.87 27.72
C ASP A 212 -18.52 2.43 28.95
N ARG A 213 -18.08 3.60 29.45
CA ARG A 213 -18.63 4.19 30.69
C ARG A 213 -20.02 4.81 30.43
N ASN A 214 -20.31 5.29 29.20
CA ASN A 214 -21.48 6.18 28.96
C ASN A 214 -22.36 5.75 27.79
N LEU A 215 -21.85 4.95 26.83
CA LEU A 215 -22.68 4.60 25.63
C LEU A 215 -22.87 3.09 25.50
N ASN A 216 -22.61 2.31 26.54
CA ASN A 216 -22.88 0.84 26.58
C ASN A 216 -22.02 0.10 25.53
N THR A 217 -20.87 0.64 25.16
CA THR A 217 -19.88 -0.13 24.40
C THR A 217 -19.24 -1.12 25.37
N THR A 218 -18.47 -2.04 24.82
CA THR A 218 -17.87 -3.13 25.62
C THR A 218 -16.47 -3.45 25.08
N PHE A 219 -15.71 -2.46 24.67
CA PHE A 219 -14.30 -2.63 24.22
C PHE A 219 -13.50 -3.40 25.27
N PHE A 220 -13.73 -3.10 26.55
CA PHE A 220 -12.86 -3.58 27.65
C PHE A 220 -13.67 -4.47 28.60
N ASP A 221 -14.89 -4.82 28.22
CA ASP A 221 -15.84 -5.53 29.11
C ASP A 221 -16.05 -6.94 28.56
N PRO A 222 -15.53 -7.98 29.25
CA PRO A 222 -15.71 -9.35 28.77
C PRO A 222 -17.16 -9.77 28.52
N ALA A 223 -18.12 -9.23 29.27
CA ALA A 223 -19.56 -9.57 29.06
C ALA A 223 -19.95 -9.32 27.59
N GLY A 224 -19.37 -8.31 26.91
CA GLY A 224 -19.65 -7.98 25.50
C GLY A 224 -18.66 -8.58 24.54
N GLY A 225 -17.70 -9.37 25.04
CA GLY A 225 -16.58 -9.91 24.24
C GLY A 225 -15.37 -9.00 24.23
N GLY A 226 -15.36 -7.97 25.09
CA GLY A 226 -14.24 -7.02 25.24
C GLY A 226 -13.13 -7.64 26.08
N ASP A 227 -12.08 -6.87 26.32
CA ASP A 227 -10.86 -7.35 26.99
C ASP A 227 -10.20 -6.17 27.71
N PRO A 228 -10.13 -6.23 29.05
CA PRO A 228 -9.41 -5.21 29.83
C PRO A 228 -7.96 -5.07 29.35
N ILE A 229 -7.38 -6.15 28.83
CA ILE A 229 -5.93 -6.08 28.43
C ILE A 229 -5.78 -5.27 27.13
N LEU A 230 -6.82 -5.18 26.29
CA LEU A 230 -6.76 -4.27 25.12
C LEU A 230 -6.48 -2.83 25.58
N TYR A 231 -7.16 -2.34 26.61
CA TYR A 231 -6.93 -0.96 27.12
C TYR A 231 -5.45 -0.82 27.45
N GLN A 232 -4.89 -1.81 28.11
CA GLN A 232 -3.47 -1.73 28.58
C GLN A 232 -2.55 -1.56 27.36
N HIS A 233 -2.76 -2.33 26.30
CA HIS A 233 -1.95 -2.18 25.06
C HIS A 233 -2.07 -0.77 24.48
N LEU A 234 -3.27 -0.24 24.38
CA LEU A 234 -3.47 1.09 23.77
C LEU A 234 -2.81 2.15 24.66
N PHE A 235 -3.04 2.06 25.99
CA PHE A 235 -2.44 3.02 26.93
C PHE A 235 -0.92 2.97 26.80
N TRP A 236 -0.33 1.79 26.92
CA TRP A 236 1.15 1.72 26.95
C TRP A 236 1.74 1.98 25.58
N PHE A 237 0.99 1.75 24.49
CA PHE A 237 1.50 2.11 23.14
C PHE A 237 1.84 3.61 23.17
N PHE A 238 1.05 4.40 23.91
CA PHE A 238 1.32 5.83 24.19
C PHE A 238 2.35 5.98 25.32
N GLY A 239 2.13 5.25 26.41
CA GLY A 239 2.82 5.47 27.70
C GLY A 239 4.34 5.28 27.63
N HIS A 240 4.85 4.31 26.88
CA HIS A 240 6.33 4.18 26.77
C HIS A 240 6.86 5.38 25.98
N PRO A 241 6.37 5.69 24.76
CA PRO A 241 6.83 6.93 24.11
C PRO A 241 6.75 8.14 25.03
N GLU A 242 5.67 8.22 25.85
CA GLU A 242 5.48 9.36 26.76
C GLU A 242 6.71 9.52 27.67
N VAL A 243 7.31 8.42 28.16
CA VAL A 243 8.47 8.64 29.06
C VAL A 243 9.66 9.17 28.26
N TYR A 244 9.81 8.80 26.99
CA TYR A 244 10.87 9.36 26.12
C TYR A 244 10.56 10.84 25.81
N ILE A 245 9.29 11.18 25.65
CA ILE A 245 8.85 12.58 25.52
C ILE A 245 9.27 13.39 26.76
N LEU A 246 9.19 12.78 27.94
CA LEU A 246 9.49 13.46 29.21
C LEU A 246 10.99 13.66 29.33
N ILE A 247 11.82 12.79 28.78
CA ILE A 247 13.28 12.93 29.01
C ILE A 247 14.01 13.59 27.83
N LEU A 248 13.53 13.43 26.58
CA LEU A 248 14.29 13.91 25.38
C LEU A 248 14.66 15.39 25.47
N PRO A 249 13.71 16.32 25.74
CA PRO A 249 14.10 17.71 25.86
C PRO A 249 15.09 17.95 27.02
N GLY A 250 15.01 17.11 28.06
CA GLY A 250 15.99 17.14 29.15
C GLY A 250 17.35 16.76 28.63
N PHE A 251 17.43 15.71 27.84
CA PHE A 251 18.70 15.36 27.13
C PHE A 251 19.24 16.56 26.36
N GLY A 252 18.36 17.24 25.60
CA GLY A 252 18.80 18.38 24.80
C GLY A 252 19.36 19.48 25.68
N MET A 253 18.65 19.85 26.76
CA MET A 253 19.12 20.91 27.70
C MET A 253 20.44 20.46 28.33
N ILE A 254 20.55 19.22 28.73
CA ILE A 254 21.82 18.72 29.35
C ILE A 254 22.98 18.90 28.36
N SER A 255 22.80 18.55 27.09
CA SER A 255 23.88 18.75 26.07
C SER A 255 24.33 20.21 26.06
N HIS A 256 23.41 21.17 26.09
CA HIS A 256 23.74 22.61 26.03
C HIS A 256 24.48 23.04 27.31
N ILE A 257 23.97 22.63 28.48
CA ILE A 257 24.51 23.07 29.78
C ILE A 257 25.93 22.49 29.95
N VAL A 258 26.11 21.20 29.68
CA VAL A 258 27.44 20.56 29.82
C VAL A 258 28.44 21.26 28.88
N THR A 259 28.02 21.53 27.64
CA THR A 259 28.89 22.16 26.63
C THR A 259 29.29 23.54 27.16
N TYR A 260 28.30 24.33 27.57
CA TYR A 260 28.46 25.71 28.01
C TYR A 260 29.44 25.76 29.21
N TYR A 261 29.18 25.02 30.29
CA TYR A 261 29.93 25.18 31.56
C TYR A 261 31.21 24.34 31.46
N SER A 262 31.41 23.62 30.37
CA SER A 262 32.74 23.03 30.11
C SER A 262 33.60 24.01 29.31
N GLY A 263 33.05 25.16 28.92
CA GLY A 263 33.81 26.12 28.08
C GLY A 263 34.10 25.59 26.69
N LYS A 264 33.24 24.74 26.16
CA LYS A 264 33.41 24.15 24.81
C LYS A 264 32.51 24.89 23.81
N LYS A 265 32.94 24.89 22.57
CA LYS A 265 32.16 25.48 21.47
C LYS A 265 31.07 24.48 21.01
N GLU A 266 31.22 23.21 21.31
CA GLU A 266 30.36 22.15 20.79
C GLU A 266 30.37 20.92 21.69
N PRO A 267 29.27 20.15 21.68
CA PRO A 267 29.20 18.88 22.36
C PRO A 267 30.08 17.88 21.63
N PHE A 268 30.61 16.95 22.39
CA PHE A 268 31.32 15.78 21.80
C PHE A 268 30.32 14.95 20.95
N GLY A 269 30.73 14.61 19.73
CA GLY A 269 30.07 13.60 18.88
C GLY A 269 28.64 14.03 18.55
N TYR A 270 28.49 15.18 17.94
CA TYR A 270 27.18 15.78 17.56
C TYR A 270 26.34 14.75 16.79
N MET A 271 26.89 14.13 15.74
CA MET A 271 26.08 13.22 14.91
C MET A 271 25.69 11.97 15.69
N GLY A 272 26.58 11.45 16.55
CA GLY A 272 26.24 10.38 17.52
C GLY A 272 25.07 10.78 18.41
N MET A 273 25.03 12.02 18.86
CA MET A 273 23.96 12.52 19.79
C MET A 273 22.63 12.57 19.04
N VAL A 274 22.67 12.99 17.78
CA VAL A 274 21.48 13.01 16.87
C VAL A 274 21.04 11.57 16.64
N TRP A 275 21.96 10.69 16.28
CA TRP A 275 21.68 9.26 16.07
C TRP A 275 21.03 8.65 17.33
N ALA A 276 21.58 8.94 18.51
CA ALA A 276 21.13 8.36 19.78
C ALA A 276 19.68 8.80 20.05
N MET A 277 19.40 10.07 19.87
CA MET A 277 18.02 10.57 20.15
C MET A 277 17.03 9.95 19.15
N MET A 278 17.39 9.83 17.86
N MET A 278 17.40 9.87 17.86
CA MET A 278 16.47 9.24 16.86
CA MET A 278 16.56 9.24 16.80
C MET A 278 16.28 7.75 17.17
C MET A 278 16.29 7.78 17.19
N SER A 279 17.34 7.05 17.56
CA SER A 279 17.30 5.62 17.91
C SER A 279 16.36 5.41 19.12
N ILE A 280 16.54 6.24 20.15
CA ILE A 280 15.73 6.12 21.38
C ILE A 280 14.28 6.39 20.97
N GLY A 281 14.06 7.39 20.14
CA GLY A 281 12.67 7.70 19.73
C GLY A 281 12.01 6.54 19.00
N PHE A 282 12.75 5.89 18.13
CA PHE A 282 12.22 4.76 17.34
C PHE A 282 12.00 3.52 18.24
N LEU A 283 13.03 3.13 18.98
CA LEU A 283 12.94 1.96 19.88
C LEU A 283 11.82 2.16 20.91
N GLY A 284 11.56 3.41 21.31
CA GLY A 284 10.53 3.72 22.29
C GLY A 284 9.10 3.35 21.81
N PHE A 285 8.90 3.05 20.52
CA PHE A 285 7.59 2.63 19.96
C PHE A 285 7.44 1.10 19.94
N ILE A 286 8.51 0.33 20.21
CA ILE A 286 8.40 -1.14 19.96
C ILE A 286 8.63 -1.98 21.24
N VAL A 287 8.38 -1.38 22.41
CA VAL A 287 8.75 -1.97 23.73
C VAL A 287 7.59 -1.93 24.73
N TRP A 288 6.40 -1.41 24.36
CA TRP A 288 5.38 -1.00 25.36
C TRP A 288 5.00 -2.14 26.30
N ALA A 289 5.03 -3.39 25.83
CA ALA A 289 4.48 -4.49 26.64
C ALA A 289 5.42 -4.91 27.78
N HIS A 290 6.55 -4.20 27.98
CA HIS A 290 7.32 -4.34 29.25
C HIS A 290 6.53 -3.78 30.44
N HIS A 291 5.40 -3.11 30.20
CA HIS A 291 4.46 -2.69 31.27
C HIS A 291 3.44 -3.80 31.54
N MET A 292 3.56 -4.97 30.90
CA MET A 292 2.50 -5.99 30.92
C MET A 292 3.07 -7.39 31.12
N PHE A 293 4.25 -7.51 31.74
CA PHE A 293 4.90 -8.84 31.84
C PHE A 293 4.11 -9.78 32.76
N THR A 294 3.19 -9.30 33.59
CA THR A 294 2.44 -10.20 34.52
C THR A 294 1.00 -10.44 34.03
N VAL A 295 0.61 -9.95 32.86
CA VAL A 295 -0.83 -10.01 32.45
C VAL A 295 -1.16 -11.39 31.87
N GLY A 296 -0.15 -12.23 31.59
CA GLY A 296 -0.37 -13.53 30.95
C GLY A 296 -0.06 -13.56 29.46
N MET A 297 0.88 -12.79 28.91
N MET A 297 1.17 -13.15 29.23
CA MET A 297 1.23 -12.88 27.46
CA MET A 297 1.86 -12.95 27.95
C MET A 297 2.10 -14.15 27.24
C MET A 297 2.53 -14.27 27.55
N ASP A 298 2.29 -14.58 25.97
N ASP A 298 2.30 -14.76 26.32
CA ASP A 298 3.06 -15.79 25.58
CA ASP A 298 3.06 -15.92 25.80
C ASP A 298 4.57 -15.60 25.90
C ASP A 298 4.55 -15.62 26.03
N VAL A 299 5.31 -16.68 26.18
CA VAL A 299 6.75 -16.60 26.50
C VAL A 299 7.56 -15.91 25.38
N ASP A 300 7.30 -16.18 24.12
CA ASP A 300 8.13 -15.60 23.02
C ASP A 300 7.90 -14.09 22.95
N THR A 301 6.67 -13.65 23.19
CA THR A 301 6.36 -12.21 23.28
C THR A 301 7.18 -11.61 24.43
N ARG A 302 7.18 -12.23 25.61
CA ARG A 302 7.98 -11.76 26.76
C ARG A 302 9.47 -11.70 26.38
N ALA A 303 9.95 -12.69 25.61
CA ALA A 303 11.37 -12.73 25.21
C ALA A 303 11.69 -11.55 24.30
N TYR A 304 10.80 -11.26 23.35
CA TYR A 304 10.96 -10.14 22.39
C TYR A 304 10.97 -8.83 23.21
N PHE A 305 9.99 -8.61 24.10
CA PHE A 305 9.88 -7.30 24.77
C PHE A 305 11.09 -7.11 25.70
N THR A 306 11.57 -8.18 26.31
CA THR A 306 12.80 -8.08 27.14
C THR A 306 13.95 -7.55 26.29
N SER A 307 14.22 -8.20 25.17
CA SER A 307 15.38 -7.93 24.28
C SER A 307 15.29 -6.51 23.70
N ALA A 308 14.16 -6.18 23.08
CA ALA A 308 13.95 -4.86 22.45
C ALA A 308 14.14 -3.75 23.49
N THR A 309 13.62 -3.95 24.70
CA THR A 309 13.77 -2.93 25.75
C THR A 309 15.25 -2.76 26.08
N MET A 310 16.00 -3.87 26.22
CA MET A 310 17.42 -3.69 26.63
C MET A 310 18.25 -2.90 25.59
N ILE A 311 17.90 -3.02 24.30
N ILE A 311 18.00 -3.03 24.29
CA ILE A 311 18.62 -2.38 23.16
CA ILE A 311 18.94 -2.46 23.29
C ILE A 311 18.71 -0.86 23.41
C ILE A 311 18.91 -0.93 23.38
N ILE A 312 17.70 -0.25 24.02
N ILE A 312 17.88 -0.32 23.97
CA ILE A 312 17.70 1.21 24.31
CA ILE A 312 17.85 1.15 24.14
C ILE A 312 18.97 1.65 25.10
C ILE A 312 19.02 1.62 25.05
N ALA A 313 19.59 0.76 25.89
CA ALA A 313 20.81 1.10 26.67
C ALA A 313 21.94 1.53 25.73
N ILE A 314 21.99 1.02 24.49
CA ILE A 314 23.14 1.32 23.58
C ILE A 314 23.15 2.79 23.18
N PRO A 315 22.11 3.31 22.48
CA PRO A 315 22.13 4.73 22.16
C PRO A 315 22.16 5.62 23.42
N THR A 316 21.48 5.21 24.50
CA THR A 316 21.46 6.03 25.74
C THR A 316 22.90 6.09 26.28
N GLY A 317 23.61 4.96 26.23
CA GLY A 317 25.02 4.96 26.67
C GLY A 317 25.89 5.91 25.87
N VAL A 318 25.69 5.98 24.55
CA VAL A 318 26.46 6.92 23.70
C VAL A 318 26.23 8.34 24.20
N LYS A 319 25.00 8.68 24.60
CA LYS A 319 24.79 10.07 25.07
C LYS A 319 25.55 10.30 26.40
N VAL A 320 25.46 9.37 27.35
CA VAL A 320 26.10 9.53 28.69
C VAL A 320 27.60 9.68 28.49
N PHE A 321 28.17 8.82 27.68
CA PHE A 321 29.63 8.87 27.44
C PHE A 321 30.01 10.13 26.67
N SER A 322 29.15 10.62 25.78
CA SER A 322 29.40 11.86 25.02
C SER A 322 29.34 13.08 25.95
N TRP A 323 28.44 13.09 26.93
CA TRP A 323 28.44 14.17 27.96
C TRP A 323 29.77 14.13 28.74
N LEU A 324 30.20 12.95 29.16
CA LEU A 324 31.49 12.84 29.88
C LEU A 324 32.63 13.34 28.99
N ALA A 325 32.61 12.99 27.72
CA ALA A 325 33.66 13.40 26.75
C ALA A 325 33.57 14.93 26.49
N THR A 326 32.42 15.55 26.67
CA THR A 326 32.30 17.00 26.55
C THR A 326 33.00 17.67 27.76
N LEU A 327 32.82 17.12 28.97
CA LEU A 327 33.48 17.64 30.21
C LEU A 327 35.00 17.53 30.05
N HIS A 328 35.44 16.44 29.43
CA HIS A 328 36.88 16.07 29.29
C HIS A 328 37.66 17.26 28.71
N GLY A 329 38.62 17.79 29.45
CA GLY A 329 39.42 18.89 28.92
C GLY A 329 38.75 20.25 29.04
N GLY A 330 37.57 20.31 29.64
CA GLY A 330 36.89 21.62 29.78
C GLY A 330 37.57 22.54 30.79
N ASN A 331 37.41 23.81 30.57
CA ASN A 331 37.56 24.84 31.62
C ASN A 331 36.23 24.83 32.41
N ILE A 332 36.15 24.05 33.48
CA ILE A 332 34.86 23.74 34.12
C ILE A 332 34.46 24.95 34.95
N LYS A 333 33.26 25.47 34.71
CA LYS A 333 32.67 26.47 35.60
C LYS A 333 31.64 25.75 36.47
N TRP A 334 31.84 25.79 37.78
CA TRP A 334 30.98 25.13 38.80
C TRP A 334 29.78 26.00 39.13
N SER A 335 29.05 26.34 38.10
CA SER A 335 27.76 27.08 38.21
C SER A 335 26.72 26.16 38.81
N PRO A 336 25.65 26.76 39.36
CA PRO A 336 24.52 25.93 39.78
C PRO A 336 23.93 25.07 38.65
N ALA A 337 23.83 25.59 37.42
CA ALA A 337 23.31 24.80 36.29
C ALA A 337 24.22 23.57 36.02
N MET A 338 25.53 23.75 36.12
CA MET A 338 26.46 22.63 35.90
C MET A 338 26.21 21.56 36.99
N MET A 339 25.96 21.97 38.23
CA MET A 339 25.69 21.00 39.33
C MET A 339 24.44 20.19 39.00
N TRP A 340 23.35 20.85 38.59
CA TRP A 340 22.15 20.13 38.16
C TRP A 340 22.52 19.11 37.07
N ALA A 341 23.29 19.54 36.08
CA ALA A 341 23.59 18.70 34.91
C ALA A 341 24.46 17.52 35.34
N LEU A 342 25.39 17.74 36.26
CA LEU A 342 26.26 16.61 36.70
C LEU A 342 25.44 15.63 37.56
N GLY A 343 24.57 16.16 38.43
CA GLY A 343 23.63 15.28 39.15
C GLY A 343 22.78 14.47 38.17
N PHE A 344 22.30 15.13 37.10
CA PHE A 344 21.51 14.45 36.03
C PHE A 344 22.28 13.24 35.49
N ILE A 345 23.51 13.48 35.03
CA ILE A 345 24.27 12.40 34.32
C ILE A 345 24.30 11.17 35.24
N PHE A 346 24.63 11.36 36.51
CA PHE A 346 24.84 10.23 37.46
C PHE A 346 23.48 9.57 37.81
N LEU A 347 22.51 10.37 38.23
CA LEU A 347 21.25 9.83 38.80
C LEU A 347 20.40 9.28 37.65
N PHE A 348 20.43 9.89 36.49
CA PHE A 348 19.72 9.33 35.31
C PHE A 348 20.33 7.97 34.97
N THR A 349 21.66 7.86 35.00
CA THR A 349 22.33 6.58 34.74
C THR A 349 21.81 5.52 35.72
N VAL A 350 21.76 5.83 37.02
CA VAL A 350 21.28 4.83 38.02
C VAL A 350 19.83 4.44 37.67
N GLY A 351 18.95 5.39 37.40
CA GLY A 351 17.55 5.01 37.10
C GLY A 351 17.48 4.24 35.77
N GLY A 352 18.29 4.59 34.79
CA GLY A 352 18.31 3.84 33.53
C GLY A 352 18.72 2.40 33.78
N LEU A 353 19.69 2.20 34.66
CA LEU A 353 20.18 0.84 34.96
C LEU A 353 19.10 0.04 35.70
N THR A 354 18.35 0.63 36.67
CA THR A 354 17.26 -0.14 37.32
C THR A 354 16.16 -0.42 36.27
N GLY A 355 16.02 0.41 35.25
CA GLY A 355 15.11 0.10 34.14
C GLY A 355 15.58 -1.13 33.36
N ILE A 356 16.89 -1.27 33.17
CA ILE A 356 17.41 -2.50 32.50
C ILE A 356 17.14 -3.75 33.38
N VAL A 357 17.21 -3.63 34.70
CA VAL A 357 16.84 -4.75 35.61
C VAL A 357 15.36 -5.12 35.32
N LEU A 358 14.48 -4.13 35.32
CA LEU A 358 13.04 -4.35 35.08
C LEU A 358 12.75 -4.90 33.68
N ALA A 359 13.60 -4.63 32.70
CA ALA A 359 13.38 -5.09 31.32
C ALA A 359 13.40 -6.61 31.30
N ASN A 360 14.01 -7.25 32.29
CA ASN A 360 14.11 -8.72 32.32
C ASN A 360 12.77 -9.27 32.82
N SER A 361 11.94 -9.81 31.91
N SER A 361 11.96 -9.80 31.89
CA SER A 361 10.58 -10.30 32.24
CA SER A 361 10.58 -10.29 32.14
C SER A 361 10.64 -11.23 33.47
C SER A 361 10.58 -11.33 33.26
N SER A 362 11.51 -12.23 33.49
N SER A 362 11.65 -12.10 33.42
CA SER A 362 11.57 -13.19 34.61
CA SER A 362 11.69 -13.15 34.47
C SER A 362 11.74 -12.42 35.93
C SER A 362 11.78 -12.46 35.85
N LEU A 363 12.70 -11.49 36.01
CA LEU A 363 12.87 -10.74 37.28
C LEU A 363 11.67 -9.78 37.50
N ASP A 364 11.11 -9.24 36.44
CA ASP A 364 9.98 -8.28 36.55
C ASP A 364 8.75 -8.97 37.17
N ILE A 365 8.64 -10.32 37.07
CA ILE A 365 7.52 -11.02 37.75
C ILE A 365 7.52 -10.57 39.22
N VAL A 366 8.69 -10.57 39.85
CA VAL A 366 8.80 -10.27 41.30
C VAL A 366 8.90 -8.75 41.54
N LEU A 367 9.32 -7.94 40.57
CA LEU A 367 9.51 -6.50 40.82
C LEU A 367 8.27 -5.68 40.40
N HIS A 368 7.46 -6.23 39.51
CA HIS A 368 6.29 -5.53 38.93
C HIS A 368 5.32 -5.11 40.05
N ASP A 369 4.74 -3.91 39.95
CA ASP A 369 3.72 -3.45 40.93
C ASP A 369 4.34 -3.46 42.33
N THR A 370 5.67 -3.21 42.41
CA THR A 370 6.39 -2.97 43.69
C THR A 370 7.11 -1.61 43.63
N TYR A 371 7.54 -1.17 44.80
CA TYR A 371 8.33 0.07 44.94
C TYR A 371 9.66 -0.01 44.15
N TYR A 372 10.10 -1.16 43.64
CA TYR A 372 11.31 -1.15 42.79
C TYR A 372 11.03 -0.31 41.54
N VAL A 373 9.83 -0.44 41.00
CA VAL A 373 9.42 0.34 39.78
C VAL A 373 9.39 1.82 40.17
N VAL A 374 8.82 2.10 41.34
CA VAL A 374 8.70 3.48 41.85
C VAL A 374 10.11 4.09 41.97
N ALA A 375 11.08 3.31 42.48
CA ALA A 375 12.48 3.79 42.59
C ALA A 375 13.05 4.10 41.19
N HIS A 376 12.93 3.14 40.26
CA HIS A 376 13.40 3.34 38.87
C HIS A 376 12.84 4.67 38.34
N PHE A 377 11.51 4.85 38.34
CA PHE A 377 10.98 5.99 37.58
C PHE A 377 11.22 7.32 38.29
N HIS A 378 11.36 7.36 39.61
CA HIS A 378 11.68 8.65 40.30
C HIS A 378 13.17 8.99 40.10
N TYR A 379 14.08 8.02 39.96
CA TYR A 379 15.46 8.36 39.58
C TYR A 379 15.42 9.08 38.20
N VAL A 380 14.70 8.55 37.21
CA VAL A 380 14.72 9.18 35.85
C VAL A 380 13.81 10.42 35.81
N LEU A 381 12.76 10.52 36.63
CA LEU A 381 11.85 11.70 36.54
C LEU A 381 12.19 12.76 37.58
N SER A 382 12.21 12.41 38.87
CA SER A 382 12.43 13.38 39.95
C SER A 382 13.93 13.73 40.06
N MET A 383 14.86 12.93 39.52
CA MET A 383 16.32 13.25 39.48
C MET A 383 16.92 13.40 38.06
N GLY A 384 16.15 13.09 37.08
CA GLY A 384 16.48 13.23 35.65
C GLY A 384 15.70 14.39 35.06
N ALA A 385 14.44 14.19 34.68
CA ALA A 385 13.64 15.27 34.06
C ALA A 385 13.74 16.54 34.93
N VAL A 386 13.57 16.41 36.26
CA VAL A 386 13.54 17.58 37.17
C VAL A 386 14.91 18.24 37.20
N PHE A 387 16.02 17.48 37.28
CA PHE A 387 17.36 18.11 37.33
C PHE A 387 17.61 18.86 36.02
N ALA A 388 17.21 18.31 34.87
CA ALA A 388 17.35 19.02 33.58
C ALA A 388 16.51 20.31 33.59
N ILE A 389 15.27 20.25 34.10
CA ILE A 389 14.44 21.48 34.23
C ILE A 389 15.13 22.50 35.13
N MET A 390 15.62 22.08 36.30
CA MET A 390 16.24 23.04 37.23
C MET A 390 17.52 23.61 36.60
N GLY A 391 18.32 22.76 35.93
CA GLY A 391 19.54 23.24 35.27
C GLY A 391 19.19 24.25 34.20
N GLY A 392 18.24 23.89 33.36
CA GLY A 392 17.82 24.78 32.27
C GLY A 392 17.26 26.08 32.86
N PHE A 393 16.50 25.98 33.93
CA PHE A 393 15.87 27.20 34.53
C PHE A 393 16.96 28.17 35.04
N VAL A 394 17.92 27.66 35.80
N VAL A 394 17.88 27.62 35.83
CA VAL A 394 18.95 28.56 36.37
CA VAL A 394 19.02 28.40 36.37
C VAL A 394 19.90 29.04 35.24
C VAL A 394 19.81 29.02 35.22
N HIS A 395 20.16 28.21 34.22
CA HIS A 395 21.01 28.62 33.09
C HIS A 395 20.31 29.74 32.29
N TRP A 396 19.03 29.56 31.96
CA TRP A 396 18.38 30.52 31.04
C TRP A 396 17.52 31.60 31.72
N PHE A 397 17.31 31.54 33.01
CA PHE A 397 16.57 32.62 33.73
C PHE A 397 17.09 34.01 33.37
N PRO A 398 18.41 34.26 33.31
CA PRO A 398 18.87 35.59 32.97
C PRO A 398 18.55 36.00 31.51
N LEU A 399 18.53 35.04 30.60
CA LEU A 399 18.11 35.31 29.20
C LEU A 399 16.64 35.74 29.25
N PHE A 400 15.80 34.97 29.93
CA PHE A 400 14.33 35.20 29.91
C PHE A 400 13.98 36.49 30.63
N SER A 401 14.63 36.75 31.78
CA SER A 401 14.25 37.83 32.70
C SER A 401 15.09 39.11 32.50
N GLY A 402 16.34 39.00 32.06
CA GLY A 402 17.30 40.12 32.11
C GLY A 402 17.92 40.31 33.50
N TYR A 403 17.63 39.43 34.46
CA TYR A 403 18.15 39.50 35.84
C TYR A 403 18.94 38.23 36.21
N THR A 404 19.89 38.37 37.11
CA THR A 404 20.65 37.21 37.64
C THR A 404 20.04 36.67 38.95
N LEU A 405 20.15 35.35 39.11
CA LEU A 405 19.94 34.66 40.40
C LEU A 405 21.16 34.90 41.29
N ASN A 406 20.95 34.72 42.60
CA ASN A 406 22.06 34.63 43.55
C ASN A 406 22.63 33.20 43.43
N ASP A 407 23.84 33.08 42.90
CA ASP A 407 24.42 31.74 42.62
C ASP A 407 24.64 30.98 43.92
N THR A 408 24.97 31.65 45.01
CA THR A 408 25.20 30.95 46.31
C THR A 408 23.87 30.29 46.75
N TRP A 409 22.79 31.07 46.72
CA TRP A 409 21.47 30.51 47.06
C TRP A 409 21.18 29.32 46.12
N ALA A 410 21.46 29.46 44.83
CA ALA A 410 21.10 28.41 43.85
C ALA A 410 21.90 27.14 44.19
N LYS A 411 23.15 27.30 44.63
CA LYS A 411 23.95 26.12 45.03
C LYS A 411 23.37 25.51 46.31
N ILE A 412 22.89 26.34 47.23
CA ILE A 412 22.24 25.83 48.47
C ILE A 412 21.04 24.98 48.06
N HIS A 413 20.24 25.54 47.15
CA HIS A 413 19.00 24.91 46.66
C HIS A 413 19.34 23.52 46.07
N PHE A 414 20.34 23.48 45.20
CA PHE A 414 20.81 22.20 44.61
C PHE A 414 21.17 21.20 45.72
N ALA A 415 21.95 21.61 46.71
CA ALA A 415 22.45 20.70 47.77
C ALA A 415 21.26 20.10 48.56
N ILE A 416 20.31 20.95 48.94
CA ILE A 416 19.14 20.47 49.72
C ILE A 416 18.35 19.47 48.87
N MET A 417 18.02 19.84 47.63
N MET A 417 18.00 19.84 47.63
CA MET A 417 17.22 18.97 46.73
CA MET A 417 17.23 18.95 46.74
C MET A 417 17.96 17.64 46.50
C MET A 417 17.97 17.62 46.57
N PHE A 418 19.29 17.68 46.32
CA PHE A 418 20.08 16.46 46.05
C PHE A 418 19.91 15.50 47.23
N VAL A 419 20.06 16.01 48.46
CA VAL A 419 19.91 15.17 49.67
C VAL A 419 18.47 14.66 49.71
N GLY A 420 17.49 15.53 49.54
CA GLY A 420 16.11 15.09 49.75
C GLY A 420 15.66 14.02 48.75
N VAL A 421 15.94 14.17 47.47
CA VAL A 421 15.45 13.19 46.45
C VAL A 421 16.15 11.84 46.70
N ASN A 422 17.43 11.82 47.04
CA ASN A 422 18.12 10.53 47.26
C ASN A 422 17.56 9.85 48.53
N MET A 423 17.35 10.64 49.60
N MET A 423 17.35 10.64 49.60
CA MET A 423 16.82 10.09 50.87
CA MET A 423 16.82 10.10 50.86
C MET A 423 15.42 9.55 50.59
C MET A 423 15.42 9.54 50.58
N THR A 424 14.67 10.23 49.70
CA THR A 424 13.31 9.78 49.39
C THR A 424 13.33 8.44 48.64
N PHE A 425 14.12 8.35 47.57
CA PHE A 425 13.93 7.25 46.59
C PHE A 425 14.94 6.12 46.78
N PHE A 426 16.15 6.36 47.28
CA PHE A 426 17.12 5.24 47.35
C PHE A 426 16.54 4.08 48.16
N PRO A 427 15.96 4.31 49.36
CA PRO A 427 15.42 3.20 50.15
C PRO A 427 14.22 2.46 49.50
N GLN A 428 13.58 3.06 48.50
CA GLN A 428 12.42 2.41 47.84
C GLN A 428 12.93 1.18 47.06
N HIS A 429 14.20 1.14 46.64
CA HIS A 429 14.77 -0.12 46.06
C HIS A 429 14.57 -1.28 47.04
N PHE A 430 14.89 -1.05 48.33
CA PHE A 430 14.84 -2.10 49.37
C PHE A 430 13.38 -2.53 49.56
N LEU A 431 12.50 -1.54 49.65
CA LEU A 431 11.06 -1.84 49.78
C LEU A 431 10.59 -2.66 48.57
N GLY A 432 11.04 -2.35 47.36
CA GLY A 432 10.66 -3.13 46.17
C GLY A 432 11.19 -4.55 46.19
N LEU A 433 12.50 -4.74 46.38
CA LEU A 433 13.08 -6.09 46.40
C LEU A 433 12.36 -6.93 47.46
N SER A 434 12.03 -6.34 48.61
CA SER A 434 11.47 -7.08 49.73
C SER A 434 9.94 -7.21 49.58
N GLY A 435 9.33 -6.65 48.53
CA GLY A 435 7.96 -6.98 48.13
C GLY A 435 6.87 -5.94 48.45
N MET A 436 7.21 -4.71 48.80
CA MET A 436 6.13 -3.72 49.13
C MET A 436 5.39 -3.33 47.84
N PRO A 437 4.06 -3.57 47.76
CA PRO A 437 3.32 -3.21 46.55
C PRO A 437 3.18 -1.70 46.35
N ARG A 438 2.89 -1.35 45.11
CA ARG A 438 2.50 0.01 44.70
C ARG A 438 1.03 0.25 45.11
N ARG A 439 0.71 1.54 45.28
CA ARG A 439 -0.68 2.07 45.43
C ARG A 439 -1.30 1.57 46.74
N TYR A 440 -0.45 1.34 47.74
CA TYR A 440 -0.84 0.99 49.12
C TYR A 440 -0.82 2.23 50.05
N SER A 441 -1.90 2.44 50.79
CA SER A 441 -2.03 3.45 51.87
C SER A 441 -1.32 2.98 53.16
N ASP A 442 -1.03 1.69 53.28
CA ASP A 442 -0.39 1.15 54.50
C ASP A 442 0.31 -0.16 54.17
N TYR A 443 1.26 -0.55 55.02
CA TYR A 443 2.22 -1.64 54.73
C TYR A 443 2.39 -2.49 55.97
N PRO A 444 2.67 -3.79 55.78
CA PRO A 444 3.13 -4.63 56.87
C PRO A 444 4.30 -3.96 57.59
N ASP A 445 4.32 -4.21 58.89
CA ASP A 445 5.20 -3.56 59.90
C ASP A 445 6.66 -3.67 59.48
N ALA A 446 7.10 -4.77 58.85
CA ALA A 446 8.53 -4.95 58.46
C ALA A 446 9.03 -3.78 57.56
N TYR A 447 8.17 -3.13 56.80
CA TYR A 447 8.57 -2.08 55.83
C TYR A 447 8.67 -0.70 56.48
N THR A 448 8.57 -0.59 57.80
CA THR A 448 8.44 0.72 58.48
C THR A 448 9.72 1.56 58.34
N MET A 449 10.91 1.00 58.60
CA MET A 449 12.13 1.86 58.63
C MET A 449 12.28 2.55 57.28
N TRP A 450 12.22 1.83 56.15
CA TRP A 450 12.52 2.49 54.84
C TRP A 450 11.40 3.48 54.49
N ASN A 451 10.14 3.17 54.83
CA ASN A 451 9.05 4.15 54.58
C ASN A 451 9.27 5.40 55.44
N THR A 452 9.76 5.25 56.67
CA THR A 452 9.99 6.40 57.57
C THR A 452 11.07 7.31 56.93
N ILE A 453 12.20 6.71 56.57
CA ILE A 453 13.31 7.46 55.96
C ILE A 453 12.84 8.13 54.66
N SER A 454 12.12 7.42 53.80
CA SER A 454 11.64 7.97 52.50
C SER A 454 10.79 9.23 52.76
N SER A 455 9.87 9.16 53.73
CA SER A 455 8.97 10.29 54.06
C SER A 455 9.82 11.48 54.57
N MET A 456 10.83 11.20 55.40
CA MET A 456 11.71 12.28 55.89
C MET A 456 12.40 12.96 54.71
N GLY A 457 12.84 12.17 53.71
CA GLY A 457 13.41 12.70 52.46
C GLY A 457 12.45 13.65 51.75
N SER A 458 11.19 13.26 51.68
CA SER A 458 10.19 14.06 50.95
C SER A 458 10.12 15.46 51.59
N PHE A 459 10.27 15.56 52.91
CA PHE A 459 10.19 16.85 53.64
C PHE A 459 11.40 17.73 53.32
N ILE A 460 12.55 17.09 53.10
CA ILE A 460 13.76 17.84 52.70
C ILE A 460 13.54 18.43 51.30
N SER A 461 12.96 17.64 50.39
CA SER A 461 12.62 18.11 49.03
C SER A 461 11.61 19.27 49.14
N LEU A 462 10.66 19.17 50.06
CA LEU A 462 9.71 20.32 50.25
C LEU A 462 10.49 21.59 50.63
N THR A 463 11.43 21.50 51.55
CA THR A 463 12.27 22.65 51.95
C THR A 463 12.96 23.26 50.71
N ALA A 464 13.53 22.42 49.84
CA ALA A 464 14.17 22.89 48.58
C ALA A 464 13.12 23.61 47.72
N VAL A 465 11.92 23.06 47.57
CA VAL A 465 10.89 23.73 46.72
C VAL A 465 10.56 25.10 47.31
N MET A 466 10.37 25.20 48.62
CA MET A 466 10.06 26.51 49.24
C MET A 466 11.24 27.49 49.00
N LEU A 467 12.47 27.02 49.12
CA LEU A 467 13.63 27.91 48.96
C LEU A 467 13.68 28.42 47.51
N MET A 468 13.33 27.55 46.55
CA MET A 468 13.36 27.92 45.14
C MET A 468 12.44 29.13 44.93
N VAL A 469 11.23 29.11 45.52
CA VAL A 469 10.31 30.27 45.35
C VAL A 469 10.99 31.52 45.91
N PHE A 470 11.60 31.42 47.08
CA PHE A 470 12.31 32.58 47.68
C PHE A 470 13.42 33.08 46.72
N ILE A 471 14.14 32.16 46.10
CA ILE A 471 15.30 32.51 45.25
C ILE A 471 14.83 33.29 44.02
N ILE A 472 13.73 32.87 43.41
CA ILE A 472 13.14 33.61 42.28
C ILE A 472 12.69 34.98 42.77
N TRP A 473 12.06 35.03 43.94
CA TRP A 473 11.64 36.34 44.49
C TRP A 473 12.87 37.26 44.65
N GLU A 474 13.95 36.72 45.21
CA GLU A 474 15.15 37.53 45.53
C GLU A 474 15.72 38.13 44.21
N ALA A 475 15.76 37.35 43.13
CA ALA A 475 16.25 37.82 41.81
C ALA A 475 15.39 39.00 41.30
N PHE A 476 14.08 38.86 41.32
CA PHE A 476 13.20 39.96 40.85
C PHE A 476 13.21 41.14 41.81
N ALA A 477 13.42 40.89 43.11
CA ALA A 477 13.45 41.90 44.19
C ALA A 477 14.71 42.77 44.05
N SER A 478 15.85 42.19 43.71
CA SER A 478 17.17 42.85 43.75
C SER A 478 17.46 43.56 42.42
N LYS A 479 17.03 42.98 41.29
CA LYS A 479 17.16 43.57 39.91
C LYS A 479 18.65 43.79 39.55
N ARG A 480 19.46 42.71 39.59
CA ARG A 480 20.83 42.71 39.04
C ARG A 480 20.69 42.48 37.52
N GLU A 481 20.95 43.49 36.71
CA GLU A 481 20.74 43.40 35.24
C GLU A 481 21.98 42.77 34.58
N VAL A 482 21.72 41.83 33.69
CA VAL A 482 22.78 41.09 32.94
C VAL A 482 23.60 42.10 32.14
N LEU A 483 24.92 41.92 32.09
CA LEU A 483 25.78 42.69 31.18
C LEU A 483 26.31 41.72 30.15
N THR A 484 27.36 40.94 30.43
CA THR A 484 27.99 40.16 29.34
C THR A 484 27.77 38.69 29.60
N VAL A 485 27.53 37.98 28.51
CA VAL A 485 27.40 36.52 28.52
C VAL A 485 28.52 35.93 27.66
N ASP A 486 29.24 34.96 28.17
CA ASP A 486 30.34 34.33 27.39
C ASP A 486 29.75 33.34 26.37
N LEU A 487 30.55 32.99 25.37
CA LEU A 487 30.30 31.92 24.37
C LEU A 487 29.07 32.21 23.51
N THR A 488 28.73 33.49 23.28
CA THR A 488 27.60 33.81 22.33
C THR A 488 27.91 33.25 20.93
N THR A 489 29.17 33.03 20.55
CA THR A 489 29.47 32.56 19.19
C THR A 489 28.87 31.16 18.98
N THR A 490 28.62 30.39 20.04
CA THR A 490 28.02 29.05 19.89
C THR A 490 26.77 28.92 20.72
N ASN A 491 26.11 30.04 21.00
CA ASN A 491 24.84 30.02 21.78
C ASN A 491 23.98 31.21 21.34
N LEU A 492 23.41 31.08 20.14
CA LEU A 492 22.69 32.16 19.40
C LEU A 492 21.56 32.74 20.23
N GLU A 493 20.97 31.94 21.11
CA GLU A 493 19.78 32.41 21.89
C GLU A 493 20.14 33.62 22.76
N TRP A 494 21.42 33.80 23.11
CA TRP A 494 21.89 34.91 23.97
C TRP A 494 22.25 36.16 23.15
N LEU A 495 22.36 36.07 21.82
CA LEU A 495 23.03 37.12 21.03
C LEU A 495 22.13 38.34 20.83
N ASN A 496 20.84 38.27 21.14
CA ASN A 496 19.95 39.45 21.08
C ASN A 496 19.82 40.15 22.45
N GLY A 497 20.67 39.80 23.42
CA GLY A 497 20.56 40.42 24.76
C GLY A 497 19.50 39.81 25.69
N CYS A 498 19.42 40.35 26.90
CA CYS A 498 18.71 39.76 28.05
C CYS A 498 17.82 40.83 28.70
N PRO A 499 16.49 40.75 28.60
CA PRO A 499 15.82 39.79 27.72
C PRO A 499 15.93 40.26 26.27
N PRO A 500 15.74 39.37 25.29
CA PRO A 500 15.74 39.79 23.89
C PRO A 500 14.53 40.67 23.60
N PRO A 501 14.55 41.52 22.56
CA PRO A 501 13.37 42.31 22.23
C PRO A 501 12.16 41.41 21.90
N TYR A 502 10.96 41.95 22.03
CA TYR A 502 9.71 41.24 21.71
C TYR A 502 9.81 40.58 20.32
N HIS A 503 10.22 41.37 19.32
CA HIS A 503 10.53 40.88 17.94
C HIS A 503 12.03 40.68 17.79
N THR A 504 12.48 39.45 17.58
CA THR A 504 13.88 39.17 17.17
C THR A 504 13.88 38.61 15.75
N PHE A 505 15.04 38.74 15.10
CA PHE A 505 15.28 38.20 13.74
C PHE A 505 14.23 38.78 12.78
N GLU A 506 13.79 40.04 12.97
CA GLU A 506 12.99 40.73 11.93
C GLU A 506 13.81 40.79 10.65
N GLU A 507 15.10 41.03 10.81
CA GLU A 507 16.09 40.85 9.75
C GLU A 507 16.75 39.52 10.06
N PRO A 508 16.63 38.51 9.19
CA PRO A 508 17.16 37.19 9.49
C PRO A 508 18.69 37.22 9.53
N THR A 509 19.26 36.19 10.12
CA THR A 509 20.72 35.97 10.07
C THR A 509 21.21 35.80 8.65
N TYR A 510 22.47 36.15 8.41
CA TYR A 510 23.18 35.92 7.13
C TYR A 510 23.99 34.66 7.31
N VAL A 511 23.69 33.63 6.55
CA VAL A 511 24.51 32.39 6.57
C VAL A 511 24.81 31.99 5.13
N ASN A 512 26.09 31.91 4.71
CA ASN A 512 26.31 31.62 3.28
C ASN A 512 26.60 30.13 3.13
N LEU A 513 26.64 29.63 1.91
CA LEU A 513 27.15 28.28 1.60
C LEU A 513 28.57 28.36 1.00
N ALA B 2 8.67 -10.47 54.37
CA ALA B 2 9.73 -9.54 54.65
C ALA B 2 9.96 -9.37 56.15
N TYR B 3 11.18 -9.02 56.53
CA TYR B 3 11.62 -8.79 57.92
C TYR B 3 12.13 -7.35 58.00
N PRO B 4 12.19 -6.76 59.20
CA PRO B 4 12.60 -5.37 59.32
C PRO B 4 14.02 -5.12 58.81
N MET B 5 14.16 -3.97 58.18
CA MET B 5 15.42 -3.43 57.61
C MET B 5 15.88 -4.29 56.45
N GLN B 6 15.01 -5.08 55.83
CA GLN B 6 15.41 -5.94 54.70
C GLN B 6 15.89 -5.10 53.52
N LEU B 7 16.99 -5.51 52.89
CA LEU B 7 17.58 -4.79 51.75
C LEU B 7 17.20 -5.51 50.46
N GLY B 8 17.21 -6.85 50.45
CA GLY B 8 17.04 -7.60 49.19
C GLY B 8 15.76 -8.43 49.12
N PHE B 9 15.82 -9.45 48.29
CA PHE B 9 14.70 -10.38 48.08
C PHE B 9 14.48 -11.23 49.34
N GLN B 10 13.23 -11.55 49.60
CA GLN B 10 12.84 -12.62 50.55
C GLN B 10 13.60 -13.90 50.14
N ASP B 11 13.95 -14.70 51.11
CA ASP B 11 14.68 -15.95 50.83
C ASP B 11 13.83 -16.82 49.88
N ALA B 12 14.47 -17.48 48.93
CA ALA B 12 13.80 -18.32 47.92
C ALA B 12 13.19 -19.56 48.59
N THR B 13 11.93 -19.81 48.25
CA THR B 13 11.14 -20.98 48.69
C THR B 13 11.04 -22.01 47.57
N SER B 14 11.24 -21.61 46.31
CA SER B 14 11.10 -22.46 45.10
C SER B 14 12.41 -22.40 44.33
N PRO B 15 12.74 -23.44 43.52
CA PRO B 15 13.93 -23.42 42.64
C PRO B 15 13.99 -22.21 41.69
N ILE B 16 12.86 -21.84 41.09
N ILE B 16 12.84 -21.86 41.09
CA ILE B 16 12.85 -20.67 40.16
CA ILE B 16 12.71 -20.67 40.19
C ILE B 16 13.20 -19.39 40.96
C ILE B 16 13.18 -19.42 40.95
N MET B 17 12.71 -19.25 42.19
CA MET B 17 13.07 -18.05 42.97
C MET B 17 14.59 -18.08 43.25
N GLU B 18 15.15 -19.26 43.50
N GLU B 18 15.20 -19.25 43.49
CA GLU B 18 16.61 -19.43 43.72
CA GLU B 18 16.67 -19.24 43.74
C GLU B 18 17.33 -18.89 42.48
C GLU B 18 17.39 -18.85 42.43
N GLU B 19 16.91 -19.34 41.29
CA GLU B 19 17.45 -18.90 39.98
C GLU B 19 17.38 -17.39 39.83
N LEU B 20 16.24 -16.78 40.20
CA LEU B 20 16.07 -15.31 40.11
C LEU B 20 17.05 -14.62 41.05
N LEU B 21 17.30 -15.15 42.26
CA LEU B 21 18.28 -14.52 43.17
C LEU B 21 19.66 -14.48 42.50
N HIS B 22 20.11 -15.59 41.93
N HIS B 22 20.11 -15.60 41.93
CA HIS B 22 21.48 -15.65 41.32
CA HIS B 22 21.46 -15.71 41.30
C HIS B 22 21.54 -14.72 40.10
C HIS B 22 21.54 -14.75 40.10
N PHE B 23 20.46 -14.67 39.30
CA PHE B 23 20.40 -13.77 38.12
C PHE B 23 20.43 -12.29 38.57
N HIS B 24 19.70 -11.96 39.64
CA HIS B 24 19.71 -10.58 40.21
C HIS B 24 21.12 -10.25 40.73
N ASP B 25 21.78 -11.18 41.45
CA ASP B 25 23.16 -10.93 41.90
C ASP B 25 24.03 -10.55 40.70
N HIS B 26 23.92 -11.26 39.60
CA HIS B 26 24.78 -11.03 38.41
C HIS B 26 24.44 -9.66 37.83
N THR B 27 23.14 -9.33 37.74
CA THR B 27 22.72 -8.07 37.12
C THR B 27 23.15 -6.92 38.03
N LEU B 28 22.94 -7.06 39.32
CA LEU B 28 23.26 -5.99 40.29
C LEU B 28 24.75 -5.71 40.25
N MET B 29 25.58 -6.74 40.08
CA MET B 29 27.05 -6.48 40.01
C MET B 29 27.31 -5.51 38.86
N ILE B 30 26.65 -5.74 37.73
CA ILE B 30 26.80 -4.94 36.48
C ILE B 30 26.29 -3.52 36.75
N VAL B 31 25.14 -3.39 37.41
CA VAL B 31 24.55 -2.06 37.72
C VAL B 31 25.51 -1.28 38.62
N PHE B 32 26.01 -1.92 39.67
N PHE B 32 26.04 -1.90 39.67
CA PHE B 32 26.99 -1.33 40.61
CA PHE B 32 26.98 -1.21 40.58
C PHE B 32 28.20 -0.84 39.82
C PHE B 32 28.24 -0.80 39.81
N LEU B 33 28.77 -1.69 38.96
CA LEU B 33 30.05 -1.43 38.22
C LEU B 33 29.84 -0.23 37.27
N ILE B 34 28.75 -0.22 36.50
CA ILE B 34 28.49 0.87 35.52
C ILE B 34 28.21 2.18 36.27
N SER B 35 27.38 2.16 37.32
CA SER B 35 27.08 3.36 38.15
C SER B 35 28.39 3.91 38.70
N SER B 36 29.20 3.02 39.26
CA SER B 36 30.52 3.37 39.86
C SER B 36 31.45 3.98 38.83
N LEU B 37 31.52 3.36 37.66
CA LEU B 37 32.42 3.83 36.59
C LEU B 37 31.98 5.23 36.10
N VAL B 38 30.70 5.45 35.93
CA VAL B 38 30.21 6.79 35.55
C VAL B 38 30.58 7.82 36.63
N LEU B 39 30.32 7.54 37.91
CA LEU B 39 30.61 8.52 38.98
C LEU B 39 32.12 8.77 39.00
N TYR B 40 32.91 7.73 38.87
CA TYR B 40 34.39 7.88 38.92
C TYR B 40 34.84 8.75 37.74
N ILE B 41 34.33 8.48 36.52
CA ILE B 41 34.71 9.27 35.33
C ILE B 41 34.25 10.72 35.47
N ILE B 42 33.02 10.98 35.94
CA ILE B 42 32.64 12.38 36.27
C ILE B 42 33.73 13.01 37.16
N SER B 43 34.07 12.38 38.26
CA SER B 43 35.00 12.96 39.23
C SER B 43 36.39 13.14 38.55
N LEU B 44 36.78 12.25 37.62
CA LEU B 44 38.08 12.37 36.88
C LEU B 44 38.04 13.58 35.92
N MET B 45 36.92 13.75 35.21
CA MET B 45 36.78 14.86 34.23
C MET B 45 36.87 16.21 34.98
N LEU B 46 36.48 16.25 36.27
CA LEU B 46 36.25 17.51 37.01
C LEU B 46 37.42 17.83 37.94
N THR B 47 38.51 17.06 37.96
CA THR B 47 39.57 17.26 38.98
C THR B 47 40.90 17.63 38.34
N THR B 48 40.94 18.27 37.17
CA THR B 48 42.20 18.77 36.60
C THR B 48 42.00 20.19 36.06
N LYS B 49 43.00 21.03 36.24
CA LYS B 49 43.14 22.36 35.59
C LYS B 49 43.70 22.23 34.17
N LEU B 50 44.13 21.04 33.73
CA LEU B 50 44.57 20.82 32.34
C LEU B 50 43.36 20.91 31.43
N THR B 51 43.56 21.49 30.25
CA THR B 51 42.45 21.75 29.32
C THR B 51 42.82 21.29 27.91
N HIS B 52 41.76 21.01 27.16
CA HIS B 52 41.79 20.66 25.72
C HIS B 52 40.39 20.98 25.18
N THR B 53 40.19 22.16 24.58
CA THR B 53 38.84 22.72 24.24
C THR B 53 38.64 22.81 22.72
N SER B 54 39.63 22.37 21.94
CA SER B 54 39.55 22.29 20.45
C SER B 54 38.65 21.09 20.08
N THR B 55 38.29 20.97 18.79
CA THR B 55 37.34 19.92 18.32
C THR B 55 37.98 18.54 18.56
N MET B 56 37.20 17.60 19.11
CA MET B 56 37.65 16.20 19.37
C MET B 56 37.00 15.20 18.39
N ASP B 57 37.82 14.33 17.77
CA ASP B 57 37.37 13.22 16.87
C ASP B 57 36.66 12.13 17.70
N ALA B 58 35.44 11.72 17.27
CA ALA B 58 34.51 10.85 18.00
C ALA B 58 34.53 9.38 17.52
N GLN B 59 34.94 9.05 16.30
CA GLN B 59 34.46 7.74 15.74
C GLN B 59 35.14 6.54 16.42
N GLU B 60 36.45 6.58 16.65
CA GLU B 60 37.17 5.45 17.31
C GLU B 60 36.45 5.16 18.63
N VAL B 61 36.23 6.21 19.43
CA VAL B 61 35.79 5.97 20.83
C VAL B 61 34.33 5.46 20.75
N GLU B 62 33.58 5.85 19.72
CA GLU B 62 32.15 5.42 19.65
C GLU B 62 32.08 3.92 19.38
N THR B 63 33.12 3.31 18.82
CA THR B 63 33.12 1.85 18.69
C THR B 63 33.08 1.22 20.09
N ILE B 64 33.93 1.70 20.98
CA ILE B 64 34.07 1.10 22.32
C ILE B 64 32.71 1.32 22.99
N TRP B 65 32.20 2.55 22.93
CA TRP B 65 30.97 2.96 23.64
C TRP B 65 29.74 2.15 23.24
N THR B 66 29.71 1.53 22.07
CA THR B 66 28.54 0.74 21.58
C THR B 66 28.81 -0.76 21.73
N ILE B 67 30.01 -1.20 21.36
CA ILE B 67 30.32 -2.66 21.42
C ILE B 67 30.29 -3.17 22.87
N LEU B 68 30.91 -2.43 23.80
CA LEU B 68 31.07 -2.95 25.17
C LEU B 68 29.68 -3.05 25.81
N PRO B 69 28.83 -2.02 25.67
CA PRO B 69 27.45 -2.15 26.18
C PRO B 69 26.66 -3.25 25.49
N ALA B 70 26.85 -3.48 24.19
CA ALA B 70 26.14 -4.54 23.45
C ALA B 70 26.54 -5.89 24.05
N ILE B 71 27.82 -6.09 24.27
CA ILE B 71 28.30 -7.34 24.91
C ILE B 71 27.67 -7.48 26.31
N ILE B 72 27.68 -6.40 27.09
CA ILE B 72 27.12 -6.48 28.47
C ILE B 72 25.63 -6.85 28.40
N LEU B 73 24.86 -6.25 27.51
CA LEU B 73 23.42 -6.62 27.40
C LEU B 73 23.28 -8.11 27.06
N ILE B 74 24.11 -8.62 26.15
CA ILE B 74 24.03 -10.06 25.76
C ILE B 74 24.31 -10.89 27.02
N LEU B 75 25.27 -10.46 27.83
CA LEU B 75 25.62 -11.23 29.06
C LEU B 75 24.46 -11.16 30.07
N ILE B 76 23.57 -10.18 30.00
CA ILE B 76 22.33 -10.17 30.85
C ILE B 76 21.24 -11.01 30.17
N ALA B 77 21.03 -10.80 28.88
CA ALA B 77 19.90 -11.43 28.15
C ALA B 77 20.00 -12.96 28.21
N LEU B 78 21.21 -13.52 28.07
CA LEU B 78 21.38 -14.99 27.96
C LEU B 78 20.77 -15.65 29.22
N PRO B 79 21.26 -15.37 30.45
CA PRO B 79 20.69 -16.02 31.63
C PRO B 79 19.23 -15.57 31.84
N SER B 80 18.90 -14.34 31.45
CA SER B 80 17.51 -13.81 31.64
C SER B 80 16.55 -14.71 30.90
N LEU B 81 16.87 -14.98 29.65
CA LEU B 81 15.96 -15.74 28.76
C LEU B 81 16.02 -17.22 29.12
N ARG B 82 17.16 -17.75 29.56
CA ARG B 82 17.21 -19.15 30.07
C ARG B 82 16.20 -19.30 31.21
N ILE B 83 16.19 -18.37 32.15
CA ILE B 83 15.20 -18.48 33.27
C ILE B 83 13.79 -18.29 32.69
N LEU B 84 13.59 -17.37 31.77
CA LEU B 84 12.21 -17.15 31.23
C LEU B 84 11.62 -18.46 30.72
N TYR B 85 12.41 -19.21 29.95
CA TYR B 85 11.96 -20.43 29.24
C TYR B 85 11.89 -21.58 30.25
N MET B 86 12.77 -21.59 31.25
CA MET B 86 12.70 -22.60 32.34
C MET B 86 11.35 -22.43 33.06
N MET B 87 10.91 -21.26 33.44
N MET B 87 10.96 -21.17 33.29
CA MET B 87 9.59 -21.16 34.11
CA MET B 87 9.69 -20.63 33.89
C MET B 87 8.50 -21.66 33.16
C MET B 87 8.44 -21.05 33.10
N ASP B 88 8.63 -21.45 31.84
CA ASP B 88 7.52 -21.80 30.90
C ASP B 88 7.50 -23.31 30.65
N GLU B 89 8.59 -24.04 30.91
CA GLU B 89 8.74 -25.48 30.54
C GLU B 89 7.57 -26.29 31.15
N ILE B 90 7.16 -27.35 30.44
CA ILE B 90 6.09 -28.35 30.75
C ILE B 90 6.54 -29.09 32.01
N ASN B 91 5.66 -29.24 32.98
CA ASN B 91 6.13 -29.88 34.24
C ASN B 91 5.22 -31.00 34.76
N ASN B 92 3.98 -31.16 34.27
CA ASN B 92 3.03 -32.17 34.84
C ASN B 92 2.68 -31.85 36.29
N PRO B 93 1.70 -30.98 36.52
CA PRO B 93 1.24 -30.76 37.89
C PRO B 93 0.43 -31.97 38.42
N SER B 94 0.49 -32.15 39.74
CA SER B 94 -0.26 -33.17 40.51
C SER B 94 -1.63 -32.62 40.93
N LEU B 95 -1.80 -31.31 40.90
CA LEU B 95 -2.95 -30.63 41.56
C LEU B 95 -3.19 -29.32 40.81
N THR B 96 -4.47 -28.97 40.59
CA THR B 96 -4.86 -27.64 40.11
C THR B 96 -5.70 -26.94 41.19
N VAL B 97 -5.32 -25.71 41.48
CA VAL B 97 -6.08 -24.81 42.38
C VAL B 97 -6.42 -23.55 41.61
N LYS B 98 -7.65 -23.06 41.76
CA LYS B 98 -8.00 -21.73 41.20
C LYS B 98 -8.05 -20.71 42.35
N THR B 99 -7.68 -19.47 42.07
CA THR B 99 -8.01 -18.31 42.92
C THR B 99 -8.76 -17.27 42.08
N MET B 100 -9.84 -16.75 42.68
CA MET B 100 -10.60 -15.61 42.14
C MET B 100 -10.40 -14.39 43.07
N GLY B 101 -9.91 -13.30 42.49
CA GLY B 101 -9.85 -12.00 43.14
C GLY B 101 -11.24 -11.38 43.24
N HIS B 102 -11.46 -10.69 44.34
CA HIS B 102 -12.69 -9.93 44.62
C HIS B 102 -12.31 -8.66 45.38
N GLN B 103 -13.17 -7.65 45.32
CA GLN B 103 -13.13 -6.51 46.25
C GLN B 103 -13.72 -6.96 47.59
N TRP B 104 -12.93 -7.17 48.64
CA TRP B 104 -11.47 -7.13 48.73
C TRP B 104 -11.02 -8.38 49.54
N TYR B 105 -10.89 -9.49 48.85
CA TYR B 105 -10.57 -10.83 49.40
C TYR B 105 -10.34 -11.79 48.23
N TRP B 106 -9.74 -12.95 48.51
CA TRP B 106 -9.44 -14.00 47.54
C TRP B 106 -10.37 -15.16 47.85
N SER B 107 -10.93 -15.77 46.81
CA SER B 107 -11.58 -17.10 46.98
C SER B 107 -10.68 -18.16 46.32
N TYR B 108 -10.73 -19.36 46.83
CA TYR B 108 -9.93 -20.50 46.33
C TYR B 108 -10.87 -21.64 45.98
N GLU B 109 -10.56 -22.35 44.90
CA GLU B 109 -11.36 -23.48 44.42
C GLU B 109 -10.41 -24.65 44.16
N TYR B 110 -10.65 -25.76 44.82
CA TYR B 110 -9.89 -27.01 44.58
C TYR B 110 -10.90 -28.02 44.04
N THR B 111 -11.06 -28.12 42.71
CA THR B 111 -12.19 -28.89 42.12
C THR B 111 -11.70 -30.05 41.24
N ASP B 112 -10.47 -30.53 41.50
CA ASP B 112 -9.99 -31.77 40.81
C ASP B 112 -10.90 -32.96 41.13
N TYR B 113 -11.42 -33.07 42.35
CA TYR B 113 -12.13 -34.27 42.87
C TYR B 113 -13.46 -33.91 43.52
N GLU B 114 -13.48 -33.02 44.49
CA GLU B 114 -14.69 -32.59 45.22
C GLU B 114 -14.91 -31.09 44.99
N ASP B 115 -16.07 -30.56 45.37
CA ASP B 115 -16.33 -29.13 45.19
C ASP B 115 -15.86 -28.46 46.49
N LEU B 116 -14.59 -28.13 46.59
CA LEU B 116 -14.02 -27.42 47.75
C LEU B 116 -13.77 -25.97 47.31
N SER B 117 -14.44 -25.03 47.96
CA SER B 117 -14.12 -23.60 47.76
C SER B 117 -14.35 -22.83 49.07
N PHE B 118 -13.64 -21.74 49.25
CA PHE B 118 -13.78 -20.88 50.44
C PHE B 118 -13.18 -19.51 50.12
N ASP B 119 -13.54 -18.56 50.99
CA ASP B 119 -13.11 -17.15 50.94
C ASP B 119 -11.97 -17.00 51.95
N SER B 120 -11.05 -16.10 51.64
CA SER B 120 -9.83 -15.82 52.43
C SER B 120 -9.73 -14.32 52.61
N TYR B 121 -10.02 -13.87 53.84
CA TYR B 121 -10.05 -12.43 54.20
C TYR B 121 -8.93 -12.12 55.19
N MET B 122 -8.42 -10.89 55.09
CA MET B 122 -7.46 -10.33 56.06
C MET B 122 -8.04 -10.43 57.49
N ILE B 123 -7.20 -10.80 58.45
CA ILE B 123 -7.53 -10.71 59.90
C ILE B 123 -7.45 -9.22 60.25
N PRO B 124 -8.57 -8.58 60.72
CA PRO B 124 -8.49 -7.22 61.20
C PRO B 124 -7.42 -7.05 62.31
N THR B 125 -6.80 -5.89 62.35
CA THR B 125 -5.70 -5.56 63.30
C THR B 125 -6.15 -5.82 64.74
N SER B 126 -7.39 -5.44 65.06
CA SER B 126 -7.95 -5.57 66.44
C SER B 126 -8.24 -7.05 66.77
N GLU B 127 -8.25 -7.96 65.79
CA GLU B 127 -8.54 -9.39 66.04
C GLU B 127 -7.30 -10.26 65.91
N LEU B 128 -6.13 -9.69 65.65
CA LEU B 128 -4.87 -10.46 65.60
C LEU B 128 -4.64 -11.17 66.93
N LYS B 129 -4.24 -12.42 66.82
CA LYS B 129 -3.78 -13.22 67.96
C LYS B 129 -2.33 -12.84 68.24
N PRO B 130 -1.89 -12.90 69.53
CA PRO B 130 -0.54 -12.48 69.86
C PRO B 130 0.50 -13.16 68.96
N GLY B 131 1.41 -12.38 68.38
CA GLY B 131 2.48 -12.93 67.52
C GLY B 131 2.11 -12.88 66.05
N GLU B 132 0.85 -12.58 65.71
CA GLU B 132 0.39 -12.55 64.30
C GLU B 132 0.74 -11.20 63.66
N LEU B 133 0.85 -11.22 62.34
CA LEU B 133 1.35 -10.09 61.54
C LEU B 133 0.21 -9.22 61.03
N ARG B 134 0.33 -7.94 61.34
CA ARG B 134 -0.56 -6.87 60.85
C ARG B 134 -0.56 -6.86 59.31
N LEU B 135 -1.76 -6.85 58.77
CA LEU B 135 -2.12 -6.74 57.34
C LEU B 135 -1.77 -8.00 56.54
N LEU B 136 -1.26 -9.07 57.14
CA LEU B 136 -0.76 -10.25 56.38
C LEU B 136 -1.52 -11.55 56.67
N GLU B 137 -2.04 -11.76 57.88
CA GLU B 137 -2.79 -12.98 58.23
C GLU B 137 -4.18 -12.99 57.54
N VAL B 138 -4.64 -14.18 57.22
CA VAL B 138 -6.00 -14.41 56.68
C VAL B 138 -6.72 -15.38 57.62
N ASP B 139 -8.04 -15.40 57.57
CA ASP B 139 -8.85 -16.39 58.34
C ASP B 139 -8.57 -17.81 57.79
N ASN B 140 -8.61 -17.98 56.47
CA ASN B 140 -8.56 -19.31 55.80
C ASN B 140 -7.37 -19.31 54.87
N ARG B 141 -6.32 -20.03 55.25
CA ARG B 141 -5.08 -20.09 54.44
C ARG B 141 -5.25 -21.04 53.26
N VAL B 142 -4.38 -20.86 52.28
CA VAL B 142 -4.35 -21.71 51.07
C VAL B 142 -3.44 -22.89 51.42
N VAL B 143 -4.02 -23.97 51.93
CA VAL B 143 -3.23 -25.15 52.30
C VAL B 143 -2.89 -25.89 50.99
N LEU B 144 -1.62 -26.29 50.85
CA LEU B 144 -1.05 -26.93 49.66
C LEU B 144 -0.02 -27.97 50.08
N PRO B 145 0.12 -29.02 49.26
CA PRO B 145 1.15 -30.03 49.49
C PRO B 145 2.53 -29.48 49.10
N MET B 146 3.48 -29.62 50.01
CA MET B 146 4.89 -29.27 49.76
C MET B 146 5.53 -30.27 48.79
N GLU B 147 6.59 -29.84 48.11
CA GLU B 147 7.43 -30.71 47.24
C GLU B 147 6.58 -31.30 46.08
N MET B 148 5.57 -30.59 45.63
CA MET B 148 4.71 -31.03 44.51
C MET B 148 4.45 -29.85 43.56
N THR B 149 4.47 -30.14 42.27
CA THR B 149 4.19 -29.17 41.21
C THR B 149 2.68 -28.91 41.22
N ILE B 150 2.30 -27.68 41.49
CA ILE B 150 0.87 -27.27 41.54
C ILE B 150 0.60 -26.27 40.43
N ARG B 151 -0.48 -26.46 39.70
CA ARG B 151 -0.99 -25.49 38.71
C ARG B 151 -1.93 -24.53 39.44
N MET B 152 -1.61 -23.24 39.48
CA MET B 152 -2.49 -22.18 40.03
C MET B 152 -3.12 -21.49 38.82
N LEU B 153 -4.42 -21.35 38.82
CA LEU B 153 -5.17 -20.60 37.79
C LEU B 153 -5.78 -19.41 38.50
N VAL B 154 -5.65 -18.24 37.90
CA VAL B 154 -5.97 -16.94 38.51
C VAL B 154 -6.95 -16.19 37.62
N SER B 155 -8.03 -15.73 38.21
CA SER B 155 -9.01 -14.82 37.56
C SER B 155 -9.58 -13.87 38.62
N SER B 156 -10.56 -13.08 38.18
CA SER B 156 -11.26 -12.10 39.01
C SER B 156 -12.75 -12.18 38.69
N GLU B 157 -13.61 -11.86 39.65
CA GLU B 157 -15.06 -11.70 39.38
C GLU B 157 -15.43 -10.22 39.46
N ASP B 158 -14.47 -9.30 39.52
CA ASP B 158 -14.84 -7.86 39.45
C ASP B 158 -13.75 -7.07 38.70
N VAL B 159 -12.91 -6.34 39.41
CA VAL B 159 -11.89 -5.47 38.80
C VAL B 159 -10.56 -6.26 38.74
N LEU B 160 -9.50 -5.64 38.22
CA LEU B 160 -8.19 -6.31 38.20
C LEU B 160 -7.71 -6.52 39.65
N HIS B 161 -7.12 -7.67 39.91
CA HIS B 161 -6.26 -7.86 41.10
C HIS B 161 -4.96 -8.48 40.58
N SER B 162 -4.05 -8.84 41.47
CA SER B 162 -2.85 -9.63 41.06
C SER B 162 -2.40 -10.47 42.24
N TRP B 163 -2.23 -11.77 41.99
CA TRP B 163 -1.99 -12.79 43.03
C TRP B 163 -0.45 -12.99 43.10
N ALA B 164 0.16 -12.57 44.19
CA ALA B 164 1.63 -12.51 44.32
C ALA B 164 2.06 -13.26 45.58
N VAL B 165 3.18 -13.99 45.46
CA VAL B 165 3.85 -14.61 46.62
C VAL B 165 5.34 -14.45 46.35
N PRO B 166 5.96 -13.35 46.83
CA PRO B 166 7.35 -13.06 46.50
C PRO B 166 8.33 -14.20 46.75
N SER B 167 8.19 -14.96 47.84
CA SER B 167 9.25 -15.94 48.17
C SER B 167 9.19 -17.15 47.22
N LEU B 168 8.10 -17.32 46.49
CA LEU B 168 8.01 -18.39 45.45
C LEU B 168 8.28 -17.82 44.04
N GLY B 169 8.54 -16.51 43.91
CA GLY B 169 8.75 -15.83 42.63
C GLY B 169 7.45 -15.70 41.85
N LEU B 170 6.31 -15.48 42.51
CA LEU B 170 5.02 -15.59 41.79
C LEU B 170 4.34 -14.24 41.75
N LYS B 171 3.82 -13.88 40.57
CA LYS B 171 2.88 -12.75 40.41
C LYS B 171 2.12 -12.93 39.10
N THR B 172 0.82 -13.20 39.22
CA THR B 172 -0.08 -13.44 38.09
C THR B 172 -1.31 -12.53 38.24
N ASP B 173 -1.54 -11.74 37.22
CA ASP B 173 -2.67 -10.80 37.21
C ASP B 173 -3.98 -11.59 37.18
N ALA B 174 -4.97 -11.05 37.89
CA ALA B 174 -6.32 -11.62 38.06
C ALA B 174 -7.26 -10.72 37.26
N ILE B 175 -7.66 -11.18 36.08
CA ILE B 175 -8.38 -10.40 35.05
C ILE B 175 -9.73 -11.06 34.84
N PRO B 176 -10.85 -10.33 34.97
CA PRO B 176 -12.15 -10.93 34.72
C PRO B 176 -12.22 -11.39 33.25
N GLY B 177 -12.84 -12.56 33.07
CA GLY B 177 -13.01 -13.20 31.77
C GLY B 177 -11.76 -13.92 31.29
N ARG B 178 -10.70 -14.00 32.10
CA ARG B 178 -9.41 -14.62 31.67
C ARG B 178 -8.96 -15.58 32.75
N LEU B 179 -8.40 -16.72 32.34
CA LEU B 179 -7.87 -17.71 33.29
C LEU B 179 -6.35 -17.75 33.09
N ASN B 180 -5.58 -17.11 33.96
CA ASN B 180 -4.10 -17.09 33.81
C ASN B 180 -3.51 -18.24 34.62
N GLN B 181 -2.50 -18.88 34.07
CA GLN B 181 -1.86 -20.06 34.68
C GLN B 181 -0.45 -19.74 35.18
N THR B 182 -0.11 -20.27 36.34
CA THR B 182 1.29 -20.29 36.82
C THR B 182 1.48 -21.62 37.55
N THR B 183 2.74 -21.98 37.79
CA THR B 183 3.10 -23.16 38.56
C THR B 183 3.84 -22.74 39.82
N LEU B 184 3.60 -23.53 40.86
CA LEU B 184 4.05 -23.27 42.24
C LEU B 184 4.66 -24.58 42.67
N MET B 185 5.86 -24.56 43.22
CA MET B 185 6.45 -25.76 43.85
C MET B 185 7.25 -25.29 45.07
N SER B 186 6.86 -25.61 46.29
CA SER B 186 7.62 -25.21 47.50
C SER B 186 8.59 -26.33 47.89
N SER B 187 9.87 -25.97 48.06
CA SER B 187 10.93 -26.90 48.53
C SER B 187 10.75 -27.17 50.02
N ARG B 188 9.90 -26.40 50.71
CA ARG B 188 9.83 -26.44 52.20
C ARG B 188 8.39 -26.34 52.68
N PRO B 189 8.11 -26.90 53.87
CA PRO B 189 6.86 -26.61 54.57
C PRO B 189 6.95 -25.14 55.04
N GLY B 190 5.81 -24.57 55.43
CA GLY B 190 5.76 -23.33 56.18
C GLY B 190 4.62 -22.44 55.73
N LEU B 191 4.77 -21.15 56.02
CA LEU B 191 3.76 -20.12 55.72
C LEU B 191 4.46 -19.11 54.79
N TYR B 192 3.87 -18.86 53.64
CA TYR B 192 4.43 -17.97 52.61
C TYR B 192 3.36 -16.94 52.24
N TYR B 193 3.73 -15.68 52.37
CA TYR B 193 2.81 -14.53 52.34
C TYR B 193 2.96 -13.72 51.05
N GLY B 194 1.85 -13.15 50.57
CA GLY B 194 1.83 -12.16 49.50
C GLY B 194 0.65 -11.21 49.66
N GLN B 195 0.58 -10.26 48.76
CA GLN B 195 -0.38 -9.14 48.84
C GLN B 195 -0.87 -8.80 47.43
N CYS B 196 -2.13 -8.42 47.37
CA CYS B 196 -2.75 -8.02 46.10
C CYS B 196 -1.86 -6.97 45.40
N SER B 197 -1.53 -7.24 44.13
CA SER B 197 -0.52 -6.47 43.35
C SER B 197 -1.13 -5.84 42.10
N GLU B 198 -2.42 -5.45 42.15
CA GLU B 198 -3.07 -4.54 41.18
C GLU B 198 -4.16 -3.71 41.91
N ILE B 199 -3.95 -2.39 41.76
CA ILE B 199 -4.84 -1.37 42.38
C ILE B 199 -6.28 -1.79 42.07
N CYS B 200 -7.08 -1.98 43.11
CA CYS B 200 -8.41 -2.60 42.98
C CYS B 200 -9.44 -1.89 43.87
N GLY B 201 -9.14 -0.68 44.35
CA GLY B 201 -10.10 0.16 45.07
C GLY B 201 -9.81 0.27 46.54
N SER B 202 -10.84 0.57 47.34
CA SER B 202 -10.73 1.03 48.75
C SER B 202 -9.83 0.15 49.63
N ASN B 203 -9.83 -1.18 49.42
CA ASN B 203 -9.09 -2.08 50.35
C ASN B 203 -8.05 -2.94 49.61
N HIS B 204 -7.45 -2.36 48.58
CA HIS B 204 -6.29 -2.92 47.81
C HIS B 204 -5.14 -3.31 48.76
N SER B 205 -4.88 -2.51 49.79
CA SER B 205 -3.79 -2.73 50.78
C SER B 205 -4.10 -3.92 51.71
N PHE B 206 -5.33 -4.48 51.71
CA PHE B 206 -5.91 -5.26 52.82
C PHE B 206 -6.57 -6.55 52.31
N MET B 207 -5.98 -7.18 51.28
CA MET B 207 -6.45 -8.51 50.79
C MET B 207 -5.23 -9.39 50.52
N PRO B 208 -4.56 -9.85 51.58
CA PRO B 208 -3.34 -10.65 51.40
C PRO B 208 -3.61 -12.14 51.11
N ILE B 209 -2.48 -12.81 50.87
CA ILE B 209 -2.39 -14.21 50.44
C ILE B 209 -1.49 -14.92 51.44
N VAL B 210 -1.98 -16.03 51.99
CA VAL B 210 -1.18 -16.91 52.89
C VAL B 210 -1.26 -18.35 52.39
N LEU B 211 -0.11 -18.87 51.93
CA LEU B 211 0.04 -20.30 51.57
C LEU B 211 0.52 -21.05 52.81
N GLU B 212 -0.06 -22.22 53.04
CA GLU B 212 0.33 -23.14 54.13
C GLU B 212 0.79 -24.45 53.49
N LEU B 213 2.10 -24.70 53.52
CA LEU B 213 2.74 -25.82 52.80
C LEU B 213 3.01 -26.92 53.82
N VAL B 214 2.40 -28.08 53.58
CA VAL B 214 2.39 -29.25 54.52
C VAL B 214 2.53 -30.53 53.71
N PRO B 215 2.86 -31.68 54.34
CA PRO B 215 2.88 -32.97 53.67
C PRO B 215 1.52 -33.30 53.03
N LEU B 216 1.60 -33.98 51.89
CA LEU B 216 0.42 -34.47 51.13
C LEU B 216 -0.67 -35.02 52.09
N LYS B 217 -0.33 -35.89 53.03
CA LYS B 217 -1.36 -36.59 53.86
C LYS B 217 -2.16 -35.56 54.68
N TYR B 218 -1.47 -34.54 55.19
CA TYR B 218 -2.11 -33.44 55.93
C TYR B 218 -3.01 -32.62 54.98
N PHE B 219 -2.52 -32.31 53.77
CA PHE B 219 -3.30 -31.57 52.76
C PHE B 219 -4.60 -32.35 52.43
N GLU B 220 -4.49 -33.67 52.21
CA GLU B 220 -5.65 -34.54 51.89
C GLU B 220 -6.70 -34.46 53.02
N LYS B 221 -6.28 -34.59 54.28
CA LYS B 221 -7.25 -34.61 55.42
C LYS B 221 -7.86 -33.21 55.57
N TRP B 222 -7.03 -32.17 55.41
CA TRP B 222 -7.54 -30.78 55.45
C TRP B 222 -8.61 -30.59 54.37
N SER B 223 -8.32 -31.01 53.14
CA SER B 223 -9.23 -30.89 51.98
C SER B 223 -10.56 -31.53 52.35
N ALA B 224 -10.49 -32.76 52.84
CA ALA B 224 -11.71 -33.53 53.19
C ALA B 224 -12.52 -32.75 54.24
N SER B 225 -11.84 -32.18 55.23
CA SER B 225 -12.47 -31.49 56.36
C SER B 225 -13.09 -30.14 55.92
N MET B 226 -12.69 -29.61 54.77
CA MET B 226 -13.15 -28.30 54.28
C MET B 226 -14.35 -28.43 53.33
N LEU B 227 -14.87 -29.61 53.07
CA LEU B 227 -16.03 -29.77 52.14
C LEU B 227 -17.32 -29.28 52.80
N GLN C 4 10.37 44.01 8.50
CA GLN C 4 10.83 42.58 8.35
C GLN C 4 11.50 42.41 6.99
N THR C 5 12.58 41.64 6.93
CA THR C 5 13.20 41.20 5.66
C THR C 5 13.28 39.67 5.63
N HIS C 6 12.42 38.96 6.37
CA HIS C 6 12.10 37.53 6.11
C HIS C 6 10.70 37.43 5.46
N ALA C 7 10.33 36.21 5.04
CA ALA C 7 9.07 35.94 4.30
C ALA C 7 7.96 35.40 5.21
N TYR C 8 8.14 35.35 6.52
CA TYR C 8 7.19 34.65 7.42
C TYR C 8 6.15 35.63 7.96
N HIS C 9 5.07 35.03 8.47
CA HIS C 9 3.85 35.78 8.86
C HIS C 9 3.81 36.01 10.37
N MET C 10 3.99 37.26 10.77
CA MET C 10 3.75 37.70 12.16
C MET C 10 2.22 38.00 12.26
N VAL C 11 1.54 37.17 13.01
CA VAL C 11 0.07 37.16 13.10
C VAL C 11 -0.37 38.23 14.11
N ASN C 12 -1.41 38.95 13.74
CA ASN C 12 -2.00 39.94 14.67
C ASN C 12 -2.48 39.23 15.94
N PRO C 13 -2.30 39.84 17.11
CA PRO C 13 -2.86 39.29 18.34
C PRO C 13 -4.34 38.96 18.13
N SER C 14 -4.73 37.78 18.60
CA SER C 14 -6.01 37.11 18.25
C SER C 14 -6.68 36.54 19.49
N PRO C 15 -8.02 36.73 19.61
CA PRO C 15 -8.79 36.12 20.68
C PRO C 15 -9.23 34.67 20.45
N TRP C 16 -9.07 34.17 19.22
CA TRP C 16 -9.68 32.87 18.84
C TRP C 16 -8.98 31.72 19.56
N PRO C 17 -7.65 31.75 19.83
CA PRO C 17 -7.07 30.67 20.63
C PRO C 17 -7.79 30.55 21.98
N LEU C 18 -8.03 31.67 22.67
CA LEU C 18 -8.71 31.63 23.98
C LEU C 18 -10.17 31.17 23.79
N THR C 19 -10.87 31.66 22.77
CA THR C 19 -12.29 31.24 22.65
C THR C 19 -12.34 29.75 22.30
N GLY C 20 -11.37 29.30 21.51
CA GLY C 20 -11.28 27.87 21.18
C GLY C 20 -11.04 27.02 22.43
N ALA C 21 -10.06 27.44 23.25
CA ALA C 21 -9.71 26.72 24.50
C ALA C 21 -10.96 26.68 25.39
N LEU C 22 -11.63 27.80 25.49
CA LEU C 22 -12.83 27.80 26.37
C LEU C 22 -13.96 26.97 25.77
N SER C 23 -14.13 26.97 24.45
N SER C 23 -14.16 26.99 24.46
CA SER C 23 -15.15 26.11 23.79
CA SER C 23 -15.15 26.10 23.80
C SER C 23 -14.84 24.64 24.11
C SER C 23 -14.84 24.64 24.19
N ALA C 24 -13.55 24.26 24.20
CA ALA C 24 -13.16 22.88 24.56
C ALA C 24 -13.59 22.57 26.02
N LEU C 25 -13.39 23.52 26.94
CA LEU C 25 -13.83 23.36 28.34
C LEU C 25 -15.36 23.19 28.33
N LEU C 26 -16.07 24.03 27.57
CA LEU C 26 -17.55 23.97 27.64
C LEU C 26 -18.06 22.66 27.01
N MET C 27 -17.43 22.18 25.93
CA MET C 27 -17.86 20.89 25.29
C MET C 27 -17.60 19.71 26.23
N THR C 28 -16.45 19.66 26.89
CA THR C 28 -16.11 18.53 27.78
C THR C 28 -16.96 18.56 29.07
N SER C 29 -16.99 19.71 29.75
CA SER C 29 -17.82 19.89 30.95
C SER C 29 -19.28 19.69 30.50
N GLY C 30 -19.64 20.08 29.29
CA GLY C 30 -21.01 19.89 28.76
C GLY C 30 -21.36 18.41 28.58
N LEU C 31 -20.46 17.63 28.00
CA LEU C 31 -20.67 16.18 27.87
C LEU C 31 -20.79 15.54 29.25
N THR C 32 -19.97 15.99 30.22
CA THR C 32 -20.03 15.48 31.61
C THR C 32 -21.45 15.74 32.14
N MET C 33 -21.93 16.97 31.95
N MET C 33 -21.93 16.96 31.98
CA MET C 33 -23.24 17.44 32.46
CA MET C 33 -23.26 17.31 32.52
C MET C 33 -24.39 16.68 31.76
C MET C 33 -24.31 16.45 31.81
N TRP C 34 -24.19 16.28 30.49
CA TRP C 34 -25.17 15.49 29.72
C TRP C 34 -25.20 14.03 30.19
N PHE C 35 -24.05 13.39 30.32
CA PHE C 35 -23.93 11.98 30.76
C PHE C 35 -24.36 11.79 32.22
N HIS C 36 -24.15 12.77 33.11
CA HIS C 36 -24.32 12.55 34.57
C HIS C 36 -25.35 13.43 35.26
N PHE C 37 -25.69 14.56 34.69
CA PHE C 37 -26.57 15.54 35.41
C PHE C 37 -27.73 15.91 34.51
N ASN C 38 -27.99 15.09 33.50
CA ASN C 38 -29.20 15.08 32.70
C ASN C 38 -29.44 16.47 32.05
N SER C 39 -28.42 17.17 31.58
CA SER C 39 -28.60 18.53 31.01
C SER C 39 -27.67 18.76 29.81
N MET C 40 -28.21 19.37 28.75
CA MET C 40 -27.48 19.64 27.48
C MET C 40 -27.00 21.09 27.39
N THR C 41 -27.27 21.92 28.40
CA THR C 41 -27.07 23.38 28.27
C THR C 41 -25.58 23.74 28.03
N LEU C 42 -24.69 23.35 28.93
CA LEU C 42 -23.25 23.63 28.74
C LEU C 42 -22.83 23.11 27.37
N LEU C 43 -23.24 21.91 26.98
CA LEU C 43 -22.74 21.29 25.74
C LEU C 43 -23.17 22.14 24.55
N MET C 44 -24.41 22.62 24.53
N MET C 44 -24.43 22.60 24.53
CA MET C 44 -24.89 23.42 23.37
CA MET C 44 -24.93 23.45 23.42
C MET C 44 -24.15 24.78 23.32
C MET C 44 -24.09 24.75 23.33
N ILE C 45 -23.75 25.34 24.48
CA ILE C 45 -23.00 26.62 24.53
C ILE C 45 -21.61 26.31 23.97
N GLY C 46 -21.03 25.19 24.38
CA GLY C 46 -19.67 24.84 23.89
C GLY C 46 -19.67 24.59 22.39
N LEU C 47 -20.66 23.86 21.87
CA LEU C 47 -20.73 23.60 20.40
C LEU C 47 -20.90 24.93 19.68
N THR C 48 -21.74 25.83 20.17
CA THR C 48 -21.93 27.14 19.51
C THR C 48 -20.62 27.93 19.50
N THR C 49 -19.92 28.04 20.63
CA THR C 49 -18.68 28.86 20.72
C THR C 49 -17.61 28.19 19.88
N ASN C 50 -17.63 26.85 19.82
CA ASN C 50 -16.63 26.13 18.99
C ASN C 50 -16.85 26.51 17.51
N MET C 51 -18.11 26.53 17.05
N MET C 51 -18.11 26.54 17.06
CA MET C 51 -18.43 26.85 15.64
CA MET C 51 -18.45 26.86 15.65
C MET C 51 -18.07 28.32 15.37
C MET C 51 -18.07 28.32 15.37
N LEU C 52 -18.41 29.22 16.30
CA LEU C 52 -18.06 30.67 16.16
C LEU C 52 -16.55 30.82 16.06
N THR C 53 -15.81 30.11 16.90
CA THR C 53 -14.34 30.20 16.90
C THR C 53 -13.78 29.76 15.54
N MET C 54 -14.18 28.58 15.08
N MET C 54 -14.20 28.59 15.07
CA MET C 54 -13.70 28.00 13.80
CA MET C 54 -13.68 28.00 13.81
C MET C 54 -14.00 29.00 12.67
C MET C 54 -14.01 28.96 12.65
N TYR C 55 -15.24 29.48 12.61
CA TYR C 55 -15.68 30.43 11.57
C TYR C 55 -14.74 31.65 11.55
N GLN C 56 -14.54 32.31 12.70
CA GLN C 56 -13.79 33.59 12.75
C GLN C 56 -12.29 33.31 12.51
N TRP C 57 -11.77 32.24 13.06
CA TRP C 57 -10.33 31.92 12.89
C TRP C 57 -10.02 31.70 11.39
N TRP C 58 -10.80 30.83 10.73
CA TRP C 58 -10.53 30.50 9.32
C TRP C 58 -10.89 31.66 8.40
N ARG C 59 -11.88 32.45 8.78
CA ARG C 59 -12.18 33.72 8.10
C ARG C 59 -10.93 34.58 8.10
N ASP C 60 -10.30 34.72 9.26
CA ASP C 60 -9.09 35.58 9.43
C ASP C 60 -7.95 35.01 8.60
N VAL C 61 -7.83 33.70 8.51
CA VAL C 61 -6.79 33.08 7.63
C VAL C 61 -7.02 33.45 6.15
N ILE C 62 -8.28 33.47 5.71
CA ILE C 62 -8.62 33.95 4.35
C ILE C 62 -8.26 35.46 4.23
N ARG C 63 -8.58 36.27 5.23
CA ARG C 63 -8.26 37.72 5.20
C ARG C 63 -6.75 37.88 5.03
N GLU C 64 -5.99 37.09 5.78
CA GLU C 64 -4.52 37.26 5.86
C GLU C 64 -3.85 36.87 4.51
N SER C 65 -4.46 35.95 3.77
CA SER C 65 -3.91 35.30 2.56
C SER C 65 -4.48 35.96 1.29
N THR C 66 -5.72 35.65 0.96
CA THR C 66 -6.41 36.21 -0.23
C THR C 66 -6.38 37.76 -0.16
N PHE C 67 -6.71 38.36 1.00
CA PHE C 67 -6.97 39.81 1.01
C PHE C 67 -5.70 40.60 1.37
N GLN C 68 -4.79 40.04 2.16
CA GLN C 68 -3.64 40.81 2.71
C GLN C 68 -2.29 40.36 2.12
N GLY C 69 -2.21 39.16 1.53
CA GLY C 69 -1.01 38.74 0.81
C GLY C 69 0.10 38.15 1.69
N HIS C 70 -0.21 37.71 2.91
CA HIS C 70 0.84 37.19 3.85
C HIS C 70 1.32 35.78 3.47
N HIS C 71 0.66 35.08 2.57
CA HIS C 71 1.02 33.68 2.26
C HIS C 71 2.04 33.69 1.12
N THR C 72 3.27 34.03 1.47
CA THR C 72 4.48 33.80 0.65
C THR C 72 4.70 32.30 0.42
N PRO C 73 5.58 31.90 -0.53
CA PRO C 73 5.92 30.49 -0.70
C PRO C 73 6.38 29.84 0.62
N ALA C 74 7.13 30.56 1.46
CA ALA C 74 7.66 29.96 2.69
C ALA C 74 6.48 29.63 3.62
N VAL C 75 5.52 30.54 3.70
CA VAL C 75 4.33 30.37 4.58
C VAL C 75 3.51 29.17 4.07
N GLN C 76 3.32 29.11 2.75
CA GLN C 76 2.52 28.04 2.12
C GLN C 76 3.20 26.69 2.42
N LYS C 77 4.54 26.64 2.29
CA LYS C 77 5.28 25.39 2.57
C LYS C 77 5.01 24.93 4.02
N GLY C 78 5.02 25.88 4.98
CA GLY C 78 4.72 25.57 6.39
C GLY C 78 3.30 25.00 6.51
N LEU C 79 2.33 25.62 5.85
CA LEU C 79 0.94 25.09 5.92
C LEU C 79 0.84 23.66 5.33
N ARG C 80 1.59 23.40 4.26
CA ARG C 80 1.68 22.05 3.66
C ARG C 80 2.14 21.07 4.72
N TYR C 81 3.27 21.34 5.34
CA TYR C 81 3.75 20.44 6.43
C TYR C 81 2.68 20.34 7.54
N GLY C 82 2.09 21.44 7.95
CA GLY C 82 1.12 21.39 9.04
C GLY C 82 -0.03 20.43 8.73
N MET C 83 -0.54 20.49 7.51
CA MET C 83 -1.71 19.66 7.11
C MET C 83 -1.29 18.19 7.00
N ILE C 84 -0.11 17.93 6.44
CA ILE C 84 0.41 16.54 6.40
C ILE C 84 0.49 15.97 7.83
N LEU C 85 1.07 16.73 8.75
CA LEU C 85 1.26 16.27 10.13
C LEU C 85 -0.10 16.05 10.80
N PHE C 86 -1.03 16.96 10.56
CA PHE C 86 -2.38 16.80 11.12
C PHE C 86 -2.99 15.49 10.61
N ILE C 87 -2.85 15.22 9.30
CA ILE C 87 -3.42 13.97 8.71
C ILE C 87 -2.74 12.74 9.34
N ILE C 88 -1.43 12.78 9.50
CA ILE C 88 -0.76 11.66 10.19
C ILE C 88 -1.38 11.44 11.56
N SER C 89 -1.60 12.51 12.36
CA SER C 89 -2.17 12.31 13.71
C SER C 89 -3.55 11.65 13.58
N GLU C 90 -4.34 12.01 12.56
CA GLU C 90 -5.68 11.42 12.39
C GLU C 90 -5.54 9.95 11.98
N VAL C 91 -4.54 9.64 11.20
CA VAL C 91 -4.28 8.21 10.87
C VAL C 91 -4.04 7.43 12.16
N LEU C 92 -3.19 7.92 13.05
CA LEU C 92 -2.88 7.16 14.29
C LEU C 92 -4.13 7.04 15.17
N PHE C 93 -4.98 8.04 15.20
CA PHE C 93 -6.27 7.98 15.95
C PHE C 93 -7.09 6.78 15.44
N PHE C 94 -7.27 6.69 14.13
CA PHE C 94 -8.03 5.56 13.54
C PHE C 94 -7.29 4.26 13.81
N THR C 95 -5.95 4.26 13.79
CA THR C 95 -5.21 3.03 14.06
C THR C 95 -5.65 2.39 15.39
N GLY C 96 -5.87 3.20 16.43
CA GLY C 96 -6.34 2.67 17.72
C GLY C 96 -7.67 1.90 17.57
N PHE C 97 -8.60 2.42 16.80
CA PHE C 97 -9.89 1.73 16.59
C PHE C 97 -9.71 0.43 15.79
N PHE C 98 -8.88 0.44 14.76
CA PHE C 98 -8.55 -0.77 13.97
C PHE C 98 -7.89 -1.80 14.89
N TRP C 99 -6.98 -1.37 15.75
CA TRP C 99 -6.36 -2.30 16.74
C TRP C 99 -7.46 -2.93 17.61
N ALA C 100 -8.38 -2.12 18.14
CA ALA C 100 -9.48 -2.64 18.98
C ALA C 100 -10.26 -3.72 18.17
N PHE C 101 -10.57 -3.41 16.93
CA PHE C 101 -11.36 -4.30 16.06
C PHE C 101 -10.62 -5.64 15.87
N TYR C 102 -9.37 -5.57 15.44
CA TYR C 102 -8.61 -6.81 15.19
C TYR C 102 -8.44 -7.60 16.50
N HIS C 103 -8.14 -6.92 17.61
CA HIS C 103 -7.99 -7.57 18.93
C HIS C 103 -9.23 -8.41 19.25
N SER C 104 -10.42 -7.85 19.12
CA SER C 104 -11.68 -8.50 19.51
C SER C 104 -12.00 -9.62 18.53
N SER C 105 -11.77 -9.40 17.23
CA SER C 105 -12.29 -10.29 16.14
C SER C 105 -11.34 -11.45 15.92
N LEU C 106 -10.04 -11.24 16.13
CA LEU C 106 -9.09 -12.35 15.91
C LEU C 106 -9.12 -13.31 17.07
N ALA C 107 -9.61 -12.92 18.24
CA ALA C 107 -9.61 -13.87 19.38
C ALA C 107 -10.93 -13.78 20.10
N PRO C 108 -12.02 -14.18 19.42
CA PRO C 108 -13.35 -13.95 19.97
C PRO C 108 -13.47 -14.75 21.28
N THR C 109 -13.97 -14.10 22.31
CA THR C 109 -14.07 -14.69 23.67
C THR C 109 -15.28 -15.62 23.79
N PRO C 110 -15.31 -16.45 24.85
CA PRO C 110 -16.46 -17.34 25.05
C PRO C 110 -17.82 -16.63 25.11
N GLU C 111 -17.85 -15.40 25.63
CA GLU C 111 -19.13 -14.63 25.75
C GLU C 111 -19.76 -14.44 24.37
N LEU C 112 -18.94 -14.41 23.31
CA LEU C 112 -19.39 -14.20 21.92
C LEU C 112 -19.85 -15.52 21.31
N GLY C 113 -19.61 -16.64 21.99
CA GLY C 113 -19.72 -17.97 21.39
C GLY C 113 -18.36 -18.44 20.85
N GLY C 114 -17.28 -17.70 21.10
CA GLY C 114 -15.92 -18.08 20.65
C GLY C 114 -15.75 -17.99 19.16
N CYS C 115 -16.57 -17.21 18.47
CA CYS C 115 -16.60 -17.05 16.99
C CYS C 115 -16.78 -15.57 16.64
N TRP C 116 -16.46 -15.23 15.40
CA TRP C 116 -16.69 -13.91 14.78
C TRP C 116 -17.30 -14.16 13.43
N PRO C 117 -18.43 -13.52 13.07
CA PRO C 117 -19.11 -12.59 13.97
C PRO C 117 -19.71 -13.33 15.17
N PRO C 118 -19.99 -12.61 16.30
CA PRO C 118 -20.59 -13.23 17.47
C PRO C 118 -21.94 -13.89 17.14
N THR C 119 -22.26 -14.91 17.93
CA THR C 119 -23.60 -15.49 17.97
C THR C 119 -24.61 -14.36 18.13
N GLY C 120 -25.67 -14.38 17.33
CA GLY C 120 -26.80 -13.40 17.39
C GLY C 120 -26.53 -12.11 16.62
N ILE C 121 -25.34 -11.99 16.01
CA ILE C 121 -24.99 -10.85 15.11
C ILE C 121 -25.21 -11.27 13.65
N HIS C 122 -26.01 -10.49 12.94
CA HIS C 122 -26.31 -10.69 11.50
C HIS C 122 -25.70 -9.50 10.76
N PRO C 123 -24.43 -9.60 10.32
CA PRO C 123 -23.78 -8.49 9.62
C PRO C 123 -24.58 -8.03 8.41
N LEU C 124 -24.42 -6.76 8.06
CA LEU C 124 -24.82 -6.21 6.74
C LEU C 124 -24.12 -6.98 5.62
N ASN C 125 -24.81 -7.12 4.52
CA ASN C 125 -24.23 -7.64 3.28
C ASN C 125 -23.26 -6.62 2.70
N PRO C 126 -21.94 -6.93 2.66
CA PRO C 126 -20.94 -5.98 2.17
C PRO C 126 -21.10 -5.65 0.68
N LEU C 127 -21.89 -6.45 -0.03
CA LEU C 127 -22.10 -6.24 -1.48
C LEU C 127 -23.30 -5.34 -1.73
N GLU C 128 -23.99 -4.88 -0.70
CA GLU C 128 -25.19 -4.01 -0.91
C GLU C 128 -24.76 -2.56 -0.66
N VAL C 129 -25.31 -1.89 0.36
CA VAL C 129 -25.03 -0.43 0.54
C VAL C 129 -23.53 -0.23 0.80
N PRO C 130 -22.83 -1.10 1.56
CA PRO C 130 -21.40 -0.86 1.80
C PRO C 130 -20.58 -0.76 0.51
N LEU C 131 -20.88 -1.60 -0.47
CA LEU C 131 -20.19 -1.54 -1.78
C LEU C 131 -20.59 -0.24 -2.50
N LEU C 132 -21.87 0.16 -2.45
CA LEU C 132 -22.31 1.43 -3.07
C LEU C 132 -21.50 2.57 -2.43
N ASN C 133 -21.36 2.58 -1.11
CA ASN C 133 -20.62 3.64 -0.40
C ASN C 133 -19.16 3.65 -0.85
N THR C 134 -18.59 2.48 -1.04
CA THR C 134 -17.21 2.39 -1.59
C THR C 134 -17.14 3.07 -2.98
N SER C 135 -18.07 2.73 -3.88
CA SER C 135 -18.09 3.31 -5.25
C SER C 135 -18.21 4.82 -5.14
N VAL C 136 -19.00 5.30 -4.18
CA VAL C 136 -19.31 6.74 -4.07
C VAL C 136 -18.03 7.47 -3.65
N LEU C 137 -17.37 6.99 -2.60
CA LEU C 137 -16.13 7.69 -2.15
C LEU C 137 -15.01 7.56 -3.19
N LEU C 138 -14.82 6.41 -3.82
CA LEU C 138 -13.81 6.31 -4.90
C LEU C 138 -14.17 7.29 -6.04
N ALA C 139 -15.44 7.34 -6.45
CA ALA C 139 -15.88 8.28 -7.50
C ALA C 139 -15.52 9.73 -7.11
N SER C 140 -15.72 10.09 -5.85
CA SER C 140 -15.46 11.46 -5.34
C SER C 140 -13.94 11.74 -5.38
N GLY C 141 -13.11 10.71 -5.23
CA GLY C 141 -11.64 10.81 -5.35
C GLY C 141 -11.28 11.17 -6.80
N VAL C 142 -12.00 10.60 -7.76
CA VAL C 142 -11.82 10.96 -9.20
C VAL C 142 -12.32 12.40 -9.48
N SER C 143 -13.52 12.74 -9.03
CA SER C 143 -14.08 14.07 -9.36
C SER C 143 -13.22 15.17 -8.70
N ILE C 144 -12.72 14.96 -7.46
N ILE C 144 -12.72 14.96 -7.46
CA ILE C 144 -11.91 16.02 -6.81
CA ILE C 144 -11.91 16.02 -6.79
C ILE C 144 -10.60 16.20 -7.59
C ILE C 144 -10.59 16.19 -7.56
N THR C 145 -10.09 15.13 -8.21
CA THR C 145 -8.85 15.23 -9.02
C THR C 145 -9.15 16.04 -10.28
N TRP C 146 -10.27 15.77 -10.91
CA TRP C 146 -10.77 16.61 -12.02
C TRP C 146 -10.83 18.08 -11.56
N ALA C 147 -11.38 18.34 -10.38
CA ALA C 147 -11.53 19.74 -9.91
C ALA C 147 -10.15 20.39 -9.78
N HIS C 148 -9.22 19.66 -9.21
CA HIS C 148 -7.83 20.16 -9.03
C HIS C 148 -7.23 20.57 -10.38
N HIS C 149 -7.25 19.66 -11.36
CA HIS C 149 -6.67 19.93 -12.70
C HIS C 149 -7.40 21.11 -13.34
N SER C 150 -8.72 21.16 -13.25
CA SER C 150 -9.46 22.32 -13.78
C SER C 150 -8.91 23.63 -13.22
N LEU C 151 -8.75 23.70 -11.90
CA LEU C 151 -8.26 24.93 -11.21
C LEU C 151 -6.85 25.25 -11.72
N MET C 152 -5.94 24.25 -11.76
CA MET C 152 -4.57 24.51 -12.28
C MET C 152 -4.60 25.03 -13.75
N GLU C 153 -5.54 24.56 -14.56
CA GLU C 153 -5.65 24.92 -16.00
C GLU C 153 -6.46 26.22 -16.13
N GLY C 154 -6.94 26.77 -15.03
CA GLY C 154 -7.60 28.09 -15.07
C GLY C 154 -9.04 28.03 -15.53
N ASP C 155 -9.69 26.89 -15.36
CA ASP C 155 -11.06 26.61 -15.86
C ASP C 155 -12.06 26.75 -14.69
N ARG C 156 -12.68 27.93 -14.54
CA ARG C 156 -13.59 28.21 -13.39
C ARG C 156 -14.81 27.28 -13.44
N LYS C 157 -15.48 27.20 -14.60
CA LYS C 157 -16.77 26.45 -14.71
C LYS C 157 -16.54 24.97 -14.38
N HIS C 158 -15.52 24.35 -14.95
CA HIS C 158 -15.26 22.90 -14.73
C HIS C 158 -14.76 22.65 -13.29
N MET C 159 -13.94 23.52 -12.72
CA MET C 159 -13.61 23.40 -11.29
C MET C 159 -14.91 23.33 -10.46
N LEU C 160 -15.80 24.30 -10.67
CA LEU C 160 -17.08 24.33 -9.90
C LEU C 160 -17.90 23.07 -10.11
N GLN C 161 -18.04 22.60 -11.35
N GLN C 161 -18.06 22.63 -11.37
CA GLN C 161 -18.86 21.40 -11.62
CA GLN C 161 -18.82 21.39 -11.73
C GLN C 161 -18.23 20.17 -10.94
C GLN C 161 -18.23 20.19 -10.97
N ALA C 162 -16.93 19.98 -11.09
CA ALA C 162 -16.24 18.82 -10.49
C ALA C 162 -16.35 18.87 -8.95
N LEU C 163 -16.12 20.05 -8.36
CA LEU C 163 -16.16 20.21 -6.89
C LEU C 163 -17.61 19.99 -6.43
N PHE C 164 -18.60 20.45 -7.19
CA PHE C 164 -20.01 20.22 -6.80
C PHE C 164 -20.33 18.73 -6.82
N ILE C 165 -19.85 18.03 -7.86
CA ILE C 165 -20.03 16.57 -7.96
C ILE C 165 -19.38 15.90 -6.74
N THR C 166 -18.21 16.38 -6.35
CA THR C 166 -17.46 15.76 -5.24
C THR C 166 -18.30 15.91 -3.96
N ILE C 167 -18.82 17.12 -3.71
CA ILE C 167 -19.66 17.40 -2.51
C ILE C 167 -20.92 16.53 -2.56
N THR C 168 -21.58 16.45 -3.72
CA THR C 168 -22.83 15.67 -3.87
C THR C 168 -22.53 14.22 -3.47
N LEU C 169 -21.40 13.67 -3.90
CA LEU C 169 -21.07 12.28 -3.53
C LEU C 169 -20.82 12.17 -2.01
N GLY C 170 -20.10 13.12 -1.40
CA GLY C 170 -19.91 13.12 0.06
C GLY C 170 -21.25 13.15 0.79
N VAL C 171 -22.18 13.98 0.31
CA VAL C 171 -23.54 14.04 0.91
C VAL C 171 -24.24 12.67 0.71
N TYR C 172 -24.19 12.10 -0.50
CA TYR C 172 -24.80 10.77 -0.81
C TYR C 172 -24.29 9.73 0.20
N PHE C 173 -22.98 9.69 0.40
CA PHE C 173 -22.36 8.71 1.32
C PHE C 173 -22.98 8.89 2.72
N THR C 174 -23.02 10.14 3.19
CA THR C 174 -23.54 10.51 4.53
C THR C 174 -25.01 10.07 4.64
N LEU C 175 -25.81 10.31 3.62
CA LEU C 175 -27.24 9.91 3.70
C LEU C 175 -27.35 8.39 3.67
N LEU C 176 -26.58 7.71 2.82
CA LEU C 176 -26.59 6.22 2.77
C LEU C 176 -26.18 5.67 4.14
N GLN C 177 -25.16 6.22 4.75
CA GLN C 177 -24.66 5.72 6.05
C GLN C 177 -25.75 5.97 7.12
N ALA C 178 -26.39 7.13 7.09
CA ALA C 178 -27.48 7.45 8.06
C ALA C 178 -28.56 6.38 7.93
N SER C 179 -28.98 6.09 6.69
CA SER C 179 -30.04 5.08 6.44
C SER C 179 -29.55 3.69 6.91
N GLU C 180 -28.29 3.32 6.63
N GLU C 180 -28.29 3.33 6.60
CA GLU C 180 -27.78 1.98 7.06
CA GLU C 180 -27.70 2.04 7.07
C GLU C 180 -27.75 1.91 8.61
C GLU C 180 -27.80 1.94 8.60
N TYR C 181 -27.40 3.02 9.28
CA TYR C 181 -27.41 3.07 10.77
C TYR C 181 -28.84 2.76 11.23
N TYR C 182 -29.80 3.41 10.61
CA TYR C 182 -31.22 3.25 11.03
C TYR C 182 -31.65 1.80 10.76
N GLU C 183 -31.28 1.24 9.61
CA GLU C 183 -31.74 -0.11 9.20
C GLU C 183 -30.97 -1.21 9.91
N ALA C 184 -29.78 -0.95 10.46
CA ALA C 184 -28.94 -2.03 11.03
C ALA C 184 -29.70 -2.76 12.13
N PRO C 185 -29.74 -4.13 12.12
CA PRO C 185 -30.43 -4.88 13.17
C PRO C 185 -29.62 -4.97 14.48
N PHE C 186 -28.36 -4.52 14.44
CA PHE C 186 -27.47 -4.47 15.60
C PHE C 186 -27.22 -2.99 15.94
N THR C 187 -26.88 -2.74 17.20
CA THR C 187 -26.68 -1.40 17.78
C THR C 187 -25.28 -1.31 18.41
N ILE C 188 -24.96 -0.12 18.90
CA ILE C 188 -23.68 0.15 19.58
C ILE C 188 -23.60 -0.70 20.87
N SER C 189 -24.74 -1.09 21.44
CA SER C 189 -24.81 -1.87 22.70
C SER C 189 -24.78 -3.38 22.41
N ASP C 190 -24.65 -3.82 21.17
CA ASP C 190 -24.53 -5.26 20.82
C ASP C 190 -23.06 -5.70 20.92
N GLY C 191 -22.53 -5.65 22.12
CA GLY C 191 -21.21 -6.17 22.45
C GLY C 191 -20.13 -5.48 21.64
N VAL C 192 -18.99 -6.15 21.57
CA VAL C 192 -17.79 -5.56 20.94
C VAL C 192 -18.02 -5.44 19.43
N TYR C 193 -18.90 -6.25 18.83
CA TYR C 193 -19.21 -6.13 17.38
C TYR C 193 -19.86 -4.75 17.15
N GLY C 194 -20.91 -4.43 17.90
CA GLY C 194 -21.57 -3.13 17.74
C GLY C 194 -20.64 -1.99 18.12
N SER C 195 -19.82 -2.22 19.14
CA SER C 195 -18.90 -1.17 19.68
C SER C 195 -17.92 -0.78 18.57
N THR C 196 -17.23 -1.77 18.02
CA THR C 196 -16.20 -1.53 17.00
C THR C 196 -16.89 -0.97 15.75
N PHE C 197 -18.01 -1.57 15.35
CA PHE C 197 -18.69 -1.14 14.11
C PHE C 197 -19.07 0.34 14.19
N PHE C 198 -19.83 0.73 15.20
CA PHE C 198 -20.40 2.10 15.26
C PHE C 198 -19.34 3.14 15.65
N VAL C 199 -18.42 2.83 16.56
CA VAL C 199 -17.42 3.86 16.96
C VAL C 199 -16.48 4.10 15.76
N ALA C 200 -15.99 3.05 15.10
CA ALA C 200 -15.04 3.19 13.97
C ALA C 200 -15.76 3.86 12.80
N THR C 201 -16.89 3.31 12.36
CA THR C 201 -17.62 3.91 11.21
C THR C 201 -18.17 5.28 11.62
N GLY C 202 -18.51 5.47 12.88
CA GLY C 202 -19.03 6.75 13.38
C GLY C 202 -17.99 7.86 13.32
N PHE C 203 -16.78 7.57 13.79
CA PHE C 203 -15.71 8.59 13.67
C PHE C 203 -15.46 8.86 12.18
N HIS C 204 -15.48 7.81 11.36
CA HIS C 204 -15.28 7.99 9.91
C HIS C 204 -16.38 8.92 9.34
N GLY C 205 -17.64 8.65 9.68
CA GLY C 205 -18.79 9.47 9.25
C GLY C 205 -18.57 10.94 9.64
N LEU C 206 -18.09 11.17 10.88
CA LEU C 206 -17.81 12.54 11.35
C LEU C 206 -16.74 13.16 10.45
N HIS C 207 -15.68 12.41 10.10
CA HIS C 207 -14.62 12.93 9.23
C HIS C 207 -15.18 13.24 7.84
N VAL C 208 -16.10 12.41 7.32
CA VAL C 208 -16.76 12.67 6.00
C VAL C 208 -17.53 14.00 6.10
N ILE C 209 -18.22 14.23 7.19
CA ILE C 209 -18.97 15.52 7.37
C ILE C 209 -17.97 16.67 7.44
N ILE C 210 -16.89 16.52 8.19
CA ILE C 210 -15.87 17.58 8.30
C ILE C 210 -15.31 17.86 6.89
N GLY C 211 -14.94 16.79 6.18
CA GLY C 211 -14.33 16.94 4.84
C GLY C 211 -15.29 17.55 3.86
N SER C 212 -16.57 17.20 3.94
CA SER C 212 -17.60 17.74 3.02
C SER C 212 -17.76 19.23 3.33
N THR C 213 -17.73 19.61 4.61
CA THR C 213 -17.82 21.03 5.06
C THR C 213 -16.63 21.82 4.48
N PHE C 214 -15.42 21.24 4.56
CA PHE C 214 -14.20 21.89 4.02
C PHE C 214 -14.37 22.08 2.50
N LEU C 215 -14.84 21.06 1.80
CA LEU C 215 -15.05 21.16 0.34
C LEU C 215 -16.11 22.24 0.06
N ILE C 216 -17.13 22.36 0.90
CA ILE C 216 -18.18 23.39 0.66
C ILE C 216 -17.56 24.77 0.86
N VAL C 217 -16.70 24.92 1.89
CA VAL C 217 -15.94 26.18 2.08
C VAL C 217 -15.14 26.47 0.79
N CYS C 218 -14.38 25.51 0.27
CA CYS C 218 -13.64 25.73 -0.98
C CYS C 218 -14.60 26.11 -2.12
N PHE C 219 -15.75 25.46 -2.21
CA PHE C 219 -16.75 25.78 -3.27
C PHE C 219 -17.14 27.28 -3.20
N PHE C 220 -17.49 27.81 -2.03
CA PHE C 220 -17.91 29.23 -1.95
C PHE C 220 -16.70 30.15 -2.18
N ARG C 221 -15.53 29.80 -1.67
CA ARG C 221 -14.33 30.63 -1.96
C ARG C 221 -14.08 30.66 -3.48
N GLN C 222 -14.21 29.52 -4.15
CA GLN C 222 -14.06 29.46 -5.62
C GLN C 222 -15.12 30.36 -6.27
N LEU C 223 -16.36 30.27 -5.84
CA LEU C 223 -17.41 31.15 -6.44
C LEU C 223 -16.97 32.61 -6.30
N LYS C 224 -16.31 32.97 -5.19
CA LYS C 224 -15.84 34.36 -4.89
C LYS C 224 -14.47 34.68 -5.50
N PHE C 225 -13.91 33.79 -6.32
CA PHE C 225 -12.67 34.03 -7.09
C PHE C 225 -11.41 34.08 -6.19
N HIS C 226 -11.45 33.47 -5.00
CA HIS C 226 -10.32 33.58 -4.05
C HIS C 226 -9.08 32.85 -4.61
N PHE C 227 -9.29 31.76 -5.30
CA PHE C 227 -8.19 30.86 -5.72
C PHE C 227 -7.61 31.35 -7.04
N THR C 228 -6.29 31.34 -7.12
CA THR C 228 -5.63 31.49 -8.43
C THR C 228 -5.27 30.11 -8.95
N SER C 229 -4.86 30.07 -10.22
CA SER C 229 -4.49 28.83 -10.92
C SER C 229 -3.25 28.20 -10.25
N ASN C 230 -2.48 28.99 -9.50
CA ASN C 230 -1.24 28.52 -8.83
C ASN C 230 -1.30 28.57 -7.30
N HIS C 231 -2.22 29.31 -6.71
CA HIS C 231 -2.23 29.51 -5.25
C HIS C 231 -3.64 29.17 -4.74
N HIS C 232 -3.74 28.05 -4.00
CA HIS C 232 -5.06 27.48 -3.65
C HIS C 232 -4.84 26.43 -2.59
N PHE C 233 -4.09 26.78 -1.54
CA PHE C 233 -3.71 25.76 -0.54
C PHE C 233 -4.95 25.23 0.16
N GLY C 234 -5.97 26.04 0.40
CA GLY C 234 -7.17 25.52 1.11
C GLY C 234 -7.79 24.38 0.32
N PHE C 235 -7.82 24.52 -1.01
CA PHE C 235 -8.31 23.44 -1.90
C PHE C 235 -7.37 22.21 -1.80
N GLU C 236 -6.05 22.40 -1.86
CA GLU C 236 -5.12 21.23 -1.78
C GLU C 236 -5.36 20.49 -0.45
N ALA C 237 -5.41 21.24 0.65
CA ALA C 237 -5.61 20.69 2.00
C ALA C 237 -6.94 19.94 2.05
N ALA C 238 -8.03 20.50 1.49
CA ALA C 238 -9.33 19.83 1.52
C ALA C 238 -9.24 18.52 0.70
N ALA C 239 -8.51 18.56 -0.42
CA ALA C 239 -8.34 17.39 -1.32
C ALA C 239 -7.53 16.33 -0.58
N TRP C 240 -6.44 16.74 0.10
CA TRP C 240 -5.65 15.74 0.88
C TRP C 240 -6.53 15.09 1.97
N TYR C 241 -7.26 15.92 2.71
CA TYR C 241 -8.16 15.43 3.77
C TYR C 241 -9.17 14.45 3.16
N TRP C 242 -9.70 14.80 2.00
CA TRP C 242 -10.72 13.99 1.32
C TRP C 242 -10.14 12.64 0.89
N HIS C 243 -8.92 12.62 0.35
CA HIS C 243 -8.25 11.32 0.07
C HIS C 243 -8.07 10.49 1.36
N PHE C 244 -7.65 11.12 2.45
CA PHE C 244 -7.52 10.46 3.77
C PHE C 244 -8.85 9.81 4.14
N VAL C 245 -9.94 10.58 4.08
CA VAL C 245 -11.28 9.99 4.36
C VAL C 245 -11.56 8.77 3.44
N ASP C 246 -11.24 8.83 2.15
CA ASP C 246 -11.48 7.71 1.21
CA ASP C 246 -11.49 7.91 1.15
C ASP C 246 -10.68 6.51 1.69
C ASP C 246 -10.66 6.62 1.52
N VAL C 247 -9.41 6.75 1.95
CA VAL C 247 -8.52 5.61 2.32
C VAL C 247 -8.96 4.97 3.65
N VAL C 248 -9.38 5.77 4.63
CA VAL C 248 -9.89 5.18 5.88
C VAL C 248 -11.11 4.31 5.56
N TRP C 249 -11.98 4.78 4.66
CA TRP C 249 -13.17 3.98 4.28
C TRP C 249 -12.75 2.63 3.69
N LEU C 250 -11.79 2.65 2.76
CA LEU C 250 -11.33 1.39 2.11
C LEU C 250 -10.85 0.41 3.20
N PHE C 251 -10.13 0.88 4.20
CA PHE C 251 -9.65 0.02 5.31
C PHE C 251 -10.84 -0.49 6.14
N LEU C 252 -11.80 0.38 6.45
CA LEU C 252 -13.01 -0.06 7.19
C LEU C 252 -13.78 -1.12 6.38
N TYR C 253 -13.98 -0.87 5.11
CA TYR C 253 -14.74 -1.77 4.22
C TYR C 253 -14.07 -3.13 4.23
N VAL C 254 -12.78 -3.17 3.94
CA VAL C 254 -12.05 -4.47 3.91
C VAL C 254 -12.07 -5.13 5.29
N SER C 255 -11.81 -4.38 6.37
CA SER C 255 -11.64 -4.93 7.74
C SER C 255 -12.98 -5.31 8.37
N ILE C 256 -13.85 -4.34 8.53
CA ILE C 256 -15.05 -4.52 9.36
C ILE C 256 -16.17 -5.14 8.52
N TYR C 257 -16.39 -4.62 7.34
CA TYR C 257 -17.58 -5.00 6.55
C TYR C 257 -17.38 -6.33 5.83
N TRP C 258 -16.17 -6.57 5.31
CA TRP C 258 -15.92 -7.72 4.43
C TRP C 258 -15.23 -8.81 5.25
N TRP C 259 -13.98 -8.61 5.63
CA TRP C 259 -13.25 -9.63 6.43
C TRP C 259 -14.00 -9.94 7.74
N GLY C 260 -14.60 -8.95 8.41
CA GLY C 260 -15.32 -9.17 9.68
C GLY C 260 -16.75 -9.68 9.50
N SER C 261 -17.21 -9.99 8.30
CA SER C 261 -18.60 -10.47 8.12
C SER C 261 -18.64 -12.00 8.27
N SER D 4 35.90 51.34 33.71
CA SER D 4 35.23 50.90 32.40
C SER D 4 33.76 50.50 32.64
N VAL D 5 32.80 51.35 32.34
CA VAL D 5 31.37 51.08 32.64
C VAL D 5 30.77 50.32 31.45
N VAL D 6 30.27 49.13 31.71
CA VAL D 6 29.64 48.34 30.64
C VAL D 6 28.13 48.61 30.67
N LYS D 7 27.54 48.87 29.52
CA LYS D 7 26.12 49.31 29.41
C LYS D 7 25.30 48.19 28.76
N SER D 8 24.05 48.06 29.20
CA SER D 8 23.03 47.16 28.61
C SER D 8 23.00 47.34 27.09
N GLU D 9 22.98 48.61 26.63
CA GLU D 9 22.74 48.93 25.18
C GLU D 9 23.97 48.50 24.36
N ASP D 10 25.03 47.95 24.99
CA ASP D 10 26.31 47.57 24.30
C ASP D 10 26.33 46.08 23.97
N TYR D 11 25.23 45.35 24.13
CA TYR D 11 25.26 43.87 24.07
C TYR D 11 25.74 43.36 22.71
N ALA D 12 25.56 44.10 21.61
CA ALA D 12 25.89 43.62 20.25
C ALA D 12 27.34 43.93 19.90
N LEU D 13 28.06 44.68 20.77
CA LEU D 13 29.46 45.10 20.49
C LEU D 13 30.42 44.06 21.07
N PRO D 14 31.62 43.92 20.48
CA PRO D 14 32.66 43.10 21.10
C PRO D 14 32.85 43.52 22.57
N SER D 15 32.96 42.55 23.46
CA SER D 15 33.03 42.81 24.92
C SER D 15 34.30 42.19 25.51
N TYR D 16 34.62 42.60 26.72
CA TYR D 16 35.80 42.16 27.49
C TYR D 16 35.39 40.95 28.34
N VAL D 17 36.29 39.97 28.44
N VAL D 17 36.28 39.97 28.47
CA VAL D 17 36.13 38.80 29.33
CA VAL D 17 36.06 38.87 29.45
C VAL D 17 37.48 38.47 29.98
C VAL D 17 37.41 38.36 29.94
N ASP D 18 37.43 38.03 31.24
CA ASP D 18 38.57 37.36 31.92
C ASP D 18 38.24 35.89 31.93
N ARG D 19 38.88 35.13 31.06
CA ARG D 19 38.73 33.66 31.01
C ARG D 19 40.10 33.06 30.71
N ARG D 20 40.50 32.04 31.44
CA ARG D 20 41.89 31.53 31.31
C ARG D 20 42.07 30.84 29.94
N ASP D 21 40.97 30.40 29.29
CA ASP D 21 40.90 29.69 27.99
C ASP D 21 40.74 30.72 26.86
N TYR D 22 40.70 32.04 27.15
CA TYR D 22 40.52 33.14 26.16
C TYR D 22 41.40 34.30 26.62
N PRO D 23 42.74 34.09 26.66
CA PRO D 23 43.64 34.99 27.34
C PRO D 23 43.68 36.42 26.75
N LEU D 24 43.48 36.59 25.43
CA LEU D 24 43.55 37.90 24.74
C LEU D 24 42.16 38.28 24.26
N PRO D 25 41.37 38.95 25.10
CA PRO D 25 40.00 39.25 24.72
C PRO D 25 39.90 40.27 23.58
N ASP D 26 38.67 40.45 23.10
CA ASP D 26 38.40 41.14 21.82
C ASP D 26 38.62 42.65 21.94
N VAL D 27 38.59 43.20 23.15
CA VAL D 27 38.79 44.66 23.36
C VAL D 27 39.70 44.81 24.59
N ALA D 28 40.33 45.98 24.68
CA ALA D 28 41.03 46.44 25.91
C ALA D 28 40.01 46.66 27.03
N HIS D 29 40.42 46.33 28.26
CA HIS D 29 39.67 46.65 29.49
C HIS D 29 39.37 48.15 29.52
N VAL D 30 40.38 48.99 29.21
CA VAL D 30 40.23 50.46 29.31
C VAL D 30 40.46 51.01 27.91
N LYS D 31 39.44 51.65 27.34
CA LYS D 31 39.52 52.23 25.97
C LYS D 31 39.88 53.71 26.00
N ASN D 32 39.33 54.44 26.92
CA ASN D 32 39.59 55.89 27.01
C ASN D 32 40.86 56.13 27.82
N LEU D 33 41.73 56.99 27.31
CA LEU D 33 43.04 57.31 27.94
C LEU D 33 43.10 58.77 28.39
N SER D 34 43.58 58.99 29.61
CA SER D 34 43.94 60.33 30.12
C SER D 34 45.20 60.86 29.39
N ALA D 35 45.54 62.12 29.59
CA ALA D 35 46.82 62.66 29.08
C ALA D 35 47.98 61.74 29.50
N SER D 36 48.13 61.36 30.78
CA SER D 36 49.33 60.58 31.19
C SER D 36 49.25 59.17 30.59
N GLN D 37 48.05 58.59 30.44
CA GLN D 37 47.88 57.25 29.86
C GLN D 37 48.22 57.30 28.36
N LYS D 38 47.91 58.39 27.66
CA LYS D 38 48.33 58.60 26.24
C LYS D 38 49.87 58.64 26.17
N ALA D 39 50.55 59.36 27.07
CA ALA D 39 52.03 59.49 27.06
C ALA D 39 52.63 58.09 27.34
N LEU D 40 51.98 57.32 28.21
CA LEU D 40 52.42 55.94 28.55
C LEU D 40 52.33 55.01 27.32
N LYS D 41 51.23 55.07 26.57
CA LYS D 41 51.12 54.30 25.31
C LYS D 41 52.16 54.78 24.27
N GLU D 42 52.52 56.09 24.22
CA GLU D 42 53.61 56.53 23.32
C GLU D 42 54.94 55.92 23.82
N LYS D 43 55.18 55.90 25.12
CA LYS D 43 56.46 55.39 25.67
C LYS D 43 56.60 53.88 25.37
N GLU D 44 55.49 53.16 25.35
CA GLU D 44 55.43 51.71 25.05
C GLU D 44 55.93 51.44 23.61
N LYS D 45 55.99 52.45 22.73
CA LYS D 45 56.52 52.25 21.35
C LYS D 45 58.04 52.24 21.37
N ALA D 46 58.65 52.67 22.47
CA ALA D 46 60.13 52.60 22.65
C ALA D 46 60.49 51.35 23.47
N SER D 47 61.77 51.19 23.78
CA SER D 47 62.25 50.01 24.51
C SER D 47 61.45 49.78 25.82
N TRP D 48 60.98 48.56 26.04
CA TRP D 48 60.27 48.20 27.30
C TRP D 48 61.24 48.22 28.50
N SER D 49 62.55 48.09 28.25
CA SER D 49 63.59 48.22 29.30
C SER D 49 63.52 49.59 29.97
N SER D 50 63.05 50.60 29.25
CA SER D 50 62.95 52.01 29.73
C SER D 50 61.65 52.22 30.50
N LEU D 51 60.70 51.28 30.47
CA LEU D 51 59.50 51.42 31.34
C LEU D 51 59.84 51.00 32.78
N SER D 52 59.32 51.74 33.76
CA SER D 52 59.35 51.36 35.19
C SER D 52 58.38 50.18 35.44
N ILE D 53 58.59 49.47 36.56
CA ILE D 53 57.65 48.43 37.06
C ILE D 53 56.25 49.06 37.12
N ASP D 54 56.10 50.27 37.66
CA ASP D 54 54.74 50.86 37.80
C ASP D 54 54.11 51.08 36.42
N GLU D 55 54.91 51.52 35.46
CA GLU D 55 54.41 51.82 34.10
C GLU D 55 54.00 50.50 33.44
N LYS D 56 54.75 49.44 33.64
CA LYS D 56 54.40 48.10 33.10
C LYS D 56 53.09 47.61 33.70
N VAL D 57 52.93 47.73 35.03
CA VAL D 57 51.68 47.31 35.73
C VAL D 57 50.53 48.17 35.14
N GLU D 58 50.77 49.45 34.93
CA GLU D 58 49.71 50.37 34.43
C GLU D 58 49.32 49.93 33.00
N LEU D 59 50.28 49.57 32.16
CA LEU D 59 49.95 49.07 30.80
C LEU D 59 49.15 47.76 30.88
N TYR D 60 49.50 46.86 31.80
CA TYR D 60 48.77 45.59 31.99
C TYR D 60 47.32 45.91 32.36
N ARG D 61 47.13 46.84 33.28
CA ARG D 61 45.79 47.14 33.88
C ARG D 61 44.93 47.96 32.90
N LEU D 62 45.52 48.65 31.91
CA LEU D 62 44.74 49.24 30.80
C LEU D 62 44.23 48.14 29.86
N LYS D 63 45.08 47.16 29.56
CA LYS D 63 44.70 46.07 28.64
C LYS D 63 43.70 45.09 29.29
N PHE D 64 43.93 44.74 30.56
CA PHE D 64 43.23 43.65 31.27
C PHE D 64 42.63 44.17 32.58
N LYS D 65 41.53 43.54 33.01
CA LYS D 65 40.89 43.80 34.32
C LYS D 65 41.59 42.98 35.39
N GLU D 66 41.39 41.66 35.42
CA GLU D 66 42.04 40.80 36.44
C GLU D 66 43.21 40.03 35.81
N SER D 67 44.26 39.82 36.57
CA SER D 67 45.33 38.85 36.22
C SER D 67 44.80 37.43 36.27
N PHE D 68 45.56 36.47 35.74
CA PHE D 68 45.23 35.02 35.89
C PHE D 68 45.09 34.67 37.38
N ALA D 69 46.03 35.09 38.25
CA ALA D 69 45.97 34.73 39.70
C ALA D 69 44.65 35.24 40.29
N GLU D 70 44.25 36.46 39.95
CA GLU D 70 43.02 37.05 40.50
C GLU D 70 41.80 36.31 39.95
N MET D 71 41.72 36.08 38.65
CA MET D 71 40.49 35.50 38.08
C MET D 71 40.36 34.03 38.53
N ASN D 72 41.45 33.36 38.92
CA ASN D 72 41.43 31.90 39.20
C ASN D 72 41.32 31.69 40.72
N ARG D 73 41.30 32.74 41.55
CA ARG D 73 41.39 32.59 43.02
C ARG D 73 40.23 31.71 43.52
N SER D 74 40.50 31.01 44.58
CA SER D 74 39.55 30.24 45.42
C SER D 74 38.78 31.18 46.31
N THR D 75 37.65 30.69 46.81
CA THR D 75 36.75 31.46 47.66
C THR D 75 36.32 30.58 48.83
N ASN D 76 35.72 31.23 49.81
CA ASN D 76 35.17 30.58 51.02
C ASN D 76 33.71 30.21 50.78
N GLU D 77 33.19 30.40 49.55
CA GLU D 77 31.76 30.16 49.22
C GLU D 77 31.31 28.77 49.71
N TRP D 78 32.16 27.74 49.64
CA TRP D 78 31.72 26.36 49.99
C TRP D 78 31.22 26.30 51.44
N LYS D 79 31.82 27.09 52.35
CA LYS D 79 31.44 27.12 53.77
C LYS D 79 29.98 27.60 53.89
N THR D 80 29.69 28.69 53.20
CA THR D 80 28.33 29.27 53.19
C THR D 80 27.37 28.25 52.61
N VAL D 81 27.73 27.61 51.49
CA VAL D 81 26.77 26.68 50.82
C VAL D 81 26.50 25.47 51.72
N VAL D 82 27.56 24.83 52.21
CA VAL D 82 27.38 23.62 53.03
C VAL D 82 26.68 23.97 54.35
N GLY D 83 27.12 25.04 55.03
CA GLY D 83 26.50 25.51 56.29
C GLY D 83 25.01 25.78 56.08
N ALA D 84 24.67 26.50 55.02
CA ALA D 84 23.27 26.92 54.79
C ALA D 84 22.42 25.68 54.46
N ALA D 85 22.96 24.76 53.66
CA ALA D 85 22.25 23.51 53.32
C ALA D 85 21.95 22.76 54.62
N MET D 86 22.93 22.66 55.53
CA MET D 86 22.75 21.94 56.79
C MET D 86 21.71 22.70 57.62
N PHE D 87 21.71 24.03 57.62
CA PHE D 87 20.68 24.82 58.35
C PHE D 87 19.29 24.40 57.84
N PHE D 88 19.08 24.37 56.53
CA PHE D 88 17.73 24.12 55.94
C PHE D 88 17.32 22.67 56.16
N ILE D 89 18.30 21.75 56.12
CA ILE D 89 18.01 20.33 56.43
C ILE D 89 17.63 20.23 57.92
N GLY D 90 18.34 20.94 58.79
CA GLY D 90 17.96 21.06 60.20
C GLY D 90 16.54 21.59 60.34
N PHE D 91 16.20 22.65 59.60
CA PHE D 91 14.84 23.24 59.66
C PHE D 91 13.82 22.14 59.31
N THR D 92 14.13 21.30 58.35
CA THR D 92 13.22 20.22 57.91
C THR D 92 12.85 19.32 59.08
N ALA D 93 13.80 19.00 59.94
CA ALA D 93 13.55 18.16 61.14
C ALA D 93 12.52 18.84 62.05
N LEU D 94 12.51 20.19 62.14
CA LEU D 94 11.46 20.92 62.90
C LEU D 94 10.08 20.59 62.32
N LEU D 95 9.93 20.55 61.00
CA LEU D 95 8.66 20.22 60.33
C LEU D 95 8.23 18.79 60.71
N LEU D 96 9.19 17.88 60.75
CA LEU D 96 8.95 16.45 61.08
C LEU D 96 8.59 16.32 62.55
N ILE D 97 9.23 17.10 63.43
CA ILE D 97 8.85 17.11 64.87
C ILE D 97 7.41 17.60 64.95
N TRP D 98 7.06 18.65 64.21
CA TRP D 98 5.70 19.24 64.27
C TRP D 98 4.69 18.20 63.81
N GLU D 99 5.01 17.54 62.71
CA GLU D 99 4.13 16.49 62.13
C GLU D 99 3.89 15.37 63.17
N LYS D 100 4.95 14.86 63.79
CA LYS D 100 4.85 13.78 64.78
C LYS D 100 3.96 14.25 65.93
N HIS D 101 4.15 15.45 66.44
CA HIS D 101 3.39 15.94 67.63
C HIS D 101 1.92 16.19 67.28
N TYR D 102 1.63 16.80 66.15
CA TYR D 102 0.28 17.36 65.89
C TYR D 102 -0.49 16.60 64.81
N VAL D 103 0.15 15.78 63.99
CA VAL D 103 -0.59 15.10 62.90
C VAL D 103 -0.72 13.60 63.17
N TYR D 104 0.38 12.93 63.43
CA TYR D 104 0.37 11.46 63.63
C TYR D 104 -0.28 11.13 64.97
N GLY D 105 -1.25 10.20 64.92
CA GLY D 105 -1.78 9.51 66.12
C GLY D 105 -0.87 8.35 66.50
N PRO D 106 -1.28 7.50 67.49
CA PRO D 106 -0.47 6.38 67.93
C PRO D 106 -0.25 5.38 66.80
N ILE D 107 0.89 4.72 66.83
CA ILE D 107 1.11 3.64 65.85
C ILE D 107 0.42 2.38 66.35
N PRO D 108 0.19 1.42 65.45
CA PRO D 108 -0.58 0.24 65.81
C PRO D 108 0.04 -0.57 66.98
N HIS D 109 -0.82 -1.32 67.67
CA HIS D 109 -0.46 -2.07 68.91
C HIS D 109 0.58 -3.16 68.60
N THR D 110 0.75 -3.54 67.32
CA THR D 110 1.71 -4.60 66.90
C THR D 110 3.17 -4.14 67.06
N PHE D 111 3.43 -2.86 67.35
CA PHE D 111 4.80 -2.38 67.65
C PHE D 111 5.09 -2.40 69.15
N GLU D 112 4.15 -2.76 70.04
CA GLU D 112 4.41 -2.87 71.51
C GLU D 112 5.54 -3.90 71.70
N GLU D 113 6.42 -3.69 72.67
CA GLU D 113 7.61 -4.55 72.91
C GLU D 113 7.17 -6.02 73.06
N GLU D 114 6.08 -6.28 73.81
CA GLU D 114 5.67 -7.68 74.07
C GLU D 114 5.15 -8.31 72.75
N TRP D 115 4.38 -7.57 71.96
CA TRP D 115 3.91 -8.06 70.64
C TRP D 115 5.14 -8.44 69.80
N VAL D 116 6.13 -7.55 69.71
CA VAL D 116 7.31 -7.77 68.84
C VAL D 116 8.07 -9.02 69.33
N ALA D 117 8.17 -9.25 70.63
CA ALA D 117 8.87 -10.43 71.21
C ALA D 117 8.15 -11.71 70.77
N LYS D 118 6.83 -11.69 70.85
CA LYS D 118 6.01 -12.87 70.48
C LYS D 118 6.06 -13.10 68.97
N GLN D 119 5.94 -12.01 68.20
CA GLN D 119 5.95 -12.07 66.71
C GLN D 119 7.32 -12.59 66.25
N THR D 120 8.39 -12.15 66.94
CA THR D 120 9.77 -12.61 66.64
C THR D 120 9.82 -14.13 66.86
N LYS D 121 9.30 -14.63 67.98
CA LYS D 121 9.33 -16.10 68.19
C LYS D 121 8.52 -16.80 67.08
N ARG D 122 7.31 -16.30 66.78
CA ARG D 122 6.48 -16.94 65.75
C ARG D 122 7.21 -16.96 64.40
N MET D 123 7.89 -15.87 64.03
CA MET D 123 8.70 -15.82 62.79
C MET D 123 9.82 -16.88 62.83
N LEU D 124 10.50 -17.07 63.96
CA LEU D 124 11.52 -18.14 64.12
C LEU D 124 10.87 -19.53 64.08
N ASP D 125 9.65 -19.68 64.62
CA ASP D 125 8.94 -21.00 64.63
C ASP D 125 8.52 -21.36 63.21
N MET D 126 8.20 -20.37 62.37
CA MET D 126 7.81 -20.64 60.97
C MET D 126 9.07 -20.57 60.09
N LYS D 127 10.23 -20.35 60.70
CA LYS D 127 11.54 -20.35 59.99
C LYS D 127 11.51 -19.33 58.83
N VAL D 128 11.06 -18.10 59.14
CA VAL D 128 11.13 -16.99 58.17
C VAL D 128 12.59 -16.83 57.72
N ALA D 129 12.80 -16.79 56.41
CA ALA D 129 14.12 -16.56 55.78
C ALA D 129 15.20 -17.38 56.52
N PRO D 130 15.12 -18.71 56.40
CA PRO D 130 16.00 -19.62 57.12
C PRO D 130 17.37 -19.86 56.45
N ILE D 131 17.50 -19.43 55.20
CA ILE D 131 18.79 -19.66 54.45
C ILE D 131 19.74 -18.49 54.74
N GLN D 132 19.28 -17.22 54.73
CA GLN D 132 20.17 -16.05 55.00
C GLN D 132 19.49 -14.95 55.82
N GLY D 133 18.23 -14.62 55.56
CA GLY D 133 17.67 -13.30 55.94
C GLY D 133 17.41 -13.12 57.43
N PHE D 134 16.85 -14.12 58.12
CA PHE D 134 16.21 -13.91 59.45
C PHE D 134 16.46 -15.11 60.35
N SER D 135 15.73 -16.21 60.16
CA SER D 135 15.89 -17.42 61.02
C SER D 135 17.33 -17.96 60.87
N ALA D 136 17.99 -17.70 59.75
CA ALA D 136 19.43 -18.09 59.57
C ALA D 136 20.29 -17.45 60.66
N LYS D 137 19.86 -16.35 61.27
CA LYS D 137 20.73 -15.63 62.24
C LYS D 137 20.42 -16.11 63.66
N TRP D 138 19.48 -17.04 63.79
CA TRP D 138 19.06 -17.63 65.07
C TRP D 138 19.74 -18.97 65.24
N ASP D 139 20.30 -19.21 66.42
CA ASP D 139 20.93 -20.50 66.78
C ASP D 139 19.86 -21.35 67.46
N TYR D 140 19.31 -22.32 66.74
CA TYR D 140 18.19 -23.16 67.25
C TYR D 140 18.75 -24.13 68.28
N ASP D 141 20.06 -24.39 68.29
CA ASP D 141 20.65 -25.35 69.26
C ASP D 141 20.84 -24.66 70.61
N LYS D 142 21.28 -23.40 70.60
CA LYS D 142 21.59 -22.68 71.85
C LYS D 142 20.48 -21.73 72.23
N ASN D 143 19.47 -21.56 71.40
CA ASN D 143 18.31 -20.72 71.78
C ASN D 143 18.75 -19.25 71.95
N GLU D 144 19.50 -18.70 71.01
CA GLU D 144 19.99 -17.32 71.11
C GLU D 144 20.38 -16.89 69.68
N TRP D 145 20.51 -15.60 69.46
CA TRP D 145 21.02 -15.04 68.18
C TRP D 145 22.47 -15.51 68.01
N LYS D 146 22.93 -15.82 66.80
CA LYS D 146 24.35 -16.20 66.55
C LYS D 146 25.29 -15.03 66.87
N THR E 7 53.40 15.69 12.87
CA THR E 7 54.49 15.51 13.94
C THR E 7 54.66 16.76 14.80
N ASP E 8 55.25 16.60 15.98
CA ASP E 8 55.51 17.70 16.94
C ASP E 8 56.32 18.83 16.29
N GLU E 9 57.45 18.52 15.64
CA GLU E 9 58.34 19.54 15.02
C GLU E 9 57.57 20.32 13.95
N GLU E 10 56.66 19.66 13.22
CA GLU E 10 55.92 20.31 12.11
C GLU E 10 54.87 21.27 12.69
N PHE E 11 54.18 20.85 13.74
CA PHE E 11 53.21 21.69 14.49
C PHE E 11 53.95 22.93 15.03
N ASP E 12 55.07 22.71 15.72
CA ASP E 12 55.82 23.84 16.33
C ASP E 12 56.27 24.80 15.23
N ALA E 13 56.81 24.28 14.12
CA ALA E 13 57.32 25.10 12.99
C ALA E 13 56.17 25.96 12.43
N ARG E 14 54.96 25.42 12.31
CA ARG E 14 53.80 26.16 11.74
C ARG E 14 53.48 27.34 12.64
N TRP E 15 53.51 27.10 13.94
CA TRP E 15 53.20 28.11 14.98
C TRP E 15 54.30 29.16 15.05
N VAL E 16 55.59 28.78 14.97
CA VAL E 16 56.69 29.78 14.90
C VAL E 16 56.44 30.69 13.68
N THR E 17 56.16 30.09 12.53
CA THR E 17 55.98 30.82 11.25
C THR E 17 54.82 31.78 11.42
N TYR E 18 53.73 31.31 12.03
CA TYR E 18 52.51 32.12 12.24
C TYR E 18 52.87 33.43 12.98
N PHE E 19 53.58 33.32 14.10
CA PHE E 19 53.86 34.50 14.96
C PHE E 19 54.99 35.34 14.35
N ASN E 20 55.87 34.75 13.53
CA ASN E 20 57.04 35.44 12.94
C ASN E 20 56.62 36.32 11.74
N LYS E 21 55.39 36.24 11.26
CA LYS E 21 54.99 37.07 10.09
C LYS E 21 55.24 38.54 10.42
N PRO E 22 56.15 39.23 9.71
CA PRO E 22 56.55 40.59 10.10
C PRO E 22 55.35 41.51 10.38
N ASP E 23 54.37 41.52 9.48
CA ASP E 23 53.23 42.46 9.57
C ASP E 23 52.00 41.78 10.19
N ILE E 24 52.20 40.75 11.04
CA ILE E 24 51.09 40.17 11.84
C ILE E 24 50.29 41.32 12.48
N ASP E 25 48.95 41.25 12.44
CA ASP E 25 48.13 42.30 13.08
C ASP E 25 47.61 41.83 14.46
N ALA E 26 47.04 42.76 15.20
CA ALA E 26 46.54 42.55 16.57
C ALA E 26 45.56 41.36 16.55
N TRP E 27 44.63 41.37 15.58
CA TRP E 27 43.59 40.32 15.46
C TRP E 27 44.26 38.94 15.32
N GLU E 28 45.25 38.85 14.45
CA GLU E 28 46.02 37.60 14.21
C GLU E 28 46.76 37.16 15.47
N LEU E 29 47.35 38.08 16.20
CA LEU E 29 48.06 37.75 17.47
C LEU E 29 47.06 37.08 18.44
N ARG E 30 45.88 37.69 18.59
CA ARG E 30 44.85 37.18 19.54
C ARG E 30 44.34 35.80 19.05
N LYS E 31 43.97 35.74 17.78
CA LYS E 31 43.45 34.51 17.16
C LYS E 31 44.48 33.40 17.42
N GLY E 32 45.75 33.71 17.17
CA GLY E 32 46.81 32.72 17.40
C GLY E 32 46.80 32.22 18.84
N MET E 33 46.96 33.12 19.79
CA MET E 33 47.11 32.68 21.20
C MET E 33 45.81 32.01 21.67
N ASN E 34 44.65 32.55 21.32
CA ASN E 34 43.36 32.00 21.80
C ASN E 34 43.13 30.61 21.18
N THR E 35 43.62 30.35 19.98
CA THR E 35 43.52 29.03 19.31
C THR E 35 44.54 28.10 19.95
N LEU E 36 45.78 28.60 20.12
CA LEU E 36 46.87 27.71 20.63
C LEU E 36 46.54 27.15 22.02
N VAL E 37 45.86 27.91 22.87
CA VAL E 37 45.64 27.44 24.27
C VAL E 37 44.54 26.40 24.31
N GLY E 38 43.85 26.12 23.20
CA GLY E 38 42.84 25.04 23.11
C GLY E 38 43.47 23.66 23.02
N TYR E 39 44.74 23.56 22.65
CA TYR E 39 45.43 22.27 22.47
C TYR E 39 45.86 21.66 23.81
N ASP E 40 46.04 20.35 23.79
CA ASP E 40 46.52 19.59 24.97
C ASP E 40 48.04 19.69 24.94
N LEU E 41 48.55 20.86 25.26
CA LEU E 41 50.02 21.09 25.34
C LEU E 41 50.29 22.46 25.96
N VAL E 42 51.47 22.57 26.55
CA VAL E 42 52.07 23.89 26.86
C VAL E 42 52.98 24.25 25.70
N PRO E 43 52.81 25.41 25.03
CA PRO E 43 53.57 25.72 23.85
C PRO E 43 55.08 25.71 24.15
N GLU E 44 55.85 25.13 23.24
CA GLU E 44 57.33 25.15 23.30
C GLU E 44 57.83 26.59 23.44
N PRO E 45 58.93 26.81 24.18
CA PRO E 45 59.57 28.13 24.22
C PRO E 45 59.74 28.82 22.85
N LYS E 46 60.13 28.08 21.80
CA LYS E 46 60.34 28.75 20.48
C LYS E 46 59.00 29.35 19.99
N ILE E 47 57.87 28.76 20.33
CA ILE E 47 56.56 29.35 19.87
C ILE E 47 56.32 30.64 20.68
N ILE E 48 56.49 30.55 22.00
CA ILE E 48 56.28 31.72 22.90
C ILE E 48 57.22 32.86 22.50
N ASP E 49 58.48 32.57 22.25
CA ASP E 49 59.47 33.57 21.77
C ASP E 49 58.90 34.31 20.57
N ALA E 50 58.45 33.56 19.55
CA ALA E 50 57.90 34.18 18.32
C ALA E 50 56.64 35.01 18.66
N ALA E 51 55.78 34.56 19.59
CA ALA E 51 54.57 35.34 19.99
C ALA E 51 55.00 36.59 20.76
N LEU E 52 56.03 36.50 21.58
CA LEU E 52 56.47 37.70 22.36
C LEU E 52 57.07 38.74 21.39
N ARG E 53 57.80 38.31 20.37
CA ARG E 53 58.36 39.25 19.37
C ARG E 53 57.24 39.86 18.52
N ALA E 54 56.16 39.11 18.25
CA ALA E 54 54.96 39.69 17.61
C ALA E 54 54.41 40.81 18.53
N CYS E 55 54.30 40.57 19.83
CA CYS E 55 53.81 41.61 20.78
C CYS E 55 54.71 42.85 20.63
N ARG E 56 56.03 42.65 20.52
CA ARG E 56 56.95 43.80 20.37
C ARG E 56 56.63 44.58 19.07
N ARG E 57 56.45 43.88 17.95
CA ARG E 57 56.18 44.54 16.63
C ARG E 57 54.86 45.29 16.75
N LEU E 58 53.95 44.77 17.56
CA LEU E 58 52.59 45.38 17.75
C LEU E 58 52.57 46.38 18.92
N ASN E 59 53.73 46.70 19.53
CA ASN E 59 53.86 47.70 20.63
C ASN E 59 52.87 47.36 21.76
N ASP E 60 52.78 46.08 22.09
CA ASP E 60 51.78 45.56 23.06
C ASP E 60 52.50 44.82 24.19
N PHE E 61 52.97 45.59 25.19
CA PHE E 61 53.68 45.03 26.38
C PHE E 61 52.72 44.10 27.18
N ALA E 62 51.48 44.53 27.33
CA ALA E 62 50.54 43.85 28.24
C ALA E 62 50.29 42.43 27.71
N SER E 63 50.08 42.27 26.40
CA SER E 63 49.79 40.96 25.78
C SER E 63 51.01 40.04 26.00
N ALA E 64 52.22 40.60 26.00
CA ALA E 64 53.41 39.75 26.27
C ALA E 64 53.33 39.16 27.68
N VAL E 65 52.96 39.95 28.66
CA VAL E 65 52.84 39.47 30.06
C VAL E 65 51.72 38.39 30.12
N ARG E 66 50.59 38.65 29.46
CA ARG E 66 49.42 37.74 29.48
C ARG E 66 49.81 36.39 28.87
N ILE E 67 50.65 36.43 27.84
CA ILE E 67 51.12 35.19 27.17
C ILE E 67 51.92 34.39 28.21
N LEU E 68 52.76 35.05 28.99
CA LEU E 68 53.51 34.30 30.03
C LEU E 68 52.53 33.73 31.06
N GLU E 69 51.47 34.47 31.42
CA GLU E 69 50.49 33.91 32.38
C GLU E 69 49.86 32.63 31.80
N VAL E 70 49.52 32.65 30.50
CA VAL E 70 48.73 31.53 29.96
C VAL E 70 49.63 30.30 29.80
N VAL E 71 50.93 30.48 29.61
CA VAL E 71 51.88 29.32 29.69
C VAL E 71 51.78 28.64 31.07
N LYS E 72 51.88 29.42 32.15
CA LYS E 72 51.74 28.88 33.52
C LYS E 72 50.39 28.16 33.64
N ASP E 73 49.35 28.79 33.14
CA ASP E 73 47.99 28.24 33.37
C ASP E 73 47.84 26.90 32.65
N LYS E 74 48.36 26.79 31.42
CA LYS E 74 48.23 25.57 30.59
C LYS E 74 49.01 24.40 31.25
N ALA E 75 49.97 24.67 32.13
CA ALA E 75 50.74 23.61 32.82
C ALA E 75 49.92 22.95 33.93
N GLY E 76 48.81 23.57 34.35
CA GLY E 76 47.98 22.98 35.41
C GLY E 76 48.81 22.69 36.65
N PRO E 77 48.76 21.47 37.22
CA PRO E 77 49.48 21.18 38.47
C PRO E 77 50.97 20.87 38.24
N HIS E 78 51.42 20.83 36.98
CA HIS E 78 52.84 20.52 36.62
C HIS E 78 53.66 21.80 36.83
N LYS E 79 54.01 22.09 38.08
CA LYS E 79 54.71 23.31 38.54
C LYS E 79 56.11 23.41 37.95
N GLU E 80 56.67 22.36 37.35
CA GLU E 80 58.04 22.38 36.81
C GLU E 80 58.04 23.10 35.44
N ILE E 81 56.91 23.16 34.73
CA ILE E 81 56.90 23.60 33.30
C ILE E 81 57.14 25.11 33.21
N TYR E 82 56.38 25.92 33.93
CA TYR E 82 56.50 27.39 33.79
C TYR E 82 57.95 27.84 34.10
N PRO E 83 58.56 27.50 35.26
CA PRO E 83 59.92 27.96 35.53
C PRO E 83 60.90 27.49 34.43
N TYR E 84 60.68 26.32 33.83
CA TYR E 84 61.52 25.84 32.70
C TYR E 84 61.38 26.81 31.52
N VAL E 85 60.14 27.16 31.18
CA VAL E 85 59.90 27.97 29.97
C VAL E 85 60.54 29.35 30.17
N ILE E 86 60.33 29.92 31.35
CA ILE E 86 60.89 31.26 31.68
C ILE E 86 62.41 31.15 31.53
N GLN E 87 62.99 30.12 32.12
CA GLN E 87 64.45 29.91 31.97
C GLN E 87 64.82 30.03 30.48
N GLU E 88 64.17 29.25 29.62
CA GLU E 88 64.50 29.22 28.18
C GLU E 88 64.24 30.61 27.55
N LEU E 89 63.30 31.38 28.06
CA LEU E 89 62.98 32.68 27.43
C LEU E 89 63.83 33.86 27.97
N ARG E 90 64.60 33.65 29.04
CA ARG E 90 65.34 34.75 29.71
C ARG E 90 66.07 35.61 28.67
N PRO E 91 66.88 35.08 27.71
CA PRO E 91 67.55 35.94 26.73
C PRO E 91 66.54 36.87 25.99
N THR E 92 65.38 36.34 25.58
CA THR E 92 64.34 37.16 24.89
C THR E 92 63.75 38.17 25.87
N LEU E 93 63.44 37.76 27.09
CA LEU E 93 62.83 38.69 28.07
C LEU E 93 63.81 39.86 28.33
N ASN E 94 65.09 39.57 28.48
CA ASN E 94 66.14 40.59 28.71
C ASN E 94 66.24 41.50 27.48
N GLU E 95 66.30 40.89 26.29
CA GLU E 95 66.49 41.67 25.05
C GLU E 95 65.29 42.63 24.88
N LEU E 96 64.08 42.20 25.18
CA LEU E 96 62.84 42.96 24.84
C LEU E 96 62.35 43.78 26.04
N GLY E 97 62.98 43.61 27.21
CA GLY E 97 62.55 44.25 28.46
C GLY E 97 61.17 43.77 28.92
N ILE E 98 60.85 42.49 28.72
CA ILE E 98 59.57 41.91 29.20
C ILE E 98 59.79 41.49 30.65
N SER E 99 59.07 42.10 31.57
CA SER E 99 58.94 41.63 32.97
C SER E 99 57.95 40.45 33.04
N THR E 100 58.28 39.46 33.85
CA THR E 100 57.39 38.30 34.13
C THR E 100 56.24 38.80 35.00
N PRO E 101 55.11 38.08 34.99
CA PRO E 101 54.02 38.36 35.92
C PRO E 101 54.48 38.44 37.39
N GLU E 102 55.43 37.56 37.76
CA GLU E 102 55.97 37.50 39.13
C GLU E 102 56.71 38.82 39.41
N GLU E 103 57.54 39.29 38.46
CA GLU E 103 58.31 40.56 38.62
C GLU E 103 57.35 41.74 38.75
N LEU E 104 56.13 41.63 38.22
CA LEU E 104 55.16 42.74 38.27
C LEU E 104 54.15 42.56 39.42
N GLY E 105 54.29 41.52 40.23
CA GLY E 105 53.36 41.23 41.32
C GLY E 105 51.99 40.75 40.83
N LEU E 106 51.87 40.34 39.58
CA LEU E 106 50.55 39.94 39.01
C LEU E 106 50.24 38.45 39.29
N ASP E 107 51.13 37.76 40.02
CA ASP E 107 50.87 36.39 40.55
C ASP E 107 50.15 36.45 41.92
N LYS E 108 49.86 37.62 42.51
CA LYS E 108 49.25 37.68 43.88
C LYS E 108 47.70 37.62 43.79
N GLY F 3 -12.16 27.82 -21.89
CA GLY F 3 -12.88 27.92 -20.63
C GLY F 3 -11.93 28.48 -19.59
N GLY F 4 -12.09 29.78 -19.26
CA GLY F 4 -11.22 30.57 -18.33
C GLY F 4 -11.91 30.96 -16.99
N GLY F 5 -11.61 32.14 -16.44
CA GLY F 5 -12.33 32.72 -15.27
C GLY F 5 -11.60 32.49 -13.94
N VAL F 6 -10.42 31.87 -13.94
CA VAL F 6 -9.59 31.73 -12.71
C VAL F 6 -8.51 32.81 -12.77
N PRO F 7 -8.41 33.69 -11.76
CA PRO F 7 -7.37 34.71 -11.73
C PRO F 7 -5.99 34.02 -11.62
N THR F 8 -4.96 34.70 -12.13
CA THR F 8 -3.54 34.34 -11.98
C THR F 8 -2.93 35.09 -10.79
N ASP F 9 -1.80 34.61 -10.32
CA ASP F 9 -1.01 35.34 -9.30
C ASP F 9 -0.66 36.72 -9.85
N GLU F 10 -0.31 36.82 -11.13
CA GLU F 10 0.06 38.10 -11.77
C GLU F 10 -1.12 39.06 -11.58
N GLU F 11 -2.37 38.61 -11.76
CA GLU F 11 -3.53 39.53 -11.63
C GLU F 11 -3.85 39.80 -10.17
N GLN F 12 -3.70 38.87 -9.25
CA GLN F 12 -4.44 38.96 -7.96
C GLN F 12 -3.53 38.82 -6.73
N ALA F 13 -2.27 38.38 -6.86
CA ALA F 13 -1.39 38.28 -5.68
C ALA F 13 -1.22 39.71 -5.17
N THR F 14 -1.10 39.86 -3.85
CA THR F 14 -1.04 41.19 -3.20
C THR F 14 -0.02 41.13 -2.06
N GLY F 15 0.19 42.27 -1.41
CA GLY F 15 1.02 42.37 -0.20
C GLY F 15 2.38 41.70 -0.36
N LEU F 16 2.86 41.04 0.66
CA LEU F 16 4.23 40.50 0.65
C LEU F 16 4.39 39.39 -0.42
N GLU F 17 3.37 38.57 -0.60
CA GLU F 17 3.36 37.52 -1.64
C GLU F 17 3.71 38.15 -2.99
N ARG F 18 3.07 39.25 -3.31
CA ARG F 18 3.33 39.93 -4.60
C ARG F 18 4.75 40.50 -4.62
N GLU F 19 5.20 41.10 -3.52
CA GLU F 19 6.57 41.71 -3.48
C GLU F 19 7.61 40.60 -3.74
N VAL F 20 7.44 39.43 -3.16
CA VAL F 20 8.35 38.28 -3.35
C VAL F 20 8.35 37.84 -4.82
N MET F 21 7.14 37.74 -5.40
N MET F 21 7.16 37.73 -5.42
CA MET F 21 6.87 37.30 -6.79
CA MET F 21 7.02 37.25 -6.83
C MET F 21 7.60 38.25 -7.76
C MET F 21 7.68 38.26 -7.77
N LEU F 22 7.41 39.56 -7.58
CA LEU F 22 7.95 40.59 -8.50
C LEU F 22 9.47 40.65 -8.30
N ALA F 23 9.97 40.54 -7.07
CA ALA F 23 11.43 40.57 -6.86
C ALA F 23 12.09 39.35 -7.53
N ALA F 24 11.54 38.14 -7.41
CA ALA F 24 12.11 36.90 -7.99
C ALA F 24 12.16 37.02 -9.52
N ARG F 25 11.19 37.63 -10.17
CA ARG F 25 11.23 37.82 -11.65
C ARG F 25 12.49 38.58 -12.03
N LYS F 26 12.93 39.50 -11.17
CA LYS F 26 14.09 40.38 -11.43
C LYS F 26 15.38 39.77 -10.90
N GLY F 27 15.35 38.51 -10.46
CA GLY F 27 16.49 37.82 -9.79
C GLY F 27 16.87 38.47 -8.47
N GLN F 28 15.96 39.11 -7.77
CA GLN F 28 16.31 39.81 -6.49
C GLN F 28 15.67 39.07 -5.31
N ASP F 29 16.28 39.18 -4.12
CA ASP F 29 15.90 38.39 -2.92
C ASP F 29 15.87 39.30 -1.70
N PRO F 30 15.01 40.35 -1.68
CA PRO F 30 14.89 41.24 -0.53
C PRO F 30 14.38 40.55 0.76
N TYR F 31 13.71 39.41 0.66
CA TYR F 31 13.13 38.73 1.84
C TYR F 31 13.90 37.45 2.15
N ASN F 32 15.14 37.36 1.65
CA ASN F 32 16.13 36.41 2.22
C ASN F 32 15.63 34.97 2.10
N ILE F 33 15.13 34.61 0.91
CA ILE F 33 14.60 33.26 0.65
C ILE F 33 15.75 32.33 0.29
N LEU F 34 16.80 32.86 -0.32
CA LEU F 34 17.91 32.03 -0.84
C LEU F 34 19.10 32.17 0.11
N ALA F 35 19.91 31.11 0.20
CA ALA F 35 21.23 31.13 0.86
C ALA F 35 22.18 31.94 0.00
N PRO F 36 22.86 32.98 0.51
CA PRO F 36 23.90 33.64 -0.27
C PRO F 36 25.12 32.74 -0.52
N LYS F 37 25.75 32.98 -1.65
CA LYS F 37 26.93 32.22 -2.13
C LYS F 37 28.17 32.93 -1.57
N ALA F 38 29.10 32.24 -0.91
CA ALA F 38 30.34 32.83 -0.34
C ALA F 38 31.23 33.39 -1.45
N THR F 39 31.96 34.46 -1.20
CA THR F 39 33.16 34.86 -1.99
C THR F 39 34.34 34.07 -1.45
N SER F 40 35.57 34.39 -1.84
CA SER F 40 36.80 33.75 -1.26
C SER F 40 36.96 34.19 0.20
N GLY F 41 36.31 35.28 0.60
CA GLY F 41 36.30 35.77 1.98
C GLY F 41 37.62 36.36 2.43
N THR F 42 38.50 36.81 1.53
CA THR F 42 39.75 37.52 1.88
C THR F 42 39.42 38.98 2.24
N LYS F 43 40.37 39.74 2.79
CA LYS F 43 40.10 41.17 3.10
C LYS F 43 39.84 41.92 1.79
N GLU F 44 40.43 41.45 0.69
CA GLU F 44 40.26 42.08 -0.65
C GLU F 44 38.93 41.64 -1.23
N ASP F 45 38.43 40.46 -0.87
CA ASP F 45 37.17 39.95 -1.48
C ASP F 45 36.22 39.49 -0.38
N PRO F 46 35.77 40.41 0.51
CA PRO F 46 34.99 40.01 1.67
C PRO F 46 33.60 39.55 1.25
N ASN F 47 32.98 38.70 2.07
CA ASN F 47 31.54 38.32 1.90
C ASN F 47 30.73 39.58 2.15
N LEU F 48 29.84 39.92 1.23
CA LEU F 48 29.07 41.19 1.29
C LEU F 48 27.70 40.89 1.89
N VAL F 49 27.43 41.48 3.06
CA VAL F 49 26.23 41.18 3.88
C VAL F 49 25.28 42.37 3.84
N PRO F 50 24.18 42.27 3.06
CA PRO F 50 23.18 43.32 3.00
C PRO F 50 22.48 43.45 4.35
N SER F 51 22.08 44.67 4.66
CA SER F 51 21.29 44.93 5.87
C SER F 51 20.41 46.15 5.62
N ILE F 52 19.26 46.21 6.29
CA ILE F 52 18.46 47.47 6.29
C ILE F 52 18.82 48.28 7.53
N THR F 53 19.77 47.85 8.35
CA THR F 53 20.17 48.59 9.55
C THR F 53 21.70 48.59 9.57
N ASN F 54 22.32 48.96 10.69
CA ASN F 54 23.80 49.12 10.78
C ASN F 54 24.48 47.91 11.46
N LYS F 55 23.74 46.83 11.67
CA LYS F 55 24.34 45.56 12.13
C LYS F 55 23.41 44.41 11.78
N ARG F 56 23.99 43.24 11.57
CA ARG F 56 23.26 42.01 11.25
C ARG F 56 24.04 40.82 11.82
N ILE F 57 23.33 39.82 12.31
CA ILE F 57 23.94 38.57 12.78
C ILE F 57 24.42 37.74 11.58
N VAL F 58 25.68 37.35 11.61
CA VAL F 58 26.25 36.38 10.68
C VAL F 58 26.38 35.06 11.42
N GLY F 59 26.02 33.98 10.71
CA GLY F 59 26.41 32.61 11.05
C GLY F 59 27.44 32.12 10.06
N CYS F 60 28.58 31.65 10.55
CA CYS F 60 29.68 31.13 9.71
C CYS F 60 29.80 29.62 9.91
N ILE F 61 29.49 28.87 8.85
CA ILE F 61 29.78 27.41 8.71
C ILE F 61 31.18 27.33 8.14
N CYS F 62 32.17 27.25 9.00
CA CYS F 62 33.57 27.58 8.62
C CYS F 62 34.05 26.59 7.56
N GLU F 63 33.69 25.33 7.71
CA GLU F 63 34.03 24.26 6.76
C GLU F 63 32.76 23.48 6.49
N GLU F 64 32.72 23.00 5.26
CA GLU F 64 31.60 22.24 4.72
C GLU F 64 31.25 21.16 5.73
N ASP F 65 29.99 21.08 6.09
CA ASP F 65 29.54 19.97 6.98
C ASP F 65 29.96 20.09 8.46
N ASN F 66 30.68 21.13 8.88
CA ASN F 66 30.69 21.50 10.32
C ASN F 66 29.22 21.50 10.80
N SER F 67 28.97 20.90 11.96
CA SER F 67 27.67 20.97 12.66
C SER F 67 27.57 22.28 13.48
N THR F 68 28.72 22.81 13.89
CA THR F 68 28.84 24.03 14.72
C THR F 68 28.80 25.27 13.83
N VAL F 69 27.81 26.11 14.02
CA VAL F 69 27.73 27.45 13.38
C VAL F 69 28.30 28.49 14.36
N ILE F 70 29.11 29.40 13.86
CA ILE F 70 29.75 30.47 14.66
C ILE F 70 28.97 31.76 14.41
N TRP F 71 28.37 32.31 15.46
CA TRP F 71 27.45 33.47 15.34
C TRP F 71 28.10 34.74 15.88
N PHE F 72 27.91 35.85 15.16
CA PHE F 72 28.41 37.16 15.64
C PHE F 72 27.67 38.28 14.94
N TRP F 73 27.60 39.42 15.61
CA TRP F 73 27.11 40.70 15.04
C TRP F 73 28.16 41.26 14.10
N LEU F 74 27.76 41.54 12.88
CA LEU F 74 28.57 42.33 11.92
C LEU F 74 28.04 43.76 11.90
N HIS F 75 28.93 44.70 12.18
CA HIS F 75 28.65 46.16 12.27
C HIS F 75 29.07 46.84 10.98
N LYS F 76 28.33 47.88 10.60
CA LYS F 76 28.75 48.85 9.57
C LYS F 76 30.19 49.29 9.84
N GLY F 77 31.04 49.31 8.79
CA GLY F 77 32.41 49.85 8.84
C GLY F 77 33.39 48.84 8.29
N GLU F 78 34.57 48.79 8.88
CA GLU F 78 35.65 47.88 8.40
C GLU F 78 35.18 46.41 8.46
N ALA F 79 35.60 45.62 7.49
CA ALA F 79 35.34 44.16 7.46
C ALA F 79 35.75 43.55 8.80
N GLN F 80 34.94 42.60 9.25
CA GLN F 80 35.22 41.80 10.44
C GLN F 80 35.49 40.36 10.01
N ARG F 81 36.05 39.59 10.92
CA ARG F 81 36.51 38.22 10.65
C ARG F 81 35.75 37.27 11.56
N CYS F 82 35.34 36.13 11.01
CA CYS F 82 34.84 35.02 11.82
C CYS F 82 35.88 34.67 12.87
N PRO F 83 35.49 34.64 14.16
CA PRO F 83 36.44 34.40 15.23
C PRO F 83 36.97 32.97 15.27
N SER F 84 36.38 32.07 14.49
CA SER F 84 36.84 30.66 14.35
C SER F 84 37.75 30.53 13.13
N CYS F 85 37.36 30.96 11.93
CA CYS F 85 38.11 30.64 10.67
C CYS F 85 38.77 31.91 10.07
N GLY F 86 38.49 33.10 10.57
CA GLY F 86 39.06 34.34 10.01
C GLY F 86 38.44 34.83 8.70
N THR F 87 37.43 34.15 8.14
N THR F 87 37.48 34.13 8.10
CA THR F 87 36.69 34.56 6.91
CA THR F 87 36.89 34.62 6.83
C THR F 87 36.19 35.99 7.08
C THR F 87 36.26 35.99 7.08
N HIS F 88 36.38 36.84 6.06
CA HIS F 88 36.04 38.28 6.12
C HIS F 88 34.60 38.48 5.69
N TYR F 89 33.90 39.37 6.39
CA TYR F 89 32.51 39.79 6.10
C TYR F 89 32.43 41.30 6.19
N LYS F 90 31.71 41.93 5.25
CA LYS F 90 31.52 43.39 5.24
C LYS F 90 30.03 43.72 5.12
N LEU F 91 29.54 44.60 5.99
CA LEU F 91 28.12 45.04 5.95
C LEU F 91 27.94 46.04 4.82
N VAL F 92 26.88 45.85 4.05
CA VAL F 92 26.50 46.77 2.94
C VAL F 92 25.07 47.21 3.31
N PRO F 93 24.88 48.25 4.15
CA PRO F 93 23.54 48.65 4.59
C PRO F 93 22.60 49.15 3.46
N GLY G 12 -4.40 15.81 -17.29
CA GLY G 12 -5.03 17.00 -17.50
C GLY G 12 -6.46 16.89 -16.96
N ALA G 13 -7.11 18.03 -16.86
CA ALA G 13 -8.53 18.11 -16.50
C ALA G 13 -9.35 17.20 -17.44
N ARG G 14 -9.03 17.21 -18.74
CA ARG G 14 -9.84 16.51 -19.76
C ARG G 14 -9.89 15.02 -19.42
N THR G 15 -8.73 14.45 -19.11
CA THR G 15 -8.62 13.03 -18.77
C THR G 15 -9.40 12.74 -17.48
N TRP G 16 -9.25 13.56 -16.43
CA TRP G 16 -9.92 13.27 -15.12
C TRP G 16 -11.44 13.47 -15.27
N ARG G 17 -11.87 14.38 -16.12
CA ARG G 17 -13.33 14.46 -16.44
C ARG G 17 -13.79 13.17 -17.17
N PHE G 18 -13.03 12.71 -18.15
CA PHE G 18 -13.30 11.47 -18.90
C PHE G 18 -13.47 10.31 -17.89
N LEU G 19 -12.55 10.21 -16.92
CA LEU G 19 -12.64 9.16 -15.86
C LEU G 19 -13.87 9.38 -14.96
N THR G 20 -14.18 10.61 -14.62
CA THR G 20 -15.31 10.90 -13.72
C THR G 20 -16.60 10.41 -14.39
N PHE G 21 -16.82 10.83 -15.64
CA PHE G 21 -18.09 10.50 -16.33
C PHE G 21 -18.06 9.13 -17.01
N GLY G 22 -16.87 8.62 -17.37
CA GLY G 22 -16.79 7.41 -18.18
C GLY G 22 -16.62 6.15 -17.34
N LEU G 23 -16.11 6.29 -16.12
CA LEU G 23 -15.80 5.14 -15.25
C LEU G 23 -16.44 5.33 -13.88
N ALA G 24 -16.13 6.43 -13.20
CA ALA G 24 -16.51 6.60 -11.77
C ALA G 24 -18.05 6.71 -11.62
N LEU G 25 -18.69 7.62 -12.34
CA LEU G 25 -20.16 7.75 -12.13
C LEU G 25 -20.93 6.54 -12.69
N PRO G 26 -20.52 5.93 -13.83
CA PRO G 26 -21.15 4.67 -14.23
C PRO G 26 -21.07 3.58 -13.15
N SER G 27 -19.94 3.49 -12.44
CA SER G 27 -19.78 2.53 -11.33
C SER G 27 -20.81 2.81 -10.25
N VAL G 28 -20.96 4.09 -9.88
CA VAL G 28 -21.93 4.48 -8.82
C VAL G 28 -23.31 4.10 -9.32
N ALA G 29 -23.59 4.34 -10.57
CA ALA G 29 -24.92 4.05 -11.14
C ALA G 29 -25.20 2.54 -11.05
N LEU G 30 -24.23 1.71 -11.42
CA LEU G 30 -24.36 0.23 -11.37
C LEU G 30 -24.51 -0.24 -9.92
N CYS G 31 -23.72 0.29 -8.98
CA CYS G 31 -23.84 -0.13 -7.56
C CYS G 31 -25.18 0.34 -6.99
N THR G 32 -25.67 1.49 -7.44
CA THR G 32 -26.99 2.04 -7.03
C THR G 32 -28.07 1.06 -7.50
N LEU G 33 -28.04 0.65 -8.77
CA LEU G 33 -28.89 -0.46 -9.31
C LEU G 33 -28.82 -1.72 -8.43
N ASN G 34 -27.63 -2.31 -8.28
CA ASN G 34 -27.37 -3.48 -7.40
C ASN G 34 -28.04 -3.29 -6.03
N SER G 35 -27.75 -2.21 -5.29
CA SER G 35 -28.40 -1.98 -3.96
C SER G 35 -29.92 -1.91 -4.12
N TRP G 36 -30.40 -1.23 -5.15
CA TRP G 36 -31.85 -0.98 -5.38
C TRP G 36 -32.54 -2.33 -5.43
N LEU G 37 -31.92 -3.27 -6.14
CA LEU G 37 -32.55 -4.58 -6.46
C LEU G 37 -32.56 -5.48 -5.23
N HIS G 38 -31.71 -5.25 -4.24
CA HIS G 38 -31.52 -6.14 -3.07
C HIS G 38 -32.05 -5.44 -1.82
N SER G 39 -32.80 -4.35 -2.01
CA SER G 39 -33.39 -3.60 -0.88
C SER G 39 -34.70 -4.34 -0.55
N GLY G 40 -35.49 -3.79 0.33
CA GLY G 40 -36.71 -4.47 0.83
C GLY G 40 -36.41 -5.21 2.12
N HIS G 41 -37.28 -5.09 3.09
CA HIS G 41 -37.09 -5.57 4.49
C HIS G 41 -36.98 -7.09 4.47
N ARG G 42 -35.84 -7.69 4.91
CA ARG G 42 -35.72 -9.16 5.16
C ARG G 42 -36.32 -9.46 6.56
N GLU G 43 -36.61 -10.72 6.89
CA GLU G 43 -37.48 -11.09 8.04
C GLU G 43 -36.62 -11.09 9.31
N ARG G 44 -37.01 -10.35 10.33
CA ARG G 44 -36.19 -10.23 11.56
C ARG G 44 -36.10 -11.57 12.26
N PRO G 45 -34.93 -11.89 12.86
CA PRO G 45 -34.71 -13.16 13.56
C PRO G 45 -35.48 -13.21 14.90
N ALA G 46 -35.86 -14.42 15.30
CA ALA G 46 -36.36 -14.76 16.64
C ALA G 46 -35.49 -14.01 17.67
N PHE G 47 -36.15 -13.36 18.62
CA PHE G 47 -35.49 -12.69 19.75
C PHE G 47 -34.92 -13.75 20.69
N ILE G 48 -33.66 -13.64 21.02
CA ILE G 48 -33.00 -14.47 22.08
C ILE G 48 -32.26 -13.51 22.99
N PRO G 49 -32.56 -13.52 24.31
CA PRO G 49 -31.93 -12.56 25.25
C PRO G 49 -30.46 -12.88 25.60
N TYR G 50 -29.62 -13.01 24.59
CA TYR G 50 -28.16 -13.18 24.73
C TYR G 50 -27.60 -12.06 25.62
N HIS G 51 -26.74 -12.44 26.54
CA HIS G 51 -26.18 -11.57 27.62
C HIS G 51 -25.02 -10.72 27.05
N HIS G 52 -24.46 -11.10 25.89
CA HIS G 52 -23.37 -10.31 25.24
C HIS G 52 -23.96 -9.24 24.30
N LEU G 53 -25.29 -9.16 24.20
CA LEU G 53 -25.99 -8.20 23.34
C LEU G 53 -26.94 -7.35 24.18
N ARG G 54 -27.44 -6.24 23.62
CA ARG G 54 -28.37 -5.32 24.31
C ARG G 54 -27.75 -4.92 25.65
N ILE G 55 -26.47 -4.60 25.65
CA ILE G 55 -25.74 -4.27 26.90
C ILE G 55 -26.37 -3.03 27.54
N ARG G 56 -26.54 -3.10 28.86
CA ARG G 56 -26.97 -1.93 29.64
C ARG G 56 -26.17 -1.90 30.95
N THR G 57 -25.09 -1.17 30.99
CA THR G 57 -24.34 -0.91 32.24
C THR G 57 -24.72 0.45 32.80
N LYS G 58 -25.26 1.33 31.96
CA LYS G 58 -25.68 2.67 32.42
C LYS G 58 -26.80 3.10 31.48
N PRO G 59 -27.86 3.73 32.00
CA PRO G 59 -28.90 4.21 31.08
C PRO G 59 -28.28 5.20 30.07
N PHE G 60 -28.73 5.13 28.82
CA PHE G 60 -28.43 6.16 27.81
C PHE G 60 -28.98 7.50 28.31
N SER G 61 -28.28 8.57 27.93
CA SER G 61 -28.53 9.96 28.36
C SER G 61 -29.64 10.60 27.54
N TRP G 62 -30.53 9.85 26.90
CA TRP G 62 -31.68 10.40 26.14
C TRP G 62 -32.86 9.44 26.31
N GLY G 63 -34.07 9.90 25.95
CA GLY G 63 -35.27 9.06 25.87
C GLY G 63 -35.54 8.46 27.23
N ASP G 64 -35.92 7.19 27.29
CA ASP G 64 -36.21 6.52 28.57
C ASP G 64 -34.93 5.84 29.08
N GLY G 65 -33.77 6.10 28.50
CA GLY G 65 -32.51 5.45 28.95
C GLY G 65 -32.28 4.05 28.38
N ASN G 66 -33.25 3.46 27.66
CA ASN G 66 -33.19 2.03 27.28
C ASN G 66 -33.22 1.82 25.76
N HIS G 67 -33.26 2.91 24.99
CA HIS G 67 -33.35 2.91 23.51
C HIS G 67 -32.03 3.45 22.97
N THR G 68 -31.43 2.74 22.04
CA THR G 68 -30.21 3.24 21.36
C THR G 68 -30.56 4.48 20.53
N PHE G 69 -29.54 5.19 20.12
CA PHE G 69 -29.71 6.52 19.50
C PHE G 69 -30.46 6.47 18.16
N PHE G 70 -30.29 5.42 17.38
N PHE G 70 -30.22 5.43 17.34
CA PHE G 70 -30.97 5.29 16.07
CA PHE G 70 -30.86 5.18 16.02
C PHE G 70 -31.78 3.98 16.13
C PHE G 70 -31.77 3.95 16.13
N HIS G 71 -32.45 3.82 17.27
CA HIS G 71 -33.38 2.70 17.55
C HIS G 71 -34.41 2.59 16.41
N ASN G 72 -34.51 1.40 15.82
CA ASN G 72 -35.51 1.06 14.79
C ASN G 72 -36.40 -0.02 15.38
N PRO G 73 -37.67 0.30 15.73
CA PRO G 73 -38.53 -0.71 16.35
C PRO G 73 -38.62 -2.02 15.57
N ARG G 74 -38.50 -1.97 14.24
CA ARG G 74 -38.73 -3.16 13.38
C ARG G 74 -37.62 -4.19 13.63
N VAL G 75 -36.38 -3.79 13.90
CA VAL G 75 -35.20 -4.72 13.80
C VAL G 75 -34.32 -4.70 15.06
N ASN G 76 -34.53 -3.74 15.98
CA ASN G 76 -33.72 -3.59 17.22
C ASN G 76 -34.59 -3.93 18.43
N PRO G 77 -34.49 -5.17 18.96
CA PRO G 77 -35.15 -5.50 20.22
C PRO G 77 -34.48 -4.79 21.39
N LEU G 78 -35.28 -4.49 22.40
CA LEU G 78 -34.83 -4.04 23.74
C LEU G 78 -34.29 -5.27 24.49
N PRO G 79 -33.63 -5.08 25.65
CA PRO G 79 -33.22 -6.21 26.48
C PRO G 79 -34.34 -7.24 26.73
N THR G 80 -35.61 -6.78 26.80
CA THR G 80 -36.78 -7.65 27.09
C THR G 80 -37.43 -8.14 25.78
N GLY G 81 -36.95 -7.74 24.61
CA GLY G 81 -37.45 -8.26 23.32
C GLY G 81 -37.96 -7.14 22.42
N TYR G 82 -38.62 -7.48 21.32
CA TYR G 82 -39.13 -6.49 20.35
C TYR G 82 -40.28 -5.73 20.98
N GLU G 83 -40.42 -4.45 20.66
CA GLU G 83 -41.48 -3.57 21.24
C GLU G 83 -42.90 -4.01 20.84
N TYR H 11 -6.78 -40.41 37.52
CA TYR H 11 -6.95 -38.91 37.32
C TYR H 11 -6.51 -38.19 38.60
N GLN H 12 -5.44 -37.37 38.52
CA GLN H 12 -5.08 -36.37 39.55
C GLN H 12 -5.61 -34.98 39.11
N THR H 13 -5.10 -34.44 38.01
CA THR H 13 -5.58 -33.16 37.48
C THR H 13 -5.49 -33.22 35.96
N ALA H 14 -5.90 -32.15 35.32
CA ALA H 14 -5.90 -32.05 33.85
C ALA H 14 -4.45 -32.03 33.41
N PRO H 15 -4.04 -32.90 32.47
CA PRO H 15 -2.67 -32.85 31.96
C PRO H 15 -2.47 -31.64 31.03
N PHE H 16 -1.20 -31.31 30.85
CA PHE H 16 -0.70 -30.43 29.76
C PHE H 16 -1.43 -30.83 28.48
N ASP H 17 -1.88 -29.83 27.74
CA ASP H 17 -2.57 -29.97 26.44
C ASP H 17 -1.84 -29.03 25.46
N SER H 18 -1.20 -29.61 24.46
CA SER H 18 -0.35 -28.86 23.49
C SER H 18 -1.20 -27.86 22.71
N ARG H 19 -2.54 -28.01 22.69
CA ARG H 19 -3.42 -27.01 22.04
C ARG H 19 -3.42 -25.72 22.85
N PHE H 20 -3.16 -25.79 24.15
CA PHE H 20 -3.26 -24.64 25.07
C PHE H 20 -1.98 -24.55 25.90
N PRO H 21 -0.83 -24.17 25.29
CA PRO H 21 0.45 -24.24 25.98
C PRO H 21 0.85 -22.96 26.73
N ASN H 22 0.01 -21.93 26.71
CA ASN H 22 0.43 -20.59 27.20
C ASN H 22 -0.27 -20.22 28.51
N GLN H 23 0.06 -19.06 29.05
CA GLN H 23 -0.41 -18.63 30.38
C GLN H 23 -1.94 -18.49 30.30
N ASN H 24 -2.51 -18.05 29.17
CA ASN H 24 -3.97 -17.87 29.06
C ASN H 24 -4.63 -19.23 28.78
N GLN H 25 -5.34 -19.76 29.78
CA GLN H 25 -5.97 -21.10 29.80
C GLN H 25 -7.48 -20.97 29.61
N THR H 26 -7.99 -19.79 29.27
CA THR H 26 -9.43 -19.55 29.11
C THR H 26 -10.04 -20.55 28.10
N ARG H 27 -9.43 -20.72 26.94
CA ARG H 27 -9.99 -21.54 25.82
C ARG H 27 -9.95 -23.03 26.20
N ASN H 28 -9.01 -23.43 27.06
CA ASN H 28 -8.88 -24.83 27.56
C ASN H 28 -10.12 -25.17 28.40
N CYS H 29 -10.44 -24.33 29.36
CA CYS H 29 -11.69 -24.46 30.15
C CYS H 29 -12.88 -24.52 29.18
N TRP H 30 -12.97 -23.54 28.29
CA TRP H 30 -14.15 -23.39 27.39
C TRP H 30 -14.29 -24.64 26.52
N GLN H 31 -13.18 -25.07 25.90
CA GLN H 31 -13.24 -26.18 24.93
C GLN H 31 -13.71 -27.44 25.66
N ASN H 32 -13.16 -27.74 26.82
CA ASN H 32 -13.53 -28.94 27.60
C ASN H 32 -14.99 -28.89 28.05
N TYR H 33 -15.50 -27.71 28.43
CA TYR H 33 -16.92 -27.53 28.79
C TYR H 33 -17.80 -27.84 27.56
N LEU H 34 -17.48 -27.26 26.42
CA LEU H 34 -18.17 -27.55 25.13
C LEU H 34 -18.12 -29.05 24.83
N ASP H 35 -16.92 -29.65 24.89
CA ASP H 35 -16.73 -31.09 24.52
C ASP H 35 -17.60 -31.97 25.43
N PHE H 36 -17.66 -31.66 26.73
CA PHE H 36 -18.46 -32.47 27.65
C PHE H 36 -19.92 -32.37 27.25
N HIS H 37 -20.41 -31.15 27.05
CA HIS H 37 -21.86 -30.97 26.79
C HIS H 37 -22.22 -31.47 25.40
N ARG H 38 -21.31 -31.39 24.43
CA ARG H 38 -21.58 -31.94 23.05
C ARG H 38 -21.68 -33.47 23.15
N CYS H 39 -20.75 -34.07 23.88
CA CYS H 39 -20.68 -35.54 24.07
C CYS H 39 -21.93 -36.01 24.82
N GLU H 40 -22.30 -35.31 25.87
CA GLU H 40 -23.51 -35.62 26.68
C GLU H 40 -24.74 -35.56 25.77
N LYS H 41 -24.86 -34.54 24.94
CA LYS H 41 -26.03 -34.45 24.04
C LYS H 41 -26.02 -35.63 23.07
N ALA H 42 -24.88 -35.94 22.44
CA ALA H 42 -24.74 -37.04 21.47
C ALA H 42 -25.13 -38.36 22.16
N MET H 43 -24.78 -38.55 23.46
CA MET H 43 -25.00 -39.83 24.18
C MET H 43 -26.46 -39.94 24.66
N THR H 44 -27.11 -38.85 25.06
CA THR H 44 -28.50 -38.84 25.61
C THR H 44 -29.50 -39.06 24.46
N ALA H 45 -29.22 -38.37 23.34
CA ALA H 45 -29.86 -38.55 22.03
C ALA H 45 -29.88 -40.05 21.71
N LYS H 46 -28.84 -40.68 21.12
CA LYS H 46 -28.99 -42.12 20.71
C LYS H 46 -29.31 -42.99 21.94
N GLY H 47 -29.41 -42.41 23.15
CA GLY H 47 -29.78 -43.15 24.38
C GLY H 47 -28.58 -43.97 24.88
N GLY H 48 -27.39 -43.74 24.27
CA GLY H 48 -26.05 -44.26 24.63
C GLY H 48 -25.66 -43.88 26.06
N ASP H 49 -24.39 -43.99 26.45
CA ASP H 49 -23.91 -43.83 27.85
C ASP H 49 -23.04 -42.57 28.06
N VAL H 50 -23.47 -41.65 28.94
CA VAL H 50 -22.77 -40.35 29.22
C VAL H 50 -21.40 -40.59 29.89
N SER H 51 -21.10 -41.81 30.37
CA SER H 51 -19.81 -42.15 31.01
C SER H 51 -18.67 -42.07 29.99
N VAL H 52 -18.91 -42.17 28.69
CA VAL H 52 -17.83 -42.01 27.65
C VAL H 52 -17.33 -40.56 27.66
N CYS H 53 -18.15 -39.65 28.17
CA CYS H 53 -17.89 -38.17 28.22
C CYS H 53 -17.02 -37.78 29.44
N GLU H 54 -16.72 -38.74 30.33
CA GLU H 54 -16.18 -38.49 31.69
C GLU H 54 -14.88 -37.67 31.61
N TRP H 55 -14.00 -37.95 30.64
CA TRP H 55 -12.72 -37.23 30.59
C TRP H 55 -12.95 -35.72 30.50
N TYR H 56 -13.79 -35.27 29.56
CA TYR H 56 -14.11 -33.84 29.34
C TYR H 56 -14.68 -33.26 30.65
N ARG H 57 -15.50 -34.04 31.33
CA ARG H 57 -16.17 -33.58 32.57
C ARG H 57 -15.08 -33.30 33.63
N ARG H 58 -14.14 -34.21 33.84
CA ARG H 58 -13.09 -34.08 34.88
C ARG H 58 -12.21 -32.87 34.52
N VAL H 59 -11.84 -32.72 33.26
CA VAL H 59 -10.92 -31.62 32.86
C VAL H 59 -11.60 -30.26 33.07
N TYR H 60 -12.82 -30.07 32.60
CA TYR H 60 -13.49 -28.74 32.76
C TYR H 60 -13.72 -28.46 34.24
N LYS H 61 -14.07 -29.46 35.04
CA LYS H 61 -14.32 -29.25 36.49
C LYS H 61 -13.02 -28.83 37.18
N SER H 62 -11.88 -29.43 36.80
CA SER H 62 -10.53 -29.07 37.28
C SER H 62 -10.18 -27.63 36.91
N LEU H 63 -10.41 -27.23 35.64
CA LEU H 63 -9.84 -25.96 35.13
C LEU H 63 -10.79 -24.77 35.34
N CYS H 64 -12.09 -24.99 35.21
CA CYS H 64 -13.03 -23.86 35.03
C CYS H 64 -13.42 -23.31 36.39
N PRO H 65 -13.36 -21.98 36.58
CA PRO H 65 -13.98 -21.35 37.75
C PRO H 65 -15.45 -21.78 37.91
N ILE H 66 -15.81 -22.05 39.17
CA ILE H 66 -17.20 -22.43 39.55
C ILE H 66 -18.21 -21.44 38.96
N SER H 67 -17.95 -20.13 39.05
CA SER H 67 -18.92 -19.09 38.59
C SER H 67 -19.09 -19.15 37.05
N TRP H 68 -18.05 -19.53 36.32
CA TRP H 68 -18.12 -19.65 34.84
C TRP H 68 -19.06 -20.83 34.50
N VAL H 69 -18.83 -21.96 35.11
CA VAL H 69 -19.63 -23.19 34.86
C VAL H 69 -21.08 -22.88 35.22
N SER H 70 -21.28 -22.26 36.38
CA SER H 70 -22.59 -21.92 36.95
C SER H 70 -23.32 -21.00 35.95
N THR H 71 -22.63 -20.00 35.42
CA THR H 71 -23.20 -19.02 34.46
C THR H 71 -23.53 -19.72 33.15
N TRP H 72 -22.59 -20.50 32.62
CA TRP H 72 -22.80 -21.27 31.38
C TRP H 72 -24.01 -22.23 31.57
N ASP H 73 -24.12 -22.93 32.70
CA ASP H 73 -25.23 -23.91 32.90
C ASP H 73 -26.54 -23.13 32.89
N ASP H 74 -26.59 -21.99 33.58
CA ASP H 74 -27.82 -21.15 33.63
C ASP H 74 -28.19 -20.72 32.20
N ARG H 75 -27.21 -20.35 31.38
CA ARG H 75 -27.46 -19.87 30.01
C ARG H 75 -27.93 -21.03 29.13
N ARG H 76 -27.39 -22.25 29.28
CA ARG H 76 -27.92 -23.41 28.51
C ARG H 76 -29.40 -23.62 28.86
N ALA H 77 -29.78 -23.53 30.12
CA ALA H 77 -31.19 -23.73 30.55
C ALA H 77 -32.06 -22.59 30.02
N GLU H 78 -31.55 -21.37 29.97
CA GLU H 78 -32.31 -20.17 29.53
C GLU H 78 -32.53 -20.18 28.00
N GLY H 79 -31.66 -20.86 27.26
CA GLY H 79 -31.57 -20.79 25.79
C GLY H 79 -30.67 -19.65 25.31
N THR H 80 -29.76 -19.12 26.14
CA THR H 80 -28.91 -17.96 25.79
C THR H 80 -27.43 -18.35 25.76
N PHE H 81 -27.09 -19.65 25.80
CA PHE H 81 -25.68 -20.07 25.71
C PHE H 81 -25.20 -19.80 24.29
N PRO H 82 -24.12 -19.02 24.08
CA PRO H 82 -23.73 -18.63 22.71
C PRO H 82 -22.84 -19.61 21.92
N GLY H 83 -22.31 -20.61 22.61
CA GLY H 83 -21.55 -21.68 21.95
C GLY H 83 -22.49 -22.71 21.36
N LYS H 84 -22.00 -23.46 20.39
CA LYS H 84 -22.70 -24.52 19.65
C LYS H 84 -22.54 -25.81 20.43
N ILE H 85 -23.65 -26.34 20.91
CA ILE H 85 -23.70 -27.70 21.50
C ILE H 85 -24.61 -28.57 20.64
N ALA I 3 70.39 25.01 36.00
CA ALA I 3 69.35 24.94 34.95
C ALA I 3 68.42 23.76 35.24
N LEU I 4 67.17 23.98 34.92
CA LEU I 4 66.09 23.00 35.03
C LEU I 4 66.06 22.14 33.75
N ALA I 5 65.85 20.83 33.93
CA ALA I 5 65.52 19.88 32.83
C ALA I 5 64.19 20.23 32.11
N LYS I 6 64.17 19.98 30.81
CA LYS I 6 62.96 20.04 29.98
C LYS I 6 62.02 18.93 30.43
N PRO I 7 60.87 19.34 30.96
CA PRO I 7 59.83 18.39 31.37
C PRO I 7 59.00 18.05 30.12
N GLN I 8 58.18 17.01 30.25
CA GLN I 8 57.12 16.70 29.26
C GLN I 8 56.16 17.89 29.28
N MET I 9 55.87 18.41 28.09
CA MET I 9 55.01 19.59 27.90
C MET I 9 53.78 19.28 27.04
N ARG I 10 53.72 18.11 26.40
CA ARG I 10 52.65 17.81 25.39
C ARG I 10 51.80 16.63 25.85
N GLY I 11 50.48 16.70 25.61
CA GLY I 11 49.58 15.55 25.82
C GLY I 11 49.40 15.24 27.30
N LEU I 12 49.56 16.20 28.20
CA LEU I 12 49.44 15.89 29.66
C LEU I 12 47.99 15.48 30.02
N LEU I 13 46.99 16.07 29.38
CA LEU I 13 45.58 15.67 29.70
C LEU I 13 45.33 14.24 29.23
N ALA I 14 45.76 13.90 28.00
CA ALA I 14 45.60 12.57 27.36
C ALA I 14 46.33 11.54 28.22
N ARG I 15 47.51 11.91 28.75
CA ARG I 15 48.32 10.95 29.52
C ARG I 15 47.59 10.67 30.85
N ARG I 16 47.08 11.70 31.52
CA ARG I 16 46.31 11.51 32.76
C ARG I 16 45.09 10.62 32.49
N LEU I 17 44.40 10.83 31.36
CA LEU I 17 43.16 10.09 31.05
C LEU I 17 43.52 8.61 30.87
N ARG I 18 44.51 8.35 30.02
CA ARG I 18 44.96 6.97 29.75
C ARG I 18 45.30 6.28 31.08
N PHE I 19 46.14 6.88 31.91
CA PHE I 19 46.57 6.28 33.21
C PHE I 19 45.33 5.92 34.04
N HIS I 20 44.34 6.82 34.14
CA HIS I 20 43.21 6.60 35.08
C HIS I 20 42.15 5.68 34.49
N ILE I 21 41.98 5.63 33.18
CA ILE I 21 40.98 4.69 32.61
C ILE I 21 41.52 3.28 32.86
N VAL I 22 42.82 3.07 32.67
CA VAL I 22 43.49 1.76 32.93
C VAL I 22 43.30 1.42 34.42
N GLY I 23 43.59 2.36 35.32
CA GLY I 23 43.33 2.26 36.77
C GLY I 23 41.88 1.88 37.03
N ALA I 24 40.92 2.51 36.34
CA ALA I 24 39.49 2.19 36.55
C ALA I 24 39.22 0.74 36.11
N PHE I 25 39.72 0.34 34.95
CA PHE I 25 39.54 -1.04 34.47
C PHE I 25 40.03 -2.01 35.55
N MET I 26 41.23 -1.77 36.08
CA MET I 26 41.87 -2.69 37.06
C MET I 26 41.00 -2.78 38.30
N VAL I 27 40.54 -1.64 38.81
CA VAL I 27 39.66 -1.59 40.01
C VAL I 27 38.36 -2.35 39.68
N SER I 28 37.80 -2.15 38.48
CA SER I 28 36.55 -2.82 38.02
C SER I 28 36.71 -4.35 38.16
N LEU I 29 37.80 -4.88 37.65
CA LEU I 29 38.15 -6.33 37.79
C LEU I 29 38.32 -6.74 39.27
N GLY I 30 38.97 -5.90 40.10
CA GLY I 30 39.08 -6.11 41.56
C GLY I 30 37.70 -6.18 42.21
N PHE I 31 36.80 -5.23 41.89
CA PHE I 31 35.43 -5.24 42.46
C PHE I 31 34.64 -6.49 42.02
N ALA I 32 34.72 -6.86 40.74
CA ALA I 32 33.97 -8.04 40.22
C ALA I 32 34.41 -9.33 40.94
N THR I 33 35.72 -9.52 41.15
CA THR I 33 36.28 -10.68 41.92
C THR I 33 35.73 -10.61 43.34
N PHE I 34 35.86 -9.45 43.98
CA PHE I 34 35.35 -9.25 45.36
C PHE I 34 33.86 -9.63 45.40
N TYR I 35 33.06 -9.17 44.43
CA TYR I 35 31.60 -9.26 44.55
C TYR I 35 31.17 -10.72 44.29
N LYS I 36 31.89 -11.39 43.41
CA LYS I 36 31.80 -12.85 43.13
C LYS I 36 31.88 -13.68 44.40
N PHE I 37 32.79 -13.28 45.29
CA PHE I 37 33.23 -13.96 46.53
C PHE I 37 32.35 -13.49 47.69
N ALA I 38 32.06 -12.21 47.84
CA ALA I 38 31.31 -11.67 49.01
C ALA I 38 29.80 -11.78 48.82
N VAL I 39 29.31 -11.84 47.58
CA VAL I 39 27.84 -11.81 47.35
C VAL I 39 27.43 -13.07 46.56
N ALA I 40 27.87 -13.22 45.32
CA ALA I 40 27.28 -14.20 44.37
C ALA I 40 27.54 -15.63 44.87
N GLU I 41 28.80 -15.96 45.12
CA GLU I 41 29.24 -17.31 45.57
C GLU I 41 28.77 -17.56 46.99
N LYS I 42 28.89 -16.57 47.88
CA LYS I 42 28.35 -16.68 49.25
C LYS I 42 26.89 -17.16 49.14
N ARG I 43 26.12 -16.58 48.23
CA ARG I 43 24.69 -16.96 48.14
C ARG I 43 24.52 -18.40 47.61
N LYS I 44 25.27 -18.78 46.56
CA LYS I 44 25.23 -20.16 46.02
C LYS I 44 25.58 -21.15 47.14
N LYS I 45 26.57 -20.83 47.95
CA LYS I 45 27.06 -21.77 49.00
C LYS I 45 26.05 -21.83 50.17
N ALA I 46 25.47 -20.70 50.58
CA ALA I 46 24.43 -20.66 51.63
C ALA I 46 23.28 -21.57 51.23
N TYR I 47 22.76 -21.46 50.00
CA TYR I 47 21.62 -22.33 49.54
C TYR I 47 22.08 -23.80 49.43
N ALA I 48 23.26 -24.06 48.84
CA ALA I 48 23.78 -25.43 48.69
C ALA I 48 23.98 -26.06 50.09
N ASP I 49 24.59 -25.35 51.05
CA ASP I 49 24.82 -25.85 52.44
C ASP I 49 23.46 -26.08 53.13
N PHE I 50 22.50 -25.18 52.93
CA PHE I 50 21.20 -25.33 53.61
C PHE I 50 20.56 -26.66 53.16
N TYR I 51 20.54 -26.94 51.85
CA TYR I 51 19.72 -28.03 51.27
C TYR I 51 20.49 -29.36 51.28
N ARG I 52 21.81 -29.33 51.47
CA ARG I 52 22.65 -30.56 51.35
C ARG I 52 22.10 -31.70 52.22
N ASN I 53 21.83 -31.45 53.51
CA ASN I 53 21.28 -32.46 54.44
C ASN I 53 19.91 -32.03 54.94
N TYR I 54 19.22 -31.16 54.22
CA TYR I 54 17.90 -30.63 54.65
C TYR I 54 16.89 -31.78 54.74
N ASP I 55 16.21 -31.87 55.88
CA ASP I 55 15.11 -32.84 56.09
C ASP I 55 13.78 -32.06 56.21
N SER I 56 13.00 -32.05 55.12
CA SER I 56 11.74 -31.27 54.99
C SER I 56 10.70 -31.81 56.00
N MET I 57 10.66 -33.14 56.27
CA MET I 57 9.69 -33.72 57.22
C MET I 57 10.06 -33.30 58.63
N LYS I 58 11.34 -33.30 58.97
CA LYS I 58 11.78 -32.83 60.30
C LYS I 58 11.45 -31.32 60.45
N ASP I 59 11.71 -30.50 59.43
CA ASP I 59 11.34 -29.06 59.44
C ASP I 59 9.81 -28.95 59.71
N PHE I 60 9.01 -29.71 58.98
CA PHE I 60 7.54 -29.69 59.16
C PHE I 60 7.19 -30.04 60.62
N GLU I 61 7.76 -31.12 61.17
CA GLU I 61 7.45 -31.63 62.54
C GLU I 61 7.75 -30.53 63.56
N GLU I 62 8.85 -29.81 63.39
CA GLU I 62 9.22 -28.67 64.27
C GLU I 62 8.15 -27.58 64.18
N MET I 63 7.76 -27.21 62.98
CA MET I 63 6.73 -26.18 62.77
C MET I 63 5.40 -26.63 63.36
N ARG I 64 5.04 -27.90 63.12
CA ARG I 64 3.77 -28.49 63.61
C ARG I 64 3.73 -28.39 65.15
N LYS I 65 4.81 -28.82 65.82
CA LYS I 65 4.91 -28.86 67.30
C LYS I 65 4.93 -27.44 67.88
N ALA I 66 5.43 -26.44 67.14
CA ALA I 66 5.37 -25.03 67.54
C ALA I 66 3.95 -24.45 67.39
N GLY I 67 3.00 -25.14 66.75
CA GLY I 67 1.59 -24.73 66.64
C GLY I 67 1.37 -23.77 65.48
N ILE I 68 2.21 -23.75 64.45
CA ILE I 68 2.03 -22.64 63.47
C ILE I 68 0.89 -22.94 62.46
N PHE I 69 0.48 -24.19 62.25
CA PHE I 69 -0.40 -24.56 61.10
C PHE I 69 -1.89 -24.60 61.46
N GLN I 70 -2.75 -24.21 60.51
CA GLN I 70 -4.21 -24.48 60.55
C GLN I 70 -4.53 -25.96 60.27
N SER I 71 -3.75 -26.61 59.41
CA SER I 71 -4.05 -27.96 58.85
C SER I 71 -3.39 -29.10 59.65
N ALA I 72 -2.55 -28.82 60.66
CA ALA I 72 -1.79 -29.89 61.39
C ALA I 72 -1.67 -29.60 62.92
N PHE J 1 -21.29 35.39 -11.07
CA PHE J 1 -20.72 36.34 -10.05
C PHE J 1 -19.53 37.06 -10.70
N GLU J 2 -19.12 38.17 -10.08
CA GLU J 2 -17.98 39.00 -10.55
C GLU J 2 -16.86 38.96 -9.51
N ASN J 3 -15.65 39.18 -9.96
CA ASN J 3 -14.46 39.06 -9.09
C ASN J 3 -14.29 40.38 -8.35
N ARG J 4 -14.61 40.40 -7.07
CA ARG J 4 -14.50 41.60 -6.20
C ARG J 4 -13.38 41.41 -5.16
N VAL J 5 -12.42 40.55 -5.44
CA VAL J 5 -11.28 40.36 -4.52
C VAL J 5 -10.50 41.68 -4.34
N ALA J 6 -10.27 42.47 -5.41
CA ALA J 6 -9.48 43.73 -5.34
C ALA J 6 -10.13 44.65 -4.29
N GLU J 7 -11.46 44.73 -4.24
CA GLU J 7 -12.16 45.63 -3.29
C GLU J 7 -11.95 45.11 -1.84
N LYS J 8 -11.93 43.80 -1.62
CA LYS J 8 -11.63 43.21 -0.28
C LYS J 8 -10.14 43.42 0.07
N GLN J 9 -9.26 43.35 -0.93
CA GLN J 9 -7.81 43.62 -0.68
C GLN J 9 -7.66 45.07 -0.20
N LYS J 10 -8.35 46.02 -0.83
CA LYS J 10 -8.24 47.43 -0.41
C LYS J 10 -8.75 47.56 1.04
N LEU J 11 -9.90 46.94 1.36
CA LEU J 11 -10.52 47.06 2.70
C LEU J 11 -9.54 46.51 3.74
N PHE J 12 -9.00 45.31 3.52
CA PHE J 12 -8.18 44.63 4.56
C PHE J 12 -6.76 45.20 4.62
N GLN J 13 -6.33 46.02 3.68
CA GLN J 13 -4.97 46.63 3.74
C GLN J 13 -5.06 48.08 4.17
N GLU J 14 -6.27 48.57 4.42
CA GLU J 14 -6.46 49.98 4.83
C GLU J 14 -5.61 50.24 6.08
N ASP J 15 -4.92 51.38 6.14
CA ASP J 15 -3.92 51.71 7.19
C ASP J 15 -4.63 52.27 8.43
N ASN J 16 -5.42 51.46 9.15
CA ASN J 16 -6.32 51.97 10.21
C ASN J 16 -5.92 51.33 11.54
N GLY J 17 -4.82 50.58 11.62
CA GLY J 17 -4.36 49.98 12.89
C GLY J 17 -5.25 48.84 13.41
N LEU J 18 -6.34 48.45 12.74
CA LEU J 18 -7.21 47.39 13.30
C LEU J 18 -6.55 46.04 13.13
N PRO J 19 -6.73 45.15 14.12
CA PRO J 19 -6.31 43.76 13.95
C PRO J 19 -7.25 43.07 12.95
N VAL J 20 -6.74 42.02 12.34
CA VAL J 20 -7.42 41.37 11.19
C VAL J 20 -8.82 40.89 11.63
N HIS J 21 -9.00 40.47 12.87
CA HIS J 21 -10.30 39.93 13.33
C HIS J 21 -11.34 41.03 13.47
N LEU J 22 -10.97 42.31 13.38
CA LEU J 22 -11.93 43.44 13.50
C LEU J 22 -11.94 44.29 12.24
N LYS J 23 -11.14 43.95 11.24
CA LYS J 23 -10.85 44.86 10.11
C LYS J 23 -12.00 44.88 9.09
N GLY J 24 -12.96 43.97 9.19
CA GLY J 24 -14.11 43.94 8.28
C GLY J 24 -15.13 45.00 8.61
N GLY J 25 -15.10 45.56 9.81
CA GLY J 25 -16.06 46.61 10.23
C GLY J 25 -16.88 46.16 11.43
N ALA J 26 -17.98 46.88 11.67
CA ALA J 26 -18.75 46.85 12.94
C ALA J 26 -19.28 45.43 13.17
N THR J 27 -19.58 44.67 12.12
CA THR J 27 -20.11 43.30 12.26
C THR J 27 -19.07 42.41 12.96
N ASP J 28 -17.79 42.66 12.72
CA ASP J 28 -16.75 41.81 13.37
C ASP J 28 -16.80 42.03 14.89
N ASN J 29 -16.97 43.28 15.31
CA ASN J 29 -17.01 43.65 16.75
C ASN J 29 -18.19 42.94 17.38
N ILE J 30 -19.35 42.97 16.71
CA ILE J 30 -20.56 42.30 17.25
C ILE J 30 -20.30 40.79 17.40
N LEU J 31 -19.85 40.13 16.34
CA LEU J 31 -19.65 38.67 16.41
C LEU J 31 -18.56 38.34 17.47
N TYR J 32 -17.52 39.17 17.60
CA TYR J 32 -16.47 39.04 18.65
C TYR J 32 -17.15 39.11 20.04
N ARG J 33 -18.00 40.11 20.24
CA ARG J 33 -18.63 40.31 21.57
C ARG J 33 -19.55 39.10 21.89
N VAL J 34 -20.29 38.61 20.91
CA VAL J 34 -21.18 37.45 21.11
C VAL J 34 -20.31 36.25 21.49
N THR J 35 -19.22 36.05 20.77
CA THR J 35 -18.37 34.87 21.01
C THR J 35 -17.80 34.94 22.43
N MET J 36 -17.15 36.04 22.74
CA MET J 36 -16.43 36.16 24.03
C MET J 36 -17.47 36.15 25.19
N THR J 37 -18.64 36.77 25.02
CA THR J 37 -19.69 36.74 26.06
C THR J 37 -20.13 35.29 26.34
N LEU J 38 -20.44 34.51 25.29
CA LEU J 38 -20.83 33.09 25.45
C LEU J 38 -19.68 32.32 26.10
N CYS J 39 -18.44 32.55 25.68
CA CYS J 39 -17.30 31.79 26.27
C CYS J 39 -17.16 32.13 27.76
N LEU J 40 -17.15 33.42 28.11
CA LEU J 40 -16.86 33.84 29.50
C LEU J 40 -18.05 33.47 30.38
N GLY J 41 -19.27 33.78 29.92
CA GLY J 41 -20.50 33.39 30.64
C GLY J 41 -20.59 31.88 30.79
N GLY J 42 -20.30 31.14 29.71
CA GLY J 42 -20.35 29.69 29.75
C GLY J 42 -19.35 29.18 30.75
N THR J 43 -18.17 29.80 30.82
CA THR J 43 -17.09 29.33 31.73
C THR J 43 -17.56 29.58 33.17
N LEU J 44 -18.16 30.74 33.43
CA LEU J 44 -18.65 31.04 34.79
C LEU J 44 -19.72 30.01 35.15
N TYR J 45 -20.59 29.65 34.21
CA TYR J 45 -21.65 28.63 34.45
C TYR J 45 -21.02 27.27 34.68
N SER J 46 -19.95 26.94 33.98
CA SER J 46 -19.29 25.64 34.22
C SER J 46 -18.76 25.61 35.65
N LEU J 47 -18.23 26.72 36.17
CA LEU J 47 -17.72 26.81 37.57
C LEU J 47 -18.86 26.63 38.57
N TYR J 48 -20.00 27.29 38.30
CA TYR J 48 -21.21 27.11 39.15
C TYR J 48 -21.60 25.61 39.17
N CYS J 49 -21.58 24.96 37.99
CA CYS J 49 -21.93 23.53 37.84
C CYS J 49 -20.95 22.67 38.63
N LEU J 50 -19.66 23.00 38.62
CA LEU J 50 -18.66 22.27 39.47
C LEU J 50 -19.02 22.42 40.95
N GLY J 51 -19.29 23.65 41.41
CA GLY J 51 -19.69 23.94 42.80
C GLY J 51 -20.83 23.04 43.19
N TRP J 52 -21.84 22.95 42.32
CA TRP J 52 -23.04 22.12 42.56
C TRP J 52 -22.65 20.64 42.62
N ALA J 53 -21.85 20.17 41.67
CA ALA J 53 -21.54 18.72 41.55
C ALA J 53 -20.53 18.29 42.61
N SER J 54 -19.93 19.22 43.33
CA SER J 54 -18.83 18.94 44.28
C SER J 54 -19.40 18.46 45.62
N PHE J 55 -20.71 18.62 45.82
CA PHE J 55 -21.47 18.25 47.05
C PHE J 55 -22.60 17.28 46.69
N PRO J 56 -23.01 16.38 47.62
CA PRO J 56 -24.06 15.38 47.34
C PRO J 56 -25.53 15.89 47.25
N ALA K 6 38.92 43.31 49.09
CA ALA K 6 37.90 43.53 50.18
C ALA K 6 37.24 42.20 50.54
N PRO K 7 37.20 41.78 51.83
CA PRO K 7 36.56 40.52 52.22
C PRO K 7 35.06 40.47 51.85
N ASP K 8 34.61 39.34 51.33
CA ASP K 8 33.18 39.22 50.92
C ASP K 8 32.41 38.51 52.04
N PHE K 9 31.15 38.22 51.78
CA PHE K 9 30.23 37.56 52.73
C PHE K 9 30.88 36.26 53.27
N HIS K 10 31.47 35.46 52.37
CA HIS K 10 32.03 34.11 52.70
C HIS K 10 33.24 34.26 53.62
N ASP K 11 34.11 35.21 53.31
CA ASP K 11 35.30 35.56 54.13
C ASP K 11 34.84 35.94 55.54
N LYS K 12 33.79 36.76 55.67
CA LYS K 12 33.33 37.28 56.97
C LYS K 12 32.52 36.22 57.69
N TYR K 13 31.63 35.49 57.03
CA TYR K 13 30.60 34.74 57.78
C TYR K 13 30.65 33.23 57.53
N GLY K 14 31.43 32.79 56.55
CA GLY K 14 31.50 31.40 56.12
C GLY K 14 31.75 30.47 57.27
N ASN K 15 32.76 30.76 58.11
CA ASN K 15 33.15 29.88 59.24
C ASN K 15 31.94 29.71 60.16
N ALA K 16 31.25 30.81 60.49
CA ALA K 16 30.13 30.78 61.45
C ALA K 16 28.95 30.04 60.80
N VAL K 17 28.70 30.26 59.51
CA VAL K 17 27.54 29.61 58.83
C VAL K 17 27.81 28.10 58.83
N LEU K 18 29.05 27.68 58.51
CA LEU K 18 29.37 26.23 58.45
C LEU K 18 29.23 25.63 59.86
N ALA K 19 29.88 26.21 60.88
CA ALA K 19 29.85 25.69 62.27
C ALA K 19 28.41 25.64 62.81
N SER K 20 27.66 26.74 62.73
CA SER K 20 26.27 26.84 63.27
C SER K 20 25.31 25.89 62.55
N GLY K 21 25.37 25.89 61.22
CA GLY K 21 24.54 25.02 60.38
C GLY K 21 24.72 23.57 60.75
N ALA K 22 25.98 23.10 60.86
CA ALA K 22 26.35 21.72 61.23
C ALA K 22 25.80 21.37 62.61
N THR K 23 26.08 22.21 63.60
CA THR K 23 25.67 22.03 65.01
C THR K 23 24.15 21.92 65.07
N PHE K 24 23.47 22.88 64.46
CA PHE K 24 22.00 22.91 64.45
C PHE K 24 21.44 21.64 63.79
N CYS K 25 21.97 21.28 62.63
CA CYS K 25 21.45 20.14 61.84
C CYS K 25 21.57 18.86 62.68
N VAL K 26 22.72 18.60 63.24
CA VAL K 26 22.98 17.39 64.04
C VAL K 26 22.04 17.38 65.25
N ALA K 27 22.00 18.48 65.99
CA ALA K 27 21.21 18.55 67.22
C ALA K 27 19.75 18.22 66.92
N VAL K 28 19.17 18.81 65.87
CA VAL K 28 17.69 18.74 65.69
C VAL K 28 17.32 17.37 65.13
N TRP K 29 18.18 16.81 64.26
CA TRP K 29 17.95 15.45 63.70
C TRP K 29 18.14 14.40 64.81
N VAL K 30 19.14 14.56 65.69
CA VAL K 30 19.33 13.61 66.84
C VAL K 30 18.09 13.69 67.76
N TYR K 31 17.60 14.89 68.07
CA TYR K 31 16.38 15.04 68.90
C TYR K 31 15.16 14.39 68.20
N MET K 32 14.96 14.70 66.93
CA MET K 32 13.82 14.14 66.17
C MET K 32 13.91 12.61 66.17
N ALA K 33 15.11 12.06 65.98
CA ALA K 33 15.31 10.61 65.79
C ALA K 33 15.09 9.86 67.09
N THR K 34 15.34 10.48 68.25
CA THR K 34 15.48 9.71 69.52
C THR K 34 14.52 10.17 70.61
N GLN K 35 13.89 11.33 70.52
CA GLN K 35 13.25 11.92 71.73
C GLN K 35 11.74 12.06 71.57
N ILE K 36 11.15 11.77 70.41
CA ILE K 36 9.72 12.15 70.22
C ILE K 36 8.85 10.92 69.89
N GLY K 37 9.33 9.71 70.10
CA GLY K 37 8.48 8.50 70.01
C GLY K 37 8.38 7.98 68.58
N ILE K 38 9.26 8.36 67.66
CA ILE K 38 9.26 7.77 66.28
C ILE K 38 9.58 6.28 66.42
N GLU K 39 8.85 5.47 65.68
CA GLU K 39 9.05 4.00 65.66
C GLU K 39 9.83 3.69 64.40
N TRP K 40 11.10 3.33 64.57
CA TRP K 40 12.00 3.02 63.43
C TRP K 40 11.81 1.57 63.03
N ASN K 41 11.34 0.76 63.97
CA ASN K 41 11.18 -0.70 63.77
C ASN K 41 12.50 -1.31 63.28
N PRO K 42 13.59 -1.25 64.08
CA PRO K 42 14.84 -1.89 63.70
C PRO K 42 14.65 -3.42 63.69
N SER K 43 15.62 -4.13 63.14
CA SER K 43 15.71 -5.62 63.16
C SER K 43 15.65 -6.10 64.59
N PRO K 44 14.85 -7.14 64.91
CA PRO K 44 14.96 -7.80 66.20
C PRO K 44 16.28 -8.56 66.37
N VAL K 45 16.99 -8.85 65.29
CA VAL K 45 18.21 -9.71 65.34
C VAL K 45 19.20 -9.12 66.35
N GLY K 46 19.62 -9.88 67.34
CA GLY K 46 20.64 -9.43 68.31
C GLY K 46 20.06 -8.46 69.31
N ARG K 47 18.74 -8.21 69.27
CA ARG K 47 18.10 -7.09 70.04
C ARG K 47 16.93 -7.68 70.85
N VAL K 48 16.02 -8.41 70.23
CA VAL K 48 14.79 -8.89 70.91
C VAL K 48 14.99 -10.32 71.44
N THR K 49 14.54 -10.55 72.66
CA THR K 49 14.42 -11.90 73.27
C THR K 49 13.05 -12.42 72.83
N PRO K 50 13.03 -13.49 72.00
CA PRO K 50 11.78 -14.09 71.57
C PRO K 50 10.97 -14.57 72.78
N LYS K 51 9.64 -14.42 72.74
CA LYS K 51 8.74 -14.81 73.85
C LYS K 51 7.63 -15.72 73.33
N GLU K 52 7.25 -16.71 74.13
CA GLU K 52 6.14 -17.68 73.83
C GLU K 52 4.92 -16.86 73.39
N TRP K 53 4.31 -17.27 72.30
CA TRP K 53 3.16 -16.58 71.67
C TRP K 53 1.94 -17.51 71.70
N ARG K 54 2.15 -18.81 71.60
CA ARG K 54 1.02 -19.78 71.58
C ARG K 54 0.41 -19.99 73.01
N TYR L 3 4.45 47.73 22.91
CA TYR L 3 4.60 47.00 24.21
C TYR L 3 5.95 47.37 24.86
N GLU L 4 5.96 47.34 26.19
CA GLU L 4 7.15 47.64 27.01
C GLU L 4 8.13 46.50 26.80
N GLU L 5 9.39 46.84 26.72
CA GLU L 5 10.47 45.90 26.46
C GLU L 5 11.45 46.01 27.64
N GLY L 6 12.26 44.99 27.86
CA GLY L 6 13.35 45.11 28.84
C GLY L 6 13.02 44.39 30.15
N PRO L 7 14.04 44.34 31.02
CA PRO L 7 13.91 43.63 32.29
C PRO L 7 12.70 44.14 33.09
N GLY L 8 11.90 43.23 33.63
CA GLY L 8 10.70 43.51 34.46
C GLY L 8 9.48 43.94 33.66
N LYS L 9 9.55 43.95 32.35
CA LYS L 9 8.45 44.44 31.47
C LYS L 9 7.93 43.36 30.54
N ASN L 10 8.61 42.21 30.41
CA ASN L 10 8.27 41.13 29.47
C ASN L 10 7.56 40.01 30.24
N ILE L 11 6.75 40.38 31.24
CA ILE L 11 6.12 39.44 32.19
C ILE L 11 4.73 40.00 32.50
N PRO L 12 3.78 39.09 32.80
CA PRO L 12 2.40 39.50 33.06
C PRO L 12 2.18 39.98 34.49
N PHE L 13 3.21 40.03 35.30
CA PHE L 13 3.13 40.50 36.71
C PHE L 13 4.13 41.65 36.91
N SER L 14 3.84 42.55 37.83
CA SER L 14 4.72 43.70 38.13
C SER L 14 5.81 43.28 39.11
N VAL L 15 7.03 43.77 38.87
CA VAL L 15 8.16 43.68 39.81
C VAL L 15 8.59 45.10 40.21
N GLU L 16 7.70 46.10 40.08
CA GLU L 16 8.03 47.50 40.43
C GLU L 16 8.27 47.63 41.95
N ASN L 17 7.53 46.87 42.76
CA ASN L 17 7.59 46.90 44.24
C ASN L 17 7.82 45.46 44.76
N LYS L 18 8.96 45.21 45.43
CA LYS L 18 9.37 43.83 45.79
C LYS L 18 8.40 43.27 46.83
N TRP L 19 7.75 44.12 47.62
CA TRP L 19 6.82 43.65 48.68
C TRP L 19 5.48 43.32 48.04
N ARG L 20 4.99 44.12 47.11
CA ARG L 20 3.79 43.73 46.36
C ARG L 20 4.08 42.43 45.59
N LEU L 21 5.27 42.32 45.03
CA LEU L 21 5.64 41.08 44.31
C LEU L 21 5.63 39.90 45.28
N LEU L 22 6.21 40.06 46.46
CA LEU L 22 6.20 38.95 47.48
C LEU L 22 4.75 38.52 47.75
N ALA L 23 3.84 39.46 47.96
CA ALA L 23 2.41 39.13 48.20
C ALA L 23 1.90 38.32 47.00
N MET L 24 2.13 38.79 45.77
CA MET L 24 1.56 38.14 44.56
C MET L 24 2.17 36.72 44.44
N MET L 25 3.47 36.61 44.66
CA MET L 25 4.12 35.28 44.50
C MET L 25 3.63 34.27 45.57
N THR L 26 3.50 34.73 46.82
CA THR L 26 2.92 34.05 48.01
C THR L 26 1.54 33.51 47.63
N LEU L 27 0.71 34.39 47.09
CA LEU L 27 -0.67 33.97 46.69
C LEU L 27 -0.59 32.96 45.55
N PHE L 28 0.27 33.19 44.56
CA PHE L 28 0.36 32.32 43.38
C PHE L 28 0.86 30.92 43.78
N PHE L 29 2.08 30.79 44.27
CA PHE L 29 2.65 29.45 44.62
C PHE L 29 1.89 28.86 45.81
N GLY L 30 1.55 29.70 46.79
CA GLY L 30 0.79 29.26 47.97
C GLY L 30 -0.55 28.65 47.59
N SER L 31 -1.27 29.23 46.64
CA SER L 31 -2.59 28.68 46.27
C SER L 31 -2.41 27.30 45.64
N GLY L 32 -1.40 27.13 44.77
CA GLY L 32 -1.08 25.82 44.14
C GLY L 32 -0.75 24.77 45.20
N PHE L 33 0.11 25.10 46.13
CA PHE L 33 0.51 24.15 47.20
C PHE L 33 -0.68 23.83 48.12
N ALA L 34 -1.50 24.84 48.45
CA ALA L 34 -2.65 24.63 49.38
C ALA L 34 -3.70 23.74 48.73
N ALA L 35 -3.92 23.85 47.43
CA ALA L 35 -5.12 23.27 46.81
C ALA L 35 -5.34 21.80 47.20
N PRO L 36 -4.34 20.90 47.06
CA PRO L 36 -4.56 19.50 47.40
C PRO L 36 -4.98 19.25 48.86
N PHE L 37 -4.43 20.01 49.80
CA PHE L 37 -4.80 19.87 51.23
C PHE L 37 -6.29 20.19 51.38
N PHE L 38 -6.76 21.21 50.67
CA PHE L 38 -8.19 21.64 50.78
C PHE L 38 -9.08 20.66 50.01
N ILE L 39 -8.55 20.03 48.98
CA ILE L 39 -9.34 18.99 48.26
C ILE L 39 -9.49 17.76 49.15
N VAL L 40 -8.43 17.32 49.79
CA VAL L 40 -8.49 16.20 50.76
C VAL L 40 -9.46 16.55 51.88
N ARG L 41 -9.36 17.74 52.45
CA ARG L 41 -10.31 18.17 53.50
C ARG L 41 -11.75 18.03 52.97
N HIS L 42 -11.97 18.51 51.78
CA HIS L 42 -13.31 18.44 51.10
C HIS L 42 -13.78 16.97 51.00
N GLN L 43 -12.91 16.06 50.58
CA GLN L 43 -13.27 14.65 50.38
C GLN L 43 -13.56 14.05 51.77
N LEU L 44 -12.77 14.39 52.79
CA LEU L 44 -12.93 13.84 54.16
C LEU L 44 -14.22 14.36 54.76
N LEU L 45 -14.61 15.59 54.46
CA LEU L 45 -15.82 16.14 55.09
C LEU L 45 -17.10 15.65 54.42
N LYS L 46 -17.10 14.96 53.29
CA LYS L 46 -18.37 14.31 52.78
C LYS L 46 -18.67 13.03 53.60
N ILE M 1 28.93 34.85 33.65
CA ILE M 1 28.08 36.02 33.27
C ILE M 1 28.55 37.20 34.10
N THR M 2 28.50 38.42 33.61
CA THR M 2 28.65 39.62 34.46
C THR M 2 27.29 40.34 34.50
N ALA M 3 27.07 41.13 35.53
CA ALA M 3 25.80 41.82 35.78
C ALA M 3 26.11 43.11 36.52
N LYS M 4 25.20 44.05 36.46
CA LYS M 4 25.26 45.28 37.28
C LYS M 4 25.00 44.90 38.73
N PRO M 5 25.50 45.71 39.67
CA PRO M 5 24.98 45.70 41.03
C PRO M 5 23.45 45.91 40.99
N ALA M 6 22.79 45.31 41.98
CA ALA M 6 21.34 45.37 42.22
C ALA M 6 20.82 46.81 42.11
N LYS M 7 19.79 47.01 41.30
CA LYS M 7 19.13 48.34 41.26
C LYS M 7 18.36 48.61 42.55
N THR M 8 17.86 47.59 43.22
CA THR M 8 17.10 47.70 44.49
C THR M 8 17.61 46.61 45.43
N PRO M 9 18.80 46.82 46.05
CA PRO M 9 19.41 45.78 46.88
C PRO M 9 18.43 45.21 47.92
N THR M 10 18.49 43.88 48.10
CA THR M 10 17.75 43.12 49.13
C THR M 10 18.72 42.80 50.27
N SER M 11 18.69 43.57 51.36
CA SER M 11 19.51 43.39 52.58
C SER M 11 19.23 42.03 53.19
N PRO M 12 20.19 41.50 54.00
CA PRO M 12 19.94 40.30 54.81
C PRO M 12 18.60 40.36 55.56
N LYS M 13 18.27 41.47 56.23
CA LYS M 13 16.96 41.54 56.92
C LYS M 13 15.81 41.33 55.91
N GLU M 14 15.90 41.97 54.76
CA GLU M 14 14.82 41.89 53.74
C GLU M 14 14.72 40.46 53.24
N GLN M 15 15.85 39.79 53.09
CA GLN M 15 15.87 38.38 52.64
C GLN M 15 15.22 37.49 53.71
N ALA M 16 15.50 37.72 55.01
CA ALA M 16 14.91 36.95 56.11
C ALA M 16 13.38 37.11 56.06
N ILE M 17 12.88 38.31 55.78
CA ILE M 17 11.42 38.56 55.67
C ILE M 17 10.86 37.78 54.47
N GLY M 18 11.49 37.89 53.31
CA GLY M 18 11.00 37.20 52.11
C GLY M 18 11.00 35.69 52.30
N LEU M 19 12.07 35.16 52.88
CA LEU M 19 12.19 33.70 53.10
C LEU M 19 11.11 33.28 54.11
N SER M 20 10.95 34.06 55.18
CA SER M 20 9.96 33.75 56.25
C SER M 20 8.55 33.73 55.65
N VAL M 21 8.22 34.77 54.93
CA VAL M 21 6.87 34.90 54.31
C VAL M 21 6.68 33.74 53.30
N THR M 22 7.69 33.45 52.49
CA THR M 22 7.60 32.34 51.52
C THR M 22 7.27 31.02 52.25
N PHE M 23 8.08 30.66 53.24
CA PHE M 23 7.91 29.40 53.99
C PHE M 23 6.52 29.39 54.63
N LEU M 24 6.11 30.48 55.27
CA LEU M 24 4.79 30.47 55.97
C LEU M 24 3.66 30.27 54.95
N SER M 25 3.81 30.76 53.73
CA SER M 25 2.71 30.69 52.74
C SER M 25 2.51 29.22 52.32
N PHE M 26 3.55 28.38 52.38
CA PHE M 26 3.48 26.93 52.14
C PHE M 26 2.99 26.22 53.41
N LEU M 27 3.52 26.61 54.58
CA LEU M 27 3.40 25.77 55.78
C LEU M 27 2.08 26.05 56.52
N LEU M 28 1.61 27.28 56.59
CA LEU M 28 0.42 27.56 57.45
C LEU M 28 -0.84 26.88 56.93
N PRO M 29 -1.22 26.97 55.63
CA PRO M 29 -2.48 26.39 55.16
C PRO M 29 -2.44 24.85 55.26
N ALA M 30 -1.38 24.20 54.78
CA ALA M 30 -1.23 22.74 54.89
C ALA M 30 -1.27 22.35 56.39
N GLY M 31 -0.57 23.10 57.22
CA GLY M 31 -0.52 22.80 58.66
C GLY M 31 -1.91 22.90 59.27
N TRP M 32 -2.65 23.94 58.92
CA TRP M 32 -4.05 24.05 59.41
C TRP M 32 -4.86 22.80 59.01
N VAL M 33 -4.82 22.37 57.75
CA VAL M 33 -5.56 21.16 57.31
C VAL M 33 -5.11 19.92 58.11
N LEU M 34 -3.80 19.66 58.18
CA LEU M 34 -3.29 18.42 58.81
C LEU M 34 -3.56 18.41 60.32
N TYR M 35 -3.46 19.57 60.96
CA TYR M 35 -3.76 19.68 62.40
C TYR M 35 -5.22 19.31 62.62
N HIS M 36 -6.08 19.65 61.67
CA HIS M 36 -7.55 19.48 61.87
C HIS M 36 -8.05 18.16 61.28
N LEU M 37 -7.18 17.24 60.82
CA LEU M 37 -7.63 15.99 60.14
C LEU M 37 -8.63 15.24 61.00
N ASP M 38 -8.31 15.07 62.28
CA ASP M 38 -9.20 14.31 63.21
C ASP M 38 -10.62 14.87 63.10
N ASN M 39 -10.75 16.19 63.18
CA ASN M 39 -12.08 16.87 63.14
C ASN M 39 -12.77 16.57 61.81
N TYR M 40 -12.01 16.53 60.71
CA TYR M 40 -12.53 16.14 59.38
C TYR M 40 -12.85 14.64 59.48
N PHE N 2 21.05 -8.19 -48.24
CA PHE N 2 19.76 -8.84 -48.08
C PHE N 2 19.58 -9.34 -46.64
N ILE N 3 20.65 -9.91 -46.08
CA ILE N 3 20.64 -10.37 -44.68
C ILE N 3 20.54 -9.16 -43.74
N ASN N 4 21.33 -8.09 -43.96
CA ASN N 4 21.26 -6.90 -43.07
C ASN N 4 19.82 -6.37 -43.09
N ARG N 5 19.18 -6.34 -44.24
CA ARG N 5 17.84 -5.71 -44.36
C ARG N 5 16.78 -6.61 -43.72
N TRP N 6 16.81 -7.92 -43.98
CA TRP N 6 15.63 -8.80 -43.67
C TRP N 6 15.84 -9.67 -42.44
N LEU N 7 17.10 -9.90 -41.99
CA LEU N 7 17.37 -10.69 -40.76
C LEU N 7 17.80 -9.77 -39.59
N PHE N 8 18.40 -8.61 -39.91
CA PHE N 8 18.96 -7.66 -38.93
C PHE N 8 18.13 -6.36 -38.92
N SER N 9 16.88 -6.40 -39.33
CA SER N 9 16.06 -5.16 -39.49
C SER N 9 15.97 -4.36 -38.19
N THR N 10 15.96 -3.04 -38.33
CA THR N 10 15.54 -2.08 -37.28
C THR N 10 14.52 -1.11 -37.88
N ASN N 11 13.75 -1.59 -38.85
CA ASN N 11 12.85 -0.72 -39.65
C ASN N 11 11.39 -1.16 -39.41
N HIS N 12 10.52 -0.23 -39.00
CA HIS N 12 9.13 -0.61 -38.64
C HIS N 12 8.40 -1.20 -39.85
N LYS N 13 8.65 -0.71 -41.07
CA LYS N 13 7.90 -1.14 -42.28
C LYS N 13 8.36 -2.55 -42.67
N ASP N 14 9.67 -2.76 -42.74
CA ASP N 14 10.19 -4.11 -43.10
C ASP N 14 9.74 -5.16 -42.07
N ILE N 15 9.77 -4.82 -40.78
CA ILE N 15 9.33 -5.77 -39.72
C ILE N 15 7.84 -6.02 -39.88
N GLY N 16 7.05 -5.00 -40.17
CA GLY N 16 5.62 -5.16 -40.50
C GLY N 16 5.43 -6.13 -41.66
N THR N 17 6.22 -5.95 -42.70
CA THR N 17 6.15 -6.82 -43.89
C THR N 17 6.48 -8.27 -43.48
N LEU N 18 7.53 -8.47 -42.69
CA LEU N 18 7.88 -9.84 -42.20
C LEU N 18 6.67 -10.43 -41.47
N TYR N 19 6.05 -9.68 -40.57
CA TYR N 19 4.88 -10.17 -39.83
C TYR N 19 3.74 -10.52 -40.80
N LEU N 20 3.50 -9.73 -41.84
CA LEU N 20 2.38 -10.03 -42.77
C LEU N 20 2.67 -11.33 -43.52
N LEU N 21 3.91 -11.51 -43.95
CA LEU N 21 4.32 -12.73 -44.66
C LEU N 21 4.14 -13.93 -43.72
N PHE N 22 4.65 -13.84 -42.51
CA PHE N 22 4.53 -14.90 -41.48
C PHE N 22 3.05 -15.23 -41.23
N GLY N 23 2.25 -14.20 -40.99
CA GLY N 23 0.82 -14.43 -40.74
C GLY N 23 0.11 -15.08 -41.93
N ALA N 24 0.43 -14.67 -43.16
CA ALA N 24 -0.19 -15.23 -44.38
C ALA N 24 0.13 -16.73 -44.48
N TRP N 25 1.38 -17.09 -44.21
CA TRP N 25 1.84 -18.49 -44.21
C TRP N 25 1.07 -19.26 -43.12
N ALA N 26 1.05 -18.73 -41.90
CA ALA N 26 0.32 -19.34 -40.76
C ALA N 26 -1.15 -19.54 -41.14
N GLY N 27 -1.74 -18.55 -41.78
CA GLY N 27 -3.13 -18.65 -42.24
C GLY N 27 -3.36 -19.86 -43.17
N MET N 28 -2.40 -20.20 -44.03
CA MET N 28 -2.51 -21.40 -44.90
C MET N 28 -2.51 -22.66 -44.01
N VAL N 29 -1.60 -22.71 -43.03
CA VAL N 29 -1.55 -23.83 -42.07
C VAL N 29 -2.90 -23.96 -41.34
N GLY N 30 -3.40 -22.85 -40.80
CA GLY N 30 -4.65 -22.86 -40.03
C GLY N 30 -5.81 -23.32 -40.89
N THR N 31 -5.86 -22.88 -42.14
CA THR N 31 -6.92 -23.26 -43.10
C THR N 31 -6.86 -24.77 -43.34
N ALA N 32 -5.65 -25.28 -43.60
CA ALA N 32 -5.48 -26.71 -43.84
C ALA N 32 -6.01 -27.49 -42.62
N LEU N 33 -5.68 -27.04 -41.41
CA LEU N 33 -6.18 -27.73 -40.19
C LEU N 33 -7.73 -27.65 -40.12
N SER N 34 -8.33 -26.51 -40.45
CA SER N 34 -9.80 -26.33 -40.45
C SER N 34 -10.44 -27.32 -41.45
N LEU N 35 -9.78 -27.59 -42.57
CA LEU N 35 -10.34 -28.47 -43.61
C LEU N 35 -10.25 -29.93 -43.16
N LEU N 36 -9.19 -30.31 -42.43
CA LEU N 36 -9.06 -31.66 -41.83
C LEU N 36 -10.17 -31.87 -40.79
N ILE N 37 -10.42 -30.90 -39.93
CA ILE N 37 -11.54 -30.94 -38.96
C ILE N 37 -12.84 -31.24 -39.74
N ARG N 38 -13.12 -30.43 -40.75
CA ARG N 38 -14.43 -30.53 -41.46
C ARG N 38 -14.46 -31.76 -42.38
N ALA N 39 -13.32 -32.29 -42.84
CA ALA N 39 -13.29 -33.57 -43.59
C ALA N 39 -13.67 -34.69 -42.63
N GLU N 40 -13.14 -34.70 -41.42
CA GLU N 40 -13.48 -35.74 -40.41
C GLU N 40 -14.98 -35.71 -40.09
N LEU N 41 -15.58 -34.50 -40.01
CA LEU N 41 -16.99 -34.32 -39.59
C LEU N 41 -17.96 -34.33 -40.78
N GLY N 42 -17.47 -34.39 -42.03
CA GLY N 42 -18.26 -34.19 -43.26
C GLY N 42 -19.18 -35.34 -43.61
N GLN N 43 -18.94 -36.50 -43.05
CA GLN N 43 -19.90 -37.62 -43.05
C GLN N 43 -19.69 -38.40 -41.75
N PRO N 44 -20.76 -39.10 -41.30
CA PRO N 44 -20.73 -39.87 -40.07
C PRO N 44 -19.73 -41.02 -40.23
N GLY N 45 -19.11 -41.40 -39.11
CA GLY N 45 -18.02 -42.37 -39.07
C GLY N 45 -16.67 -41.72 -38.79
N THR N 46 -15.62 -42.51 -38.95
CA THR N 46 -14.23 -42.12 -38.64
C THR N 46 -13.50 -42.02 -39.98
N LEU N 47 -12.84 -40.89 -40.22
CA LEU N 47 -12.00 -40.69 -41.42
C LEU N 47 -10.52 -40.88 -41.05
N LEU N 48 -10.01 -40.19 -40.05
CA LEU N 48 -8.54 -40.15 -39.82
C LEU N 48 -8.17 -41.19 -38.77
N GLY N 49 -8.80 -41.11 -37.62
CA GLY N 49 -8.50 -41.94 -36.43
C GLY N 49 -9.44 -41.51 -35.32
N ASP N 50 -9.02 -41.83 -34.08
CA ASP N 50 -9.88 -41.64 -32.89
C ASP N 50 -9.71 -40.18 -32.48
N ASP N 51 -10.16 -39.81 -31.29
CA ASP N 51 -10.21 -38.39 -30.87
C ASP N 51 -8.79 -37.82 -30.68
N GLN N 52 -7.73 -38.65 -30.57
CA GLN N 52 -6.35 -38.13 -30.31
C GLN N 52 -5.87 -37.38 -31.56
N ILE N 53 -5.74 -38.06 -32.69
CA ILE N 53 -5.28 -37.37 -33.92
C ILE N 53 -6.24 -36.20 -34.20
N TYR N 54 -7.54 -36.43 -34.09
CA TYR N 54 -8.54 -35.37 -34.38
C TYR N 54 -8.24 -34.15 -33.50
N ASN N 55 -8.09 -34.35 -32.17
CA ASN N 55 -7.99 -33.19 -31.25
C ASN N 55 -6.59 -32.60 -31.34
N VAL N 56 -5.60 -33.32 -31.87
CA VAL N 56 -4.29 -32.69 -32.16
C VAL N 56 -4.53 -31.68 -33.27
N VAL N 57 -5.31 -32.07 -34.27
CA VAL N 57 -5.67 -31.15 -35.38
C VAL N 57 -6.43 -29.95 -34.85
N VAL N 58 -7.43 -30.18 -33.99
CA VAL N 58 -8.29 -29.06 -33.52
C VAL N 58 -7.40 -28.10 -32.70
N THR N 59 -6.55 -28.67 -31.86
CA THR N 59 -5.70 -27.91 -30.93
C THR N 59 -4.77 -27.03 -31.79
N ALA N 60 -4.11 -27.62 -32.79
CA ALA N 60 -3.14 -26.90 -33.65
C ALA N 60 -3.91 -25.83 -34.45
N HIS N 61 -5.08 -26.17 -34.95
CA HIS N 61 -5.92 -25.21 -35.71
C HIS N 61 -6.05 -23.91 -34.90
N ALA N 62 -6.47 -24.02 -33.64
CA ALA N 62 -6.71 -22.84 -32.76
C ALA N 62 -5.39 -22.08 -32.50
N PHE N 63 -4.32 -22.77 -32.10
CA PHE N 63 -3.06 -22.09 -31.77
C PHE N 63 -2.57 -21.32 -33.01
N VAL N 64 -2.63 -21.96 -34.18
CA VAL N 64 -2.10 -21.36 -35.44
C VAL N 64 -2.96 -20.14 -35.76
N MET N 65 -4.27 -20.31 -35.75
CA MET N 65 -5.14 -19.17 -36.16
C MET N 65 -4.98 -17.98 -35.21
N ILE N 66 -4.85 -18.22 -33.90
CA ILE N 66 -4.80 -17.14 -32.88
C ILE N 66 -3.38 -16.54 -32.81
N PHE N 67 -2.38 -17.37 -32.48
CA PHE N 67 -1.02 -16.90 -32.14
C PHE N 67 -0.16 -16.62 -33.39
N PHE N 68 -0.37 -17.33 -34.49
CA PHE N 68 0.50 -17.18 -35.69
C PHE N 68 -0.17 -16.47 -36.85
N MET N 69 -1.51 -16.39 -36.91
CA MET N 69 -2.20 -15.67 -38.01
C MET N 69 -2.78 -14.35 -37.48
N VAL N 70 -3.73 -14.35 -36.56
CA VAL N 70 -4.42 -13.08 -36.24
C VAL N 70 -3.45 -12.09 -35.57
N MET N 71 -2.81 -12.48 -34.48
CA MET N 71 -2.02 -11.51 -33.69
C MET N 71 -0.83 -11.00 -34.52
N PRO N 72 -0.04 -11.85 -35.24
CA PRO N 72 1.04 -11.34 -36.09
C PRO N 72 0.52 -10.37 -37.17
N ILE N 73 -0.60 -10.70 -37.82
CA ILE N 73 -1.12 -9.81 -38.90
C ILE N 73 -1.58 -8.49 -38.28
N MET N 74 -2.41 -8.54 -37.26
CA MET N 74 -3.05 -7.30 -36.78
C MET N 74 -2.04 -6.42 -36.03
N ILE N 75 -1.29 -7.00 -35.11
CA ILE N 75 -0.43 -6.24 -34.19
C ILE N 75 0.96 -6.09 -34.82
N GLY N 76 1.60 -7.20 -35.16
CA GLY N 76 2.95 -7.15 -35.78
C GLY N 76 2.93 -6.50 -37.16
N GLY N 77 1.94 -6.81 -37.99
CA GLY N 77 1.88 -6.35 -39.39
C GLY N 77 1.27 -4.98 -39.52
N PHE N 78 -0.05 -4.87 -39.39
CA PHE N 78 -0.69 -3.54 -39.51
C PHE N 78 -0.14 -2.59 -38.43
N GLY N 79 0.05 -3.07 -37.19
CA GLY N 79 0.54 -2.21 -36.11
C GLY N 79 1.91 -1.62 -36.44
N ASN N 80 2.90 -2.44 -36.82
CA ASN N 80 4.23 -1.90 -37.14
C ASN N 80 4.20 -1.00 -38.37
N TRP N 81 3.45 -1.38 -39.41
CA TRP N 81 3.36 -0.56 -40.64
C TRP N 81 2.71 0.79 -40.31
N LEU N 82 1.53 0.78 -39.68
CA LEU N 82 0.67 1.98 -39.66
C LEU N 82 0.95 2.88 -38.45
N VAL N 83 1.24 2.31 -37.26
CA VAL N 83 1.27 3.13 -36.04
C VAL N 83 2.28 4.28 -36.18
N PRO N 84 3.55 4.01 -36.51
CA PRO N 84 4.49 5.11 -36.67
C PRO N 84 4.03 6.14 -37.72
N LEU N 85 3.50 5.66 -38.85
CA LEU N 85 3.10 6.58 -39.96
C LEU N 85 1.93 7.45 -39.46
N MET N 86 1.01 6.89 -38.68
CA MET N 86 -0.21 7.62 -38.26
C MET N 86 0.12 8.68 -37.18
N ILE N 87 1.28 8.57 -36.52
CA ILE N 87 1.69 9.59 -35.52
C ILE N 87 2.92 10.38 -36.01
N GLY N 88 3.35 10.23 -37.28
CA GLY N 88 4.47 11.01 -37.85
C GLY N 88 5.79 10.65 -37.15
N ALA N 89 5.89 9.46 -36.58
CA ALA N 89 7.12 9.01 -35.84
C ALA N 89 8.10 8.39 -36.84
N PRO N 90 9.42 8.53 -36.60
CA PRO N 90 10.42 8.00 -37.53
C PRO N 90 10.59 6.48 -37.48
N ASP N 91 10.14 5.86 -36.40
CA ASP N 91 10.14 4.39 -36.22
C ASP N 91 9.45 4.10 -34.88
N MET N 92 9.55 2.84 -34.43
CA MET N 92 9.18 2.41 -33.05
C MET N 92 10.24 2.90 -32.02
N ALA N 93 9.84 2.95 -30.74
CA ALA N 93 10.73 3.38 -29.65
C ALA N 93 11.94 2.45 -29.59
N PHE N 94 11.70 1.14 -29.75
CA PHE N 94 12.75 0.09 -29.53
C PHE N 94 12.88 -0.75 -30.82
N PRO N 95 13.54 -0.15 -31.85
CA PRO N 95 13.47 -0.71 -33.20
C PRO N 95 14.19 -2.04 -33.27
N ARG N 96 15.20 -2.27 -32.41
CA ARG N 96 15.96 -3.53 -32.43
C ARG N 96 15.14 -4.57 -31.64
N MET N 97 14.56 -4.18 -30.49
CA MET N 97 13.72 -5.12 -29.74
C MET N 97 12.51 -5.54 -30.60
N ASN N 98 12.04 -4.64 -31.44
CA ASN N 98 10.90 -4.91 -32.36
C ASN N 98 11.26 -6.11 -33.24
N ASN N 99 12.52 -6.19 -33.70
CA ASN N 99 12.98 -7.29 -34.60
C ASN N 99 12.95 -8.63 -33.84
N MET N 100 13.26 -8.63 -32.53
CA MET N 100 13.22 -9.88 -31.74
C MET N 100 11.77 -10.32 -31.50
N SER N 101 10.83 -9.40 -31.30
CA SER N 101 9.42 -9.84 -31.29
C SER N 101 9.13 -10.66 -32.54
N PHE N 102 9.53 -10.19 -33.71
CA PHE N 102 9.30 -10.93 -34.97
C PHE N 102 10.02 -12.28 -34.92
N TRP N 103 11.34 -12.27 -34.65
CA TRP N 103 12.13 -13.51 -34.87
C TRP N 103 11.81 -14.56 -33.82
N LEU N 104 11.15 -14.22 -32.72
CA LEU N 104 10.69 -15.28 -31.79
C LEU N 104 9.56 -16.12 -32.41
N LEU N 105 8.83 -15.61 -33.41
CA LEU N 105 7.65 -16.36 -33.86
C LEU N 105 8.03 -17.58 -34.71
N PRO N 106 8.97 -17.55 -35.67
CA PRO N 106 9.29 -18.81 -36.35
C PRO N 106 9.72 -19.91 -35.38
N PRO N 107 10.58 -19.66 -34.38
CA PRO N 107 10.89 -20.69 -33.38
C PRO N 107 9.65 -21.18 -32.58
N SER N 108 8.80 -20.26 -32.20
CA SER N 108 7.51 -20.60 -31.54
C SER N 108 6.71 -21.58 -32.42
N PHE N 109 6.59 -21.27 -33.69
CA PHE N 109 5.82 -22.11 -34.66
C PHE N 109 6.55 -23.45 -34.83
N LEU N 110 7.88 -23.45 -34.91
CA LEU N 110 8.64 -24.70 -35.01
C LEU N 110 8.32 -25.59 -33.79
N LEU N 111 8.27 -25.03 -32.58
CA LEU N 111 7.97 -25.83 -31.37
C LEU N 111 6.56 -26.43 -31.48
N LEU N 112 5.59 -25.67 -31.98
CA LEU N 112 4.23 -26.22 -32.13
C LEU N 112 4.24 -27.34 -33.19
N LEU N 113 4.88 -27.17 -34.33
N LEU N 113 4.90 -27.15 -34.35
CA LEU N 113 4.89 -28.25 -35.35
CA LEU N 113 5.12 -28.24 -35.36
C LEU N 113 5.73 -29.45 -34.81
C LEU N 113 5.62 -29.47 -34.62
N ALA N 114 6.71 -29.25 -33.90
CA ALA N 114 7.43 -30.36 -33.24
C ALA N 114 6.49 -31.11 -32.28
N SER N 115 5.63 -30.39 -31.54
N SER N 115 5.67 -30.38 -31.54
CA SER N 115 4.61 -30.99 -30.63
CA SER N 115 4.63 -30.96 -30.64
C SER N 115 3.79 -32.05 -31.38
C SER N 115 3.80 -32.03 -31.38
N SER N 116 3.43 -31.74 -32.64
CA SER N 116 2.49 -32.55 -33.45
C SER N 116 3.22 -33.72 -34.11
N MET N 117 4.56 -33.67 -34.21
N MET N 117 4.55 -33.65 -34.24
CA MET N 117 5.38 -34.69 -34.92
CA MET N 117 5.37 -34.70 -34.92
C MET N 117 5.93 -35.74 -33.94
C MET N 117 5.85 -35.76 -33.92
N VAL N 118 6.09 -35.38 -32.66
CA VAL N 118 6.65 -36.31 -31.64
C VAL N 118 5.50 -37.00 -30.95
N GLU N 119 5.73 -38.24 -30.48
CA GLU N 119 4.72 -39.09 -29.79
C GLU N 119 3.39 -39.00 -30.53
N ALA N 120 2.30 -38.72 -29.84
CA ALA N 120 0.94 -38.72 -30.45
C ALA N 120 0.39 -37.28 -30.49
N GLY N 121 1.24 -36.25 -30.39
CA GLY N 121 0.77 -34.87 -30.39
C GLY N 121 0.13 -34.43 -29.08
N ALA N 122 -0.19 -33.14 -29.01
CA ALA N 122 -0.92 -32.53 -27.88
C ALA N 122 -2.39 -32.42 -28.27
N GLY N 123 -3.17 -33.46 -27.96
CA GLY N 123 -4.61 -33.52 -28.20
C GLY N 123 -5.36 -33.02 -26.99
N THR N 124 -5.17 -31.75 -26.64
CA THR N 124 -5.58 -31.22 -25.32
C THR N 124 -6.70 -30.19 -25.44
N GLY N 125 -6.97 -29.69 -26.63
CA GLY N 125 -7.66 -28.39 -26.74
C GLY N 125 -6.67 -27.25 -26.55
N TRP N 126 -6.95 -26.06 -27.10
CA TRP N 126 -5.98 -24.92 -27.05
C TRP N 126 -5.88 -24.37 -25.60
N THR N 127 -6.79 -24.80 -24.72
CA THR N 127 -6.88 -24.49 -23.28
C THR N 127 -5.88 -25.34 -22.48
N VAL N 128 -5.45 -26.48 -23.02
CA VAL N 128 -4.40 -27.35 -22.39
C VAL N 128 -4.75 -27.66 -20.91
N TYR N 129 -6.01 -27.98 -20.60
CA TYR N 129 -6.44 -28.35 -19.22
C TYR N 129 -5.76 -29.64 -18.74
N PRO N 130 -5.22 -29.62 -17.51
CA PRO N 130 -4.90 -30.84 -16.76
C PRO N 130 -6.21 -31.40 -16.20
N PRO N 131 -6.23 -32.70 -15.83
CA PRO N 131 -5.09 -33.62 -16.00
C PRO N 131 -4.89 -34.22 -17.40
N LEU N 132 -5.78 -34.00 -18.36
CA LEU N 132 -5.54 -34.61 -19.72
C LEU N 132 -4.18 -34.14 -20.25
N ALA N 133 -3.78 -32.88 -20.00
CA ALA N 133 -2.49 -32.31 -20.46
C ALA N 133 -1.32 -32.67 -19.54
N GLY N 134 -1.56 -33.39 -18.45
CA GLY N 134 -0.51 -33.79 -17.50
C GLY N 134 0.33 -34.97 -17.99
N ASN N 135 1.32 -35.36 -17.17
CA ASN N 135 2.36 -36.33 -17.59
C ASN N 135 1.88 -37.80 -17.51
N LEU N 136 0.66 -38.10 -17.04
N LEU N 136 0.65 -38.08 -17.11
CA LEU N 136 0.10 -39.49 -17.12
CA LEU N 136 0.14 -39.48 -17.12
C LEU N 136 -0.75 -39.61 -18.40
C LEU N 136 -0.84 -39.68 -18.29
N ALA N 137 -1.70 -38.71 -18.58
CA ALA N 137 -2.66 -38.77 -19.70
C ALA N 137 -2.04 -38.22 -21.00
N HIS N 138 -0.98 -37.42 -20.93
CA HIS N 138 -0.20 -36.93 -22.10
C HIS N 138 1.30 -37.06 -21.81
N ALA N 139 1.76 -38.28 -21.55
CA ALA N 139 3.20 -38.57 -21.31
C ALA N 139 3.99 -38.17 -22.57
N GLY N 140 5.21 -37.70 -22.40
CA GLY N 140 6.09 -37.40 -23.52
C GLY N 140 6.21 -35.91 -23.79
N ALA N 141 6.96 -35.54 -24.82
CA ALA N 141 7.39 -34.14 -25.08
C ALA N 141 6.27 -33.25 -25.65
N SER N 142 5.19 -33.79 -26.22
CA SER N 142 4.25 -32.98 -27.05
C SER N 142 3.72 -31.78 -26.25
N VAL N 143 3.17 -31.99 -25.06
CA VAL N 143 2.58 -30.87 -24.27
C VAL N 143 3.70 -29.92 -23.83
N ASP N 144 4.90 -30.43 -23.53
CA ASP N 144 6.01 -29.54 -23.12
C ASP N 144 6.38 -28.63 -24.32
N LEU N 145 6.42 -29.17 -25.53
CA LEU N 145 6.76 -28.34 -26.72
C LEU N 145 5.64 -27.32 -26.95
N THR N 146 4.39 -27.68 -26.67
CA THR N 146 3.27 -26.71 -26.79
C THR N 146 3.45 -25.59 -25.76
N ILE N 147 3.76 -25.94 -24.49
CA ILE N 147 4.04 -24.93 -23.44
C ILE N 147 5.16 -24.00 -23.94
N PHE N 148 6.28 -24.57 -24.42
CA PHE N 148 7.43 -23.73 -24.82
C PHE N 148 7.04 -22.80 -26.00
N SER N 149 6.29 -23.33 -26.97
CA SER N 149 5.74 -22.54 -28.09
C SER N 149 5.01 -21.31 -27.53
N LEU N 150 4.15 -21.54 -26.55
CA LEU N 150 3.37 -20.43 -25.93
C LEU N 150 4.32 -19.47 -25.15
N HIS N 151 5.34 -19.97 -24.46
CA HIS N 151 6.31 -19.08 -23.81
C HIS N 151 6.94 -18.15 -24.85
N LEU N 152 7.42 -18.67 -25.98
CA LEU N 152 8.13 -17.79 -26.96
C LEU N 152 7.11 -16.81 -27.53
N ALA N 153 5.93 -17.28 -27.86
CA ALA N 153 4.90 -16.35 -28.40
C ALA N 153 4.57 -15.25 -27.37
N GLY N 154 4.47 -15.64 -26.11
CA GLY N 154 4.21 -14.74 -24.96
C GLY N 154 5.29 -13.70 -24.83
N VAL N 155 6.56 -14.10 -24.84
CA VAL N 155 7.65 -13.09 -24.76
C VAL N 155 7.56 -12.14 -25.96
N SER N 156 7.36 -12.67 -27.18
CA SER N 156 7.25 -11.85 -28.40
C SER N 156 6.22 -10.76 -28.19
N SER N 157 5.01 -11.13 -27.74
CA SER N 157 3.90 -10.16 -27.58
C SER N 157 4.13 -9.23 -26.39
N ILE N 158 4.76 -9.68 -25.31
CA ILE N 158 5.01 -8.80 -24.13
C ILE N 158 6.00 -7.72 -24.57
N LEU N 159 7.08 -8.12 -25.23
CA LEU N 159 8.05 -7.09 -25.69
C LEU N 159 7.38 -6.19 -26.75
N GLY N 160 6.59 -6.76 -27.66
CA GLY N 160 5.87 -5.93 -28.65
C GLY N 160 4.91 -4.97 -27.97
N ALA N 161 4.23 -5.40 -26.90
CA ALA N 161 3.35 -4.50 -26.11
C ALA N 161 4.12 -3.31 -25.50
N ILE N 162 5.27 -3.58 -24.88
CA ILE N 162 6.11 -2.51 -24.27
C ILE N 162 6.48 -1.51 -25.37
N ASN N 163 6.83 -2.03 -26.55
CA ASN N 163 7.25 -1.23 -27.72
C ASN N 163 6.07 -0.35 -28.17
N PHE N 164 4.89 -0.94 -28.35
CA PHE N 164 3.75 -0.13 -28.86
C PHE N 164 3.34 0.90 -27.81
N ILE N 165 3.19 0.54 -26.53
CA ILE N 165 2.75 1.53 -25.49
C ILE N 165 3.78 2.68 -25.46
N THR N 166 5.08 2.36 -25.44
CA THR N 166 6.10 3.41 -25.33
C THR N 166 6.04 4.31 -26.56
N THR N 167 5.94 3.73 -27.78
CA THR N 167 5.94 4.49 -29.05
C THR N 167 4.73 5.43 -29.04
N ILE N 168 3.59 4.90 -28.68
CA ILE N 168 2.31 5.65 -28.79
C ILE N 168 2.27 6.76 -27.72
N ILE N 169 2.78 6.54 -26.51
CA ILE N 169 2.81 7.61 -25.47
C ILE N 169 3.91 8.65 -25.75
N ASN N 170 5.07 8.22 -26.22
CA ASN N 170 6.29 9.06 -26.18
C ASN N 170 6.61 9.67 -27.53
N MET N 171 6.13 9.14 -28.65
CA MET N 171 6.69 9.53 -29.96
C MET N 171 5.66 10.23 -30.85
N LYS N 172 4.61 10.82 -30.28
CA LYS N 172 3.71 11.68 -31.07
C LYS N 172 4.34 13.06 -31.29
N PRO N 173 3.86 13.87 -32.26
CA PRO N 173 4.26 15.28 -32.30
C PRO N 173 3.93 15.94 -30.95
N PRO N 174 4.78 16.87 -30.46
CA PRO N 174 4.57 17.47 -29.14
C PRO N 174 3.20 18.15 -29.01
N ALA N 175 2.63 18.69 -30.08
CA ALA N 175 1.30 19.34 -30.00
C ALA N 175 0.18 18.32 -29.93
N MET N 176 0.43 17.08 -30.31
CA MET N 176 -0.65 16.07 -30.47
C MET N 176 -0.91 15.43 -29.11
N SER N 177 -2.10 15.61 -28.59
CA SER N 177 -2.48 14.88 -27.36
C SER N 177 -2.96 13.47 -27.76
N GLN N 178 -3.18 12.65 -26.74
CA GLN N 178 -3.75 11.31 -26.93
C GLN N 178 -5.13 11.43 -27.60
N TYR N 179 -5.85 12.52 -27.38
CA TYR N 179 -7.18 12.73 -27.99
C TYR N 179 -7.08 13.33 -29.40
N GLN N 180 -5.89 13.36 -30.00
CA GLN N 180 -5.72 13.69 -31.43
C GLN N 180 -5.03 12.54 -32.16
N THR N 181 -5.02 11.35 -31.58
CA THR N 181 -4.45 10.18 -32.30
C THR N 181 -5.58 9.39 -32.94
N PRO N 182 -5.29 8.81 -34.11
CA PRO N 182 -6.29 7.99 -34.78
C PRO N 182 -6.76 6.77 -33.96
N LEU N 183 -8.01 6.39 -34.18
CA LEU N 183 -8.63 5.24 -33.48
C LEU N 183 -7.80 3.97 -33.69
N PHE N 184 -7.18 3.76 -34.84
CA PHE N 184 -6.38 2.50 -34.98
C PHE N 184 -5.24 2.54 -33.97
N VAL N 185 -4.65 3.69 -33.79
CA VAL N 185 -3.52 3.86 -32.81
C VAL N 185 -4.04 3.60 -31.39
N TRP N 186 -5.23 4.14 -31.04
CA TRP N 186 -5.85 3.80 -29.74
C TRP N 186 -6.07 2.28 -29.62
N SER N 187 -6.61 1.64 -30.65
CA SER N 187 -6.95 0.19 -30.59
C SER N 187 -5.66 -0.62 -30.31
N VAL N 188 -4.53 -0.22 -30.87
CA VAL N 188 -3.23 -0.94 -30.64
C VAL N 188 -2.72 -0.66 -29.22
N MET N 189 -2.76 0.58 -28.73
CA MET N 189 -2.31 0.92 -27.37
C MET N 189 -3.11 0.07 -26.38
N ILE N 190 -4.45 0.01 -26.55
CA ILE N 190 -5.29 -0.70 -25.58
C ILE N 190 -4.98 -2.19 -25.67
N THR N 191 -4.91 -2.73 -26.88
CA THR N 191 -4.53 -4.15 -27.08
C THR N 191 -3.20 -4.42 -26.38
N ALA N 192 -2.24 -3.52 -26.53
CA ALA N 192 -0.89 -3.69 -25.92
C ALA N 192 -0.99 -3.74 -24.38
N VAL N 193 -1.82 -2.89 -23.78
CA VAL N 193 -2.05 -2.93 -22.31
C VAL N 193 -2.63 -4.30 -21.91
N LEU N 194 -3.64 -4.79 -22.64
CA LEU N 194 -4.22 -6.13 -22.34
C LEU N 194 -3.14 -7.21 -22.44
N LEU N 195 -2.30 -7.16 -23.46
CA LEU N 195 -1.22 -8.18 -23.59
C LEU N 195 -0.27 -8.14 -22.38
N LEU N 196 0.20 -6.94 -22.03
CA LEU N 196 1.15 -6.68 -20.94
C LEU N 196 0.64 -7.31 -19.63
N LEU N 197 -0.66 -7.20 -19.35
CA LEU N 197 -1.22 -7.64 -18.06
C LEU N 197 -1.65 -9.13 -18.10
N SER N 198 -2.08 -9.65 -19.25
CA SER N 198 -2.72 -10.98 -19.35
C SER N 198 -1.65 -12.06 -19.61
N LEU N 199 -0.74 -11.81 -20.53
CA LEU N 199 0.26 -12.87 -20.91
C LEU N 199 1.11 -13.34 -19.74
N PRO N 200 1.50 -12.46 -18.80
CA PRO N 200 2.30 -12.97 -17.66
C PRO N 200 1.54 -13.98 -16.78
N VAL N 201 0.22 -13.84 -16.72
CA VAL N 201 -0.60 -14.78 -15.92
C VAL N 201 -0.65 -16.12 -16.65
N LEU N 202 -0.83 -16.09 -17.97
CA LEU N 202 -0.78 -17.32 -18.77
C LEU N 202 0.60 -17.97 -18.53
N ALA N 203 1.64 -17.16 -18.59
CA ALA N 203 3.03 -17.68 -18.46
C ALA N 203 3.20 -18.38 -17.09
N ALA N 204 2.64 -17.81 -16.02
CA ALA N 204 2.67 -18.41 -14.68
C ALA N 204 1.94 -19.76 -14.72
N GLY N 205 0.73 -19.77 -15.28
CA GLY N 205 -0.08 -20.99 -15.33
C GLY N 205 0.57 -22.14 -16.11
N ILE N 206 1.10 -21.86 -17.30
CA ILE N 206 1.66 -22.96 -18.16
C ILE N 206 3.03 -23.35 -17.60
N THR N 207 3.68 -22.44 -16.88
CA THR N 207 4.92 -22.79 -16.12
C THR N 207 4.61 -23.79 -15.01
N MET N 208 3.55 -23.55 -14.25
N MET N 208 3.52 -23.58 -14.28
CA MET N 208 3.07 -24.50 -13.21
CA MET N 208 3.10 -24.50 -13.20
C MET N 208 2.74 -25.85 -13.87
C MET N 208 2.63 -25.83 -13.82
N LEU N 209 2.11 -25.81 -15.05
CA LEU N 209 1.75 -27.07 -15.75
C LEU N 209 3.07 -27.79 -16.10
N LEU N 210 4.05 -27.03 -16.56
CA LEU N 210 5.39 -27.57 -16.93
C LEU N 210 6.02 -28.25 -15.72
N THR N 211 5.94 -27.60 -14.58
CA THR N 211 6.57 -28.10 -13.33
C THR N 211 5.78 -29.30 -12.84
N ASP N 212 4.44 -29.29 -12.94
CA ASP N 212 3.66 -30.51 -12.58
C ASP N 212 4.08 -31.68 -13.50
N ARG N 213 4.41 -31.41 -14.77
CA ARG N 213 4.71 -32.49 -15.74
C ARG N 213 6.15 -32.98 -15.54
N ASN N 214 7.07 -32.20 -14.97
CA ASN N 214 8.54 -32.51 -15.05
C ASN N 214 9.31 -32.32 -13.73
N LEU N 215 8.79 -31.60 -12.74
CA LEU N 215 9.55 -31.36 -11.48
C LEU N 215 8.78 -31.86 -10.26
N ASN N 216 7.70 -32.59 -10.46
CA ASN N 216 6.92 -33.26 -9.39
C ASN N 216 6.24 -32.21 -8.48
N THR N 217 5.92 -31.04 -9.01
CA THR N 217 4.95 -30.11 -8.38
C THR N 217 3.55 -30.69 -8.51
N THR N 218 2.63 -30.15 -7.72
CA THR N 218 1.23 -30.63 -7.67
C THR N 218 0.29 -29.43 -7.61
N PHE N 219 0.59 -28.37 -8.35
CA PHE N 219 -0.31 -27.18 -8.44
C PHE N 219 -1.72 -27.63 -8.81
N PHE N 220 -1.85 -28.59 -9.73
CA PHE N 220 -3.14 -28.94 -10.39
C PHE N 220 -3.51 -30.39 -10.08
N ASP N 221 -2.73 -31.03 -9.21
CA ASP N 221 -2.86 -32.47 -8.89
C ASP N 221 -3.44 -32.63 -7.51
N PRO N 222 -4.72 -33.08 -7.38
CA PRO N 222 -5.34 -33.27 -6.06
C PRO N 222 -4.55 -34.17 -5.09
N ALA N 223 -3.79 -35.14 -5.62
CA ALA N 223 -2.97 -35.99 -4.73
C ALA N 223 -2.01 -35.15 -3.87
N GLY N 224 -1.50 -34.03 -4.37
CA GLY N 224 -0.62 -33.12 -3.60
C GLY N 224 -1.39 -31.97 -2.96
N GLY N 225 -2.72 -31.95 -3.04
CA GLY N 225 -3.52 -30.82 -2.54
C GLY N 225 -3.75 -29.75 -3.59
N GLY N 226 -3.43 -30.06 -4.85
CA GLY N 226 -3.67 -29.14 -5.98
C GLY N 226 -5.08 -29.24 -6.50
N ASP N 227 -5.36 -28.50 -7.56
CA ASP N 227 -6.75 -28.29 -8.05
C ASP N 227 -6.70 -28.02 -9.54
N PRO N 228 -7.22 -28.96 -10.37
CA PRO N 228 -7.28 -28.73 -11.81
C PRO N 228 -7.99 -27.42 -12.11
N ILE N 229 -8.93 -27.01 -11.25
CA ILE N 229 -9.73 -25.78 -11.55
C ILE N 229 -8.85 -24.52 -11.37
N LEU N 230 -7.77 -24.59 -10.56
CA LEU N 230 -6.85 -23.43 -10.47
C LEU N 230 -6.28 -23.14 -11.88
N TYR N 231 -5.90 -24.17 -12.62
CA TYR N 231 -5.32 -23.96 -13.97
C TYR N 231 -6.33 -23.15 -14.81
N GLN N 232 -7.58 -23.59 -14.76
CA GLN N 232 -8.68 -22.96 -15.52
C GLN N 232 -8.76 -21.46 -15.22
N HIS N 233 -8.76 -21.09 -13.93
CA HIS N 233 -8.76 -19.67 -13.53
C HIS N 233 -7.57 -18.94 -14.17
N LEU N 234 -6.37 -19.49 -14.03
CA LEU N 234 -5.17 -18.78 -14.53
C LEU N 234 -5.26 -18.64 -16.06
N PHE N 235 -5.65 -19.73 -16.72
CA PHE N 235 -5.75 -19.74 -18.21
C PHE N 235 -6.77 -18.69 -18.63
N TRP N 236 -7.97 -18.74 -18.07
CA TRP N 236 -9.05 -17.84 -18.54
C TRP N 236 -8.82 -16.39 -18.11
N PHE N 237 -8.09 -16.15 -17.02
CA PHE N 237 -7.71 -14.77 -16.62
C PHE N 237 -6.96 -14.10 -17.79
N PHE N 238 -6.17 -14.88 -18.53
CA PHE N 238 -5.54 -14.49 -19.80
C PHE N 238 -6.54 -14.60 -20.96
N GLY N 239 -7.23 -15.72 -21.06
CA GLY N 239 -7.99 -16.14 -22.25
C GLY N 239 -9.15 -15.19 -22.59
N HIS N 240 -9.84 -14.62 -21.59
CA HIS N 240 -10.89 -13.62 -21.96
C HIS N 240 -10.21 -12.35 -22.49
N PRO N 241 -9.25 -11.69 -21.78
CA PRO N 241 -8.53 -10.58 -22.38
C PRO N 241 -8.03 -10.94 -23.79
N GLU N 242 -7.54 -12.17 -23.99
CA GLU N 242 -7.01 -12.60 -25.32
C GLU N 242 -8.06 -12.38 -26.43
N VAL N 243 -9.34 -12.65 -26.18
CA VAL N 243 -10.30 -12.47 -27.30
C VAL N 243 -10.50 -10.98 -27.59
N TYR N 244 -10.39 -10.11 -26.59
CA TYR N 244 -10.44 -8.64 -26.81
C TYR N 244 -9.16 -8.17 -27.54
N ILE N 245 -8.01 -8.77 -27.24
CA ILE N 245 -6.76 -8.59 -28.00
C ILE N 245 -6.99 -8.94 -29.47
N LEU N 246 -7.72 -10.03 -29.76
CA LEU N 246 -7.91 -10.49 -31.14
C LEU N 246 -8.83 -9.53 -31.88
N ILE N 247 -9.77 -8.89 -31.20
CA ILE N 247 -10.76 -8.07 -31.93
C ILE N 247 -10.43 -6.56 -31.91
N LEU N 248 -9.78 -6.03 -30.87
CA LEU N 248 -9.61 -4.55 -30.75
C LEU N 248 -8.90 -3.93 -31.95
N PRO N 249 -7.74 -4.44 -32.43
CA PRO N 249 -7.13 -3.85 -33.60
C PRO N 249 -8.08 -3.93 -34.81
N GLY N 250 -8.91 -4.97 -34.85
CA GLY N 250 -9.94 -5.13 -35.88
C GLY N 250 -10.96 -3.99 -35.79
N PHE N 251 -11.42 -3.68 -34.57
CA PHE N 251 -12.27 -2.48 -34.35
C PHE N 251 -11.57 -1.21 -34.87
N GLY N 252 -10.28 -1.07 -34.59
CA GLY N 252 -9.55 0.11 -35.07
C GLY N 252 -9.53 0.21 -36.59
N MET N 253 -9.27 -0.92 -37.28
CA MET N 253 -9.18 -0.93 -38.76
C MET N 253 -10.57 -0.66 -39.33
N ILE N 254 -11.58 -1.23 -38.71
CA ILE N 254 -13.00 -1.01 -39.17
C ILE N 254 -13.32 0.47 -39.08
N SER N 255 -12.97 1.16 -37.98
CA SER N 255 -13.24 2.61 -37.84
C SER N 255 -12.58 3.38 -39.00
N HIS N 256 -11.33 3.06 -39.36
CA HIS N 256 -10.61 3.74 -40.48
C HIS N 256 -11.30 3.43 -41.81
N ILE N 257 -11.61 2.15 -42.04
CA ILE N 257 -12.18 1.72 -43.35
C ILE N 257 -13.58 2.36 -43.57
N VAL N 258 -14.43 2.29 -42.58
CA VAL N 258 -15.80 2.84 -42.65
C VAL N 258 -15.71 4.35 -42.90
N THR N 259 -14.83 5.04 -42.17
CA THR N 259 -14.66 6.51 -42.29
C THR N 259 -14.22 6.79 -43.74
N TYR N 260 -13.19 6.08 -44.22
CA TYR N 260 -12.56 6.33 -45.53
C TYR N 260 -13.59 6.16 -46.64
N TYR N 261 -14.25 5.02 -46.69
CA TYR N 261 -15.15 4.66 -47.82
C TYR N 261 -16.53 5.30 -47.64
N SER N 262 -16.78 5.98 -46.53
CA SER N 262 -18.01 6.81 -46.41
C SER N 262 -17.69 8.24 -46.88
N GLY N 263 -16.42 8.49 -47.27
CA GLY N 263 -15.96 9.82 -47.72
C GLY N 263 -15.99 10.84 -46.60
N LYS N 264 -15.83 10.41 -45.36
CA LYS N 264 -15.83 11.27 -44.14
C LYS N 264 -14.38 11.61 -43.74
N LYS N 265 -14.20 12.75 -43.11
CA LYS N 265 -12.91 13.21 -42.58
C LYS N 265 -12.65 12.51 -41.25
N GLU N 266 -13.67 11.94 -40.63
CA GLU N 266 -13.61 11.50 -39.21
C GLU N 266 -14.73 10.50 -38.92
N PRO N 267 -14.47 9.57 -38.00
CA PRO N 267 -15.49 8.67 -37.51
C PRO N 267 -16.47 9.45 -36.63
N PHE N 268 -17.68 8.97 -36.58
CA PHE N 268 -18.70 9.51 -35.67
C PHE N 268 -18.28 9.25 -34.20
N GLY N 269 -18.34 10.29 -33.36
CA GLY N 269 -18.26 10.16 -31.89
C GLY N 269 -16.90 9.60 -31.48
N TYR N 270 -15.86 10.28 -31.92
CA TYR N 270 -14.46 9.87 -31.63
C TYR N 270 -14.29 9.52 -30.14
N MET N 271 -14.68 10.42 -29.22
CA MET N 271 -14.38 10.21 -27.79
C MET N 271 -15.21 9.03 -27.27
N GLY N 272 -16.43 8.85 -27.79
CA GLY N 272 -17.21 7.61 -27.51
C GLY N 272 -16.47 6.32 -27.93
N MET N 273 -15.82 6.33 -29.10
CA MET N 273 -15.08 5.16 -29.60
C MET N 273 -13.88 4.87 -28.67
N VAL N 274 -13.19 5.91 -28.21
CA VAL N 274 -12.05 5.72 -27.27
C VAL N 274 -12.61 5.17 -25.96
N TRP N 275 -13.68 5.76 -25.44
CA TRP N 275 -14.33 5.31 -24.20
C TRP N 275 -14.69 3.82 -24.35
N ALA N 276 -15.33 3.48 -25.47
CA ALA N 276 -15.86 2.11 -25.67
C ALA N 276 -14.69 1.12 -25.65
N MET N 277 -13.61 1.45 -26.34
CA MET N 277 -12.47 0.50 -26.39
C MET N 277 -11.84 0.37 -25.00
N MET N 278 -11.71 1.47 -24.26
N MET N 278 -11.70 1.48 -24.27
CA MET N 278 -11.09 1.39 -22.90
CA MET N 278 -11.13 1.48 -22.91
C MET N 278 -12.04 0.62 -21.96
C MET N 278 -12.04 0.63 -22.00
N SER N 279 -13.36 0.82 -22.11
CA SER N 279 -14.36 0.11 -21.30
C SER N 279 -14.28 -1.39 -21.59
N ILE N 280 -14.21 -1.77 -22.87
CA ILE N 280 -14.16 -3.19 -23.25
C ILE N 280 -12.86 -3.78 -22.66
N GLY N 281 -11.75 -3.07 -22.78
CA GLY N 281 -10.46 -3.59 -22.25
C GLY N 281 -10.54 -3.82 -20.73
N PHE N 282 -11.14 -2.89 -20.02
CA PHE N 282 -11.26 -3.00 -18.54
C PHE N 282 -12.24 -4.15 -18.18
N LEU N 283 -13.44 -4.15 -18.73
CA LEU N 283 -14.44 -5.19 -18.41
C LEU N 283 -13.89 -6.58 -18.80
N GLY N 284 -13.11 -6.66 -19.86
CA GLY N 284 -12.51 -7.93 -20.29
C GLY N 284 -11.63 -8.61 -19.25
N PHE N 285 -11.20 -7.92 -18.19
CA PHE N 285 -10.39 -8.50 -17.10
C PHE N 285 -11.23 -9.05 -15.95
N ILE N 286 -12.57 -8.80 -15.90
CA ILE N 286 -13.35 -9.15 -14.68
C ILE N 286 -14.47 -10.15 -15.01
N VAL N 287 -14.32 -10.91 -16.10
CA VAL N 287 -15.41 -11.76 -16.62
C VAL N 287 -14.98 -13.21 -16.87
N TRP N 288 -13.72 -13.58 -16.59
CA TRP N 288 -13.09 -14.79 -17.14
C TRP N 288 -13.89 -16.04 -16.79
N ALA N 289 -14.54 -16.09 -15.62
CA ALA N 289 -15.17 -17.35 -15.13
C ALA N 289 -16.46 -17.68 -15.91
N HIS N 290 -16.88 -16.89 -16.90
CA HIS N 290 -17.94 -17.33 -17.84
C HIS N 290 -17.47 -18.49 -18.75
N HIS N 291 -16.18 -18.85 -18.71
CA HIS N 291 -15.65 -20.08 -19.33
C HIS N 291 -15.73 -21.27 -18.35
N MET N 292 -16.34 -21.10 -17.17
CA MET N 292 -16.31 -22.11 -16.08
C MET N 292 -17.68 -22.26 -15.41
N PHE N 293 -18.78 -21.97 -16.10
CA PHE N 293 -20.11 -22.05 -15.48
C PHE N 293 -20.54 -23.49 -15.16
N THR N 294 -19.86 -24.52 -15.70
CA THR N 294 -20.21 -25.93 -15.36
C THR N 294 -19.19 -26.59 -14.40
N VAL N 295 -18.22 -25.88 -13.85
CA VAL N 295 -17.15 -26.56 -13.04
C VAL N 295 -17.60 -26.72 -11.57
N GLY N 296 -18.75 -26.15 -11.20
CA GLY N 296 -19.25 -26.23 -9.82
C GLY N 296 -18.92 -25.02 -8.96
N MET N 297 -18.81 -23.79 -9.47
N MET N 297 -19.43 -23.93 -9.48
CA MET N 297 -18.61 -22.58 -8.59
CA MET N 297 -19.25 -22.54 -9.04
C MET N 297 -19.92 -22.26 -7.86
C MET N 297 -20.41 -22.17 -8.12
N ASP N 298 -19.89 -21.34 -6.88
N ASP N 298 -20.12 -21.60 -6.94
CA ASP N 298 -21.05 -20.92 -6.05
CA ASP N 298 -21.19 -21.07 -6.07
C ASP N 298 -22.06 -20.14 -6.93
C ASP N 298 -22.09 -20.20 -6.95
N VAL N 299 -23.37 -20.20 -6.61
CA VAL N 299 -24.44 -19.50 -7.38
C VAL N 299 -24.19 -17.98 -7.42
N ASP N 300 -23.75 -17.33 -6.34
CA ASP N 300 -23.57 -15.85 -6.35
C ASP N 300 -22.43 -15.47 -7.31
N THR N 301 -21.40 -16.30 -7.38
CA THR N 301 -20.28 -16.13 -8.31
C THR N 301 -20.82 -16.23 -9.74
N ARG N 302 -21.65 -17.22 -10.02
CA ARG N 302 -22.21 -17.39 -11.37
C ARG N 302 -23.06 -16.17 -11.69
N ALA N 303 -23.77 -15.64 -10.70
CA ALA N 303 -24.65 -14.48 -10.92
C ALA N 303 -23.80 -13.24 -11.27
N TYR N 304 -22.71 -13.04 -10.55
CA TYR N 304 -21.75 -11.94 -10.79
C TYR N 304 -21.21 -12.07 -12.22
N PHE N 305 -20.71 -13.24 -12.58
CA PHE N 305 -20.02 -13.37 -13.89
C PHE N 305 -21.04 -13.24 -15.03
N THR N 306 -22.27 -13.67 -14.81
CA THR N 306 -23.34 -13.44 -15.83
C THR N 306 -23.52 -11.93 -16.08
N SER N 307 -23.69 -11.17 -15.00
CA SER N 307 -23.99 -9.72 -15.01
C SER N 307 -22.82 -8.92 -15.61
N ALA N 308 -21.61 -9.16 -15.11
CA ALA N 308 -20.41 -8.43 -15.55
C ALA N 308 -20.19 -8.70 -17.05
N THR N 309 -20.43 -9.93 -17.50
CA THR N 309 -20.19 -10.28 -18.92
C THR N 309 -21.18 -9.49 -19.78
N MET N 310 -22.45 -9.43 -19.38
CA MET N 310 -23.45 -8.77 -20.22
C MET N 310 -23.18 -7.28 -20.39
N ILE N 311 -22.53 -6.65 -19.40
N ILE N 311 -22.65 -6.57 -19.40
CA ILE N 311 -22.22 -5.18 -19.38
CA ILE N 311 -22.57 -5.08 -19.54
C ILE N 311 -21.40 -4.80 -20.62
C ILE N 311 -21.58 -4.69 -20.64
N ILE N 312 -20.53 -5.70 -21.10
N ILE N 312 -20.68 -5.58 -21.04
CA ILE N 312 -19.67 -5.45 -22.28
CA ILE N 312 -19.75 -5.29 -22.16
C ILE N 312 -20.52 -5.08 -23.51
C ILE N 312 -20.54 -5.03 -23.45
N ALA N 313 -21.77 -5.52 -23.58
CA ALA N 313 -22.67 -5.18 -24.72
C ALA N 313 -22.84 -3.65 -24.88
N ILE N 314 -22.80 -2.91 -23.77
CA ILE N 314 -23.11 -1.46 -23.81
C ILE N 314 -22.01 -0.72 -24.58
N PRO N 315 -20.71 -0.76 -24.17
CA PRO N 315 -19.68 -0.08 -24.97
C PRO N 315 -19.60 -0.65 -26.38
N THR N 316 -19.79 -1.98 -26.52
CA THR N 316 -19.69 -2.61 -27.85
C THR N 316 -20.78 -2.01 -28.76
N GLY N 317 -22.01 -1.89 -28.25
CA GLY N 317 -23.10 -1.31 -29.02
C GLY N 317 -22.80 0.14 -29.41
N VAL N 318 -22.14 0.90 -28.54
CA VAL N 318 -21.75 2.29 -28.92
C VAL N 318 -20.87 2.21 -30.18
N LYS N 319 -19.92 1.28 -30.25
CA LYS N 319 -19.07 1.23 -31.45
C LYS N 319 -19.94 0.87 -32.66
N VAL N 320 -20.82 -0.11 -32.54
CA VAL N 320 -21.59 -0.60 -33.71
C VAL N 320 -22.44 0.56 -34.21
N PHE N 321 -23.12 1.25 -33.30
CA PHE N 321 -24.00 2.37 -33.70
C PHE N 321 -23.14 3.52 -34.27
N SER N 322 -21.93 3.70 -33.76
CA SER N 322 -21.01 4.76 -34.24
C SER N 322 -20.55 4.46 -35.68
N TRP N 323 -20.27 3.19 -36.00
CA TRP N 323 -19.94 2.80 -37.40
C TRP N 323 -21.14 3.08 -38.31
N LEU N 324 -22.33 2.71 -37.85
CA LEU N 324 -23.53 3.03 -38.66
C LEU N 324 -23.67 4.55 -38.83
N ALA N 325 -23.43 5.34 -37.81
CA ALA N 325 -23.57 6.81 -37.92
C ALA N 325 -22.40 7.42 -38.73
N THR N 326 -21.28 6.73 -38.91
CA THR N 326 -20.21 7.18 -39.82
C THR N 326 -20.70 7.01 -41.27
N LEU N 327 -21.32 5.86 -41.61
CA LEU N 327 -21.90 5.60 -42.95
C LEU N 327 -22.95 6.67 -43.24
N HIS N 328 -23.72 7.03 -42.21
CA HIS N 328 -24.87 7.98 -42.35
C HIS N 328 -24.43 9.29 -43.05
N GLY N 329 -25.04 9.59 -44.20
CA GLY N 329 -24.73 10.80 -44.96
C GLY N 329 -23.47 10.71 -45.80
N GLY N 330 -22.88 9.52 -45.90
CA GLY N 330 -21.65 9.37 -46.66
C GLY N 330 -21.89 9.36 -48.16
N ASN N 331 -20.90 9.79 -48.91
CA ASN N 331 -20.76 9.47 -50.37
C ASN N 331 -20.09 8.10 -50.38
N ILE N 332 -20.88 7.03 -50.43
CA ILE N 332 -20.36 5.66 -50.17
C ILE N 332 -19.60 5.15 -51.40
N LYS N 333 -18.38 4.72 -51.19
CA LYS N 333 -17.60 4.05 -52.24
C LYS N 333 -17.68 2.56 -51.92
N TRP N 334 -18.27 1.79 -52.83
CA TRP N 334 -18.48 0.33 -52.65
C TRP N 334 -17.20 -0.43 -53.02
N SER N 335 -16.10 -0.03 -52.44
CA SER N 335 -14.81 -0.76 -52.59
C SER N 335 -14.90 -2.17 -51.98
N PRO N 336 -13.99 -3.09 -52.35
CA PRO N 336 -13.92 -4.37 -51.67
C PRO N 336 -13.69 -4.20 -50.16
N ALA N 337 -12.84 -3.26 -49.74
CA ALA N 337 -12.58 -3.04 -48.29
C ALA N 337 -13.88 -2.63 -47.56
N MET N 338 -14.68 -1.77 -48.17
CA MET N 338 -15.99 -1.41 -47.58
C MET N 338 -16.87 -2.65 -47.43
N MET N 339 -16.87 -3.54 -48.41
CA MET N 339 -17.69 -4.79 -48.33
C MET N 339 -17.25 -5.63 -47.11
N TRP N 340 -15.94 -5.85 -46.93
CA TRP N 340 -15.40 -6.55 -45.76
C TRP N 340 -15.93 -5.85 -44.49
N ALA N 341 -15.86 -4.51 -44.42
CA ALA N 341 -16.20 -3.75 -43.20
C ALA N 341 -17.71 -3.87 -42.95
N LEU N 342 -18.54 -3.83 -43.99
CA LEU N 342 -20.00 -3.93 -43.79
C LEU N 342 -20.34 -5.35 -43.33
N GLY N 343 -19.71 -6.37 -43.92
CA GLY N 343 -19.86 -7.75 -43.47
C GLY N 343 -19.47 -7.88 -42.00
N PHE N 344 -18.33 -7.28 -41.63
CA PHE N 344 -17.88 -7.22 -40.22
C PHE N 344 -19.01 -6.70 -39.33
N ILE N 345 -19.56 -5.55 -39.65
CA ILE N 345 -20.47 -4.89 -38.69
C ILE N 345 -21.64 -5.86 -38.41
N PHE N 346 -22.19 -6.49 -39.43
CA PHE N 346 -23.39 -7.35 -39.28
C PHE N 346 -23.00 -8.65 -38.58
N LEU N 347 -21.97 -9.32 -39.08
CA LEU N 347 -21.60 -10.69 -38.62
C LEU N 347 -20.98 -10.64 -37.22
N PHE N 348 -20.16 -9.62 -36.94
CA PHE N 348 -19.66 -9.42 -35.55
C PHE N 348 -20.86 -9.20 -34.61
N THR N 349 -21.84 -8.41 -35.03
CA THR N 349 -23.04 -8.18 -34.17
C THR N 349 -23.70 -9.55 -33.85
N VAL N 350 -23.90 -10.40 -34.86
CA VAL N 350 -24.55 -11.72 -34.66
C VAL N 350 -23.71 -12.48 -33.64
N GLY N 351 -22.40 -12.54 -33.84
CA GLY N 351 -21.61 -13.35 -32.91
C GLY N 351 -21.61 -12.75 -31.51
N GLY N 352 -21.60 -11.42 -31.43
CA GLY N 352 -21.66 -10.73 -30.14
C GLY N 352 -22.92 -11.11 -29.40
N LEU N 353 -24.00 -11.16 -30.14
CA LEU N 353 -25.31 -11.44 -29.53
C LEU N 353 -25.37 -12.91 -29.04
N THR N 354 -24.82 -13.87 -29.78
CA THR N 354 -24.78 -15.27 -29.28
C THR N 354 -23.83 -15.32 -28.06
N GLY N 355 -22.84 -14.42 -27.98
CA GLY N 355 -22.03 -14.27 -26.74
C GLY N 355 -22.92 -13.91 -25.56
N ILE N 356 -23.85 -12.96 -25.77
CA ILE N 356 -24.73 -12.51 -24.68
C ILE N 356 -25.64 -13.67 -24.25
N VAL N 357 -26.07 -14.50 -25.18
CA VAL N 357 -26.85 -15.74 -24.86
C VAL N 357 -26.05 -16.60 -23.88
N LEU N 358 -24.80 -16.87 -24.22
CA LEU N 358 -23.87 -17.72 -23.46
C LEU N 358 -23.51 -17.10 -22.11
N ALA N 359 -23.58 -15.77 -21.96
CA ALA N 359 -23.27 -15.04 -20.69
C ALA N 359 -24.23 -15.50 -19.59
N ASN N 360 -25.40 -15.98 -19.96
CA ASN N 360 -26.40 -16.42 -18.98
C ASN N 360 -26.01 -17.79 -18.44
N SER N 361 -25.45 -17.84 -17.22
N SER N 361 -25.50 -17.85 -17.19
CA SER N 361 -24.92 -19.11 -16.64
CA SER N 361 -24.99 -19.09 -16.55
C SER N 361 -25.97 -20.23 -16.73
C SER N 361 -26.07 -20.18 -16.51
N SER N 362 -27.22 -19.97 -16.37
N SER N 362 -27.35 -19.81 -16.48
CA SER N 362 -28.31 -20.97 -16.44
CA SER N 362 -28.49 -20.75 -16.42
C SER N 362 -28.40 -21.61 -17.83
C SER N 362 -28.61 -21.53 -17.76
N LEU N 363 -28.58 -20.82 -18.89
CA LEU N 363 -28.65 -21.40 -20.24
C LEU N 363 -27.29 -22.01 -20.63
N ASP N 364 -26.20 -21.38 -20.22
CA ASP N 364 -24.85 -21.90 -20.52
C ASP N 364 -24.71 -23.37 -20.04
N ILE N 365 -25.46 -23.81 -19.03
CA ILE N 365 -25.33 -25.22 -18.56
C ILE N 365 -25.53 -26.10 -19.79
N VAL N 366 -26.56 -25.77 -20.58
CA VAL N 366 -26.96 -26.61 -21.72
C VAL N 366 -26.10 -26.29 -22.95
N LEU N 367 -25.59 -25.06 -23.09
CA LEU N 367 -24.86 -24.68 -24.33
C LEU N 367 -23.35 -24.92 -24.17
N HIS N 368 -22.86 -24.99 -22.93
CA HIS N 368 -21.40 -25.12 -22.65
C HIS N 368 -20.86 -26.41 -23.30
N ASP N 369 -19.70 -26.33 -23.92
CA ASP N 369 -19.04 -27.52 -24.49
C ASP N 369 -19.93 -28.13 -25.59
N THR N 370 -20.68 -27.29 -26.28
CA THR N 370 -21.42 -27.66 -27.50
C THR N 370 -21.01 -26.75 -28.65
N TYR N 371 -21.51 -27.10 -29.85
CA TYR N 371 -21.28 -26.34 -31.09
C TYR N 371 -21.96 -24.97 -31.00
N TYR N 372 -22.80 -24.65 -30.01
CA TYR N 372 -23.32 -23.26 -29.92
C TYR N 372 -22.15 -22.30 -29.64
N VAL N 373 -21.26 -22.74 -28.77
CA VAL N 373 -20.06 -21.93 -28.45
C VAL N 373 -19.20 -21.76 -29.71
N VAL N 374 -19.00 -22.85 -30.44
CA VAL N 374 -18.19 -22.87 -31.70
C VAL N 374 -18.80 -21.86 -32.71
N ALA N 375 -20.13 -21.84 -32.83
CA ALA N 375 -20.84 -20.87 -33.69
C ALA N 375 -20.54 -19.44 -33.22
N HIS N 376 -20.69 -19.17 -31.93
CA HIS N 376 -20.44 -17.83 -31.37
C HIS N 376 -19.02 -17.39 -31.77
N PHE N 377 -18.02 -18.17 -31.42
CA PHE N 377 -16.64 -17.65 -31.58
C PHE N 377 -16.23 -17.59 -33.06
N HIS N 378 -16.78 -18.41 -33.96
CA HIS N 378 -16.42 -18.32 -35.39
C HIS N 378 -17.08 -17.09 -36.04
N TYR N 379 -18.28 -16.70 -35.58
CA TYR N 379 -18.87 -15.45 -36.09
C TYR N 379 -17.92 -14.30 -35.75
N VAL N 380 -17.42 -14.22 -34.50
CA VAL N 380 -16.59 -13.06 -34.08
C VAL N 380 -15.15 -13.22 -34.59
N LEU N 381 -14.64 -14.46 -34.80
CA LEU N 381 -13.22 -14.67 -35.26
C LEU N 381 -13.13 -14.85 -36.78
N SER N 382 -13.79 -15.85 -37.35
CA SER N 382 -13.72 -16.17 -38.79
C SER N 382 -14.56 -15.17 -39.60
N MET N 383 -15.48 -14.46 -38.99
CA MET N 383 -16.20 -13.38 -39.71
C MET N 383 -15.92 -11.98 -39.15
N GLY N 384 -15.51 -11.80 -37.94
CA GLY N 384 -15.12 -10.48 -37.39
C GLY N 384 -13.63 -10.24 -37.57
N ALA N 385 -12.80 -10.90 -36.79
CA ALA N 385 -11.35 -10.67 -36.88
C ALA N 385 -10.90 -10.84 -38.34
N VAL N 386 -11.30 -11.93 -39.01
CA VAL N 386 -10.79 -12.20 -40.38
C VAL N 386 -11.31 -11.13 -41.36
N PHE N 387 -12.57 -10.71 -41.25
CA PHE N 387 -13.11 -9.70 -42.19
C PHE N 387 -12.34 -8.38 -41.99
N ALA N 388 -12.03 -8.02 -40.72
CA ALA N 388 -11.27 -6.80 -40.44
C ALA N 388 -9.88 -6.95 -41.09
N ILE N 389 -9.26 -8.11 -40.95
CA ILE N 389 -7.93 -8.35 -41.58
C ILE N 389 -8.05 -8.23 -43.10
N MET N 390 -9.07 -8.83 -43.71
CA MET N 390 -9.16 -8.81 -45.19
C MET N 390 -9.47 -7.38 -45.65
N GLY N 391 -10.31 -6.67 -44.90
CA GLY N 391 -10.62 -5.26 -45.20
C GLY N 391 -9.38 -4.38 -45.14
N GLY N 392 -8.61 -4.55 -44.08
CA GLY N 392 -7.38 -3.77 -43.89
C GLY N 392 -6.38 -4.16 -44.96
N PHE N 393 -6.33 -5.44 -45.29
CA PHE N 393 -5.35 -5.90 -46.31
C PHE N 393 -5.67 -5.27 -47.68
N VAL N 394 -6.93 -5.31 -48.12
N VAL N 394 -6.93 -5.36 -48.09
CA VAL N 394 -7.21 -4.78 -49.49
CA VAL N 394 -7.36 -4.80 -49.39
C VAL N 394 -7.13 -3.25 -49.45
C VAL N 394 -7.06 -3.29 -49.39
N HIS N 395 -7.45 -2.62 -48.31
CA HIS N 395 -7.38 -1.13 -48.21
C HIS N 395 -5.92 -0.68 -48.27
N TRP N 396 -5.05 -1.32 -47.48
CA TRP N 396 -3.64 -0.83 -47.30
C TRP N 396 -2.62 -1.56 -48.17
N PHE N 397 -3.02 -2.59 -48.90
CA PHE N 397 -2.07 -3.29 -49.81
C PHE N 397 -1.39 -2.28 -50.72
N PRO N 398 -2.13 -1.32 -51.33
CA PRO N 398 -1.45 -0.37 -52.23
C PRO N 398 -0.44 0.53 -51.51
N LEU N 399 -0.68 0.86 -50.25
CA LEU N 399 0.30 1.66 -49.46
C LEU N 399 1.56 0.82 -49.29
N PHE N 400 1.39 -0.44 -48.88
CA PHE N 400 2.55 -1.26 -48.47
C PHE N 400 3.40 -1.64 -49.69
N SER N 401 2.72 -1.95 -50.82
CA SER N 401 3.32 -2.54 -52.05
C SER N 401 3.64 -1.48 -53.09
N GLY N 402 2.83 -0.41 -53.18
CA GLY N 402 2.92 0.54 -54.31
C GLY N 402 2.08 0.11 -55.50
N TYR N 403 1.36 -1.03 -55.40
CA TYR N 403 0.57 -1.61 -56.52
C TYR N 403 -0.91 -1.72 -56.16
N THR N 404 -1.78 -1.56 -57.16
CA THR N 404 -3.24 -1.75 -56.96
C THR N 404 -3.63 -3.22 -57.17
N LEU N 405 -4.64 -3.66 -56.44
CA LEU N 405 -5.38 -4.92 -56.68
C LEU N 405 -6.36 -4.72 -57.81
N ASN N 406 -6.85 -5.82 -58.39
CA ASN N 406 -8.00 -5.78 -59.32
C ASN N 406 -9.26 -5.74 -58.43
N ASP N 407 -9.98 -4.64 -58.42
CA ASP N 407 -11.15 -4.48 -57.51
C ASP N 407 -12.22 -5.55 -57.82
N THR N 408 -12.42 -5.88 -59.08
CA THR N 408 -13.45 -6.88 -59.45
C THR N 408 -13.09 -8.23 -58.83
N TRP N 409 -11.86 -8.68 -58.99
CA TRP N 409 -11.43 -9.94 -58.34
C TRP N 409 -11.65 -9.87 -56.82
N ALA N 410 -11.30 -8.75 -56.18
CA ALA N 410 -11.38 -8.66 -54.70
C ALA N 410 -12.85 -8.76 -54.30
N LYS N 411 -13.76 -8.23 -55.13
CA LYS N 411 -15.21 -8.32 -54.82
C LYS N 411 -15.68 -9.77 -54.95
N ILE N 412 -15.21 -10.47 -55.98
CA ILE N 412 -15.52 -11.92 -56.20
C ILE N 412 -15.04 -12.69 -54.96
N HIS N 413 -13.81 -12.41 -54.53
CA HIS N 413 -13.21 -13.04 -53.34
C HIS N 413 -14.11 -12.84 -52.10
N PHE N 414 -14.50 -11.60 -51.84
CA PHE N 414 -15.44 -11.27 -50.75
C PHE N 414 -16.72 -12.13 -50.83
N ALA N 415 -17.34 -12.18 -52.00
CA ALA N 415 -18.64 -12.87 -52.20
C ALA N 415 -18.48 -14.36 -51.86
N ILE N 416 -17.39 -14.99 -52.35
CA ILE N 416 -17.15 -16.43 -52.13
C ILE N 416 -16.96 -16.66 -50.62
N MET N 417 -16.11 -15.87 -50.00
N MET N 417 -16.09 -15.88 -49.99
CA MET N 417 -15.79 -16.01 -48.55
CA MET N 417 -15.82 -16.07 -48.53
C MET N 417 -17.08 -15.80 -47.72
C MET N 417 -17.12 -15.84 -47.73
N PHE N 418 -17.91 -14.81 -48.06
CA PHE N 418 -19.15 -14.52 -47.32
C PHE N 418 -20.04 -15.78 -47.32
N VAL N 419 -20.21 -16.40 -48.48
CA VAL N 419 -21.08 -17.60 -48.63
C VAL N 419 -20.44 -18.72 -47.79
N GLY N 420 -19.14 -18.96 -47.95
CA GLY N 420 -18.46 -20.09 -47.30
C GLY N 420 -18.55 -20.02 -45.76
N VAL N 421 -18.21 -18.90 -45.17
CA VAL N 421 -18.18 -18.83 -43.67
C VAL N 421 -19.62 -18.95 -43.14
N ASN N 422 -20.60 -18.37 -43.81
CA ASN N 422 -21.98 -18.44 -43.30
C ASN N 422 -22.48 -19.90 -43.44
N MET N 423 -22.18 -20.56 -44.57
N MET N 423 -22.19 -20.55 -44.57
CA MET N 423 -22.61 -21.97 -44.76
CA MET N 423 -22.61 -21.97 -44.73
C MET N 423 -21.89 -22.86 -43.73
C MET N 423 -21.91 -22.85 -43.70
N THR N 424 -20.65 -22.52 -43.39
CA THR N 424 -19.86 -23.31 -42.40
C THR N 424 -20.51 -23.19 -41.02
N PHE N 425 -20.76 -21.95 -40.54
CA PHE N 425 -20.98 -21.73 -39.09
C PHE N 425 -22.45 -21.56 -38.75
N PHE N 426 -23.28 -21.07 -39.66
CA PHE N 426 -24.70 -20.82 -39.29
C PHE N 426 -25.35 -22.11 -38.78
N PRO N 427 -25.23 -23.25 -39.47
CA PRO N 427 -25.86 -24.48 -38.99
C PRO N 427 -25.27 -25.00 -37.67
N GLN N 428 -24.09 -24.50 -37.25
CA GLN N 428 -23.52 -24.97 -35.97
C GLN N 428 -24.38 -24.47 -34.80
N HIS N 429 -25.18 -23.43 -34.97
CA HIS N 429 -26.14 -23.03 -33.90
C HIS N 429 -27.11 -24.20 -33.61
N PHE N 430 -27.63 -24.83 -34.66
CA PHE N 430 -28.63 -25.91 -34.56
C PHE N 430 -27.98 -27.11 -33.85
N LEU N 431 -26.77 -27.45 -34.28
CA LEU N 431 -25.99 -28.57 -33.70
C LEU N 431 -25.81 -28.32 -32.19
N GLY N 432 -25.46 -27.10 -31.80
CA GLY N 432 -25.30 -26.69 -30.40
C GLY N 432 -26.59 -26.80 -29.59
N LEU N 433 -27.68 -26.19 -30.04
CA LEU N 433 -28.97 -26.23 -29.30
C LEU N 433 -29.42 -27.68 -29.16
N SER N 434 -29.21 -28.51 -30.18
CA SER N 434 -29.64 -29.93 -30.19
C SER N 434 -28.63 -30.84 -29.44
N GLY N 435 -27.48 -30.32 -29.00
CA GLY N 435 -26.63 -31.00 -27.99
C GLY N 435 -25.34 -31.63 -28.54
N MET N 436 -24.90 -31.28 -29.74
CA MET N 436 -23.62 -31.85 -30.27
C MET N 436 -22.46 -31.27 -29.47
N PRO N 437 -21.66 -32.13 -28.76
CA PRO N 437 -20.51 -31.65 -28.00
C PRO N 437 -19.35 -31.17 -28.88
N ARG N 438 -18.50 -30.33 -28.29
CA ARG N 438 -17.22 -29.89 -28.88
C ARG N 438 -16.19 -31.04 -28.81
N ARG N 439 -15.20 -30.97 -29.68
CA ARG N 439 -13.99 -31.83 -29.62
C ARG N 439 -14.34 -33.30 -29.91
N TYR N 440 -15.37 -33.54 -30.71
CA TYR N 440 -15.83 -34.88 -31.18
C TYR N 440 -15.37 -35.15 -32.62
N SER N 441 -14.73 -36.30 -32.86
CA SER N 441 -14.38 -36.79 -34.21
C SER N 441 -15.60 -37.42 -34.91
N ASP N 442 -16.64 -37.77 -34.17
CA ASP N 442 -17.87 -38.36 -34.73
C ASP N 442 -19.08 -38.02 -33.86
N TYR N 443 -20.27 -38.17 -34.44
CA TYR N 443 -21.53 -37.70 -33.84
C TYR N 443 -22.62 -38.71 -34.07
N PRO N 444 -23.58 -38.79 -33.12
CA PRO N 444 -24.82 -39.52 -33.37
C PRO N 444 -25.46 -39.09 -34.69
N ASP N 445 -26.19 -40.04 -35.28
CA ASP N 445 -26.67 -39.99 -36.69
C ASP N 445 -27.57 -38.76 -36.91
N ALA N 446 -28.35 -38.37 -35.91
CA ALA N 446 -29.29 -37.23 -36.02
C ALA N 446 -28.57 -35.93 -36.45
N TYR N 447 -27.29 -35.76 -36.15
CA TYR N 447 -26.56 -34.50 -36.41
C TYR N 447 -25.97 -34.47 -37.82
N THR N 448 -26.20 -35.50 -38.67
CA THR N 448 -25.55 -35.65 -39.98
C THR N 448 -25.82 -34.44 -40.91
N MET N 449 -27.06 -34.03 -41.10
CA MET N 449 -27.39 -33.01 -42.13
C MET N 449 -26.57 -31.75 -41.89
N TRP N 450 -26.65 -31.18 -40.70
CA TRP N 450 -25.97 -29.88 -40.46
C TRP N 450 -24.45 -30.07 -40.48
N ASN N 451 -23.91 -31.20 -40.06
CA ASN N 451 -22.44 -31.41 -40.20
C ASN N 451 -22.05 -31.46 -41.70
N THR N 452 -22.87 -32.10 -42.54
CA THR N 452 -22.60 -32.23 -43.98
C THR N 452 -22.56 -30.83 -44.57
N ILE N 453 -23.55 -30.00 -44.26
CA ILE N 453 -23.63 -28.63 -44.84
C ILE N 453 -22.44 -27.80 -44.36
N SER N 454 -22.13 -27.86 -43.06
CA SER N 454 -21.02 -27.10 -42.46
C SER N 454 -19.73 -27.47 -43.21
N SER N 455 -19.49 -28.77 -43.44
CA SER N 455 -18.26 -29.21 -44.15
C SER N 455 -18.23 -28.71 -45.60
N MET N 456 -19.37 -28.69 -46.28
CA MET N 456 -19.46 -28.12 -47.65
C MET N 456 -19.08 -26.62 -47.63
N GLY N 457 -19.55 -25.88 -46.63
CA GLY N 457 -19.18 -24.47 -46.39
C GLY N 457 -17.66 -24.32 -46.28
N SER N 458 -16.99 -25.21 -45.53
CA SER N 458 -15.53 -25.06 -45.31
C SER N 458 -14.79 -25.14 -46.67
N PHE N 459 -15.30 -25.93 -47.61
CA PHE N 459 -14.68 -26.09 -48.94
C PHE N 459 -14.86 -24.79 -49.73
N ILE N 460 -16.00 -24.13 -49.57
CA ILE N 460 -16.23 -22.83 -50.27
C ILE N 460 -15.19 -21.82 -49.74
N SER N 461 -14.98 -21.75 -48.43
CA SER N 461 -13.97 -20.86 -47.80
C SER N 461 -12.60 -21.24 -48.33
N LEU N 462 -12.32 -22.53 -48.53
CA LEU N 462 -11.01 -22.91 -49.14
C LEU N 462 -10.87 -22.27 -50.53
N THR N 463 -11.93 -22.33 -51.33
CA THR N 463 -11.88 -21.75 -52.71
C THR N 463 -11.52 -20.25 -52.60
N ALA N 464 -12.12 -19.53 -51.66
CA ALA N 464 -11.80 -18.09 -51.42
C ALA N 464 -10.33 -17.93 -51.04
N VAL N 465 -9.78 -18.77 -50.17
CA VAL N 465 -8.36 -18.63 -49.75
C VAL N 465 -7.46 -18.79 -50.98
N MET N 466 -7.74 -19.79 -51.80
CA MET N 466 -6.90 -20.07 -53.00
C MET N 466 -7.01 -18.85 -53.94
N LEU N 467 -8.22 -18.29 -54.09
CA LEU N 467 -8.43 -17.15 -54.99
C LEU N 467 -7.62 -15.95 -54.48
N MET N 468 -7.62 -15.72 -53.18
CA MET N 468 -6.86 -14.59 -52.58
C MET N 468 -5.40 -14.68 -53.00
N VAL N 469 -4.80 -15.87 -52.97
CA VAL N 469 -3.37 -15.99 -53.35
C VAL N 469 -3.22 -15.54 -54.82
N PHE N 470 -4.12 -16.00 -55.69
CA PHE N 470 -4.10 -15.60 -57.11
C PHE N 470 -4.16 -14.09 -57.24
N ILE N 471 -5.06 -13.46 -56.46
CA ILE N 471 -5.35 -12.00 -56.57
C ILE N 471 -4.09 -11.22 -56.19
N ILE N 472 -3.40 -11.69 -55.15
CA ILE N 472 -2.13 -11.05 -54.72
C ILE N 472 -1.10 -11.22 -55.84
N TRP N 473 -1.03 -12.43 -56.42
CA TRP N 473 -0.10 -12.66 -57.55
C TRP N 473 -0.43 -11.72 -58.71
N GLU N 474 -1.71 -11.58 -59.07
CA GLU N 474 -2.07 -10.76 -60.24
C GLU N 474 -1.59 -9.31 -60.01
N ALA N 475 -1.68 -8.78 -58.79
CA ALA N 475 -1.32 -7.39 -58.48
C ALA N 475 0.20 -7.25 -58.67
N PHE N 476 1.00 -8.14 -58.09
CA PHE N 476 2.47 -8.10 -58.29
C PHE N 476 2.86 -8.36 -59.76
N ALA N 477 2.09 -9.20 -60.46
CA ALA N 477 2.38 -9.60 -61.84
C ALA N 477 2.15 -8.43 -62.80
N SER N 478 1.11 -7.63 -62.55
CA SER N 478 0.65 -6.58 -63.49
C SER N 478 1.41 -5.26 -63.24
N LYS N 479 1.78 -4.97 -61.98
CA LYS N 479 2.56 -3.74 -61.61
C LYS N 479 1.83 -2.47 -62.05
N ARG N 480 0.60 -2.27 -61.56
CA ARG N 480 -0.12 -0.97 -61.66
C ARG N 480 0.35 -0.09 -60.48
N GLU N 481 1.22 0.91 -60.73
CA GLU N 481 1.83 1.75 -59.66
C GLU N 481 0.83 2.83 -59.25
N VAL N 482 0.62 2.96 -57.95
CA VAL N 482 -0.30 3.98 -57.38
C VAL N 482 0.23 5.34 -57.78
N LEU N 483 -0.65 6.25 -58.17
CA LEU N 483 -0.32 7.70 -58.26
C LEU N 483 -0.87 8.45 -57.03
N THR N 484 -2.19 8.58 -56.92
CA THR N 484 -2.85 9.33 -55.81
C THR N 484 -3.92 8.51 -55.10
N VAL N 485 -4.19 8.88 -53.85
CA VAL N 485 -5.40 8.45 -53.14
C VAL N 485 -6.07 9.71 -52.60
N ASP N 486 -7.37 9.60 -52.43
CA ASP N 486 -8.19 10.67 -51.86
C ASP N 486 -8.09 10.64 -50.33
N LEU N 487 -8.49 11.74 -49.71
CA LEU N 487 -8.64 11.91 -48.24
C LEU N 487 -7.27 11.82 -47.54
N THR N 488 -6.16 12.21 -48.18
CA THR N 488 -4.87 12.22 -47.44
C THR N 488 -4.91 13.21 -46.27
N THR N 489 -5.75 14.26 -46.33
CA THR N 489 -5.80 15.24 -45.23
C THR N 489 -6.18 14.55 -43.90
N THR N 490 -6.84 13.39 -43.92
CA THR N 490 -7.27 12.71 -42.68
C THR N 490 -6.77 11.27 -42.68
N ASN N 491 -5.71 10.98 -43.42
CA ASN N 491 -5.14 9.62 -43.45
C ASN N 491 -3.62 9.76 -43.70
N LEU N 492 -2.92 10.21 -42.68
CA LEU N 492 -1.50 10.63 -42.76
C LEU N 492 -0.63 9.49 -43.29
N GLU N 493 -1.01 8.23 -43.06
CA GLU N 493 -0.17 7.08 -43.45
C GLU N 493 0.08 7.09 -44.96
N TRP N 494 -0.80 7.71 -45.76
CA TRP N 494 -0.68 7.71 -47.24
C TRP N 494 0.24 8.84 -47.73
N LEU N 495 0.56 9.86 -46.90
CA LEU N 495 1.06 11.16 -47.42
C LEU N 495 2.54 11.08 -47.85
N ASN N 496 3.22 9.96 -47.60
CA ASN N 496 4.64 9.78 -48.07
C ASN N 496 4.67 8.91 -49.34
N GLY N 497 3.52 8.66 -49.94
CA GLY N 497 3.42 7.87 -51.17
C GLY N 497 3.42 6.35 -50.93
N CYS N 498 3.46 5.61 -52.02
CA CYS N 498 3.17 4.18 -52.05
C CYS N 498 4.24 3.48 -52.88
N PRO N 499 5.10 2.67 -52.25
CA PRO N 499 5.18 2.59 -50.80
C PRO N 499 5.97 3.79 -50.30
N PRO N 500 5.90 4.10 -48.99
CA PRO N 500 6.66 5.22 -48.45
C PRO N 500 8.13 4.84 -48.44
N PRO N 501 9.05 5.82 -48.49
CA PRO N 501 10.49 5.54 -48.43
C PRO N 501 10.85 4.78 -47.14
N TYR N 502 11.99 4.06 -47.16
CA TYR N 502 12.50 3.27 -46.03
C TYR N 502 12.44 4.13 -44.75
N HIS N 503 12.99 5.33 -44.82
CA HIS N 503 12.93 6.30 -43.71
C HIS N 503 11.84 7.32 -44.04
N THR N 504 10.85 7.46 -43.19
CA THR N 504 9.85 8.54 -43.26
C THR N 504 9.92 9.40 -41.98
N PHE N 505 9.46 10.66 -42.10
CA PHE N 505 9.42 11.63 -40.96
C PHE N 505 10.85 11.84 -40.38
N GLU N 506 11.88 11.84 -41.23
CA GLU N 506 13.23 12.26 -40.80
C GLU N 506 13.16 13.71 -40.35
N GLU N 507 12.41 14.50 -41.11
CA GLU N 507 11.94 15.82 -40.68
C GLU N 507 10.52 15.58 -40.17
N PRO N 508 10.25 15.79 -38.89
CA PRO N 508 8.95 15.49 -38.34
C PRO N 508 7.92 16.48 -38.92
N THR N 509 6.66 16.12 -38.73
CA THR N 509 5.54 17.02 -39.06
C THR N 509 5.65 18.29 -38.22
N TYR N 510 5.09 19.37 -38.74
CA TYR N 510 4.86 20.63 -38.01
C TYR N 510 3.40 20.61 -37.54
N VAL N 511 3.20 20.67 -36.23
CA VAL N 511 1.85 20.83 -35.62
C VAL N 511 1.93 21.89 -34.54
N ASN N 512 1.16 22.97 -34.66
CA ASN N 512 1.24 24.06 -33.66
C ASN N 512 0.09 23.91 -32.64
N LEU N 513 0.17 24.62 -31.52
CA LEU N 513 -0.97 24.76 -30.56
C LEU N 513 -1.71 26.08 -30.80
N ALA O 2 -31.48 -36.02 -29.66
CA ALA O 2 -31.68 -35.22 -30.87
C ALA O 2 -32.31 -36.07 -31.98
N TYR O 3 -33.07 -35.44 -32.88
CA TYR O 3 -33.63 -36.12 -34.07
C TYR O 3 -33.09 -35.41 -35.32
N PRO O 4 -33.19 -36.05 -36.50
CA PRO O 4 -32.67 -35.46 -37.74
C PRO O 4 -33.28 -34.09 -38.08
N MET O 5 -32.40 -33.18 -38.52
CA MET O 5 -32.71 -31.82 -39.01
C MET O 5 -33.20 -30.95 -37.85
N GLN O 6 -32.86 -31.28 -36.62
CA GLN O 6 -33.35 -30.53 -35.45
C GLN O 6 -32.72 -29.12 -35.44
N LEU O 7 -33.53 -28.09 -35.12
CA LEU O 7 -33.08 -26.69 -35.11
C LEU O 7 -32.81 -26.20 -33.69
N GLY O 8 -33.63 -26.63 -32.73
CA GLY O 8 -33.61 -26.09 -31.36
C GLY O 8 -33.27 -27.13 -30.32
N PHE O 9 -33.67 -26.86 -29.09
CA PHE O 9 -33.39 -27.75 -27.95
C PHE O 9 -34.21 -29.02 -28.10
N GLN O 10 -33.65 -30.11 -27.59
CA GLN O 10 -34.40 -31.34 -27.26
C GLN O 10 -35.60 -30.96 -26.38
N ASP O 11 -36.72 -31.63 -26.58
CA ASP O 11 -37.93 -31.40 -25.77
C ASP O 11 -37.56 -31.45 -24.27
N ALA O 12 -38.03 -30.50 -23.47
CA ALA O 12 -37.79 -30.45 -22.02
C ALA O 12 -38.41 -31.66 -21.34
N THR O 13 -37.62 -32.32 -20.50
CA THR O 13 -38.06 -33.47 -19.69
C THR O 13 -38.19 -33.06 -18.21
N SER O 14 -37.67 -31.91 -17.81
CA SER O 14 -37.67 -31.44 -16.40
C SER O 14 -38.24 -30.04 -16.37
N PRO O 15 -38.84 -29.61 -15.25
CA PRO O 15 -39.34 -28.23 -15.12
C PRO O 15 -38.25 -27.20 -15.41
N ILE O 16 -37.01 -27.42 -14.98
N ILE O 16 -37.02 -27.46 -14.95
CA ILE O 16 -35.94 -26.40 -15.22
CA ILE O 16 -35.84 -26.57 -15.17
C ILE O 16 -35.62 -26.36 -16.73
C ILE O 16 -35.62 -26.40 -16.69
N MET O 17 -35.61 -27.48 -17.44
CA MET O 17 -35.36 -27.43 -18.89
C MET O 17 -36.50 -26.65 -19.55
N GLU O 18 -37.74 -26.83 -19.08
N GLU O 18 -37.75 -26.78 -19.08
CA GLU O 18 -38.91 -26.07 -19.59
CA GLU O 18 -38.84 -26.01 -19.73
C GLU O 18 -38.63 -24.57 -19.41
C GLU O 18 -38.65 -24.52 -19.42
N GLU O 19 -38.19 -24.16 -18.20
CA GLU O 19 -37.87 -22.74 -17.90
C GLU O 19 -36.79 -22.23 -18.87
N LEU O 20 -35.75 -23.03 -19.11
CA LEU O 20 -34.68 -22.63 -20.03
C LEU O 20 -35.25 -22.46 -21.45
N LEU O 21 -36.18 -23.31 -21.88
CA LEU O 21 -36.79 -23.16 -23.23
C LEU O 21 -37.46 -21.80 -23.34
N HIS O 22 -38.26 -21.43 -22.33
N HIS O 22 -38.34 -21.38 -22.40
CA HIS O 22 -39.07 -20.19 -22.35
CA HIS O 22 -39.06 -20.08 -22.55
C HIS O 22 -38.08 -19.01 -22.35
C HIS O 22 -38.03 -18.95 -22.40
N PHE O 23 -37.00 -19.13 -21.56
CA PHE O 23 -35.94 -18.10 -21.40
C PHE O 23 -35.18 -17.96 -22.73
N HIS O 24 -34.82 -19.08 -23.36
CA HIS O 24 -34.21 -19.02 -24.71
C HIS O 24 -35.16 -18.35 -25.73
N ASP O 25 -36.45 -18.69 -25.74
CA ASP O 25 -37.38 -18.06 -26.73
C ASP O 25 -37.33 -16.53 -26.55
N HIS O 26 -37.32 -16.07 -25.31
CA HIS O 26 -37.29 -14.61 -24.96
C HIS O 26 -35.99 -14.00 -25.47
N THR O 27 -34.86 -14.65 -25.18
CA THR O 27 -33.55 -14.09 -25.55
C THR O 27 -33.41 -14.11 -27.07
N LEU O 28 -33.85 -15.18 -27.71
CA LEU O 28 -33.65 -15.33 -29.18
C LEU O 28 -34.50 -14.26 -29.86
N MET O 29 -35.67 -13.91 -29.30
CA MET O 29 -36.48 -12.83 -29.93
C MET O 29 -35.64 -11.54 -29.98
N ILE O 30 -34.95 -11.23 -28.88
CA ILE O 30 -34.08 -10.04 -28.79
C ILE O 30 -32.90 -10.17 -29.77
N VAL O 31 -32.21 -11.31 -29.79
CA VAL O 31 -31.11 -11.52 -30.77
C VAL O 31 -31.59 -11.26 -32.22
N PHE O 32 -32.72 -11.84 -32.61
N PHE O 32 -32.73 -11.81 -32.63
CA PHE O 32 -33.32 -11.69 -33.97
CA PHE O 32 -33.23 -11.65 -34.03
C PHE O 32 -33.54 -10.19 -34.23
C PHE O 32 -33.58 -10.17 -34.28
N LEU O 33 -34.21 -9.52 -33.28
CA LEU O 33 -34.61 -8.09 -33.40
C LEU O 33 -33.36 -7.20 -33.55
N ILE O 34 -32.34 -7.39 -32.70
CA ILE O 34 -31.13 -6.52 -32.76
C ILE O 34 -30.38 -6.80 -34.06
N SER O 35 -30.17 -8.08 -34.39
CA SER O 35 -29.50 -8.50 -35.65
C SER O 35 -30.21 -7.86 -36.84
N SER O 36 -31.54 -7.97 -36.87
CA SER O 36 -32.41 -7.45 -37.97
C SER O 36 -32.30 -5.92 -38.06
N LEU O 37 -32.35 -5.26 -36.91
CA LEU O 37 -32.24 -3.79 -36.85
C LEU O 37 -30.88 -3.36 -37.41
N VAL O 38 -29.80 -4.02 -37.01
CA VAL O 38 -28.47 -3.63 -37.53
C VAL O 38 -28.42 -3.82 -39.06
N LEU O 39 -28.90 -4.94 -39.58
CA LEU O 39 -28.89 -5.20 -41.04
C LEU O 39 -29.77 -4.13 -41.72
N TYR O 40 -30.93 -3.84 -41.15
CA TYR O 40 -31.85 -2.86 -41.78
C TYR O 40 -31.14 -1.49 -41.81
N ILE O 41 -30.55 -1.08 -40.70
CA ILE O 41 -29.94 0.27 -40.63
C ILE O 41 -28.75 0.31 -41.59
N ILE O 42 -27.98 -0.77 -41.70
CA ILE O 42 -26.91 -0.79 -42.73
C ILE O 42 -27.56 -0.49 -44.08
N SER O 43 -28.63 -1.20 -44.44
CA SER O 43 -29.22 -1.01 -45.78
C SER O 43 -29.75 0.44 -45.91
N LEU O 44 -30.33 0.99 -44.86
CA LEU O 44 -30.83 2.40 -44.86
C LEU O 44 -29.68 3.40 -45.09
N MET O 45 -28.56 3.21 -44.40
CA MET O 45 -27.38 4.12 -44.56
C MET O 45 -26.87 4.06 -46.01
N LEU O 46 -27.07 2.93 -46.70
CA LEU O 46 -26.40 2.67 -48.00
C LEU O 46 -27.29 3.01 -49.18
N THR O 47 -28.53 3.45 -48.99
CA THR O 47 -29.49 3.49 -50.12
C THR O 47 -29.98 4.92 -50.38
N THR O 48 -29.17 5.95 -50.09
CA THR O 48 -29.56 7.34 -50.43
C THR O 48 -28.38 8.07 -51.07
N LYS O 49 -28.70 8.90 -52.05
CA LYS O 49 -27.78 9.86 -52.71
C LYS O 49 -27.64 11.12 -51.85
N LEU O 50 -28.51 11.31 -50.84
CA LEU O 50 -28.39 12.46 -49.90
C LEU O 50 -27.12 12.32 -49.07
N THR O 51 -26.44 13.43 -48.84
CA THR O 51 -25.18 13.46 -48.07
C THR O 51 -25.21 14.48 -46.92
N HIS O 52 -24.40 14.19 -45.93
CA HIS O 52 -24.10 15.06 -44.77
C HIS O 52 -22.73 14.58 -44.28
N THR O 53 -21.69 15.29 -44.66
CA THR O 53 -20.26 14.87 -44.43
C THR O 53 -19.57 15.81 -43.43
N SER O 54 -20.25 16.87 -42.99
CA SER O 54 -19.68 17.79 -41.97
C SER O 54 -19.73 17.10 -40.61
N THR O 55 -19.07 17.69 -39.61
CA THR O 55 -18.97 17.09 -38.25
C THR O 55 -20.37 16.91 -37.71
N MET O 56 -20.67 15.73 -37.17
CA MET O 56 -21.95 15.47 -36.46
C MET O 56 -21.75 15.43 -34.94
N ASP O 57 -22.66 16.07 -34.21
CA ASP O 57 -22.74 16.04 -32.71
C ASP O 57 -23.25 14.65 -32.25
N ALA O 58 -22.55 14.03 -31.29
CA ALA O 58 -22.81 12.62 -30.92
C ALA O 58 -23.53 12.49 -29.58
N GLN O 59 -23.56 13.55 -28.77
CA GLN O 59 -23.94 13.46 -27.32
C GLN O 59 -25.37 12.92 -27.17
N GLU O 60 -26.31 13.54 -27.87
CA GLU O 60 -27.75 13.19 -27.65
C GLU O 60 -27.98 11.71 -28.01
N VAL O 61 -27.49 11.29 -29.18
CA VAL O 61 -27.79 9.93 -29.67
C VAL O 61 -27.08 8.92 -28.78
N GLU O 62 -25.95 9.26 -28.15
CA GLU O 62 -25.24 8.24 -27.32
C GLU O 62 -26.05 7.96 -26.04
N THR O 63 -26.91 8.86 -25.59
CA THR O 63 -27.88 8.53 -24.49
C THR O 63 -28.74 7.35 -24.93
N ILE O 64 -29.36 7.46 -26.11
CA ILE O 64 -30.27 6.39 -26.63
C ILE O 64 -29.47 5.09 -26.72
N TRP O 65 -28.30 5.16 -27.35
CA TRP O 65 -27.42 3.98 -27.59
C TRP O 65 -26.89 3.32 -26.33
N THR O 66 -26.92 3.96 -25.16
CA THR O 66 -26.45 3.30 -23.91
C THR O 66 -27.66 2.90 -23.06
N ILE O 67 -28.68 3.76 -22.96
CA ILE O 67 -29.87 3.48 -22.08
C ILE O 67 -30.65 2.29 -22.61
N LEU O 68 -30.98 2.29 -23.90
CA LEU O 68 -31.86 1.24 -24.50
C LEU O 68 -31.16 -0.12 -24.34
N PRO O 69 -29.88 -0.26 -24.73
CA PRO O 69 -29.16 -1.52 -24.44
C PRO O 69 -29.13 -1.91 -22.97
N ALA O 70 -28.94 -0.95 -22.06
CA ALA O 70 -28.88 -1.26 -20.60
C ALA O 70 -30.25 -1.79 -20.18
N ILE O 71 -31.34 -1.17 -20.65
CA ILE O 71 -32.71 -1.71 -20.34
C ILE O 71 -32.82 -3.16 -20.89
N ILE O 72 -32.37 -3.38 -22.13
CA ILE O 72 -32.52 -4.73 -22.75
C ILE O 72 -31.75 -5.75 -21.90
N LEU O 73 -30.51 -5.44 -21.54
CA LEU O 73 -29.71 -6.37 -20.70
C LEU O 73 -30.43 -6.68 -19.40
N ILE O 74 -31.02 -5.69 -18.72
CA ILE O 74 -31.76 -5.93 -17.45
C ILE O 74 -32.93 -6.87 -17.75
N LEU O 75 -33.59 -6.69 -18.89
CA LEU O 75 -34.75 -7.54 -19.24
C LEU O 75 -34.32 -8.98 -19.56
N ILE O 76 -33.04 -9.22 -19.88
CA ILE O 76 -32.50 -10.60 -20.03
C ILE O 76 -32.04 -11.11 -18.64
N ALA O 77 -31.32 -10.28 -17.90
CA ALA O 77 -30.68 -10.69 -16.63
C ALA O 77 -31.76 -11.08 -15.58
N LEU O 78 -32.90 -10.38 -15.50
CA LEU O 78 -33.94 -10.66 -14.47
C LEU O 78 -34.40 -12.12 -14.58
N PRO O 79 -34.98 -12.58 -15.73
CA PRO O 79 -35.38 -13.97 -15.83
C PRO O 79 -34.17 -14.93 -15.76
N SER O 80 -33.01 -14.55 -16.33
CA SER O 80 -31.81 -15.42 -16.34
C SER O 80 -31.45 -15.81 -14.90
N LEU O 81 -31.42 -14.79 -14.04
CA LEU O 81 -30.98 -14.93 -12.64
C LEU O 81 -32.08 -15.59 -11.80
N ARG O 82 -33.36 -15.35 -12.13
CA ARG O 82 -34.46 -16.06 -11.43
C ARG O 82 -34.24 -17.57 -11.66
N ILE O 83 -33.95 -17.98 -12.89
CA ILE O 83 -33.78 -19.43 -13.19
C ILE O 83 -32.51 -19.91 -12.50
N LEU O 84 -31.47 -19.11 -12.55
CA LEU O 84 -30.20 -19.47 -11.86
C LEU O 84 -30.48 -19.87 -10.40
N TYR O 85 -31.22 -19.03 -9.67
CA TYR O 85 -31.48 -19.24 -8.22
C TYR O 85 -32.44 -20.42 -8.04
N MET O 86 -33.40 -20.62 -8.95
CA MET O 86 -34.27 -21.82 -8.93
C MET O 86 -33.45 -23.11 -9.00
N MET O 87 -32.41 -23.14 -9.83
N MET O 87 -32.52 -23.21 -9.96
CA MET O 87 -31.59 -24.37 -10.07
CA MET O 87 -31.62 -24.38 -10.05
C MET O 87 -30.59 -24.57 -8.92
C MET O 87 -31.12 -24.65 -8.62
N ASP O 88 -30.56 -23.63 -7.97
CA ASP O 88 -29.78 -23.77 -6.71
C ASP O 88 -30.67 -24.00 -5.49
N GLU O 89 -32.00 -23.79 -5.57
CA GLU O 89 -32.95 -23.88 -4.40
C GLU O 89 -32.79 -25.22 -3.66
N ILE O 90 -32.80 -25.13 -2.33
CA ILE O 90 -32.85 -26.25 -1.39
C ILE O 90 -34.00 -27.12 -1.89
N ASN O 91 -33.72 -28.36 -2.21
CA ASN O 91 -34.81 -29.35 -2.26
C ASN O 91 -34.37 -30.48 -1.33
N ASN O 92 -35.29 -31.36 -1.01
CA ASN O 92 -35.00 -32.56 -0.19
C ASN O 92 -35.04 -33.71 -1.17
N PRO O 93 -33.88 -34.18 -1.66
CA PRO O 93 -33.84 -35.36 -2.51
C PRO O 93 -34.27 -36.59 -1.69
N SER O 94 -34.84 -37.58 -2.35
CA SER O 94 -35.19 -38.90 -1.76
C SER O 94 -34.11 -39.94 -2.11
N LEU O 95 -33.17 -39.59 -2.99
CA LEU O 95 -32.17 -40.53 -3.54
C LEU O 95 -30.91 -39.75 -3.90
N THR O 96 -29.75 -40.31 -3.62
CA THR O 96 -28.43 -39.80 -4.07
C THR O 96 -27.79 -40.91 -4.89
N VAL O 97 -27.33 -40.56 -6.08
CA VAL O 97 -26.55 -41.42 -6.98
C VAL O 97 -25.25 -40.68 -7.32
N LYS O 98 -24.12 -41.40 -7.28
CA LYS O 98 -22.81 -40.90 -7.72
C LYS O 98 -22.51 -41.43 -9.12
N THR O 99 -21.86 -40.60 -9.93
CA THR O 99 -21.24 -41.02 -11.19
C THR O 99 -19.77 -40.60 -11.15
N MET O 100 -18.91 -41.55 -11.52
CA MET O 100 -17.47 -41.29 -11.70
C MET O 100 -17.19 -41.43 -13.18
N GLY O 101 -16.58 -40.39 -13.75
CA GLY O 101 -16.01 -40.41 -15.11
C GLY O 101 -14.71 -41.22 -15.12
N HIS O 102 -14.49 -41.95 -16.21
CA HIS O 102 -13.26 -42.71 -16.54
C HIS O 102 -12.97 -42.57 -18.03
N GLN O 103 -11.71 -42.78 -18.40
CA GLN O 103 -11.30 -43.01 -19.80
C GLN O 103 -11.61 -44.47 -20.16
N TRP O 104 -12.68 -44.78 -20.91
CA TRP O 104 -13.70 -43.90 -21.47
C TRP O 104 -15.08 -44.56 -21.25
N TYR O 105 -15.65 -44.36 -20.06
CA TYR O 105 -16.93 -44.95 -19.62
C TYR O 105 -17.33 -44.28 -18.31
N TRP O 106 -18.57 -44.49 -17.88
CA TRP O 106 -19.07 -43.92 -16.61
C TRP O 106 -19.33 -45.07 -15.68
N SER O 107 -19.02 -44.88 -14.40
CA SER O 107 -19.50 -45.80 -13.35
C SER O 107 -20.54 -45.07 -12.47
N TYR O 108 -21.46 -45.84 -11.89
CA TYR O 108 -22.58 -45.35 -11.06
C TYR O 108 -22.57 -46.08 -9.72
N GLU O 109 -22.89 -45.32 -8.67
CA GLU O 109 -22.89 -45.81 -7.28
C GLU O 109 -24.21 -45.40 -6.63
N TYR O 110 -24.96 -46.38 -6.12
CA TYR O 110 -26.22 -46.16 -5.38
C TYR O 110 -25.96 -46.69 -3.99
N THR O 111 -25.49 -45.85 -3.07
CA THR O 111 -24.92 -46.33 -1.76
C THR O 111 -25.73 -45.72 -0.62
N ASP O 112 -26.96 -45.28 -0.90
CA ASP O 112 -27.90 -44.85 0.17
C ASP O 112 -28.15 -46.01 1.14
N TYR O 113 -28.34 -47.26 0.69
CA TYR O 113 -28.69 -48.42 1.55
C TYR O 113 -27.80 -49.61 1.23
N GLU O 114 -27.73 -50.01 -0.03
CA GLU O 114 -26.92 -51.17 -0.49
C GLU O 114 -25.63 -50.61 -1.07
N ASP O 115 -24.59 -51.41 -1.22
CA ASP O 115 -23.38 -50.94 -1.93
C ASP O 115 -23.58 -51.38 -3.39
N LEU O 116 -24.47 -50.74 -4.14
CA LEU O 116 -24.63 -51.09 -5.58
C LEU O 116 -23.72 -50.20 -6.45
N SER O 117 -22.95 -50.80 -7.35
CA SER O 117 -22.18 -50.00 -8.32
C SER O 117 -22.01 -50.80 -9.60
N PHE O 118 -21.86 -50.12 -10.73
CA PHE O 118 -21.67 -50.79 -12.05
C PHE O 118 -21.06 -49.79 -13.01
N ASP O 119 -20.52 -50.33 -14.07
CA ASP O 119 -19.86 -49.60 -15.17
C ASP O 119 -20.86 -49.49 -16.33
N SER O 120 -20.73 -48.46 -17.14
CA SER O 120 -21.68 -48.12 -18.22
C SER O 120 -20.85 -47.75 -19.43
N TYR O 121 -20.79 -48.69 -20.39
CA TYR O 121 -19.96 -48.59 -21.62
C TYR O 121 -20.87 -48.43 -22.84
N MET O 122 -20.37 -47.64 -23.78
CA MET O 122 -20.98 -47.48 -25.11
C MET O 122 -21.16 -48.86 -25.76
N ILE O 123 -22.30 -49.10 -26.37
CA ILE O 123 -22.45 -50.29 -27.26
C ILE O 123 -21.74 -49.97 -28.58
N PRO O 124 -20.65 -50.72 -28.93
CA PRO O 124 -20.03 -50.61 -30.25
C PRO O 124 -21.04 -50.78 -31.40
N THR O 125 -20.80 -50.07 -32.51
CA THR O 125 -21.70 -50.03 -33.68
C THR O 125 -21.95 -51.45 -34.22
N SER O 126 -20.91 -52.27 -34.20
CA SER O 126 -20.94 -53.67 -34.68
C SER O 126 -21.81 -54.57 -33.75
N GLU O 127 -22.14 -54.14 -32.52
CA GLU O 127 -22.95 -54.90 -31.53
C GLU O 127 -24.37 -54.34 -31.33
N LEU O 128 -24.69 -53.22 -31.99
CA LEU O 128 -26.01 -52.57 -31.76
C LEU O 128 -27.11 -53.56 -32.15
N LYS O 129 -28.14 -53.66 -31.33
CA LYS O 129 -29.37 -54.41 -31.67
C LYS O 129 -30.17 -53.59 -32.68
N PRO O 130 -30.86 -54.24 -33.62
CA PRO O 130 -31.63 -53.53 -34.64
C PRO O 130 -32.51 -52.41 -34.06
N GLY O 131 -32.41 -51.20 -34.64
CA GLY O 131 -33.18 -50.02 -34.19
C GLY O 131 -32.49 -49.24 -33.07
N GLU O 132 -31.36 -49.71 -32.53
CA GLU O 132 -30.58 -49.03 -31.46
C GLU O 132 -29.72 -47.93 -32.09
N LEU O 133 -29.31 -46.97 -31.28
CA LEU O 133 -28.69 -45.71 -31.77
C LEU O 133 -27.18 -45.77 -31.72
N ARG O 134 -26.55 -45.49 -32.86
CA ARG O 134 -25.08 -45.39 -33.01
C ARG O 134 -24.53 -44.33 -32.02
N LEU O 135 -23.53 -44.72 -31.25
CA LEU O 135 -22.72 -43.88 -30.32
C LEU O 135 -23.49 -43.52 -29.05
N LEU O 136 -24.76 -43.93 -28.88
CA LEU O 136 -25.58 -43.40 -27.75
C LEU O 136 -26.00 -44.50 -26.75
N GLU O 137 -26.05 -45.77 -27.15
CA GLU O 137 -26.49 -46.85 -26.24
C GLU O 137 -25.32 -47.26 -25.34
N VAL O 138 -25.69 -47.72 -24.14
CA VAL O 138 -24.77 -48.28 -23.12
C VAL O 138 -25.32 -49.65 -22.71
N ASP O 139 -24.44 -50.49 -22.17
CA ASP O 139 -24.78 -51.85 -21.67
C ASP O 139 -25.64 -51.72 -20.40
N ASN O 140 -25.30 -50.82 -19.49
CA ASN O 140 -25.99 -50.64 -18.18
C ASN O 140 -26.47 -49.19 -18.04
N ARG O 141 -27.78 -48.99 -18.15
CA ARG O 141 -28.43 -47.67 -18.07
C ARG O 141 -28.55 -47.22 -16.60
N VAL O 142 -28.65 -45.91 -16.43
CA VAL O 142 -28.81 -45.30 -15.09
C VAL O 142 -30.30 -45.39 -14.74
N VAL O 143 -30.69 -46.45 -14.03
CA VAL O 143 -32.10 -46.65 -13.61
C VAL O 143 -32.42 -45.68 -12.47
N LEU O 144 -33.50 -44.90 -12.61
CA LEU O 144 -33.89 -43.79 -11.70
C LEU O 144 -35.41 -43.75 -11.61
N PRO O 145 -35.94 -43.36 -10.43
CA PRO O 145 -37.37 -43.09 -10.31
C PRO O 145 -37.79 -41.75 -10.94
N MET O 146 -38.87 -41.79 -11.69
CA MET O 146 -39.49 -40.58 -12.27
C MET O 146 -40.23 -39.78 -11.18
N GLU O 147 -40.44 -38.49 -11.45
CA GLU O 147 -41.28 -37.58 -10.64
C GLU O 147 -40.69 -37.51 -9.24
N MET O 148 -39.39 -37.67 -9.09
CA MET O 148 -38.74 -37.55 -7.77
C MET O 148 -37.46 -36.74 -7.90
N THR O 149 -37.23 -35.90 -6.90
CA THR O 149 -36.00 -35.11 -6.77
C THR O 149 -34.87 -36.08 -6.45
N ILE O 150 -33.85 -36.13 -7.33
CA ILE O 150 -32.64 -36.98 -7.17
C ILE O 150 -31.41 -36.08 -7.11
N ARG O 151 -30.53 -36.37 -6.17
CA ARG O 151 -29.22 -35.71 -6.06
C ARG O 151 -28.22 -36.55 -6.86
N MET O 152 -27.63 -35.99 -7.91
CA MET O 152 -26.52 -36.64 -8.66
C MET O 152 -25.24 -35.98 -8.17
N LEU O 153 -24.26 -36.78 -7.77
CA LEU O 153 -22.90 -36.34 -7.43
C LEU O 153 -21.96 -36.84 -8.53
N VAL O 154 -21.10 -35.96 -9.02
CA VAL O 154 -20.22 -36.21 -10.19
C VAL O 154 -18.76 -36.01 -9.79
N SER O 155 -17.92 -37.00 -10.10
CA SER O 155 -16.45 -36.86 -10.01
C SER O 155 -15.82 -37.69 -11.11
N SER O 156 -14.49 -37.79 -11.08
CA SER O 156 -13.67 -38.53 -12.05
C SER O 156 -12.60 -39.28 -11.27
N GLU O 157 -12.18 -40.43 -11.79
CA GLU O 157 -10.99 -41.13 -11.28
C GLU O 157 -9.81 -40.93 -12.20
N ASP O 158 -9.87 -40.08 -13.22
CA ASP O 158 -8.67 -39.82 -14.06
C ASP O 158 -8.67 -38.35 -14.49
N VAL O 159 -9.03 -38.07 -15.73
CA VAL O 159 -8.92 -36.69 -16.28
C VAL O 159 -10.29 -36.03 -16.15
N LEU O 160 -10.43 -34.82 -16.66
CA LEU O 160 -11.77 -34.17 -16.62
C LEU O 160 -12.70 -34.94 -17.54
N HIS O 161 -13.94 -35.10 -17.13
CA HIS O 161 -15.09 -35.43 -18.02
C HIS O 161 -16.20 -34.41 -17.71
N SER O 162 -17.35 -34.55 -18.35
CA SER O 162 -18.53 -33.73 -17.98
C SER O 162 -19.79 -34.55 -18.27
N TRP O 163 -20.63 -34.67 -17.24
CA TRP O 163 -21.83 -35.52 -17.23
C TRP O 163 -23.02 -34.67 -17.70
N ALA O 164 -23.54 -34.95 -18.90
CA ALA O 164 -24.56 -34.11 -19.53
C ALA O 164 -25.77 -34.95 -19.92
N VAL O 165 -26.95 -34.36 -19.74
CA VAL O 165 -28.26 -34.88 -20.24
C VAL O 165 -29.08 -33.67 -20.69
N PRO O 166 -28.93 -33.29 -21.97
CA PRO O 166 -29.57 -32.07 -22.48
C PRO O 166 -31.07 -32.01 -22.21
N SER O 167 -31.78 -33.12 -22.33
CA SER O 167 -33.25 -33.02 -22.22
C SER O 167 -33.64 -32.74 -20.76
N LEU O 168 -32.74 -32.96 -19.80
CA LEU O 168 -33.05 -32.57 -18.39
C LEU O 168 -32.39 -31.24 -18.00
N GLY O 169 -31.69 -30.54 -18.90
CA GLY O 169 -31.01 -29.29 -18.58
C GLY O 169 -29.75 -29.53 -17.74
N LEU O 170 -29.08 -30.67 -17.89
CA LEU O 170 -27.98 -31.02 -16.95
C LEU O 170 -26.63 -31.02 -17.65
N LYS O 171 -25.62 -30.49 -16.98
CA LYS O 171 -24.20 -30.60 -17.39
C LYS O 171 -23.36 -30.21 -16.20
N THR O 172 -22.71 -31.20 -15.62
CA THR O 172 -21.85 -31.03 -14.42
C THR O 172 -20.47 -31.64 -14.70
N ASP O 173 -19.42 -30.86 -14.58
CA ASP O 173 -18.06 -31.32 -14.85
C ASP O 173 -17.69 -32.36 -13.78
N ALA O 174 -16.93 -33.34 -14.22
CA ALA O 174 -16.43 -34.48 -13.45
C ALA O 174 -14.93 -34.23 -13.25
N ILE O 175 -14.57 -33.81 -12.05
CA ILE O 175 -13.19 -33.32 -11.78
C ILE O 175 -12.63 -34.22 -10.70
N PRO O 176 -11.46 -34.82 -10.89
CA PRO O 176 -10.90 -35.68 -9.86
C PRO O 176 -10.58 -34.86 -8.60
N GLY O 177 -10.95 -35.42 -7.45
CA GLY O 177 -10.73 -34.80 -6.14
C GLY O 177 -11.84 -33.89 -5.73
N ARG O 178 -12.89 -33.80 -6.54
CA ARG O 178 -14.01 -32.86 -6.31
C ARG O 178 -15.32 -33.64 -6.49
N LEU O 179 -16.28 -33.34 -5.65
CA LEU O 179 -17.62 -33.94 -5.68
C LEU O 179 -18.58 -32.83 -6.07
N ASN O 180 -19.02 -32.78 -7.33
CA ASN O 180 -19.97 -31.74 -7.79
C ASN O 180 -21.40 -32.27 -7.70
N GLN O 181 -22.32 -31.42 -7.28
CA GLN O 181 -23.72 -31.82 -7.04
C GLN O 181 -24.62 -31.18 -8.10
N THR O 182 -25.57 -31.95 -8.62
CA THR O 182 -26.70 -31.36 -9.36
C THR O 182 -27.98 -32.10 -8.93
N THR O 183 -29.12 -31.53 -9.25
CA THR O 183 -30.47 -32.10 -8.98
C THR O 183 -31.08 -32.53 -10.32
N LEU O 184 -31.73 -33.66 -10.30
CA LEU O 184 -32.36 -34.33 -11.45
C LEU O 184 -33.81 -34.60 -11.05
N MET O 185 -34.77 -34.13 -11.84
CA MET O 185 -36.20 -34.46 -11.65
C MET O 185 -36.79 -34.70 -13.05
N SER O 186 -37.21 -35.91 -13.40
CA SER O 186 -37.85 -36.19 -14.71
C SER O 186 -39.36 -36.18 -14.54
N SER O 187 -40.05 -35.41 -15.38
CA SER O 187 -41.53 -35.32 -15.40
C SER O 187 -42.14 -36.56 -16.05
N ARG O 188 -41.32 -37.40 -16.69
CA ARG O 188 -41.77 -38.50 -17.57
C ARG O 188 -40.89 -39.72 -17.38
N PRO O 189 -41.45 -40.92 -17.62
CA PRO O 189 -40.64 -42.11 -17.82
C PRO O 189 -39.95 -42.01 -19.18
N GLY O 190 -38.99 -42.88 -19.42
CA GLY O 190 -38.40 -43.08 -20.75
C GLY O 190 -36.91 -43.20 -20.67
N LEU O 191 -36.24 -43.03 -21.82
CA LEU O 191 -34.76 -43.09 -21.96
C LEU O 191 -34.28 -41.71 -22.34
N TYR O 192 -33.30 -41.19 -21.60
CA TYR O 192 -32.78 -39.82 -21.76
C TYR O 192 -31.27 -39.91 -21.88
N TYR O 193 -30.77 -39.37 -22.98
CA TYR O 193 -29.41 -39.56 -23.51
C TYR O 193 -28.60 -38.29 -23.33
N GLY O 194 -27.30 -38.48 -23.10
CA GLY O 194 -26.30 -37.42 -23.07
C GLY O 194 -24.95 -37.97 -23.42
N GLN O 195 -23.96 -37.09 -23.55
CA GLN O 195 -22.62 -37.47 -24.01
C GLN O 195 -21.57 -36.71 -23.20
N CYS O 196 -20.39 -37.31 -23.05
CA CYS O 196 -19.29 -36.71 -22.29
C CYS O 196 -19.00 -35.33 -22.86
N SER O 197 -18.95 -34.34 -21.98
CA SER O 197 -18.86 -32.93 -22.41
C SER O 197 -17.61 -32.22 -21.90
N GLU O 198 -16.49 -32.96 -21.73
CA GLU O 198 -15.15 -32.36 -21.60
C GLU O 198 -14.13 -33.35 -22.22
N ILE O 199 -13.36 -32.74 -23.12
CA ILE O 199 -12.29 -33.43 -23.88
C ILE O 199 -11.46 -34.21 -22.87
N CYS O 200 -11.33 -35.51 -23.13
CA CYS O 200 -10.80 -36.50 -22.15
C CYS O 200 -9.94 -37.57 -22.83
N GLY O 201 -9.51 -37.33 -24.08
CA GLY O 201 -8.57 -38.19 -24.84
C GLY O 201 -9.27 -38.98 -25.94
N SER O 202 -8.70 -40.14 -26.21
CA SER O 202 -8.95 -41.02 -27.38
C SER O 202 -10.41 -41.25 -27.66
N ASN O 203 -11.19 -41.50 -26.62
CA ASN O 203 -12.59 -41.97 -26.82
C ASN O 203 -13.61 -41.03 -26.17
N HIS O 204 -13.29 -39.75 -26.13
CA HIS O 204 -14.17 -38.63 -25.68
C HIS O 204 -15.55 -38.68 -26.37
N SER O 205 -15.57 -38.98 -27.67
CA SER O 205 -16.82 -39.04 -28.48
C SER O 205 -17.67 -40.26 -28.10
N PHE O 206 -17.12 -41.21 -27.34
CA PHE O 206 -17.67 -42.58 -27.26
C PHE O 206 -17.88 -43.04 -25.81
N MET O 207 -18.32 -42.13 -24.94
CA MET O 207 -18.67 -42.54 -23.57
C MET O 207 -19.97 -41.85 -23.14
N PRO O 208 -21.11 -42.32 -23.68
CA PRO O 208 -22.40 -41.68 -23.44
C PRO O 208 -23.03 -42.05 -22.10
N ILE O 209 -24.13 -41.35 -21.85
CA ILE O 209 -24.97 -41.41 -20.63
C ILE O 209 -26.39 -41.78 -21.08
N VAL O 210 -26.97 -42.79 -20.43
CA VAL O 210 -28.39 -43.13 -20.69
C VAL O 210 -29.10 -43.29 -19.36
N LEU O 211 -30.10 -42.45 -19.13
CA LEU O 211 -30.99 -42.57 -17.96
C LEU O 211 -32.18 -43.39 -18.40
N GLU O 212 -32.61 -44.27 -17.51
CA GLU O 212 -33.84 -45.05 -17.66
C GLU O 212 -34.77 -44.66 -16.52
N LEU O 213 -35.81 -43.89 -16.82
CA LEU O 213 -36.76 -43.31 -15.85
C LEU O 213 -38.01 -44.18 -15.79
N VAL O 214 -38.34 -44.67 -14.60
CA VAL O 214 -39.39 -45.67 -14.36
C VAL O 214 -40.14 -45.28 -13.09
N PRO O 215 -41.39 -45.78 -12.88
CA PRO O 215 -42.10 -45.48 -11.65
C PRO O 215 -41.30 -45.99 -10.43
N LEU O 216 -41.50 -45.36 -9.28
CA LEU O 216 -40.80 -45.70 -8.02
C LEU O 216 -40.88 -47.22 -7.75
N LYS O 217 -42.07 -47.81 -7.84
CA LYS O 217 -42.29 -49.25 -7.54
C LYS O 217 -41.33 -50.10 -8.37
N TYR O 218 -41.11 -49.74 -9.65
CA TYR O 218 -40.18 -50.46 -10.54
C TYR O 218 -38.72 -50.19 -10.19
N PHE O 219 -38.42 -48.95 -9.82
CA PHE O 219 -37.08 -48.58 -9.30
C PHE O 219 -36.74 -49.47 -8.09
N GLU O 220 -37.67 -49.61 -7.14
CA GLU O 220 -37.51 -50.46 -5.91
C GLU O 220 -37.32 -51.92 -6.28
N LYS O 221 -38.14 -52.47 -7.19
CA LYS O 221 -38.00 -53.89 -7.65
C LYS O 221 -36.61 -54.03 -8.27
N TRP O 222 -36.16 -53.05 -9.07
CA TRP O 222 -34.83 -53.13 -9.71
C TRP O 222 -33.72 -53.12 -8.62
N SER O 223 -33.79 -52.21 -7.65
CA SER O 223 -32.81 -52.12 -6.51
C SER O 223 -32.72 -53.47 -5.76
N ALA O 224 -33.89 -54.03 -5.41
CA ALA O 224 -34.03 -55.33 -4.70
C ALA O 224 -33.37 -56.45 -5.50
N SER O 225 -33.50 -56.47 -6.84
CA SER O 225 -33.00 -57.57 -7.70
C SER O 225 -31.45 -57.54 -7.73
N MET O 226 -30.86 -56.47 -7.27
CA MET O 226 -29.41 -56.18 -7.42
C MET O 226 -28.65 -56.79 -6.22
N LEU O 227 -29.41 -57.25 -5.21
CA LEU O 227 -28.92 -57.86 -3.95
C LEU O 227 -28.39 -59.26 -4.25
N GLN P 4 18.35 13.72 -39.96
CA GLN P 4 17.09 13.81 -39.09
C GLN P 4 17.00 15.16 -38.37
N THR P 5 15.80 15.67 -38.17
CA THR P 5 15.58 16.85 -37.30
C THR P 5 14.52 16.51 -36.24
N HIS P 6 14.44 15.22 -35.87
CA HIS P 6 13.88 14.72 -34.59
C HIS P 6 15.00 14.21 -33.68
N ALA P 7 14.65 13.94 -32.41
CA ALA P 7 15.59 13.56 -31.34
C ALA P 7 15.63 12.04 -31.11
N TYR P 8 15.04 11.21 -31.98
CA TYR P 8 14.86 9.76 -31.69
C TYR P 8 15.99 9.00 -32.36
N HIS P 9 16.14 7.75 -31.92
CA HIS P 9 17.35 6.95 -32.21
C HIS P 9 17.04 5.93 -33.29
N MET P 10 17.62 6.07 -34.48
CA MET P 10 17.52 5.09 -35.58
C MET P 10 18.69 4.12 -35.39
N VAL P 11 18.38 2.90 -35.02
CA VAL P 11 19.39 1.92 -34.54
C VAL P 11 20.03 1.22 -35.74
N ASN P 12 21.33 1.03 -35.67
CA ASN P 12 22.04 0.29 -36.72
C ASN P 12 21.44 -1.10 -36.80
N PRO P 13 21.27 -1.61 -38.04
CA PRO P 13 20.90 -3.01 -38.23
C PRO P 13 21.79 -3.92 -37.35
N SER P 14 21.14 -4.86 -36.69
CA SER P 14 21.70 -5.65 -35.55
C SER P 14 21.35 -7.13 -35.68
N PRO P 15 22.33 -8.02 -35.45
CA PRO P 15 22.08 -9.45 -35.36
C PRO P 15 21.56 -10.01 -34.02
N TRP P 16 21.52 -9.19 -32.97
CA TRP P 16 21.23 -9.71 -31.61
C TRP P 16 19.76 -10.10 -31.49
N PRO P 17 18.78 -9.43 -32.16
CA PRO P 17 17.42 -9.95 -32.12
C PRO P 17 17.33 -11.40 -32.60
N LEU P 18 18.00 -11.70 -33.71
CA LEU P 18 17.98 -13.06 -34.30
C LEU P 18 18.76 -14.02 -33.38
N THR P 19 19.92 -13.64 -32.88
CA THR P 19 20.66 -14.56 -31.97
C THR P 19 19.86 -14.77 -30.67
N GLY P 20 19.16 -13.76 -30.20
CA GLY P 20 18.30 -13.89 -29.00
C GLY P 20 17.16 -14.87 -29.26
N ALA P 21 16.50 -14.72 -30.40
CA ALA P 21 15.35 -15.58 -30.77
C ALA P 21 15.83 -17.02 -30.91
N LEU P 22 16.96 -17.22 -31.58
CA LEU P 22 17.52 -18.60 -31.68
C LEU P 22 17.95 -19.14 -30.30
N SER P 23 18.51 -18.31 -29.41
N SER P 23 18.52 -18.31 -29.43
CA SER P 23 18.86 -18.72 -28.03
CA SER P 23 18.85 -18.70 -28.03
C SER P 23 17.58 -19.19 -27.32
C SER P 23 17.57 -19.22 -27.35
N ALA P 24 16.42 -18.54 -27.55
CA ALA P 24 15.15 -18.97 -26.94
C ALA P 24 14.79 -20.38 -27.46
N LEU P 25 14.95 -20.62 -28.77
CA LEU P 25 14.63 -21.92 -29.38
C LEU P 25 15.55 -22.96 -28.75
N LEU P 26 16.83 -22.64 -28.62
CA LEU P 26 17.81 -23.63 -28.10
C LEU P 26 17.53 -23.94 -26.62
N MET P 27 17.17 -22.92 -25.83
CA MET P 27 16.91 -23.13 -24.38
C MET P 27 15.64 -23.96 -24.21
N THR P 28 14.60 -23.72 -25.02
CA THR P 28 13.32 -24.43 -24.85
C THR P 28 13.44 -25.86 -25.39
N SER P 29 13.90 -26.02 -26.61
CA SER P 29 14.22 -27.34 -27.19
C SER P 29 15.24 -28.03 -26.24
N GLY P 30 16.19 -27.29 -25.68
CA GLY P 30 17.15 -27.85 -24.72
C GLY P 30 16.46 -28.39 -23.46
N LEU P 31 15.54 -27.63 -22.88
CA LEU P 31 14.81 -28.10 -21.69
C LEU P 31 14.05 -29.38 -22.05
N THR P 32 13.45 -29.41 -23.25
CA THR P 32 12.68 -30.59 -23.71
C THR P 32 13.62 -31.79 -23.78
N MET P 33 14.80 -31.60 -24.35
N MET P 33 14.77 -31.64 -24.39
CA MET P 33 15.82 -32.66 -24.55
CA MET P 33 15.76 -32.73 -24.47
C MET P 33 16.38 -33.14 -23.19
C MET P 33 16.09 -33.21 -23.04
N TRP P 34 16.41 -32.26 -22.17
CA TRP P 34 16.81 -32.57 -20.79
C TRP P 34 15.71 -33.33 -20.05
N PHE P 35 14.47 -32.89 -20.14
CA PHE P 35 13.36 -33.57 -19.43
C PHE P 35 13.02 -34.93 -20.05
N HIS P 36 13.20 -35.13 -21.36
CA HIS P 36 12.65 -36.31 -22.08
C HIS P 36 13.70 -37.21 -22.74
N PHE P 37 14.84 -36.70 -23.12
CA PHE P 37 15.78 -37.45 -23.99
C PHE P 37 17.15 -37.48 -23.31
N ASN P 38 17.15 -37.25 -21.99
CA ASN P 38 18.27 -37.50 -21.07
C ASN P 38 19.57 -36.76 -21.48
N SER P 39 19.49 -35.51 -21.95
CA SER P 39 20.65 -34.77 -22.51
C SER P 39 20.55 -33.25 -22.28
N MET P 40 21.66 -32.64 -21.92
CA MET P 40 21.81 -31.22 -21.54
C MET P 40 22.49 -30.40 -22.63
N THR P 41 22.88 -31.07 -23.71
CA THR P 41 23.66 -30.46 -24.83
C THR P 41 23.02 -29.18 -25.37
N LEU P 42 21.84 -29.29 -25.96
CA LEU P 42 21.13 -28.14 -26.57
C LEU P 42 20.95 -27.05 -25.52
N LEU P 43 20.54 -27.45 -24.33
CA LEU P 43 20.27 -26.50 -23.23
C LEU P 43 21.53 -25.67 -22.91
N MET P 44 22.70 -26.30 -22.78
N MET P 44 22.68 -26.34 -22.74
CA MET P 44 23.91 -25.52 -22.49
CA MET P 44 23.97 -25.63 -22.55
C MET P 44 24.30 -24.60 -23.68
C MET P 44 24.20 -24.60 -23.68
N ILE P 45 24.04 -25.03 -24.93
CA ILE P 45 24.34 -24.16 -26.12
C ILE P 45 23.38 -22.96 -26.05
N GLY P 46 22.14 -23.25 -25.74
CA GLY P 46 21.14 -22.17 -25.63
C GLY P 46 21.46 -21.18 -24.52
N LEU P 47 21.87 -21.67 -23.35
CA LEU P 47 22.26 -20.76 -22.24
C LEU P 47 23.45 -19.94 -22.68
N THR P 48 24.42 -20.57 -23.36
CA THR P 48 25.62 -19.85 -23.80
C THR P 48 25.23 -18.73 -24.78
N THR P 49 24.44 -19.05 -25.79
CA THR P 49 24.09 -18.04 -26.83
C THR P 49 23.19 -16.97 -26.23
N ASN P 50 22.39 -17.30 -25.23
CA ASN P 50 21.56 -16.28 -24.54
C ASN P 50 22.49 -15.27 -23.83
N MET P 51 23.48 -15.76 -23.07
N MET P 51 23.48 -15.76 -23.08
CA MET P 51 24.38 -14.85 -22.33
CA MET P 51 24.39 -14.86 -22.34
C MET P 51 25.18 -14.00 -23.34
C MET P 51 25.19 -14.01 -23.34
N LEU P 52 25.69 -14.64 -24.42
CA LEU P 52 26.43 -13.90 -25.49
C LEU P 52 25.52 -12.80 -26.05
N THR P 53 24.28 -13.14 -26.32
CA THR P 53 23.34 -12.17 -26.93
C THR P 53 23.13 -10.99 -25.97
N MET P 54 22.83 -11.27 -24.69
N MET P 54 22.79 -11.28 -24.69
CA MET P 54 22.55 -10.18 -23.69
CA MET P 54 22.58 -10.20 -23.68
C MET P 54 23.81 -9.30 -23.52
C MET P 54 23.82 -9.29 -23.62
N TYR P 55 25.00 -9.90 -23.50
CA TYR P 55 26.26 -9.18 -23.30
C TYR P 55 26.43 -8.19 -24.46
N GLN P 56 26.34 -8.68 -25.70
CA GLN P 56 26.62 -7.84 -26.91
C GLN P 56 25.48 -6.83 -27.09
N TRP P 57 24.25 -7.21 -26.81
CA TRP P 57 23.13 -6.24 -27.03
C TRP P 57 23.29 -5.07 -26.04
N TRP P 58 23.49 -5.34 -24.76
CA TRP P 58 23.59 -4.25 -23.76
C TRP P 58 24.93 -3.51 -23.86
N ARG P 59 25.98 -4.18 -24.30
CA ARG P 59 27.22 -3.49 -24.68
C ARG P 59 26.89 -2.43 -25.76
N ASP P 60 26.14 -2.82 -26.79
CA ASP P 60 25.84 -1.90 -27.93
C ASP P 60 25.00 -0.74 -27.41
N VAL P 61 24.14 -0.97 -26.44
CA VAL P 61 23.30 0.14 -25.89
C VAL P 61 24.21 1.13 -25.14
N ILE P 62 25.21 0.59 -24.46
CA ILE P 62 26.23 1.45 -23.79
C ILE P 62 27.01 2.24 -24.84
N ARG P 63 27.46 1.57 -25.90
CA ARG P 63 28.18 2.26 -27.00
C ARG P 63 27.28 3.37 -27.58
N GLU P 64 26.01 3.08 -27.76
CA GLU P 64 25.10 4.06 -28.42
C GLU P 64 24.88 5.30 -27.57
N SER P 65 24.92 5.16 -26.24
CA SER P 65 24.54 6.23 -25.28
C SER P 65 25.80 6.93 -24.73
N THR P 66 26.55 6.25 -23.87
CA THR P 66 27.77 6.84 -23.25
C THR P 66 28.75 7.25 -24.38
N PHE P 67 28.96 6.40 -25.40
CA PHE P 67 30.08 6.66 -26.37
C PHE P 67 29.61 7.45 -27.59
N GLN P 68 28.35 7.30 -28.03
CA GLN P 68 27.88 7.91 -29.31
C GLN P 68 26.85 9.03 -29.09
N GLY P 69 26.26 9.17 -27.90
CA GLY P 69 25.43 10.33 -27.59
C GLY P 69 23.99 10.21 -28.11
N HIS P 70 23.48 9.01 -28.36
CA HIS P 70 22.12 8.89 -28.97
C HIS P 70 21.00 9.06 -27.95
N HIS P 71 21.24 9.02 -26.65
CA HIS P 71 20.16 9.07 -25.63
C HIS P 71 19.89 10.54 -25.30
N THR P 72 19.20 11.20 -26.19
CA THR P 72 18.53 12.50 -25.95
C THR P 72 17.51 12.33 -24.84
N PRO P 73 16.99 13.43 -24.27
CA PRO P 73 15.91 13.34 -23.29
C PRO P 73 14.71 12.53 -23.80
N ALA P 74 14.32 12.66 -25.05
CA ALA P 74 13.14 11.95 -25.60
C ALA P 74 13.43 10.44 -25.57
N VAL P 75 14.63 10.05 -25.97
CA VAL P 75 15.03 8.62 -25.95
C VAL P 75 15.00 8.12 -24.50
N GLN P 76 15.58 8.87 -23.57
CA GLN P 76 15.65 8.48 -22.14
C GLN P 76 14.22 8.31 -21.61
N LYS P 77 13.32 9.22 -22.01
CA LYS P 77 11.92 9.14 -21.52
C LYS P 77 11.31 7.82 -22.01
N GLY P 78 11.58 7.45 -23.28
CA GLY P 78 11.06 6.18 -23.81
C GLY P 78 11.58 5.00 -22.97
N LEU P 79 12.88 5.01 -22.71
CA LEU P 79 13.44 3.90 -21.91
C LEU P 79 12.79 3.84 -20.51
N ARG P 80 12.49 4.99 -19.91
CA ARG P 80 11.78 5.04 -18.61
C ARG P 80 10.47 4.28 -18.76
N TYR P 81 9.65 4.61 -19.74
CA TYR P 81 8.36 3.92 -19.91
C TYR P 81 8.61 2.42 -20.10
N GLY P 82 9.60 2.10 -20.94
CA GLY P 82 9.90 0.70 -21.25
C GLY P 82 10.16 -0.09 -19.98
N MET P 83 11.00 0.44 -19.09
CA MET P 83 11.38 -0.30 -17.88
C MET P 83 10.16 -0.39 -16.93
N ILE P 84 9.40 0.67 -16.76
CA ILE P 84 8.18 0.62 -15.90
C ILE P 84 7.25 -0.49 -16.45
N LEU P 85 7.03 -0.53 -17.75
CA LEU P 85 6.09 -1.50 -18.36
C LEU P 85 6.64 -2.92 -18.17
N PHE P 86 7.95 -3.08 -18.31
CA PHE P 86 8.58 -4.38 -18.08
C PHE P 86 8.34 -4.85 -16.63
N ILE P 87 8.56 -3.95 -15.66
CA ILE P 87 8.35 -4.29 -14.23
C ILE P 87 6.86 -4.65 -14.01
N ILE P 88 5.96 -3.91 -14.64
CA ILE P 88 4.52 -4.26 -14.51
C ILE P 88 4.31 -5.70 -15.01
N SER P 89 4.86 -6.09 -16.16
CA SER P 89 4.64 -7.46 -16.67
C SER P 89 5.19 -8.45 -15.62
N GLU P 90 6.31 -8.11 -14.98
CA GLU P 90 6.92 -9.00 -13.97
C GLU P 90 6.02 -9.08 -12.72
N VAL P 91 5.38 -7.97 -12.34
CA VAL P 91 4.42 -8.01 -11.21
C VAL P 91 3.31 -9.03 -11.55
N LEU P 92 2.76 -8.96 -12.75
CA LEU P 92 1.62 -9.85 -13.13
C LEU P 92 2.11 -11.30 -13.19
N PHE P 93 3.33 -11.56 -13.60
CA PHE P 93 3.89 -12.95 -13.53
C PHE P 93 3.83 -13.45 -12.08
N PHE P 94 4.39 -12.70 -11.13
CA PHE P 94 4.35 -13.06 -9.69
C PHE P 94 2.89 -13.22 -9.23
N THR P 95 2.00 -12.35 -9.69
CA THR P 95 0.60 -12.43 -9.24
C THR P 95 0.05 -13.85 -9.49
N GLY P 96 0.37 -14.47 -10.62
CA GLY P 96 -0.13 -15.82 -10.87
C GLY P 96 0.35 -16.81 -9.82
N PHE P 97 1.58 -16.68 -9.32
CA PHE P 97 2.10 -17.62 -8.30
C PHE P 97 1.45 -17.31 -6.95
N PHE P 98 1.21 -16.02 -6.62
CA PHE P 98 0.46 -15.66 -5.40
C PHE P 98 -0.94 -16.23 -5.46
N TRP P 99 -1.56 -16.16 -6.62
CA TRP P 99 -2.94 -16.66 -6.80
C TRP P 99 -2.90 -18.17 -6.52
N ALA P 100 -1.94 -18.90 -7.10
CA ALA P 100 -1.83 -20.36 -6.86
C ALA P 100 -1.72 -20.59 -5.34
N PHE P 101 -0.84 -19.85 -4.68
CA PHE P 101 -0.60 -20.03 -3.23
C PHE P 101 -1.90 -19.81 -2.44
N TYR P 102 -2.58 -18.72 -2.66
CA TYR P 102 -3.80 -18.40 -1.86
C TYR P 102 -4.90 -19.41 -2.19
N HIS P 103 -5.04 -19.81 -3.46
CA HIS P 103 -6.04 -20.84 -3.86
C HIS P 103 -5.87 -22.13 -3.01
N SER P 104 -4.65 -22.64 -2.93
CA SER P 104 -4.27 -23.90 -2.25
C SER P 104 -4.41 -23.75 -0.73
N SER P 105 -3.93 -22.63 -0.17
CA SER P 105 -3.81 -22.44 1.29
C SER P 105 -5.16 -22.02 1.91
N LEU P 106 -6.00 -21.27 1.18
CA LEU P 106 -7.30 -20.87 1.74
C LEU P 106 -8.29 -22.01 1.69
N ALA P 107 -8.15 -23.00 0.81
CA ALA P 107 -9.16 -24.08 0.74
C ALA P 107 -8.43 -25.41 0.74
N PRO P 108 -7.70 -25.75 1.83
CA PRO P 108 -6.88 -26.95 1.82
C PRO P 108 -7.73 -28.20 1.64
N THR P 109 -7.33 -29.06 0.72
CA THR P 109 -8.14 -30.22 0.29
C THR P 109 -7.93 -31.36 1.27
N PRO P 110 -8.80 -32.40 1.23
CA PRO P 110 -8.68 -33.54 2.14
C PRO P 110 -7.32 -34.26 2.08
N GLU P 111 -6.67 -34.24 0.92
CA GLU P 111 -5.36 -34.93 0.72
C GLU P 111 -4.33 -34.29 1.66
N LEU P 112 -4.48 -33.01 2.01
CA LEU P 112 -3.56 -32.26 2.90
C LEU P 112 -3.86 -32.50 4.38
N GLY P 113 -4.97 -33.15 4.71
CA GLY P 113 -5.55 -33.19 6.06
C GLY P 113 -6.62 -32.10 6.23
N GLY P 114 -6.96 -31.41 5.14
CA GLY P 114 -7.99 -30.36 5.16
C GLY P 114 -7.52 -29.20 5.99
N CYS P 115 -6.22 -28.98 6.11
CA CYS P 115 -5.59 -27.96 6.97
C CYS P 115 -4.39 -27.36 6.24
N TRP P 116 -4.00 -26.14 6.60
CA TRP P 116 -2.73 -25.48 6.19
C TRP P 116 -1.97 -24.97 7.41
N PRO P 117 -0.65 -25.21 7.52
CA PRO P 117 0.10 -26.02 6.56
C PRO P 117 -0.42 -27.44 6.53
N PRO P 118 -0.18 -28.21 5.45
CA PRO P 118 -0.63 -29.61 5.41
C PRO P 118 -0.05 -30.47 6.54
N THR P 119 -0.74 -31.56 6.84
CA THR P 119 -0.19 -32.62 7.71
C THR P 119 1.19 -33.03 7.17
N GLY P 120 2.18 -33.16 8.07
CA GLY P 120 3.55 -33.61 7.76
C GLY P 120 4.45 -32.50 7.26
N ILE P 121 3.95 -31.27 7.11
CA ILE P 121 4.80 -30.11 6.70
C ILE P 121 5.20 -29.36 7.97
N HIS P 122 6.51 -29.15 8.15
CA HIS P 122 7.09 -28.36 9.25
C HIS P 122 7.68 -27.10 8.65
N PRO P 123 6.93 -26.00 8.58
CA PRO P 123 7.47 -24.77 8.00
C PRO P 123 8.72 -24.27 8.73
N LEU P 124 9.51 -23.51 7.98
CA LEU P 124 10.61 -22.69 8.56
C LEU P 124 10.01 -21.71 9.56
N ASN P 125 10.77 -21.41 10.60
CA ASN P 125 10.43 -20.32 11.53
C ASN P 125 10.62 -18.98 10.82
N PRO P 126 9.55 -18.19 10.60
CA PRO P 126 9.68 -16.93 9.90
C PRO P 126 10.52 -15.88 10.64
N LEU P 127 10.77 -16.11 11.93
CA LEU P 127 11.55 -15.18 12.78
C LEU P 127 13.04 -15.52 12.73
N GLU P 128 13.47 -16.54 11.97
CA GLU P 128 14.92 -16.87 11.89
C GLU P 128 15.49 -16.35 10.57
N VAL P 129 15.90 -17.23 9.67
CA VAL P 129 16.59 -16.73 8.46
C VAL P 129 15.62 -15.90 7.60
N PRO P 130 14.33 -16.26 7.48
CA PRO P 130 13.44 -15.42 6.66
C PRO P 130 13.39 -13.95 7.13
N LEU P 131 13.43 -13.72 8.44
CA LEU P 131 13.43 -12.35 8.99
C LEU P 131 14.77 -11.70 8.66
N LEU P 132 15.88 -12.43 8.78
CA LEU P 132 17.19 -11.88 8.41
C LEU P 132 17.18 -11.45 6.93
N ASN P 133 16.68 -12.30 6.05
CA ASN P 133 16.59 -11.99 4.60
C ASN P 133 15.76 -10.73 4.38
N THR P 134 14.69 -10.55 5.16
CA THR P 134 13.86 -9.34 5.08
C THR P 134 14.68 -8.11 5.47
N SER P 135 15.44 -8.21 6.55
CA SER P 135 16.30 -7.07 7.03
C SER P 135 17.35 -6.80 5.94
N VAL P 136 17.83 -7.84 5.28
CA VAL P 136 18.90 -7.69 4.26
C VAL P 136 18.36 -6.93 3.05
N LEU P 137 17.24 -7.35 2.48
CA LEU P 137 16.73 -6.66 1.27
C LEU P 137 16.24 -5.26 1.67
N LEU P 138 15.61 -5.05 2.83
CA LEU P 138 15.19 -3.67 3.22
C LEU P 138 16.45 -2.77 3.35
N ALA P 139 17.48 -3.29 3.99
CA ALA P 139 18.74 -2.54 4.16
C ALA P 139 19.28 -2.14 2.78
N SER P 140 19.23 -3.06 1.81
CA SER P 140 19.78 -2.84 0.45
C SER P 140 18.93 -1.77 -0.24
N GLY P 141 17.64 -1.63 0.11
CA GLY P 141 16.81 -0.56 -0.45
C GLY P 141 17.28 0.80 0.08
N VAL P 142 17.76 0.83 1.32
CA VAL P 142 18.33 2.06 1.91
C VAL P 142 19.67 2.38 1.22
N SER P 143 20.56 1.40 1.13
CA SER P 143 21.91 1.66 0.58
C SER P 143 21.81 2.07 -0.90
N ILE P 144 20.87 1.48 -1.68
N ILE P 144 20.88 1.47 -1.67
CA ILE P 144 20.78 1.83 -3.11
CA ILE P 144 20.79 1.84 -3.12
C ILE P 144 20.29 3.28 -3.23
C ILE P 144 20.30 3.29 -3.22
N THR P 145 19.49 3.74 -2.26
CA THR P 145 19.00 5.14 -2.26
C THR P 145 20.17 6.08 -1.93
N TRP P 146 20.98 5.72 -0.94
CA TRP P 146 22.24 6.47 -0.67
C TRP P 146 23.07 6.54 -1.97
N ALA P 147 23.25 5.43 -2.68
CA ALA P 147 24.04 5.41 -3.94
C ALA P 147 23.46 6.43 -4.93
N HIS P 148 22.14 6.39 -5.10
CA HIS P 148 21.44 7.30 -6.04
C HIS P 148 21.78 8.76 -5.70
N HIS P 149 21.57 9.17 -4.46
CA HIS P 149 21.80 10.55 -4.01
C HIS P 149 23.28 10.89 -4.18
N SER P 150 24.19 9.96 -3.89
CA SER P 150 25.64 10.24 -4.06
C SER P 150 25.91 10.57 -5.52
N LEU P 151 25.35 9.77 -6.43
CA LEU P 151 25.59 9.99 -7.87
C LEU P 151 25.02 11.37 -8.28
N MET P 152 23.79 11.69 -7.89
CA MET P 152 23.19 12.98 -8.24
C MET P 152 24.03 14.13 -7.67
N GLU P 153 24.66 13.94 -6.51
CA GLU P 153 25.48 14.99 -5.86
C GLU P 153 26.91 14.95 -6.40
N GLY P 154 27.27 14.09 -7.34
CA GLY P 154 28.62 14.14 -7.95
C GLY P 154 29.69 13.44 -7.12
N ASP P 155 29.31 12.54 -6.23
CA ASP P 155 30.22 11.91 -5.24
C ASP P 155 30.54 10.46 -5.71
N ARG P 156 31.62 10.34 -6.43
CA ARG P 156 32.07 9.05 -7.01
C ARG P 156 32.31 8.03 -5.88
N LYS P 157 33.17 8.38 -4.92
CA LYS P 157 33.58 7.45 -3.84
C LYS P 157 32.34 6.89 -3.10
N HIS P 158 31.45 7.77 -2.65
CA HIS P 158 30.30 7.36 -1.82
C HIS P 158 29.28 6.59 -2.69
N MET P 159 29.10 6.97 -3.97
CA MET P 159 28.28 6.15 -4.90
C MET P 159 28.85 4.72 -4.94
N LEU P 160 30.15 4.58 -5.17
CA LEU P 160 30.76 3.23 -5.27
C LEU P 160 30.62 2.48 -3.94
N GLN P 161 30.81 3.15 -2.80
N GLN P 161 30.84 3.16 -2.79
CA GLN P 161 30.69 2.42 -1.49
CA GLN P 161 30.70 2.51 -1.45
C GLN P 161 29.23 1.95 -1.29
C GLN P 161 29.25 1.98 -1.28
N ALA P 162 28.27 2.84 -1.53
CA ALA P 162 26.85 2.52 -1.30
C ALA P 162 26.40 1.37 -2.24
N LEU P 163 26.82 1.41 -3.50
CA LEU P 163 26.43 0.37 -4.50
C LEU P 163 27.11 -0.95 -4.13
N PHE P 164 28.39 -0.90 -3.68
CA PHE P 164 29.08 -2.13 -3.24
C PHE P 164 28.34 -2.77 -2.05
N ILE P 165 27.90 -1.95 -1.11
CA ILE P 165 27.13 -2.44 0.05
C ILE P 165 25.82 -3.05 -0.45
N THR P 166 25.14 -2.40 -1.40
CA THR P 166 23.86 -2.94 -1.94
C THR P 166 24.12 -4.33 -2.56
N ILE P 167 25.16 -4.44 -3.40
CA ILE P 167 25.47 -5.73 -4.08
C ILE P 167 25.79 -6.79 -3.03
N THR P 168 26.58 -6.42 -2.04
CA THR P 168 27.00 -7.33 -0.94
C THR P 168 25.74 -7.89 -0.26
N LEU P 169 24.76 -7.02 -0.02
CA LEU P 169 23.51 -7.48 0.65
C LEU P 169 22.74 -8.43 -0.28
N GLY P 170 22.64 -8.10 -1.57
CA GLY P 170 22.04 -9.03 -2.56
C GLY P 170 22.70 -10.39 -2.55
N VAL P 171 24.03 -10.43 -2.54
CA VAL P 171 24.78 -11.72 -2.47
C VAL P 171 24.44 -12.42 -1.16
N TYR P 172 24.43 -11.68 -0.05
CA TYR P 172 24.14 -12.24 1.30
C TYR P 172 22.74 -12.89 1.23
N PHE P 173 21.75 -12.21 0.65
CA PHE P 173 20.39 -12.79 0.59
C PHE P 173 20.46 -14.14 -0.17
N THR P 174 21.16 -14.11 -1.31
CA THR P 174 21.27 -15.28 -2.21
C THR P 174 21.97 -16.42 -1.44
N LEU P 175 23.06 -16.18 -0.75
CA LEU P 175 23.73 -17.29 0.01
C LEU P 175 22.81 -17.78 1.14
N LEU P 176 22.09 -16.88 1.81
CA LEU P 176 21.17 -17.28 2.91
C LEU P 176 20.08 -18.15 2.32
N GLN P 177 19.53 -17.78 1.18
CA GLN P 177 18.41 -18.54 0.58
C GLN P 177 18.92 -19.91 0.09
N ALA P 178 20.10 -19.97 -0.52
CA ALA P 178 20.74 -21.24 -0.95
C ALA P 178 20.85 -22.15 0.27
N SER P 179 21.38 -21.62 1.38
CA SER P 179 21.52 -22.39 2.63
C SER P 179 20.14 -22.86 3.15
N GLU P 180 19.15 -21.96 3.22
N GLU P 180 19.11 -22.02 3.18
CA GLU P 180 17.74 -22.28 3.58
CA GLU P 180 17.80 -22.47 3.71
C GLU P 180 17.24 -23.48 2.76
C GLU P 180 17.15 -23.48 2.74
N TYR P 181 17.42 -23.40 1.43
CA TYR P 181 16.94 -24.41 0.46
C TYR P 181 17.50 -25.77 0.87
N TYR P 182 18.79 -25.81 1.12
CA TYR P 182 19.48 -27.07 1.49
C TYR P 182 18.97 -27.56 2.88
N GLU P 183 18.76 -26.67 3.86
CA GLU P 183 18.35 -27.08 5.24
C GLU P 183 16.86 -27.40 5.27
N ALA P 184 16.06 -26.93 4.32
CA ALA P 184 14.59 -27.10 4.41
C ALA P 184 14.25 -28.59 4.50
N PRO P 185 13.43 -29.01 5.49
CA PRO P 185 13.03 -30.41 5.60
C PRO P 185 11.96 -30.82 4.58
N PHE P 186 11.38 -29.88 3.85
CA PHE P 186 10.38 -30.12 2.78
C PHE P 186 11.08 -29.76 1.46
N THR P 187 10.58 -30.33 0.37
CA THR P 187 11.11 -30.21 -1.01
C THR P 187 10.02 -29.72 -1.95
N ILE P 188 10.42 -29.45 -3.19
CA ILE P 188 9.45 -29.07 -4.26
C ILE P 188 8.39 -30.18 -4.47
N SER P 189 8.73 -31.43 -4.17
CA SER P 189 7.84 -32.61 -4.35
C SER P 189 6.91 -32.82 -3.12
N ASP P 190 6.96 -31.95 -2.09
CA ASP P 190 6.10 -32.13 -0.90
C ASP P 190 4.77 -31.42 -1.15
N GLY P 191 4.06 -31.90 -2.15
CA GLY P 191 2.73 -31.42 -2.52
C GLY P 191 2.72 -29.94 -2.83
N VAL P 192 1.52 -29.36 -2.68
CA VAL P 192 1.27 -27.98 -3.11
C VAL P 192 2.01 -27.02 -2.17
N TYR P 193 2.30 -27.42 -0.93
CA TYR P 193 3.09 -26.58 0.00
C TYR P 193 4.48 -26.39 -0.59
N GLY P 194 5.16 -27.49 -0.91
CA GLY P 194 6.49 -27.42 -1.52
C GLY P 194 6.46 -26.74 -2.88
N SER P 195 5.44 -27.03 -3.69
CA SER P 195 5.29 -26.50 -5.06
C SER P 195 5.26 -24.95 -4.97
N THR P 196 4.34 -24.42 -4.17
CA THR P 196 4.16 -22.96 -4.07
C THR P 196 5.41 -22.36 -3.44
N PHE P 197 5.94 -22.97 -2.37
CA PHE P 197 7.09 -22.40 -1.67
C PHE P 197 8.26 -22.26 -2.67
N PHE P 198 8.65 -23.38 -3.30
CA PHE P 198 9.91 -23.38 -4.08
C PHE P 198 9.72 -22.66 -5.42
N VAL P 199 8.56 -22.76 -6.06
CA VAL P 199 8.44 -22.08 -7.38
C VAL P 199 8.37 -20.55 -7.16
N ALA P 200 7.58 -20.07 -6.18
CA ALA P 200 7.46 -18.61 -5.95
C ALA P 200 8.79 -18.05 -5.40
N THR P 201 9.36 -18.64 -4.34
CA THR P 201 10.64 -18.13 -3.79
C THR P 201 11.78 -18.37 -4.80
N GLY P 202 11.70 -19.42 -5.63
CA GLY P 202 12.73 -19.74 -6.64
C GLY P 202 12.73 -18.70 -7.75
N PHE P 203 11.57 -18.34 -8.30
CA PHE P 203 11.51 -17.26 -9.31
C PHE P 203 11.99 -15.96 -8.65
N HIS P 204 11.61 -15.73 -7.39
CA HIS P 204 12.10 -14.53 -6.67
C HIS P 204 13.63 -14.56 -6.59
N GLY P 205 14.21 -15.69 -6.20
CA GLY P 205 15.69 -15.83 -6.10
C GLY P 205 16.38 -15.56 -7.43
N LEU P 206 15.81 -16.05 -8.53
CA LEU P 206 16.31 -15.77 -9.89
C LEU P 206 16.31 -14.25 -10.13
N HIS P 207 15.22 -13.54 -9.76
CA HIS P 207 15.13 -12.09 -9.96
C HIS P 207 16.17 -11.38 -9.07
N VAL P 208 16.44 -11.88 -7.87
CA VAL P 208 17.51 -11.30 -7.02
C VAL P 208 18.87 -11.46 -7.75
N ILE P 209 19.13 -12.63 -8.34
CA ILE P 209 20.39 -12.85 -9.09
C ILE P 209 20.45 -11.91 -10.31
N ILE P 210 19.36 -11.81 -11.06
CA ILE P 210 19.26 -10.85 -12.20
C ILE P 210 19.56 -9.44 -11.68
N GLY P 211 18.87 -9.03 -10.61
CA GLY P 211 18.99 -7.66 -10.08
C GLY P 211 20.40 -7.37 -9.61
N SER P 212 20.98 -8.33 -8.93
CA SER P 212 22.37 -8.24 -8.44
C SER P 212 23.31 -8.07 -9.63
N THR P 213 23.10 -8.85 -10.68
CA THR P 213 23.92 -8.79 -11.91
C THR P 213 23.81 -7.38 -12.52
N PHE P 214 22.58 -6.85 -12.62
CA PHE P 214 22.35 -5.49 -13.14
C PHE P 214 23.15 -4.47 -12.28
N LEU P 215 23.07 -4.57 -10.96
CA LEU P 215 23.79 -3.63 -10.06
C LEU P 215 25.30 -3.77 -10.30
N ILE P 216 25.78 -5.00 -10.50
CA ILE P 216 27.24 -5.23 -10.77
C ILE P 216 27.63 -4.56 -12.11
N VAL P 217 26.78 -4.67 -13.13
CA VAL P 217 27.02 -3.92 -14.40
C VAL P 217 27.12 -2.43 -14.04
N CYS P 218 26.17 -1.88 -13.27
CA CYS P 218 26.22 -0.44 -12.94
C CYS P 218 27.52 -0.13 -12.18
N PHE P 219 27.94 -1.02 -11.29
CA PHE P 219 29.17 -0.78 -10.47
C PHE P 219 30.38 -0.61 -11.41
N PHE P 220 30.55 -1.54 -12.34
CA PHE P 220 31.68 -1.47 -13.30
C PHE P 220 31.51 -0.26 -14.24
N ARG P 221 30.29 0.07 -14.65
CA ARG P 221 30.15 1.29 -15.48
C ARG P 221 30.56 2.53 -14.67
N GLN P 222 30.16 2.59 -13.40
CA GLN P 222 30.51 3.71 -12.52
C GLN P 222 32.02 3.73 -12.36
N LEU P 223 32.64 2.58 -12.15
CA LEU P 223 34.13 2.58 -12.05
C LEU P 223 34.76 3.20 -13.30
N LYS P 224 34.19 2.99 -14.49
CA LYS P 224 34.72 3.51 -15.79
C LYS P 224 34.13 4.90 -16.15
N PHE P 225 33.51 5.58 -15.19
CA PHE P 225 33.02 6.99 -15.27
C PHE P 225 31.91 7.16 -16.32
N HIS P 226 31.14 6.11 -16.62
CA HIS P 226 30.08 6.21 -17.67
C HIS P 226 28.95 7.15 -17.24
N PHE P 227 28.60 7.16 -15.98
CA PHE P 227 27.45 7.93 -15.48
C PHE P 227 27.86 9.39 -15.22
N THR P 228 26.99 10.31 -15.64
CA THR P 228 27.05 11.71 -15.20
C THR P 228 26.10 11.86 -14.00
N SER P 229 26.25 12.98 -13.29
CA SER P 229 25.41 13.33 -12.12
C SER P 229 23.95 13.49 -12.56
N ASN P 230 23.71 13.72 -13.85
CA ASN P 230 22.32 13.92 -14.36
C ASN P 230 21.82 12.81 -15.29
N HIS P 231 22.70 12.01 -15.84
CA HIS P 231 22.36 11.02 -16.91
C HIS P 231 22.93 9.66 -16.50
N HIS P 232 22.04 8.77 -16.11
CA HIS P 232 22.41 7.46 -15.50
C HIS P 232 21.17 6.56 -15.48
N PHE P 233 20.53 6.39 -16.62
CA PHE P 233 19.26 5.61 -16.68
C PHE P 233 19.52 4.15 -16.31
N GLY P 234 20.65 3.56 -16.71
CA GLY P 234 20.93 2.16 -16.35
C GLY P 234 20.93 1.99 -14.84
N PHE P 235 21.49 2.95 -14.12
CA PHE P 235 21.42 2.97 -12.63
C PHE P 235 19.95 3.13 -12.17
N GLU P 236 19.22 4.08 -12.70
CA GLU P 236 17.79 4.23 -12.28
C GLU P 236 17.01 2.92 -12.51
N ALA P 237 17.14 2.33 -13.69
CA ALA P 237 16.41 1.09 -14.06
C ALA P 237 16.80 -0.03 -13.09
N ALA P 238 18.09 -0.17 -12.77
CA ALA P 238 18.57 -1.21 -11.86
C ALA P 238 17.98 -0.97 -10.47
N ALA P 239 17.90 0.30 -10.02
CA ALA P 239 17.32 0.68 -8.72
C ALA P 239 15.82 0.36 -8.72
N TRP P 240 15.10 0.69 -9.79
CA TRP P 240 13.65 0.36 -9.86
C TRP P 240 13.48 -1.16 -9.78
N TYR P 241 14.29 -1.87 -10.56
CA TYR P 241 14.20 -3.34 -10.58
C TYR P 241 14.48 -3.89 -9.17
N TRP P 242 15.46 -3.30 -8.50
CA TRP P 242 15.88 -3.74 -7.15
C TRP P 242 14.73 -3.48 -6.16
N HIS P 243 14.12 -2.32 -6.23
CA HIS P 243 12.96 -2.08 -5.33
C HIS P 243 11.83 -3.10 -5.64
N PHE P 244 11.57 -3.40 -6.90
CA PHE P 244 10.58 -4.43 -7.29
C PHE P 244 10.88 -5.76 -6.59
N VAL P 245 12.15 -6.17 -6.65
CA VAL P 245 12.59 -7.43 -6.04
C VAL P 245 12.35 -7.40 -4.52
N ASP P 246 12.65 -6.28 -3.84
N ASP P 246 12.65 -6.25 -3.91
CA ASP P 246 12.38 -6.09 -2.39
CA ASP P 246 12.54 -5.98 -2.46
C ASP P 246 10.88 -6.27 -2.18
C ASP P 246 11.01 -6.07 -2.11
N VAL P 247 10.09 -5.52 -2.93
CA VAL P 247 8.62 -5.55 -2.65
C VAL P 247 8.08 -6.98 -2.86
N VAL P 248 8.52 -7.69 -3.90
CA VAL P 248 8.03 -9.07 -4.10
C VAL P 248 8.43 -9.88 -2.86
N TRP P 249 9.63 -9.66 -2.32
CA TRP P 249 10.09 -10.43 -1.12
C TRP P 249 9.14 -10.15 0.04
N LEU P 250 8.84 -8.87 0.30
CA LEU P 250 7.94 -8.52 1.43
C LEU P 250 6.59 -9.25 1.27
N PHE P 251 6.04 -9.33 0.06
CA PHE P 251 4.77 -10.06 -0.18
C PHE P 251 4.99 -11.57 0.06
N LEU P 252 6.10 -12.11 -0.41
CA LEU P 252 6.37 -13.54 -0.13
C LEU P 252 6.46 -13.77 1.39
N TYR P 253 7.20 -12.91 2.07
CA TYR P 253 7.45 -13.06 3.52
C TYR P 253 6.10 -13.06 4.26
N VAL P 254 5.27 -12.06 4.00
CA VAL P 254 3.97 -11.96 4.70
C VAL P 254 3.06 -13.15 4.31
N SER P 255 3.04 -13.54 3.04
CA SER P 255 2.07 -14.52 2.52
C SER P 255 2.51 -15.96 2.84
N ILE P 256 3.67 -16.33 2.36
CA ILE P 256 4.11 -17.75 2.35
C ILE P 256 4.78 -18.07 3.70
N TYR P 257 5.70 -17.22 4.16
CA TYR P 257 6.52 -17.59 5.34
C TYR P 257 5.75 -17.37 6.65
N TRP P 258 5.01 -16.26 6.71
CA TRP P 258 4.38 -15.82 7.98
C TRP P 258 2.94 -16.31 8.01
N TRP P 259 2.06 -15.71 7.20
CA TRP P 259 0.62 -16.08 7.19
C TRP P 259 0.48 -17.58 6.84
N GLY P 260 1.29 -18.10 5.93
CA GLY P 260 1.16 -19.50 5.50
C GLY P 260 1.82 -20.49 6.46
N SER P 261 2.38 -20.05 7.59
CA SER P 261 3.13 -20.96 8.50
C SER P 261 2.19 -21.56 9.56
N ASP Q 10 4.62 13.89 -56.56
CA ASP Q 10 3.21 13.81 -57.09
C ASP Q 10 2.27 13.55 -55.91
N TYR Q 11 2.68 12.61 -55.03
CA TYR Q 11 1.99 12.34 -53.75
C TYR Q 11 2.03 13.58 -52.86
N ALA Q 12 2.99 14.48 -53.09
CA ALA Q 12 3.21 15.69 -52.25
C ALA Q 12 2.48 16.88 -52.87
N LEU Q 13 1.86 16.75 -54.04
CA LEU Q 13 1.25 17.93 -54.70
C LEU Q 13 -0.27 17.81 -54.69
N PRO Q 14 -1.02 18.92 -54.68
CA PRO Q 14 -2.48 18.85 -54.88
C PRO Q 14 -2.79 18.09 -56.17
N SER Q 15 -3.88 17.33 -56.18
CA SER Q 15 -4.26 16.48 -57.33
C SER Q 15 -5.74 16.73 -57.69
N TYR Q 16 -6.14 16.21 -58.83
CA TYR Q 16 -7.52 16.29 -59.34
C TYR Q 16 -8.31 15.09 -58.81
N VAL Q 17 -9.58 15.28 -58.49
N VAL Q 17 -9.56 15.30 -58.45
CA VAL Q 17 -10.50 14.18 -58.06
CA VAL Q 17 -10.50 14.17 -58.18
C VAL Q 17 -11.92 14.55 -58.52
C VAL Q 17 -11.87 14.59 -58.70
N ASP Q 18 -12.64 13.61 -59.11
CA ASP Q 18 -14.10 13.76 -59.39
C ASP Q 18 -14.82 13.10 -58.23
N ARG Q 19 -15.36 13.90 -57.34
CA ARG Q 19 -16.08 13.42 -56.13
C ARG Q 19 -17.26 14.36 -55.97
N ARG Q 20 -18.45 13.81 -55.86
CA ARG Q 20 -19.69 14.62 -55.85
C ARG Q 20 -19.70 15.51 -54.60
N ASP Q 21 -19.01 15.09 -53.54
CA ASP Q 21 -18.90 15.80 -52.24
C ASP Q 21 -17.66 16.74 -52.23
N TYR Q 22 -16.93 16.87 -53.34
CA TYR Q 22 -15.76 17.79 -53.47
C TYR Q 22 -15.82 18.38 -54.87
N PRO Q 23 -16.89 19.14 -55.17
CA PRO Q 23 -17.18 19.55 -56.54
C PRO Q 23 -16.13 20.41 -57.24
N LEU Q 24 -15.36 21.20 -56.48
CA LEU Q 24 -14.33 22.12 -57.04
C LEU Q 24 -12.95 21.65 -56.59
N PRO Q 25 -12.33 20.72 -57.35
CA PRO Q 25 -11.05 20.13 -56.95
C PRO Q 25 -9.94 21.19 -56.87
N ASP Q 26 -8.81 20.75 -56.34
CA ASP Q 26 -7.66 21.62 -56.00
C ASP Q 26 -6.98 22.14 -57.26
N VAL Q 27 -7.04 21.42 -58.37
CA VAL Q 27 -6.39 21.84 -59.66
C VAL Q 27 -7.36 21.62 -60.81
N ALA Q 28 -7.10 22.30 -61.92
CA ALA Q 28 -7.77 22.14 -63.22
C ALA Q 28 -7.46 20.74 -63.73
N HIS Q 29 -8.41 20.08 -64.38
CA HIS Q 29 -8.14 18.81 -65.11
C HIS Q 29 -6.95 18.96 -66.06
N VAL Q 30 -6.89 20.07 -66.80
CA VAL Q 30 -5.87 20.33 -67.88
C VAL Q 30 -4.95 21.43 -67.37
N LYS Q 31 -3.71 21.05 -67.07
CA LYS Q 31 -2.68 21.94 -66.49
C LYS Q 31 -2.10 22.82 -67.59
N ASN Q 32 -1.71 22.23 -68.73
CA ASN Q 32 -0.93 22.95 -69.77
C ASN Q 32 -1.78 23.18 -71.01
N LEU Q 33 -2.04 24.44 -71.31
CA LEU Q 33 -2.96 24.91 -72.37
C LEU Q 33 -2.19 25.20 -73.66
N SER Q 34 -2.70 24.72 -74.81
CA SER Q 34 -2.41 25.20 -76.20
C SER Q 34 -2.75 26.68 -76.33
N ALA Q 35 -2.31 27.31 -77.43
CA ALA Q 35 -2.54 28.75 -77.75
C ALA Q 35 -4.05 28.99 -77.96
N SER Q 36 -4.79 28.03 -78.53
CA SER Q 36 -6.25 28.16 -78.80
C SER Q 36 -7.03 28.10 -77.47
N GLN Q 37 -6.65 27.16 -76.59
CA GLN Q 37 -7.24 27.01 -75.22
C GLN Q 37 -6.95 28.26 -74.40
N LYS Q 38 -5.73 28.80 -74.52
CA LYS Q 38 -5.33 30.06 -73.86
C LYS Q 38 -6.21 31.23 -74.36
N ALA Q 39 -6.52 31.26 -75.66
CA ALA Q 39 -7.35 32.33 -76.30
C ALA Q 39 -8.82 32.17 -75.84
N LEU Q 40 -9.28 30.94 -75.70
CA LEU Q 40 -10.63 30.64 -75.14
C LEU Q 40 -10.71 31.14 -73.69
N LYS Q 41 -9.66 30.96 -72.89
CA LYS Q 41 -9.61 31.48 -71.48
C LYS Q 41 -9.63 33.01 -71.52
N GLU Q 42 -9.00 33.61 -72.53
CA GLU Q 42 -9.06 35.08 -72.76
C GLU Q 42 -10.51 35.45 -73.09
N LYS Q 43 -11.12 34.72 -74.01
CA LYS Q 43 -12.52 34.99 -74.42
C LYS Q 43 -13.44 34.91 -73.19
N GLU Q 44 -13.16 33.99 -72.26
CA GLU Q 44 -13.90 33.77 -70.98
C GLU Q 44 -13.94 35.05 -70.13
N LYS Q 45 -13.04 36.01 -70.32
CA LYS Q 45 -12.96 37.25 -69.48
C LYS Q 45 -14.02 38.26 -69.92
N ALA Q 46 -14.59 38.03 -71.11
CA ALA Q 46 -15.67 38.85 -71.68
C ALA Q 46 -17.00 38.13 -71.39
N SER Q 47 -18.12 38.75 -71.78
CA SER Q 47 -19.48 38.19 -71.57
C SER Q 47 -19.55 36.72 -71.99
N TRP Q 48 -20.06 35.86 -71.11
CA TRP Q 48 -20.28 34.42 -71.40
C TRP Q 48 -21.42 34.25 -72.44
N SER Q 49 -22.35 35.20 -72.58
CA SER Q 49 -23.38 35.23 -73.67
C SER Q 49 -22.73 35.16 -75.06
N SER Q 50 -21.49 35.69 -75.21
CA SER Q 50 -20.71 35.73 -76.49
C SER Q 50 -20.03 34.37 -76.75
N LEU Q 51 -19.95 33.50 -75.73
CA LEU Q 51 -19.43 32.12 -75.81
C LEU Q 51 -20.46 31.24 -76.56
N SER Q 52 -20.00 30.38 -77.47
CA SER Q 52 -20.83 29.31 -78.08
C SER Q 52 -21.00 28.12 -77.12
N ILE Q 53 -22.00 27.28 -77.36
CA ILE Q 53 -22.22 26.01 -76.64
C ILE Q 53 -20.91 25.21 -76.64
N ASP Q 54 -20.33 25.01 -77.82
CA ASP Q 54 -19.10 24.20 -78.01
C ASP Q 54 -17.99 24.77 -77.12
N GLU Q 55 -17.94 26.09 -77.00
CA GLU Q 55 -16.85 26.81 -76.28
C GLU Q 55 -17.07 26.62 -74.78
N LYS Q 56 -18.32 26.75 -74.34
CA LYS Q 56 -18.75 26.56 -72.94
C LYS Q 56 -18.35 25.15 -72.50
N VAL Q 57 -18.68 24.15 -73.33
CA VAL Q 57 -18.36 22.71 -73.07
C VAL Q 57 -16.84 22.58 -73.00
N GLU Q 58 -16.12 23.28 -73.88
CA GLU Q 58 -14.64 23.18 -73.92
C GLU Q 58 -14.06 23.78 -72.63
N LEU Q 59 -14.57 24.91 -72.16
CA LEU Q 59 -14.09 25.50 -70.87
C LEU Q 59 -14.32 24.47 -69.77
N TYR Q 60 -15.48 23.77 -69.79
CA TYR Q 60 -15.88 22.81 -68.74
C TYR Q 60 -14.83 21.69 -68.71
N ARG Q 61 -14.46 21.22 -69.89
CA ARG Q 61 -13.59 20.03 -70.09
C ARG Q 61 -12.13 20.37 -69.77
N LEU Q 62 -11.71 21.63 -69.82
CA LEU Q 62 -10.36 22.07 -69.33
C LEU Q 62 -10.36 21.97 -67.79
N LYS Q 63 -11.47 22.30 -67.14
CA LYS Q 63 -11.51 22.44 -65.68
C LYS Q 63 -11.77 21.07 -65.04
N PHE Q 64 -12.65 20.28 -65.63
CA PHE Q 64 -13.14 19.03 -65.02
C PHE Q 64 -12.90 17.88 -65.97
N LYS Q 65 -12.69 16.66 -65.45
CA LYS Q 65 -12.56 15.43 -66.28
C LYS Q 65 -13.97 14.92 -66.57
N GLU Q 66 -14.66 14.41 -65.54
CA GLU Q 66 -16.04 13.88 -65.71
C GLU Q 66 -17.06 14.89 -65.19
N SER Q 67 -18.23 14.95 -65.82
CA SER Q 67 -19.43 15.67 -65.33
C SER Q 67 -20.04 14.84 -64.19
N PHE Q 68 -21.00 15.42 -63.46
CA PHE Q 68 -21.71 14.71 -62.38
C PHE Q 68 -22.39 13.47 -62.96
N ALA Q 69 -23.06 13.59 -64.11
CA ALA Q 69 -23.76 12.43 -64.74
C ALA Q 69 -22.75 11.31 -65.03
N GLU Q 70 -21.58 11.66 -65.56
CA GLU Q 70 -20.54 10.67 -65.93
C GLU Q 70 -20.02 9.99 -64.67
N MET Q 71 -19.63 10.75 -63.66
CA MET Q 71 -18.94 10.16 -62.48
C MET Q 71 -19.94 9.29 -61.70
N ASN Q 72 -21.23 9.57 -61.85
CA ASN Q 72 -22.31 8.89 -61.09
C ASN Q 72 -22.85 7.67 -61.86
N ARG Q 73 -22.32 7.34 -63.03
CA ARG Q 73 -22.99 6.29 -63.84
C ARG Q 73 -22.82 4.94 -63.15
N SER Q 74 -23.80 4.07 -63.31
CA SER Q 74 -23.76 2.69 -62.77
C SER Q 74 -23.13 1.80 -63.84
N THR Q 75 -22.71 0.60 -63.46
CA THR Q 75 -21.91 -0.29 -64.32
C THR Q 75 -22.53 -1.68 -64.30
N ASN Q 76 -22.03 -2.53 -65.18
CA ASN Q 76 -22.45 -3.96 -65.29
C ASN Q 76 -21.55 -4.83 -64.41
N GLU Q 77 -20.70 -4.25 -63.58
CA GLU Q 77 -19.67 -5.00 -62.81
C GLU Q 77 -20.35 -6.10 -61.97
N TRP Q 78 -21.55 -5.82 -61.43
CA TRP Q 78 -22.26 -6.77 -60.53
C TRP Q 78 -22.45 -8.10 -61.26
N LYS Q 79 -22.62 -8.08 -62.59
CA LYS Q 79 -22.88 -9.30 -63.36
C LYS Q 79 -21.64 -10.17 -63.32
N THR Q 80 -20.49 -9.56 -63.58
CA THR Q 80 -19.20 -10.27 -63.55
C THR Q 80 -18.96 -10.83 -62.15
N VAL Q 81 -19.19 -10.03 -61.10
CA VAL Q 81 -18.85 -10.45 -59.72
C VAL Q 81 -19.77 -11.61 -59.31
N VAL Q 82 -21.09 -11.45 -59.53
CA VAL Q 82 -22.05 -12.51 -59.10
C VAL Q 82 -21.81 -13.78 -59.94
N GLY Q 83 -21.61 -13.63 -61.25
CA GLY Q 83 -21.39 -14.81 -62.10
C GLY Q 83 -20.08 -15.53 -61.75
N ALA Q 84 -18.98 -14.79 -61.57
CA ALA Q 84 -17.66 -15.38 -61.23
C ALA Q 84 -17.76 -16.07 -59.86
N ALA Q 85 -18.44 -15.46 -58.89
CA ALA Q 85 -18.61 -16.07 -57.55
C ALA Q 85 -19.33 -17.40 -57.72
N MET Q 86 -20.40 -17.41 -58.52
CA MET Q 86 -21.17 -18.65 -58.76
C MET Q 86 -20.27 -19.65 -59.50
N PHE Q 87 -19.40 -19.22 -60.40
CA PHE Q 87 -18.47 -20.17 -61.07
C PHE Q 87 -17.57 -20.84 -60.02
N PHE Q 88 -17.02 -20.06 -59.11
CA PHE Q 88 -16.06 -20.57 -58.08
C PHE Q 88 -16.78 -21.44 -57.05
N ILE Q 89 -17.98 -21.06 -56.67
CA ILE Q 89 -18.81 -21.90 -55.78
C ILE Q 89 -19.15 -23.23 -56.50
N GLY Q 90 -19.48 -23.17 -57.78
CA GLY Q 90 -19.64 -24.40 -58.58
C GLY Q 90 -18.39 -25.25 -58.58
N PHE Q 91 -17.23 -24.62 -58.76
CA PHE Q 91 -15.95 -25.35 -58.80
C PHE Q 91 -15.78 -26.08 -57.48
N THR Q 92 -16.23 -25.48 -56.39
CA THR Q 92 -16.10 -26.09 -55.04
C THR Q 92 -16.83 -27.45 -54.99
N ALA Q 93 -18.01 -27.55 -55.60
CA ALA Q 93 -18.82 -28.79 -55.63
C ALA Q 93 -18.01 -29.85 -56.36
N LEU Q 94 -17.16 -29.48 -57.33
CA LEU Q 94 -16.27 -30.47 -58.02
C LEU Q 94 -15.30 -31.06 -56.98
N LEU Q 95 -14.78 -30.23 -56.10
CA LEU Q 95 -13.87 -30.70 -55.02
C LEU Q 95 -14.63 -31.66 -54.10
N LEU Q 96 -15.90 -31.37 -53.80
CA LEU Q 96 -16.71 -32.21 -52.88
C LEU Q 96 -17.06 -33.56 -53.55
N ILE Q 97 -17.33 -33.52 -54.86
CA ILE Q 97 -17.60 -34.74 -55.66
C ILE Q 97 -16.34 -35.59 -55.59
N TRP Q 98 -15.16 -35.00 -55.78
CA TRP Q 98 -13.84 -35.71 -55.72
C TRP Q 98 -13.65 -36.33 -54.34
N GLU Q 99 -13.94 -35.58 -53.28
CA GLU Q 99 -13.74 -36.09 -51.91
C GLU Q 99 -14.68 -37.27 -51.68
N LYS Q 100 -15.94 -37.16 -52.11
CA LYS Q 100 -16.92 -38.23 -51.86
C LYS Q 100 -16.45 -39.50 -52.57
N HIS Q 101 -15.97 -39.37 -53.81
CA HIS Q 101 -15.52 -40.51 -54.67
C HIS Q 101 -14.25 -41.12 -54.08
N TYR Q 102 -13.24 -40.35 -53.71
CA TYR Q 102 -11.88 -40.90 -53.47
C TYR Q 102 -11.45 -40.90 -51.99
N VAL Q 103 -12.16 -40.22 -51.10
CA VAL Q 103 -11.66 -40.04 -49.70
C VAL Q 103 -12.59 -40.80 -48.77
N TYR Q 104 -13.87 -40.50 -48.87
CA TYR Q 104 -14.91 -41.05 -47.98
C TYR Q 104 -15.16 -42.51 -48.35
N GLY Q 105 -15.15 -43.37 -47.33
CA GLY Q 105 -15.57 -44.77 -47.44
C GLY Q 105 -17.06 -44.87 -47.13
N PRO Q 106 -17.58 -46.10 -46.99
CA PRO Q 106 -18.99 -46.29 -46.68
C PRO Q 106 -19.36 -45.62 -45.35
N ILE Q 107 -20.60 -45.14 -45.28
CA ILE Q 107 -21.13 -44.62 -44.00
C ILE Q 107 -21.62 -45.82 -43.20
N PRO Q 108 -21.84 -45.64 -41.89
CA PRO Q 108 -22.25 -46.74 -41.04
C PRO Q 108 -23.57 -47.39 -41.45
N HIS Q 109 -23.72 -48.67 -41.13
CA HIS Q 109 -24.89 -49.50 -41.49
C HIS Q 109 -26.17 -48.93 -40.84
N THR Q 110 -26.05 -48.05 -39.85
CA THR Q 110 -27.24 -47.51 -39.14
C THR Q 110 -28.02 -46.54 -40.06
N PHE Q 111 -27.48 -46.17 -41.23
CA PHE Q 111 -28.18 -45.32 -42.21
C PHE Q 111 -28.94 -46.16 -43.24
N GLU Q 112 -28.80 -47.47 -43.21
CA GLU Q 112 -29.60 -48.33 -44.14
C GLU Q 112 -31.11 -48.18 -43.87
N GLU Q 113 -31.87 -48.27 -44.93
CA GLU Q 113 -33.34 -47.98 -44.93
C GLU Q 113 -34.03 -48.81 -43.84
N GLU Q 114 -33.65 -50.09 -43.71
CA GLU Q 114 -34.31 -51.03 -42.75
C GLU Q 114 -33.94 -50.65 -41.32
N TRP Q 115 -32.67 -50.35 -41.07
CA TRP Q 115 -32.21 -49.88 -39.74
C TRP Q 115 -33.00 -48.62 -39.35
N VAL Q 116 -33.12 -47.67 -40.26
CA VAL Q 116 -33.82 -46.37 -39.99
C VAL Q 116 -35.30 -46.62 -39.68
N ALA Q 117 -35.93 -47.56 -40.38
CA ALA Q 117 -37.36 -47.90 -40.14
C ALA Q 117 -37.53 -48.41 -38.69
N LYS Q 118 -36.64 -49.30 -38.25
CA LYS Q 118 -36.67 -49.94 -36.91
C LYS Q 118 -36.35 -48.89 -35.85
N GLN Q 119 -35.33 -48.08 -36.13
CA GLN Q 119 -34.83 -47.01 -35.23
C GLN Q 119 -35.96 -45.97 -35.04
N THR Q 120 -36.60 -45.59 -36.13
CA THR Q 120 -37.76 -44.67 -36.08
C THR Q 120 -38.86 -45.26 -35.20
N LYS Q 121 -39.22 -46.53 -35.37
CA LYS Q 121 -40.25 -47.13 -34.48
C LYS Q 121 -39.79 -47.08 -33.02
N ARG Q 122 -38.56 -47.51 -32.71
CA ARG Q 122 -38.05 -47.50 -31.30
C ARG Q 122 -38.09 -46.07 -30.71
N MET Q 123 -37.77 -45.05 -31.50
CA MET Q 123 -37.86 -43.64 -31.06
C MET Q 123 -39.33 -43.29 -30.72
N LEU Q 124 -40.28 -43.76 -31.53
CA LEU Q 124 -41.72 -43.47 -31.28
C LEU Q 124 -42.16 -44.23 -30.05
N ASP Q 125 -41.64 -45.44 -29.85
CA ASP Q 125 -41.98 -46.32 -28.69
C ASP Q 125 -41.44 -45.71 -27.39
N MET Q 126 -40.29 -45.04 -27.45
CA MET Q 126 -39.79 -44.37 -26.22
C MET Q 126 -40.27 -42.90 -26.21
N LYS Q 127 -41.10 -42.51 -27.16
CA LYS Q 127 -41.75 -41.17 -27.20
C LYS Q 127 -40.67 -40.08 -27.16
N VAL Q 128 -39.67 -40.19 -28.06
CA VAL Q 128 -38.66 -39.13 -28.30
C VAL Q 128 -39.40 -37.84 -28.64
N ALA Q 129 -39.10 -36.74 -27.94
CA ALA Q 129 -39.62 -35.40 -28.23
C ALA Q 129 -41.14 -35.45 -28.45
N PRO Q 130 -41.93 -35.79 -27.40
CA PRO Q 130 -43.38 -36.03 -27.54
C PRO Q 130 -44.22 -34.76 -27.43
N ILE Q 131 -43.58 -33.65 -27.02
CA ILE Q 131 -44.31 -32.37 -26.86
C ILE Q 131 -44.31 -31.64 -28.20
N GLN Q 132 -43.20 -31.59 -28.94
CA GLN Q 132 -43.14 -30.82 -30.22
C GLN Q 132 -42.28 -31.52 -31.29
N GLY Q 133 -41.13 -32.07 -30.90
CA GLY Q 133 -40.00 -32.28 -31.82
C GLY Q 133 -40.21 -33.45 -32.76
N PHE Q 134 -40.78 -34.58 -32.31
CA PHE Q 134 -40.68 -35.84 -33.10
C PHE Q 134 -41.94 -36.70 -32.90
N SER Q 135 -42.08 -37.34 -31.73
CA SER Q 135 -43.21 -38.23 -31.44
C SER Q 135 -44.50 -37.40 -31.45
N ALA Q 136 -44.40 -36.11 -31.17
CA ALA Q 136 -45.53 -35.14 -31.27
C ALA Q 136 -46.12 -35.18 -32.68
N LYS Q 137 -45.34 -35.57 -33.68
CA LYS Q 137 -45.75 -35.48 -35.11
C LYS Q 137 -46.27 -36.84 -35.57
N TRP Q 138 -46.33 -37.81 -34.65
CA TRP Q 138 -46.87 -39.18 -34.90
C TRP Q 138 -48.26 -39.30 -34.26
N ASP Q 139 -49.21 -39.82 -35.03
CA ASP Q 139 -50.59 -40.07 -34.53
C ASP Q 139 -50.60 -41.49 -33.96
N TYR Q 140 -50.61 -41.65 -32.63
CA TYR Q 140 -50.52 -42.97 -31.94
C TYR Q 140 -51.86 -43.70 -32.01
N ASP Q 141 -52.96 -42.99 -32.25
CA ASP Q 141 -54.33 -43.58 -32.45
C ASP Q 141 -54.42 -44.23 -33.83
N LYS Q 142 -53.98 -43.55 -34.92
CA LYS Q 142 -54.13 -44.03 -36.32
C LYS Q 142 -52.86 -44.69 -36.86
N ASN Q 143 -51.77 -44.75 -36.07
CA ASN Q 143 -50.57 -45.53 -36.47
C ASN Q 143 -50.05 -44.95 -37.79
N GLU Q 144 -49.93 -43.60 -37.87
CA GLU Q 144 -49.36 -42.88 -39.04
C GLU Q 144 -48.84 -41.47 -38.65
N TRP Q 145 -48.06 -40.83 -39.50
CA TRP Q 145 -47.61 -39.42 -39.31
C TRP Q 145 -48.83 -38.51 -39.41
N LYS Q 146 -48.93 -37.48 -38.57
CA LYS Q 146 -50.06 -36.51 -38.63
C LYS Q 146 -50.10 -35.82 -40.00
N THR R 7 -30.26 30.43 -36.74
CA THR R 7 -31.50 30.43 -37.64
C THR R 7 -31.12 30.27 -39.11
N ASP R 8 -32.06 29.72 -39.88
CA ASP R 8 -31.92 29.49 -41.34
C ASP R 8 -31.52 30.81 -42.01
N GLU R 9 -32.18 31.91 -41.65
CA GLU R 9 -31.96 33.23 -42.28
C GLU R 9 -30.53 33.70 -41.98
N GLU R 10 -30.01 33.44 -40.78
CA GLU R 10 -28.66 33.88 -40.36
C GLU R 10 -27.62 33.08 -41.14
N PHE R 11 -27.83 31.77 -41.27
CA PHE R 11 -26.97 30.83 -42.03
C PHE R 11 -26.90 31.32 -43.48
N ASP R 12 -28.05 31.57 -44.09
CA ASP R 12 -28.10 31.99 -45.51
C ASP R 12 -27.37 33.33 -45.66
N ALA R 13 -27.60 34.28 -44.74
CA ALA R 13 -27.05 35.65 -44.87
C ALA R 13 -25.51 35.54 -44.81
N ARG R 14 -24.97 34.72 -43.90
CA ARG R 14 -23.49 34.56 -43.77
C ARG R 14 -22.91 34.00 -45.08
N TRP R 15 -23.60 33.06 -45.73
CA TRP R 15 -23.10 32.46 -46.98
C TRP R 15 -23.26 33.42 -48.16
N VAL R 16 -24.33 34.20 -48.21
CA VAL R 16 -24.48 35.27 -49.24
C VAL R 16 -23.29 36.23 -49.07
N THR R 17 -23.07 36.73 -47.85
CA THR R 17 -21.96 37.67 -47.57
C THR R 17 -20.64 37.03 -48.04
N TYR R 18 -20.46 35.74 -47.77
CA TYR R 18 -19.20 35.03 -48.06
C TYR R 18 -18.92 35.16 -49.58
N PHE R 19 -19.91 34.82 -50.40
CA PHE R 19 -19.69 34.74 -51.87
C PHE R 19 -19.70 36.15 -52.48
N ASN R 20 -20.27 37.13 -51.76
CA ASN R 20 -20.48 38.50 -52.28
C ASN R 20 -19.17 39.31 -52.13
N LYS R 21 -18.21 38.85 -51.31
CA LYS R 21 -16.97 39.65 -51.14
C LYS R 21 -16.42 39.99 -52.52
N PRO R 22 -16.28 41.28 -52.91
CA PRO R 22 -15.85 41.61 -54.28
C PRO R 22 -14.55 40.88 -54.69
N ASP R 23 -13.54 40.89 -53.82
CA ASP R 23 -12.20 40.33 -54.15
C ASP R 23 -12.08 38.90 -53.60
N ILE R 24 -13.17 38.14 -53.40
CA ILE R 24 -13.08 36.67 -53.14
C ILE R 24 -12.09 36.05 -54.13
N ASP R 25 -11.20 35.18 -53.68
CA ASP R 25 -10.22 34.57 -54.60
C ASP R 25 -10.68 33.14 -54.96
N ALA R 26 -9.98 32.51 -55.89
CA ALA R 26 -10.26 31.16 -56.43
C ALA R 26 -10.33 30.15 -55.26
N TRP R 27 -9.35 30.18 -54.38
CA TRP R 27 -9.28 29.27 -53.22
C TRP R 27 -10.57 29.42 -52.37
N GLU R 28 -10.94 30.64 -52.07
CA GLU R 28 -12.13 30.93 -51.21
C GLU R 28 -13.44 30.45 -51.88
N LEU R 29 -13.54 30.58 -53.20
CA LEU R 29 -14.71 30.07 -53.97
C LEU R 29 -14.81 28.55 -53.76
N ARG R 30 -13.71 27.82 -53.94
CA ARG R 30 -13.68 26.35 -53.85
C ARG R 30 -13.98 25.94 -52.42
N LYS R 31 -13.26 26.56 -51.48
CA LYS R 31 -13.44 26.27 -50.03
C LYS R 31 -14.91 26.46 -49.68
N GLY R 32 -15.51 27.59 -50.09
CA GLY R 32 -16.94 27.86 -49.83
C GLY R 32 -17.82 26.74 -50.35
N MET R 33 -17.72 26.42 -51.64
CA MET R 33 -18.64 25.43 -52.24
C MET R 33 -18.37 24.05 -51.61
N ASN R 34 -17.10 23.69 -51.41
CA ASN R 34 -16.78 22.32 -50.95
C ASN R 34 -17.27 22.18 -49.51
N THR R 35 -17.20 23.24 -48.72
CA THR R 35 -17.72 23.24 -47.32
C THR R 35 -19.25 23.17 -47.37
N LEU R 36 -19.88 24.02 -48.16
CA LEU R 36 -21.37 24.16 -48.16
C LEU R 36 -22.05 22.82 -48.52
N VAL R 37 -21.51 22.05 -49.48
CA VAL R 37 -22.15 20.78 -49.91
C VAL R 37 -21.93 19.65 -48.88
N GLY R 38 -21.18 19.90 -47.79
CA GLY R 38 -21.11 18.95 -46.67
C GLY R 38 -22.35 18.98 -45.80
N TYR R 39 -23.15 20.04 -45.86
CA TYR R 39 -24.30 20.20 -44.95
C TYR R 39 -25.51 19.41 -45.47
N ASP R 40 -26.42 19.08 -44.55
CA ASP R 40 -27.69 18.42 -44.87
C ASP R 40 -28.66 19.49 -45.37
N LEU R 41 -28.39 20.01 -46.55
CA LEU R 41 -29.32 20.96 -47.19
C LEU R 41 -28.91 21.15 -48.64
N VAL R 42 -29.85 21.58 -49.45
CA VAL R 42 -29.56 22.18 -50.77
C VAL R 42 -29.54 23.69 -50.58
N PRO R 43 -28.45 24.35 -50.97
CA PRO R 43 -28.29 25.77 -50.73
C PRO R 43 -29.46 26.53 -51.37
N GLU R 44 -29.94 27.52 -50.64
CA GLU R 44 -30.98 28.48 -51.15
C GLU R 44 -30.49 29.19 -52.43
N PRO R 45 -31.43 29.45 -53.36
CA PRO R 45 -31.10 30.22 -54.56
C PRO R 45 -30.23 31.47 -54.27
N LYS R 46 -30.53 32.22 -53.20
CA LYS R 46 -29.78 33.48 -52.89
C LYS R 46 -28.28 33.14 -52.67
N ILE R 47 -27.97 32.00 -52.07
CA ILE R 47 -26.55 31.59 -51.84
C ILE R 47 -25.95 31.27 -53.21
N ILE R 48 -26.67 30.50 -54.03
CA ILE R 48 -26.14 30.04 -55.34
C ILE R 48 -25.93 31.24 -56.25
N ASP R 49 -26.85 32.19 -56.23
CA ASP R 49 -26.77 33.43 -57.04
C ASP R 49 -25.43 34.12 -56.73
N ALA R 50 -25.21 34.39 -55.43
CA ALA R 50 -23.96 35.03 -54.95
C ALA R 50 -22.72 34.20 -55.36
N ALA R 51 -22.80 32.88 -55.29
CA ALA R 51 -21.67 32.00 -55.71
C ALA R 51 -21.45 32.10 -57.24
N LEU R 52 -22.51 32.13 -58.02
CA LEU R 52 -22.39 32.24 -59.50
C LEU R 52 -21.76 33.60 -59.88
N ARG R 53 -22.12 34.67 -59.18
CA ARG R 53 -21.58 36.03 -59.42
C ARG R 53 -20.08 36.05 -59.01
N ALA R 54 -19.69 35.34 -57.96
CA ALA R 54 -18.26 35.15 -57.59
C ALA R 54 -17.53 34.56 -58.80
N CYS R 55 -18.10 33.50 -59.38
CA CYS R 55 -17.55 32.79 -60.56
C CYS R 55 -17.33 33.83 -61.66
N ARG R 56 -18.31 34.68 -61.91
CA ARG R 56 -18.19 35.73 -62.95
C ARG R 56 -16.95 36.63 -62.63
N ARG R 57 -16.87 37.13 -61.39
CA ARG R 57 -15.77 38.04 -61.00
C ARG R 57 -14.42 37.30 -61.14
N LEU R 58 -14.42 35.99 -60.97
CA LEU R 58 -13.20 35.15 -61.08
C LEU R 58 -13.05 34.61 -62.51
N ASN R 59 -13.88 35.04 -63.47
CA ASN R 59 -13.71 34.65 -64.90
C ASN R 59 -13.68 33.11 -65.02
N ASP R 60 -14.56 32.43 -64.29
CA ASP R 60 -14.56 30.94 -64.21
C ASP R 60 -15.96 30.43 -64.58
N PHE R 61 -16.20 30.23 -65.87
CA PHE R 61 -17.48 29.72 -66.40
C PHE R 61 -17.69 28.26 -65.95
N ALA R 62 -16.63 27.46 -65.95
CA ALA R 62 -16.73 26.01 -65.71
C ALA R 62 -17.26 25.79 -64.28
N SER R 63 -16.75 26.56 -63.31
CA SER R 63 -17.13 26.39 -61.89
C SER R 63 -18.61 26.77 -61.73
N ALA R 64 -19.10 27.73 -62.52
CA ALA R 64 -20.54 28.12 -62.47
C ALA R 64 -21.42 26.92 -62.86
N VAL R 65 -21.05 26.21 -63.92
CA VAL R 65 -21.79 25.02 -64.36
C VAL R 65 -21.73 23.95 -63.26
N ARG R 66 -20.52 23.68 -62.74
CA ARG R 66 -20.27 22.66 -61.69
C ARG R 66 -21.19 22.94 -60.49
N ILE R 67 -21.34 24.22 -60.12
CA ILE R 67 -22.18 24.63 -58.96
C ILE R 67 -23.62 24.22 -59.25
N LEU R 68 -24.12 24.45 -60.45
CA LEU R 68 -25.47 23.98 -60.81
C LEU R 68 -25.52 22.44 -60.70
N GLU R 69 -24.49 21.74 -61.15
CA GLU R 69 -24.50 20.26 -61.05
C GLU R 69 -24.63 19.83 -59.59
N VAL R 70 -23.88 20.47 -58.69
CA VAL R 70 -23.83 19.95 -57.30
C VAL R 70 -25.13 20.35 -56.58
N VAL R 71 -25.79 21.44 -56.95
CA VAL R 71 -27.15 21.75 -56.41
C VAL R 71 -28.12 20.62 -56.77
N LYS R 72 -28.11 20.20 -58.04
CA LYS R 72 -28.96 19.07 -58.48
C LYS R 72 -28.60 17.83 -57.65
N ASP R 73 -27.29 17.55 -57.54
CA ASP R 73 -26.80 16.33 -56.88
C ASP R 73 -27.24 16.31 -55.40
N LYS R 74 -27.14 17.43 -54.72
CA LYS R 74 -27.51 17.54 -53.27
C LYS R 74 -28.98 17.19 -53.02
N ALA R 75 -29.85 17.34 -54.03
CA ALA R 75 -31.29 17.09 -53.88
C ALA R 75 -31.57 15.58 -53.86
N GLY R 76 -30.62 14.77 -54.30
CA GLY R 76 -30.85 13.32 -54.39
C GLY R 76 -32.16 13.04 -55.13
N PRO R 77 -33.10 12.24 -54.58
CA PRO R 77 -34.26 11.85 -55.34
C PRO R 77 -35.35 12.93 -55.30
N HIS R 78 -35.12 14.10 -54.69
CA HIS R 78 -36.16 15.16 -54.55
C HIS R 78 -36.12 16.02 -55.84
N LYS R 79 -36.70 15.44 -56.91
CA LYS R 79 -36.71 15.90 -58.33
C LYS R 79 -37.21 17.35 -58.45
N GLU R 80 -38.04 17.80 -57.52
CA GLU R 80 -38.73 19.13 -57.63
C GLU R 80 -37.73 20.26 -57.24
N ILE R 81 -36.62 19.94 -56.54
CA ILE R 81 -35.77 21.04 -55.99
C ILE R 81 -35.05 21.76 -57.13
N TYR R 82 -34.46 21.02 -58.08
CA TYR R 82 -33.56 21.60 -59.12
C TYR R 82 -34.36 22.51 -60.06
N PRO R 83 -35.48 22.04 -60.68
CA PRO R 83 -36.30 22.95 -61.50
C PRO R 83 -36.70 24.25 -60.74
N TYR R 84 -37.01 24.12 -59.44
CA TYR R 84 -37.34 25.31 -58.59
C TYR R 84 -36.12 26.24 -58.48
N VAL R 85 -34.95 25.67 -58.18
CA VAL R 85 -33.75 26.53 -58.09
C VAL R 85 -33.53 27.24 -59.44
N ILE R 86 -33.61 26.49 -60.54
CA ILE R 86 -33.27 27.00 -61.90
C ILE R 86 -34.30 28.10 -62.23
N GLN R 87 -35.55 27.88 -61.84
CA GLN R 87 -36.61 28.91 -61.97
C GLN R 87 -36.14 30.18 -61.25
N GLU R 88 -35.65 30.05 -60.02
CA GLU R 88 -35.30 31.24 -59.20
C GLU R 88 -34.05 31.89 -59.78
N LEU R 89 -33.18 31.13 -60.44
CA LEU R 89 -31.86 31.64 -60.88
C LEU R 89 -31.97 32.25 -62.28
N ARG R 90 -33.09 31.99 -62.97
CA ARG R 90 -33.22 32.32 -64.41
C ARG R 90 -32.70 33.73 -64.73
N PRO R 91 -33.14 34.80 -64.01
CA PRO R 91 -32.69 36.17 -64.31
C PRO R 91 -31.15 36.26 -64.25
N THR R 92 -30.52 35.65 -63.25
CA THR R 92 -29.05 35.67 -63.11
C THR R 92 -28.41 34.91 -64.27
N LEU R 93 -28.93 33.73 -64.59
CA LEU R 93 -28.35 32.85 -65.65
C LEU R 93 -28.35 33.61 -66.98
N ASN R 94 -29.44 34.32 -67.26
CA ASN R 94 -29.62 35.11 -68.51
C ASN R 94 -28.65 36.30 -68.47
N GLU R 95 -28.65 37.01 -67.35
CA GLU R 95 -27.78 38.19 -67.14
C GLU R 95 -26.31 37.80 -67.38
N LEU R 96 -25.85 36.64 -66.92
CA LEU R 96 -24.39 36.33 -66.93
C LEU R 96 -24.05 35.40 -68.12
N GLY R 97 -25.06 34.97 -68.86
CA GLY R 97 -24.86 34.00 -69.96
C GLY R 97 -24.36 32.65 -69.44
N ILE R 98 -24.87 32.20 -68.29
CA ILE R 98 -24.57 30.84 -67.74
C ILE R 98 -25.54 29.83 -68.34
N SER R 99 -25.05 28.93 -69.17
CA SER R 99 -25.76 27.73 -69.66
C SER R 99 -25.83 26.69 -68.54
N THR R 100 -26.98 26.04 -68.40
CA THR R 100 -27.19 24.95 -67.43
C THR R 100 -26.50 23.71 -67.95
N PRO R 101 -26.15 22.74 -67.07
CA PRO R 101 -25.56 21.48 -67.49
C PRO R 101 -26.38 20.77 -68.59
N GLU R 102 -27.70 20.81 -68.43
CA GLU R 102 -28.67 20.24 -69.41
C GLU R 102 -28.49 20.94 -70.77
N GLU R 103 -28.44 22.28 -70.77
CA GLU R 103 -28.29 23.12 -72.00
C GLU R 103 -26.96 22.73 -72.65
N LEU R 104 -25.94 22.31 -71.89
CA LEU R 104 -24.62 21.92 -72.44
C LEU R 104 -24.55 20.42 -72.71
N GLY R 105 -25.57 19.64 -72.40
CA GLY R 105 -25.54 18.17 -72.59
C GLY R 105 -24.67 17.45 -71.56
N LEU R 106 -24.32 18.11 -70.47
CA LEU R 106 -23.39 17.51 -69.46
C LEU R 106 -24.18 16.65 -68.48
N ASP R 107 -25.52 16.56 -68.62
CA ASP R 107 -26.42 15.67 -67.82
C ASP R 107 -26.46 14.26 -68.44
N LYS R 108 -25.73 14.05 -69.54
CA LYS R 108 -25.74 12.81 -70.38
C LYS R 108 -27.16 12.24 -70.43
N GLY S 3 33.57 15.36 -1.72
CA GLY S 3 33.99 14.37 -2.64
C GLY S 3 33.18 14.60 -3.90
N GLY S 4 33.94 14.72 -5.04
CA GLY S 4 33.59 14.83 -6.48
C GLY S 4 33.95 13.58 -7.31
N GLY S 5 34.38 13.71 -8.58
CA GLY S 5 34.83 12.64 -9.50
C GLY S 5 33.70 12.10 -10.42
N VAL S 6 32.50 12.65 -10.37
CA VAL S 6 31.43 12.26 -11.31
C VAL S 6 31.39 13.31 -12.42
N PRO S 7 31.51 12.90 -13.69
CA PRO S 7 31.43 13.85 -14.79
C PRO S 7 30.02 14.46 -14.90
N THR S 8 29.95 15.67 -15.43
CA THR S 8 28.69 16.39 -15.72
C THR S 8 28.35 16.16 -17.19
N ASP S 9 27.09 16.39 -17.55
CA ASP S 9 26.65 16.42 -18.96
C ASP S 9 27.53 17.42 -19.75
N GLU S 10 27.76 18.59 -19.19
CA GLU S 10 28.56 19.66 -19.84
C GLU S 10 29.94 19.10 -20.17
N GLU S 11 30.54 18.29 -19.29
CA GLU S 11 31.88 17.74 -19.56
C GLU S 11 31.78 16.61 -20.57
N GLN S 12 30.76 15.78 -20.53
CA GLN S 12 30.89 14.42 -21.10
C GLN S 12 29.77 14.08 -22.09
N ALA S 13 28.66 14.81 -22.15
CA ALA S 13 27.61 14.48 -23.14
C ALA S 13 28.24 14.63 -24.53
N THR S 14 27.78 13.85 -25.48
CA THR S 14 28.36 13.87 -26.85
C THR S 14 27.23 13.71 -27.90
N GLY S 15 27.59 13.75 -29.18
CA GLY S 15 26.68 13.40 -30.27
C GLY S 15 25.40 14.21 -30.16
N LEU S 16 24.27 13.59 -30.45
CA LEU S 16 22.98 14.34 -30.57
C LEU S 16 22.54 14.85 -29.20
N GLU S 17 22.80 14.08 -28.14
CA GLU S 17 22.48 14.50 -26.76
C GLU S 17 23.14 15.87 -26.52
N ARG S 18 24.42 15.98 -26.85
CA ARG S 18 25.13 17.26 -26.63
C ARG S 18 24.48 18.37 -27.51
N GLU S 19 24.21 18.11 -28.79
CA GLU S 19 23.66 19.13 -29.71
C GLU S 19 22.34 19.64 -29.10
N VAL S 20 21.50 18.73 -28.59
CA VAL S 20 20.17 19.12 -28.04
C VAL S 20 20.40 20.01 -26.81
N MET S 21 21.39 19.64 -26.00
N MET S 21 21.37 19.66 -25.95
CA MET S 21 21.77 20.31 -24.73
CA MET S 21 21.66 20.43 -24.71
C MET S 21 22.24 21.75 -25.06
C MET S 21 22.15 21.83 -25.13
N LEU S 22 23.11 21.91 -26.05
CA LEU S 22 23.69 23.23 -26.46
C LEU S 22 22.58 24.09 -27.10
N ALA S 23 21.74 23.51 -27.92
CA ALA S 23 20.65 24.25 -28.58
C ALA S 23 19.67 24.74 -27.52
N ALA S 24 19.33 23.92 -26.50
CA ALA S 24 18.38 24.34 -25.42
C ALA S 24 18.95 25.52 -24.62
N ARG S 25 20.27 25.57 -24.39
CA ARG S 25 20.94 26.67 -23.65
C ARG S 25 20.71 28.00 -24.41
N LYS S 26 20.68 27.96 -25.75
CA LYS S 26 20.45 29.12 -26.65
C LYS S 26 18.96 29.38 -26.94
N GLY S 27 18.01 28.64 -26.37
CA GLY S 27 16.57 28.76 -26.69
C GLY S 27 16.24 28.38 -28.15
N GLN S 28 16.99 27.49 -28.80
CA GLN S 28 16.67 27.06 -30.20
C GLN S 28 16.12 25.64 -30.08
N ASP S 29 15.37 25.20 -31.08
CA ASP S 29 14.74 23.86 -31.07
C ASP S 29 14.95 23.20 -32.42
N PRO S 30 16.21 22.97 -32.83
CA PRO S 30 16.47 22.35 -34.13
C PRO S 30 15.95 20.90 -34.22
N TYR S 31 15.77 20.19 -33.11
CA TYR S 31 15.31 18.78 -33.16
C TYR S 31 13.83 18.67 -32.78
N ASN S 32 13.08 19.78 -32.85
CA ASN S 32 11.61 19.68 -32.87
C ASN S 32 11.09 18.99 -31.61
N ILE S 33 11.66 19.34 -30.46
CA ILE S 33 11.22 18.82 -29.13
C ILE S 33 9.95 19.56 -28.64
N LEU S 34 9.74 20.81 -29.03
CA LEU S 34 8.68 21.69 -28.49
C LEU S 34 7.61 21.87 -29.55
N ALA S 35 6.36 22.06 -29.11
CA ALA S 35 5.24 22.40 -29.99
C ALA S 35 5.36 23.86 -30.31
N PRO S 36 5.40 24.26 -31.59
CA PRO S 36 5.40 25.68 -31.93
C PRO S 36 4.04 26.31 -31.58
N LYS S 37 4.07 27.58 -31.23
CA LYS S 37 2.90 28.41 -30.85
C LYS S 37 2.40 29.09 -32.12
N ALA S 38 1.12 28.99 -32.40
CA ALA S 38 0.45 29.55 -33.59
C ALA S 38 0.58 31.07 -33.57
N THR S 39 0.64 31.70 -34.73
CA THR S 39 0.38 33.16 -34.91
C THR S 39 -1.13 33.30 -35.06
N SER S 40 -1.61 34.46 -35.47
CA SER S 40 -3.05 34.63 -35.81
C SER S 40 -3.38 33.88 -37.10
N GLY S 41 -2.39 33.51 -37.90
CA GLY S 41 -2.58 32.69 -39.12
C GLY S 41 -3.25 33.42 -40.28
N THR S 42 -3.26 34.75 -40.27
CA THR S 42 -3.81 35.58 -41.36
C THR S 42 -2.79 35.55 -42.50
N LYS S 43 -3.21 36.01 -43.67
CA LYS S 43 -2.27 36.18 -44.81
C LYS S 43 -1.18 37.19 -44.42
N GLU S 44 -1.43 38.17 -43.55
CA GLU S 44 -0.39 39.15 -43.13
C GLU S 44 0.51 38.52 -42.07
N ASP S 45 0.02 37.54 -41.32
CA ASP S 45 0.74 36.97 -40.15
C ASP S 45 0.66 35.45 -40.21
N PRO S 46 1.23 34.83 -41.26
CA PRO S 46 1.09 33.39 -41.44
C PRO S 46 1.91 32.67 -40.37
N ASN S 47 1.60 31.40 -40.11
CA ASN S 47 2.40 30.54 -39.23
C ASN S 47 3.68 30.26 -40.02
N LEU S 48 4.82 30.42 -39.40
CA LEU S 48 6.14 30.25 -40.06
C LEU S 48 6.62 28.85 -39.73
N VAL S 49 6.70 28.01 -40.77
CA VAL S 49 7.02 26.56 -40.65
C VAL S 49 8.47 26.39 -41.11
N PRO S 50 9.44 26.16 -40.20
CA PRO S 50 10.81 25.89 -40.65
C PRO S 50 10.91 24.54 -41.35
N SER S 51 11.86 24.46 -42.27
CA SER S 51 12.21 23.18 -42.92
C SER S 51 13.68 23.20 -43.32
N ILE S 52 14.30 22.05 -43.28
CA ILE S 52 15.65 21.91 -43.92
C ILE S 52 15.51 21.72 -45.44
N THR S 53 14.29 21.56 -45.96
CA THR S 53 14.06 21.29 -47.40
C THR S 53 12.91 22.20 -47.91
N ASN S 54 12.36 21.87 -49.07
CA ASN S 54 11.44 22.74 -49.84
C ASN S 54 9.98 22.34 -49.58
N LYS S 55 9.77 21.34 -48.72
CA LYS S 55 8.37 21.01 -48.32
C LYS S 55 8.38 20.28 -47.00
N ARG S 56 7.31 20.41 -46.24
CA ARG S 56 7.19 19.74 -44.92
C ARG S 56 5.70 19.48 -44.65
N ILE S 57 5.38 18.35 -44.03
CA ILE S 57 3.98 18.03 -43.69
C ILE S 57 3.59 18.90 -42.51
N VAL S 58 2.43 19.57 -42.65
CA VAL S 58 1.74 20.31 -41.57
C VAL S 58 0.54 19.46 -41.14
N GLY S 59 0.33 19.34 -39.83
CA GLY S 59 -0.93 18.90 -39.21
C GLY S 59 -1.59 20.11 -38.58
N CYS S 60 -2.83 20.40 -38.98
CA CYS S 60 -3.58 21.57 -38.45
C CYS S 60 -4.66 21.04 -37.51
N ILE S 61 -4.57 21.39 -36.24
CA ILE S 61 -5.65 21.18 -35.24
C ILE S 61 -6.46 22.47 -35.29
N CYS S 62 -7.49 22.50 -36.09
CA CYS S 62 -8.13 23.79 -36.51
C CYS S 62 -8.72 24.53 -35.31
N GLU S 63 -9.29 23.79 -34.39
CA GLU S 63 -9.83 24.34 -33.12
C GLU S 63 -9.31 23.45 -32.01
N GLU S 64 -9.10 24.09 -30.89
CA GLU S 64 -8.69 23.48 -29.64
C GLU S 64 -9.66 22.35 -29.34
N ASP S 65 -9.06 21.22 -29.05
CA ASP S 65 -9.82 19.99 -28.67
C ASP S 65 -10.44 19.29 -29.88
N ASN S 66 -10.31 19.78 -31.12
CA ASN S 66 -10.59 18.91 -32.30
C ASN S 66 -9.79 17.61 -32.13
N SER S 67 -10.39 16.46 -32.31
CA SER S 67 -9.67 15.16 -32.35
C SER S 67 -9.10 14.94 -33.76
N THR S 68 -9.71 15.53 -34.78
CA THR S 68 -9.30 15.35 -36.19
C THR S 68 -8.16 16.33 -36.52
N VAL S 69 -7.01 15.79 -36.92
CA VAL S 69 -5.89 16.61 -37.44
C VAL S 69 -5.94 16.61 -38.98
N ILE S 70 -5.71 17.76 -39.57
CA ILE S 70 -5.78 17.95 -41.04
C ILE S 70 -4.32 18.00 -41.53
N TRP S 71 -3.94 17.05 -42.37
CA TRP S 71 -2.53 16.91 -42.81
C TRP S 71 -2.36 17.33 -44.27
N PHE S 72 -1.28 18.02 -44.58
CA PHE S 72 -0.96 18.38 -45.97
C PHE S 72 0.52 18.76 -46.05
N TRP S 73 1.07 18.59 -47.25
CA TRP S 73 2.41 19.13 -47.60
C TRP S 73 2.35 20.64 -47.79
N LEU S 74 3.17 21.35 -47.05
CA LEU S 74 3.43 22.79 -47.26
C LEU S 74 4.68 22.95 -48.12
N HIS S 75 4.53 23.63 -49.27
CA HIS S 75 5.64 23.87 -50.24
C HIS S 75 6.23 25.26 -50.04
N LYS S 76 7.51 25.39 -50.33
CA LYS S 76 8.22 26.69 -50.44
C LYS S 76 7.39 27.58 -51.37
N GLY S 77 7.34 28.87 -51.11
CA GLY S 77 6.73 29.83 -52.05
C GLY S 77 5.58 30.51 -51.34
N GLU S 78 4.55 30.86 -52.08
CA GLU S 78 3.37 31.53 -51.52
C GLU S 78 2.83 30.70 -50.36
N ALA S 79 2.44 31.36 -49.27
CA ALA S 79 1.70 30.76 -48.13
C ALA S 79 0.53 29.93 -48.65
N GLN S 80 0.29 28.79 -48.01
CA GLN S 80 -0.85 27.87 -48.30
C GLN S 80 -1.78 27.91 -47.09
N ARG S 81 -3.02 27.50 -47.31
CA ARG S 81 -4.09 27.53 -46.29
C ARG S 81 -4.51 26.10 -45.94
N CYS S 82 -4.77 25.86 -44.66
CA CYS S 82 -5.42 24.64 -44.19
C CYS S 82 -6.72 24.43 -44.98
N PRO S 83 -6.91 23.28 -45.62
CA PRO S 83 -8.11 23.07 -46.42
C PRO S 83 -9.38 22.94 -45.57
N SER S 84 -9.26 22.82 -44.25
CA SER S 84 -10.40 22.77 -43.31
C SER S 84 -10.71 24.18 -42.77
N CYS S 85 -9.73 24.91 -42.22
CA CYS S 85 -10.04 26.19 -41.49
C CYS S 85 -9.50 27.42 -42.23
N GLY S 86 -8.67 27.27 -43.25
CA GLY S 86 -8.09 28.41 -44.00
C GLY S 86 -6.90 29.11 -43.35
N THR S 87 -6.44 28.63 -42.18
N THR S 87 -6.47 28.71 -42.15
CA THR S 87 -5.25 29.13 -41.47
CA THR S 87 -5.33 29.39 -41.49
C THR S 87 -4.06 29.15 -42.45
C THR S 87 -4.09 29.20 -42.38
N HIS S 88 -3.30 30.25 -42.48
CA HIS S 88 -2.16 30.42 -43.42
C HIS S 88 -0.88 29.83 -42.80
N TYR S 89 -0.11 29.16 -43.63
CA TYR S 89 1.20 28.59 -43.27
C TYR S 89 2.17 28.99 -44.38
N LYS S 90 3.37 29.41 -43.98
CA LYS S 90 4.44 29.80 -44.89
C LYS S 90 5.72 29.03 -44.54
N LEU S 91 6.30 28.33 -45.50
CA LEU S 91 7.56 27.59 -45.30
C LEU S 91 8.73 28.59 -45.28
N VAL S 92 9.58 28.44 -44.28
CA VAL S 92 10.84 29.22 -44.16
C VAL S 92 11.96 28.21 -44.19
N PRO S 93 12.48 27.80 -45.38
CA PRO S 93 13.68 26.94 -45.43
C PRO S 93 14.74 27.52 -44.48
N GLY T 12 19.31 14.08 0.87
CA GLY T 12 20.57 14.15 0.51
C GLY T 12 21.19 12.78 0.75
N ALA T 13 22.34 12.62 0.15
CA ALA T 13 23.22 11.47 0.31
C ALA T 13 23.59 11.33 1.79
N ARG T 14 23.83 12.45 2.47
CA ARG T 14 24.24 12.40 3.90
C ARG T 14 23.17 11.68 4.74
N THR T 15 21.91 12.02 4.51
CA THR T 15 20.78 11.44 5.23
C THR T 15 20.70 9.95 4.91
N TRP T 16 20.82 9.58 3.64
CA TRP T 16 20.64 8.17 3.25
C TRP T 16 21.84 7.36 3.76
N ARG T 17 23.00 7.96 3.81
CA ARG T 17 24.16 7.26 4.42
C ARG T 17 23.89 7.08 5.93
N PHE T 18 23.39 8.11 6.60
CA PHE T 18 23.04 8.08 8.03
C PHE T 18 22.06 6.92 8.29
N LEU T 19 21.04 6.77 7.45
CA LEU T 19 20.05 5.65 7.60
C LEU T 19 20.74 4.30 7.32
N THR T 20 21.62 4.26 6.32
CA THR T 20 22.31 2.99 5.96
C THR T 20 23.08 2.47 7.18
N PHE T 21 23.94 3.31 7.78
CA PHE T 21 24.84 2.90 8.88
C PHE T 21 24.15 2.99 10.24
N GLY T 22 23.15 3.85 10.43
CA GLY T 22 22.58 4.13 11.76
C GLY T 22 21.34 3.27 12.04
N LEU T 23 20.68 2.76 10.99
CA LEU T 23 19.43 1.97 11.13
C LEU T 23 19.51 0.63 10.38
N ALA T 24 19.74 0.67 9.05
CA ALA T 24 19.64 -0.51 8.17
C ALA T 24 20.70 -1.56 8.56
N LEU T 25 21.97 -1.19 8.59
CA LEU T 25 23.01 -2.24 8.87
C LEU T 25 22.92 -2.68 10.33
N PRO T 26 22.66 -1.80 11.32
CA PRO T 26 22.41 -2.27 12.68
C PRO T 26 21.26 -3.30 12.71
N SER T 27 20.17 -3.08 11.96
CA SER T 27 19.05 -4.07 11.87
C SER T 27 19.57 -5.41 11.39
N VAL T 28 20.34 -5.40 10.31
CA VAL T 28 20.91 -6.64 9.73
C VAL T 28 21.79 -7.31 10.77
N ALA T 29 22.63 -6.56 11.47
CA ALA T 29 23.53 -7.12 12.51
C ALA T 29 22.71 -7.80 13.61
N LEU T 30 21.62 -7.19 14.06
CA LEU T 30 20.73 -7.77 15.11
C LEU T 30 20.00 -9.01 14.58
N CYS T 31 19.49 -8.99 13.33
CA CYS T 31 18.82 -10.20 12.78
C CYS T 31 19.86 -11.30 12.59
N THR T 32 21.11 -10.93 12.31
CA THR T 32 22.20 -11.91 12.10
C THR T 32 22.47 -12.59 13.44
N LEU T 33 22.58 -11.80 14.51
CA LEU T 33 22.72 -12.29 15.90
C LEU T 33 21.53 -13.19 16.25
N ASN T 34 20.28 -12.72 16.05
CA ASN T 34 19.06 -13.52 16.33
C ASN T 34 19.18 -14.87 15.62
N SER T 35 19.52 -14.85 14.34
CA SER T 35 19.54 -16.08 13.52
C SER T 35 20.64 -17.00 14.04
N TRP T 36 21.84 -16.49 14.32
CA TRP T 36 23.02 -17.32 14.69
C TRP T 36 22.82 -17.89 16.09
N LEU T 37 21.78 -17.46 16.82
CA LEU T 37 21.48 -17.98 18.18
C LEU T 37 20.49 -19.15 18.09
N HIS T 38 19.76 -19.27 16.99
CA HIS T 38 18.79 -20.36 16.73
C HIS T 38 19.25 -21.19 15.52
N SER T 39 20.55 -21.30 15.26
CA SER T 39 21.11 -21.98 14.05
C SER T 39 21.31 -23.49 14.30
N GLY T 40 21.16 -23.95 15.56
CA GLY T 40 21.38 -25.37 15.93
C GLY T 40 20.42 -26.30 15.18
N HIS T 41 20.87 -27.49 14.75
CA HIS T 41 20.06 -28.53 14.05
C HIS T 41 18.93 -29.03 14.96
N ARG T 42 17.68 -28.93 14.49
CA ARG T 42 16.44 -29.45 15.17
C ARG T 42 16.37 -30.98 15.03
N GLU T 43 15.60 -31.63 15.91
CA GLU T 43 15.38 -33.11 15.96
C GLU T 43 14.56 -33.56 14.74
N ARG T 44 15.04 -34.42 13.85
CA ARG T 44 14.20 -34.80 12.68
C ARG T 44 12.99 -35.62 13.14
N PRO T 45 11.82 -35.37 12.51
CA PRO T 45 10.56 -36.02 12.87
C PRO T 45 10.47 -37.44 12.30
N ALA T 46 9.76 -38.33 12.97
CA ALA T 46 9.48 -39.68 12.50
C ALA T 46 9.05 -39.59 11.03
N PHE T 47 9.56 -40.49 10.21
CA PHE T 47 9.06 -40.68 8.81
C PHE T 47 7.65 -41.29 8.81
N ILE T 48 6.72 -40.69 8.10
CA ILE T 48 5.38 -41.26 7.77
C ILE T 48 5.22 -41.12 6.25
N PRO T 49 4.98 -42.24 5.51
CA PRO T 49 4.90 -42.20 4.04
C PRO T 49 3.56 -41.62 3.52
N TYR T 50 3.26 -40.39 3.94
CA TYR T 50 2.09 -39.61 3.46
C TYR T 50 2.06 -39.52 1.92
N HIS T 51 0.88 -39.72 1.34
CA HIS T 51 0.68 -39.86 -0.11
C HIS T 51 0.69 -38.48 -0.76
N HIS T 52 0.55 -37.41 0.04
CA HIS T 52 0.53 -36.01 -0.49
C HIS T 52 1.92 -35.41 -0.46
N LEU T 53 2.93 -36.19 -0.05
CA LEU T 53 4.31 -35.68 0.10
C LEU T 53 5.23 -36.63 -0.66
N ARG T 54 6.47 -36.23 -0.88
CA ARG T 54 7.43 -37.06 -1.65
C ARG T 54 6.79 -37.51 -2.98
N ILE T 55 6.13 -36.60 -3.68
CA ILE T 55 5.43 -36.91 -4.95
C ILE T 55 6.47 -37.36 -5.98
N ARG T 56 6.14 -38.43 -6.69
CA ARG T 56 6.90 -38.93 -7.85
C ARG T 56 5.90 -39.31 -8.95
N THR T 57 5.59 -38.39 -9.86
CA THR T 57 4.81 -38.72 -11.08
C THR T 57 5.75 -38.93 -12.27
N LYS T 58 6.96 -38.38 -12.22
CA LYS T 58 7.95 -38.59 -13.28
C LYS T 58 9.33 -38.55 -12.63
N PRO T 59 10.32 -39.40 -12.99
CA PRO T 59 11.64 -39.31 -12.37
C PRO T 59 12.23 -37.93 -12.66
N PHE T 60 12.93 -37.36 -11.68
CA PHE T 60 13.69 -36.10 -11.91
C PHE T 60 14.73 -36.35 -13.00
N SER T 61 15.14 -35.29 -13.70
CA SER T 61 16.03 -35.38 -14.89
C SER T 61 17.49 -35.36 -14.47
N TRP T 62 17.83 -35.78 -13.26
CA TRP T 62 19.23 -35.79 -12.73
C TRP T 62 19.36 -36.95 -11.74
N GLY T 63 20.60 -37.26 -11.35
CA GLY T 63 20.95 -38.33 -10.41
C GLY T 63 20.22 -39.61 -10.76
N ASP T 64 19.62 -40.28 -9.78
CA ASP T 64 18.90 -41.57 -9.95
C ASP T 64 17.41 -41.28 -10.22
N GLY T 65 17.01 -40.03 -10.41
CA GLY T 65 15.59 -39.74 -10.69
C GLY T 65 14.73 -39.63 -9.44
N ASN T 66 15.28 -39.93 -8.24
CA ASN T 66 14.45 -40.08 -7.03
C ASN T 66 14.89 -39.09 -5.95
N HIS T 67 15.87 -38.24 -6.23
CA HIS T 67 16.44 -37.24 -5.27
C HIS T 67 16.07 -35.84 -5.75
N THR T 68 15.53 -35.01 -4.88
CA THR T 68 15.24 -33.59 -5.23
C THR T 68 16.58 -32.84 -5.41
N PHE T 69 16.52 -31.70 -6.08
CA PHE T 69 17.70 -30.96 -6.55
C PHE T 69 18.65 -30.56 -5.40
N PHE T 70 18.12 -30.16 -4.26
N PHE T 70 18.11 -30.07 -4.27
CA PHE T 70 18.92 -29.71 -3.09
CA PHE T 70 18.87 -29.63 -3.06
C PHE T 70 18.60 -30.66 -1.93
C PHE T 70 18.68 -30.67 -1.93
N HIS T 71 18.53 -31.94 -2.29
CA HIS T 71 18.32 -33.06 -1.36
C HIS T 71 19.34 -32.97 -0.20
N ASN T 72 18.85 -32.99 1.02
CA ASN T 72 19.69 -33.04 2.23
C ASN T 72 19.41 -34.37 2.91
N PRO T 73 20.36 -35.35 2.91
CA PRO T 73 20.12 -36.66 3.52
C PRO T 73 19.62 -36.57 4.98
N ARG T 74 20.06 -35.56 5.72
CA ARG T 74 19.72 -35.44 7.16
C ARG T 74 18.22 -35.16 7.35
N VAL T 75 17.57 -34.43 6.45
CA VAL T 75 16.20 -33.89 6.74
C VAL T 75 15.20 -34.20 5.63
N ASN T 76 15.65 -34.68 4.48
CA ASN T 76 14.78 -35.00 3.32
C ASN T 76 14.71 -36.51 3.12
N PRO T 77 13.64 -37.17 3.59
CA PRO T 77 13.46 -38.59 3.33
C PRO T 77 13.03 -38.77 1.88
N LEU T 78 13.35 -39.93 1.34
CA LEU T 78 12.87 -40.43 0.02
C LEU T 78 11.45 -40.96 0.23
N PRO T 79 10.71 -41.30 -0.84
CA PRO T 79 9.42 -41.97 -0.69
C PRO T 79 9.44 -43.16 0.28
N THR T 80 10.58 -43.87 0.37
CA THR T 80 10.72 -45.10 1.18
C THR T 80 11.33 -44.78 2.54
N GLY T 81 11.68 -43.53 2.82
CA GLY T 81 12.17 -43.14 4.16
C GLY T 81 13.53 -42.46 4.11
N TYR T 82 14.11 -42.20 5.28
CA TYR T 82 15.44 -41.52 5.40
C TYR T 82 16.51 -42.48 4.90
N GLU T 83 17.49 -41.95 4.18
CA GLU T 83 18.62 -42.77 3.64
C GLU T 83 19.43 -43.42 4.77
N TYR U 11 -34.50 -43.00 7.23
CA TYR U 11 -33.35 -42.49 6.43
C TYR U 11 -33.52 -43.04 5.02
N GLN U 12 -33.68 -42.08 4.12
CA GLN U 12 -33.72 -42.26 2.66
C GLN U 12 -32.34 -41.87 2.12
N THR U 13 -31.96 -40.61 2.24
CA THR U 13 -30.62 -40.14 1.79
C THR U 13 -30.20 -38.98 2.68
N ALA U 14 -28.98 -38.53 2.49
CA ALA U 14 -28.42 -37.41 3.28
C ALA U 14 -29.25 -36.16 3.02
N PRO U 15 -29.75 -35.51 4.08
CA PRO U 15 -30.50 -34.26 3.92
C PRO U 15 -29.62 -33.07 3.51
N PHE U 16 -30.23 -32.02 2.97
CA PHE U 16 -29.58 -30.69 2.82
C PHE U 16 -28.87 -30.37 4.16
N ASP U 17 -27.66 -29.84 4.08
CA ASP U 17 -26.84 -29.43 5.24
C ASP U 17 -26.39 -27.99 4.97
N SER U 18 -26.86 -27.05 5.78
CA SER U 18 -26.63 -25.60 5.56
C SER U 18 -25.13 -25.28 5.61
N ARG U 19 -24.31 -26.17 6.19
CA ARG U 19 -22.83 -25.99 6.19
C ARG U 19 -22.27 -26.16 4.78
N PHE U 20 -22.94 -26.89 3.90
CA PHE U 20 -22.41 -27.24 2.57
C PHE U 20 -23.51 -27.00 1.55
N PRO U 21 -23.83 -25.72 1.24
CA PRO U 21 -25.01 -25.42 0.44
C PRO U 21 -24.73 -25.31 -1.06
N ASN U 22 -23.50 -25.56 -1.49
CA ASN U 22 -23.05 -25.21 -2.88
C ASN U 22 -22.80 -26.47 -3.71
N GLN U 23 -22.51 -26.32 -4.99
CA GLN U 23 -22.36 -27.45 -5.92
C GLN U 23 -21.15 -28.30 -5.47
N ASN U 24 -20.14 -27.70 -4.85
CA ASN U 24 -18.96 -28.47 -4.40
C ASN U 24 -19.30 -29.12 -3.06
N GLN U 25 -19.52 -30.42 -3.06
CA GLN U 25 -19.93 -31.24 -1.88
C GLN U 25 -18.73 -32.00 -1.29
N THR U 26 -17.51 -31.73 -1.77
CA THR U 26 -16.30 -32.47 -1.33
C THR U 26 -16.21 -32.48 0.21
N ARG U 27 -16.35 -31.31 0.81
CA ARG U 27 -16.09 -31.18 2.27
C ARG U 27 -17.25 -31.84 3.07
N ASN U 28 -18.44 -31.94 2.50
CA ASN U 28 -19.59 -32.67 3.12
C ASN U 28 -19.23 -34.16 3.30
N CYS U 29 -18.75 -34.79 2.24
CA CYS U 29 -18.26 -36.17 2.29
C CYS U 29 -17.14 -36.31 3.32
N TRP U 30 -16.13 -35.45 3.26
CA TRP U 30 -14.94 -35.50 4.14
C TRP U 30 -15.36 -35.37 5.60
N GLN U 31 -16.19 -34.38 5.91
CA GLN U 31 -16.55 -34.05 7.31
C GLN U 31 -17.31 -35.22 7.92
N ASN U 32 -18.27 -35.78 7.20
CA ASN U 32 -19.08 -36.90 7.72
C ASN U 32 -18.20 -38.15 7.86
N TYR U 33 -17.24 -38.36 6.98
CA TYR U 33 -16.25 -39.46 7.10
C TYR U 33 -15.44 -39.27 8.39
N LEU U 34 -14.88 -38.07 8.61
CA LEU U 34 -14.10 -37.79 9.84
C LEU U 34 -15.00 -38.01 11.07
N ASP U 35 -16.22 -37.48 11.02
CA ASP U 35 -17.19 -37.45 12.15
C ASP U 35 -17.49 -38.91 12.52
N PHE U 36 -17.82 -39.73 11.54
CA PHE U 36 -18.04 -41.16 11.77
C PHE U 36 -16.84 -41.76 12.48
N HIS U 37 -15.61 -41.59 11.95
CA HIS U 37 -14.43 -42.33 12.48
C HIS U 37 -14.00 -41.74 13.83
N ARG U 38 -14.16 -40.42 14.05
CA ARG U 38 -13.89 -39.82 15.39
C ARG U 38 -14.89 -40.40 16.40
N CYS U 39 -16.15 -40.47 16.01
CA CYS U 39 -17.19 -41.01 16.92
C CYS U 39 -16.88 -42.49 17.20
N GLU U 40 -16.57 -43.27 16.19
CA GLU U 40 -16.32 -44.73 16.35
C GLU U 40 -15.11 -44.89 17.28
N LYS U 41 -14.04 -44.09 17.11
CA LYS U 41 -12.86 -44.17 18.02
C LYS U 41 -13.27 -43.83 19.46
N ALA U 42 -14.03 -42.75 19.70
CA ALA U 42 -14.48 -42.36 21.05
C ALA U 42 -15.34 -43.49 21.67
N MET U 43 -16.20 -44.15 20.90
CA MET U 43 -17.11 -45.20 21.43
C MET U 43 -16.35 -46.49 21.71
N THR U 44 -15.42 -46.90 20.85
CA THR U 44 -14.56 -48.09 21.07
C THR U 44 -13.66 -47.84 22.29
N ALA U 45 -13.19 -46.58 22.43
CA ALA U 45 -12.18 -46.11 23.42
C ALA U 45 -12.70 -46.34 24.86
N LYS U 46 -13.84 -45.77 25.28
CA LYS U 46 -14.41 -46.13 26.62
C LYS U 46 -15.11 -47.49 26.55
N GLY U 47 -15.16 -48.13 25.38
CA GLY U 47 -15.84 -49.42 25.18
C GLY U 47 -17.33 -49.22 25.00
N GLY U 48 -17.78 -47.95 24.91
CA GLY U 48 -19.15 -47.46 24.60
C GLY U 48 -19.72 -48.13 23.36
N ASP U 49 -20.79 -47.61 22.72
CA ASP U 49 -21.44 -48.31 21.57
C ASP U 49 -21.52 -47.48 20.25
N VAL U 50 -21.00 -48.06 19.16
CA VAL U 50 -20.82 -47.42 17.82
C VAL U 50 -22.18 -47.13 17.16
N SER U 51 -23.32 -47.67 17.60
CA SER U 51 -24.66 -47.34 17.02
C SER U 51 -24.92 -45.84 17.10
N VAL U 52 -24.34 -45.20 18.13
CA VAL U 52 -24.35 -43.73 18.36
C VAL U 52 -23.80 -43.01 17.13
N CYS U 53 -22.91 -43.65 16.39
CA CYS U 53 -22.19 -43.00 15.26
C CYS U 53 -22.97 -43.14 13.95
N GLU U 54 -24.17 -43.77 13.97
CA GLU U 54 -24.86 -44.32 12.76
C GLU U 54 -25.23 -43.18 11.80
N TRP U 55 -25.67 -42.03 12.26
CA TRP U 55 -26.05 -40.92 11.36
C TRP U 55 -24.87 -40.58 10.43
N TYR U 56 -23.68 -40.39 11.01
CA TYR U 56 -22.48 -40.02 10.23
C TYR U 56 -22.14 -41.14 9.25
N ARG U 57 -22.32 -42.39 9.64
CA ARG U 57 -22.01 -43.54 8.76
C ARG U 57 -22.92 -43.49 7.53
N ARG U 58 -24.23 -43.31 7.73
CA ARG U 58 -25.21 -43.30 6.62
C ARG U 58 -24.90 -42.10 5.67
N VAL U 59 -24.63 -40.92 6.24
CA VAL U 59 -24.38 -39.71 5.43
C VAL U 59 -23.13 -39.93 4.58
N TYR U 60 -22.01 -40.39 5.15
CA TYR U 60 -20.76 -40.44 4.35
C TYR U 60 -20.94 -41.54 3.30
N LYS U 61 -21.56 -42.67 3.68
CA LYS U 61 -21.75 -43.83 2.77
C LYS U 61 -22.60 -43.34 1.55
N SER U 62 -23.66 -42.52 1.80
CA SER U 62 -24.53 -41.90 0.77
C SER U 62 -23.73 -40.98 -0.19
N LEU U 63 -22.90 -40.08 0.34
CA LEU U 63 -22.30 -38.97 -0.43
C LEU U 63 -20.94 -39.37 -1.03
N CYS U 64 -20.12 -40.17 -0.35
CA CYS U 64 -18.68 -40.32 -0.70
C CYS U 64 -18.50 -41.37 -1.78
N PRO U 65 -17.72 -41.08 -2.85
CA PRO U 65 -17.32 -42.10 -3.81
C PRO U 65 -16.68 -43.29 -3.08
N ILE U 66 -17.03 -44.50 -3.51
CA ILE U 66 -16.48 -45.76 -2.96
C ILE U 66 -14.94 -45.71 -3.01
N SER U 67 -14.34 -45.18 -4.07
CA SER U 67 -12.86 -45.21 -4.19
C SER U 67 -12.23 -44.26 -3.13
N TRP U 68 -12.91 -43.17 -2.78
CA TRP U 68 -12.45 -42.21 -1.73
C TRP U 68 -12.49 -42.92 -0.38
N VAL U 69 -13.62 -43.56 -0.06
CA VAL U 69 -13.80 -44.29 1.21
C VAL U 69 -12.72 -45.38 1.28
N SER U 70 -12.55 -46.14 0.21
CA SER U 70 -11.59 -47.27 0.17
C SER U 70 -10.14 -46.76 0.36
N THR U 71 -9.74 -45.68 -0.32
CA THR U 71 -8.41 -45.02 -0.20
C THR U 71 -8.19 -44.52 1.24
N TRP U 72 -9.19 -43.83 1.79
CA TRP U 72 -9.09 -43.29 3.17
C TRP U 72 -8.97 -44.47 4.16
N ASP U 73 -9.76 -45.54 3.99
CA ASP U 73 -9.71 -46.73 4.87
C ASP U 73 -8.29 -47.31 4.83
N ASP U 74 -7.73 -47.47 3.64
CA ASP U 74 -6.38 -48.07 3.46
C ASP U 74 -5.37 -47.19 4.18
N ARG U 75 -5.52 -45.86 4.10
CA ARG U 75 -4.55 -44.90 4.65
C ARG U 75 -4.64 -44.92 6.18
N ARG U 76 -5.85 -45.03 6.74
CA ARG U 76 -6.02 -45.17 8.20
C ARG U 76 -5.26 -46.42 8.67
N ALA U 77 -5.37 -47.54 7.94
CA ALA U 77 -4.73 -48.83 8.36
C ALA U 77 -3.22 -48.69 8.18
N GLU U 78 -2.77 -47.92 7.19
CA GLU U 78 -1.32 -47.72 6.89
C GLU U 78 -0.70 -46.74 7.90
N GLY U 79 -1.48 -45.90 8.58
CA GLY U 79 -0.98 -44.78 9.43
C GLY U 79 -0.61 -43.53 8.61
N THR U 80 -1.16 -43.36 7.41
CA THR U 80 -0.88 -42.23 6.48
C THR U 80 -2.14 -41.37 6.27
N PHE U 81 -3.21 -41.59 7.01
CA PHE U 81 -4.43 -40.75 6.86
C PHE U 81 -4.09 -39.35 7.38
N PRO U 82 -4.23 -38.27 6.58
CA PRO U 82 -3.75 -36.94 7.00
C PRO U 82 -4.73 -36.12 7.85
N GLY U 83 -5.98 -36.59 7.96
CA GLY U 83 -6.95 -35.95 8.87
C GLY U 83 -6.77 -36.44 10.29
N LYS U 84 -7.27 -35.67 11.22
CA LYS U 84 -7.09 -36.00 12.65
C LYS U 84 -8.32 -36.80 13.10
N ILE U 85 -8.10 -38.00 13.59
CA ILE U 85 -9.21 -38.84 14.13
C ILE U 85 -8.95 -39.07 15.61
N ALA V 3 -45.59 28.52 -62.13
CA ALA V 3 -44.50 28.89 -61.17
C ALA V 3 -44.44 27.79 -60.13
N LEU V 4 -43.25 27.32 -59.89
CA LEU V 4 -43.02 26.21 -58.94
C LEU V 4 -42.95 26.80 -57.52
N ALA V 5 -43.63 26.21 -56.55
CA ALA V 5 -43.45 26.61 -55.13
C ALA V 5 -42.14 25.97 -54.59
N LYS V 6 -41.62 26.58 -53.55
CA LYS V 6 -40.37 26.21 -52.86
C LYS V 6 -40.54 24.86 -52.19
N PRO V 7 -39.81 23.82 -52.66
CA PRO V 7 -39.79 22.53 -51.97
C PRO V 7 -38.94 22.68 -50.71
N GLN V 8 -39.10 21.71 -49.78
CA GLN V 8 -38.20 21.58 -48.61
C GLN V 8 -36.80 21.35 -49.14
N MET V 9 -35.89 22.20 -48.71
CA MET V 9 -34.48 22.10 -49.15
C MET V 9 -33.53 21.79 -47.99
N ARG V 10 -33.98 21.80 -46.75
CA ARG V 10 -33.10 21.63 -45.56
C ARG V 10 -33.46 20.33 -44.84
N GLY V 11 -32.43 19.63 -44.33
CA GLY V 11 -32.62 18.49 -43.44
C GLY V 11 -33.23 17.30 -44.16
N LEU V 12 -32.98 17.13 -45.46
CA LEU V 12 -33.57 15.99 -46.22
C LEU V 12 -33.03 14.65 -45.69
N LEU V 13 -31.76 14.58 -45.36
CA LEU V 13 -31.21 13.32 -44.82
C LEU V 13 -31.82 12.98 -43.44
N ALA V 14 -31.88 13.98 -42.56
CA ALA V 14 -32.43 13.86 -41.19
C ALA V 14 -33.90 13.46 -41.32
N ARG V 15 -34.62 14.04 -42.25
CA ARG V 15 -36.08 13.73 -42.36
C ARG V 15 -36.23 12.27 -42.82
N ARG V 16 -35.40 11.81 -43.75
CA ARG V 16 -35.46 10.41 -44.19
C ARG V 16 -35.10 9.48 -43.02
N LEU V 17 -34.07 9.81 -42.24
CA LEU V 17 -33.68 8.95 -41.10
C LEU V 17 -34.84 8.87 -40.11
N ARG V 18 -35.41 10.01 -39.73
CA ARG V 18 -36.54 10.09 -38.76
C ARG V 18 -37.63 9.12 -39.21
N PHE V 19 -38.11 9.27 -40.43
CA PHE V 19 -39.22 8.49 -41.00
C PHE V 19 -38.90 6.98 -40.89
N HIS V 20 -37.71 6.56 -41.27
CA HIS V 20 -37.36 5.12 -41.33
C HIS V 20 -37.04 4.56 -39.94
N ILE V 21 -36.48 5.32 -39.01
CA ILE V 21 -36.24 4.77 -37.65
C ILE V 21 -37.60 4.52 -37.00
N VAL V 22 -38.55 5.43 -37.18
CA VAL V 22 -39.94 5.25 -36.68
C VAL V 22 -40.54 4.01 -37.36
N GLY V 23 -40.40 3.89 -38.68
CA GLY V 23 -40.83 2.70 -39.44
C GLY V 23 -40.22 1.45 -38.84
N ALA V 24 -38.91 1.45 -38.60
CA ALA V 24 -38.21 0.26 -38.04
C ALA V 24 -38.79 -0.09 -36.67
N PHE V 25 -39.01 0.90 -35.81
CA PHE V 25 -39.58 0.65 -34.47
C PHE V 25 -40.98 0.02 -34.60
N MET V 26 -41.82 0.52 -35.52
CA MET V 26 -43.19 -0.03 -35.70
C MET V 26 -43.05 -1.48 -36.17
N VAL V 27 -42.14 -1.74 -37.12
CA VAL V 27 -41.96 -3.13 -37.64
C VAL V 27 -41.50 -4.04 -36.49
N SER V 28 -40.62 -3.55 -35.61
CA SER V 28 -40.04 -4.31 -34.49
C SER V 28 -41.18 -4.79 -33.58
N LEU V 29 -42.09 -3.88 -33.25
CA LEU V 29 -43.26 -4.15 -32.38
C LEU V 29 -44.09 -5.27 -33.02
N GLY V 30 -44.34 -5.15 -34.32
CA GLY V 30 -45.09 -6.15 -35.09
C GLY V 30 -44.40 -7.49 -35.02
N PHE V 31 -43.07 -7.50 -35.17
CA PHE V 31 -42.31 -8.76 -35.06
C PHE V 31 -42.42 -9.28 -33.62
N ALA V 32 -42.29 -8.43 -32.60
CA ALA V 32 -42.40 -8.90 -31.19
C ALA V 32 -43.76 -9.59 -30.99
N THR V 33 -44.82 -9.07 -31.64
CA THR V 33 -46.20 -9.61 -31.54
C THR V 33 -46.28 -10.94 -32.28
N PHE V 34 -45.82 -11.00 -33.54
CA PHE V 34 -45.81 -12.25 -34.34
C PHE V 34 -45.06 -13.34 -33.56
N TYR V 35 -43.94 -12.96 -32.93
CA TYR V 35 -43.04 -13.96 -32.32
C TYR V 35 -43.64 -14.48 -31.02
N LYS V 36 -44.16 -13.58 -30.19
CA LYS V 36 -44.79 -13.94 -28.90
C LYS V 36 -45.90 -14.97 -29.17
N PHE V 37 -46.69 -14.78 -30.27
CA PHE V 37 -47.83 -15.65 -30.70
C PHE V 37 -47.30 -16.93 -31.38
N ALA V 38 -46.43 -16.86 -32.40
CA ALA V 38 -46.01 -18.01 -33.24
C ALA V 38 -44.94 -18.88 -32.56
N VAL V 39 -44.30 -18.40 -31.50
CA VAL V 39 -43.12 -19.12 -30.94
C VAL V 39 -43.31 -19.26 -29.44
N ALA V 40 -43.32 -18.15 -28.70
CA ALA V 40 -43.22 -18.16 -27.23
C ALA V 40 -44.53 -18.71 -26.63
N GLU V 41 -45.69 -18.15 -26.99
CA GLU V 41 -46.99 -18.62 -26.45
C GLU V 41 -47.31 -20.03 -27.01
N LYS V 42 -47.07 -20.26 -28.31
CA LYS V 42 -47.20 -21.59 -28.92
C LYS V 42 -46.47 -22.62 -28.03
N ARG V 43 -45.24 -22.31 -27.65
CA ARG V 43 -44.42 -23.25 -26.87
C ARG V 43 -45.08 -23.43 -25.49
N LYS V 44 -45.45 -22.34 -24.82
CA LYS V 44 -46.07 -22.43 -23.46
C LYS V 44 -47.31 -23.32 -23.57
N LYS V 45 -48.10 -23.09 -24.63
CA LYS V 45 -49.40 -23.76 -24.83
C LYS V 45 -49.16 -25.25 -25.16
N ALA V 46 -48.15 -25.57 -25.98
CA ALA V 46 -47.81 -26.98 -26.29
C ALA V 46 -47.51 -27.73 -25.00
N TYR V 47 -46.67 -27.17 -24.12
CA TYR V 47 -46.25 -27.86 -22.87
C TYR V 47 -47.45 -27.96 -21.93
N ALA V 48 -48.21 -26.88 -21.74
CA ALA V 48 -49.38 -26.85 -20.83
C ALA V 48 -50.42 -27.89 -21.30
N ASP V 49 -50.68 -27.93 -22.61
CA ASP V 49 -51.70 -28.86 -23.19
C ASP V 49 -51.19 -30.29 -23.01
N PHE V 50 -49.91 -30.53 -23.27
CA PHE V 50 -49.34 -31.89 -23.15
C PHE V 50 -49.59 -32.38 -21.73
N TYR V 51 -49.27 -31.58 -20.72
CA TYR V 51 -49.24 -32.06 -19.31
C TYR V 51 -50.65 -32.00 -18.70
N ARG V 52 -51.57 -31.21 -19.24
CA ARG V 52 -52.88 -30.98 -18.56
C ARG V 52 -53.53 -32.32 -18.22
N ASN V 53 -53.62 -33.28 -19.14
CA ASN V 53 -54.24 -34.59 -18.79
C ASN V 53 -53.23 -35.73 -18.93
N TYR V 54 -51.93 -35.44 -18.78
CA TYR V 54 -50.85 -36.47 -18.88
C TYR V 54 -50.94 -37.48 -17.74
N ASP V 55 -50.86 -38.74 -18.12
CA ASP V 55 -50.91 -39.92 -17.23
C ASP V 55 -49.55 -40.60 -17.36
N SER V 56 -48.62 -40.30 -16.44
CA SER V 56 -47.22 -40.80 -16.49
C SER V 56 -47.17 -42.33 -16.34
N MET V 57 -48.05 -42.93 -15.52
CA MET V 57 -48.14 -44.42 -15.39
C MET V 57 -48.57 -45.04 -16.72
N LYS V 58 -49.58 -44.47 -17.41
CA LYS V 58 -50.04 -45.03 -18.70
C LYS V 58 -48.90 -44.89 -19.73
N ASP V 59 -48.20 -43.74 -19.75
CA ASP V 59 -47.06 -43.50 -20.65
C ASP V 59 -46.03 -44.61 -20.41
N PHE V 60 -45.69 -44.88 -19.15
CA PHE V 60 -44.66 -45.90 -18.79
C PHE V 60 -45.09 -47.31 -19.26
N GLU V 61 -46.34 -47.65 -19.00
CA GLU V 61 -46.95 -48.96 -19.33
C GLU V 61 -46.89 -49.16 -20.86
N GLU V 62 -47.20 -48.13 -21.64
CA GLU V 62 -47.04 -48.20 -23.13
C GLU V 62 -45.55 -48.49 -23.46
N MET V 63 -44.63 -47.76 -22.87
CA MET V 63 -43.18 -47.96 -23.16
C MET V 63 -42.75 -49.37 -22.77
N ARG V 64 -43.16 -49.79 -21.56
CA ARG V 64 -42.80 -51.14 -21.04
C ARG V 64 -43.30 -52.19 -22.03
N LYS V 65 -44.57 -52.10 -22.43
CA LYS V 65 -45.22 -53.11 -23.33
C LYS V 65 -44.49 -53.12 -24.69
N ALA V 66 -43.92 -52.00 -25.13
CA ALA V 66 -43.16 -51.96 -26.40
C ALA V 66 -41.74 -52.50 -26.21
N GLY V 67 -41.31 -52.83 -25.00
CA GLY V 67 -39.99 -53.47 -24.73
C GLY V 67 -38.83 -52.47 -24.57
N ILE V 68 -39.05 -51.19 -24.28
CA ILE V 68 -37.89 -50.25 -24.39
C ILE V 68 -36.98 -50.36 -23.14
N PHE V 69 -37.46 -50.88 -22.00
CA PHE V 69 -36.72 -50.80 -20.70
C PHE V 69 -35.86 -52.04 -20.45
N GLN V 70 -34.63 -51.80 -19.99
CA GLN V 70 -33.74 -52.82 -19.36
C GLN V 70 -34.36 -53.32 -18.04
N SER V 71 -34.90 -52.46 -17.20
CA SER V 71 -35.26 -52.83 -15.79
C SER V 71 -36.71 -53.33 -15.62
N ALA V 72 -37.54 -53.28 -16.66
CA ALA V 72 -38.87 -53.94 -16.73
C ALA V 72 -38.85 -55.18 -17.65
N PHE W 1 41.27 4.65 -10.83
CA PHE W 1 41.07 4.63 -12.31
C PHE W 1 40.92 6.09 -12.79
N GLU W 2 41.19 6.30 -14.09
CA GLU W 2 41.11 7.61 -14.79
C GLU W 2 39.92 7.54 -15.75
N ASN W 3 39.34 8.70 -16.03
CA ASN W 3 38.18 8.84 -16.93
C ASN W 3 38.66 8.81 -18.40
N ARG W 4 38.49 7.68 -19.06
CA ARG W 4 38.84 7.43 -20.49
C ARG W 4 37.61 7.37 -21.39
N VAL W 5 36.50 7.97 -20.96
CA VAL W 5 35.28 8.01 -21.81
C VAL W 5 35.53 8.76 -23.13
N ALA W 6 36.23 9.91 -23.14
CA ALA W 6 36.52 10.73 -24.36
C ALA W 6 37.19 9.85 -25.39
N GLU W 7 38.12 8.98 -24.99
CA GLU W 7 38.83 8.15 -25.98
C GLU W 7 37.88 7.08 -26.55
N LYS W 8 36.93 6.54 -25.78
CA LYS W 8 35.90 5.60 -26.26
C LYS W 8 34.90 6.35 -27.16
N GLN W 9 34.58 7.59 -26.82
CA GLN W 9 33.71 8.43 -27.69
C GLN W 9 34.40 8.58 -29.06
N LYS W 10 35.68 8.90 -29.08
CA LYS W 10 36.41 9.10 -30.36
C LYS W 10 36.35 7.78 -31.17
N LEU W 11 36.63 6.62 -30.55
CA LEU W 11 36.60 5.32 -31.24
C LEU W 11 35.21 5.06 -31.84
N PHE W 12 34.15 5.20 -31.04
CA PHE W 12 32.81 4.77 -31.47
C PHE W 12 32.17 5.81 -32.39
N GLN W 13 32.76 6.99 -32.54
CA GLN W 13 32.27 8.00 -33.51
C GLN W 13 33.17 8.05 -34.75
N GLU W 14 34.23 7.25 -34.87
CA GLU W 14 35.07 7.24 -36.08
C GLU W 14 34.15 6.97 -37.31
N ASP W 15 34.32 7.76 -38.34
CA ASP W 15 33.54 7.68 -39.59
C ASP W 15 34.10 6.52 -40.43
N ASN W 16 33.90 5.27 -40.03
CA ASN W 16 34.48 4.11 -40.74
C ASN W 16 33.35 3.26 -41.32
N GLY W 17 32.09 3.67 -41.22
CA GLY W 17 30.97 2.91 -41.82
C GLY W 17 30.62 1.65 -41.05
N LEU W 18 31.30 1.30 -39.95
CA LEU W 18 30.97 0.03 -39.25
C LEU W 18 29.68 0.23 -38.44
N PRO W 19 28.83 -0.82 -38.41
CA PRO W 19 27.72 -0.85 -37.46
C PRO W 19 28.22 -0.97 -36.01
N VAL W 20 27.41 -0.50 -35.06
CA VAL W 20 27.85 -0.34 -33.66
C VAL W 20 28.35 -1.68 -33.10
N HIS W 21 27.79 -2.81 -33.54
CA HIS W 21 28.15 -4.14 -32.97
C HIS W 21 29.55 -4.59 -33.42
N LEU W 22 30.15 -3.90 -34.38
CA LEU W 22 31.49 -4.27 -34.90
C LEU W 22 32.49 -3.13 -34.72
N LYS W 23 32.08 -1.98 -34.19
CA LYS W 23 32.91 -0.76 -34.23
C LYS W 23 34.03 -0.81 -33.19
N GLY W 24 34.01 -1.76 -32.27
CA GLY W 24 35.10 -1.89 -31.27
C GLY W 24 36.35 -2.51 -31.88
N GLY W 25 36.26 -3.20 -33.00
CA GLY W 25 37.42 -3.79 -33.68
C GLY W 25 37.31 -5.29 -33.80
N ALA W 26 38.41 -5.95 -34.14
CA ALA W 26 38.47 -7.36 -34.58
C ALA W 26 37.83 -8.27 -33.51
N THR W 27 37.92 -7.92 -32.25
CA THR W 27 37.37 -8.78 -31.16
C THR W 27 35.84 -8.81 -31.32
N ASP W 28 35.27 -7.71 -31.77
CA ASP W 28 33.78 -7.71 -32.01
C ASP W 28 33.45 -8.77 -33.07
N ASN W 29 34.25 -8.85 -34.13
CA ASN W 29 34.03 -9.80 -35.25
C ASN W 29 34.13 -11.22 -34.69
N ILE W 30 35.11 -11.49 -33.84
CA ILE W 30 35.32 -12.87 -33.31
C ILE W 30 34.09 -13.22 -32.47
N LEU W 31 33.66 -12.32 -31.58
CA LEU W 31 32.55 -12.65 -30.66
C LEU W 31 31.27 -12.84 -31.49
N TYR W 32 31.04 -11.98 -32.49
CA TYR W 32 29.86 -12.14 -33.40
C TYR W 32 29.93 -13.53 -34.07
N ARG W 33 31.06 -13.92 -34.64
CA ARG W 33 31.14 -15.23 -35.34
C ARG W 33 30.90 -16.38 -34.37
N VAL W 34 31.46 -16.33 -33.16
CA VAL W 34 31.22 -17.39 -32.15
C VAL W 34 29.71 -17.49 -31.90
N THR W 35 29.09 -16.36 -31.65
CA THR W 35 27.65 -16.32 -31.30
C THR W 35 26.81 -16.91 -32.44
N MET W 36 27.02 -16.38 -33.64
CA MET W 36 26.17 -16.80 -34.80
C MET W 36 26.48 -18.26 -35.14
N THR W 37 27.74 -18.71 -35.08
CA THR W 37 28.07 -20.13 -35.34
C THR W 37 27.31 -20.99 -34.33
N LEU W 38 27.41 -20.68 -33.04
CA LEU W 38 26.71 -21.46 -32.00
C LEU W 38 25.19 -21.41 -32.27
N CYS W 39 24.62 -20.26 -32.60
CA CYS W 39 23.15 -20.18 -32.84
C CYS W 39 22.73 -21.03 -34.05
N LEU W 40 23.43 -20.87 -35.18
CA LEU W 40 23.02 -21.54 -36.45
C LEU W 40 23.28 -23.06 -36.33
N GLY W 41 24.45 -23.43 -35.85
CA GLY W 41 24.82 -24.83 -35.55
C GLY W 41 23.86 -25.46 -34.56
N GLY W 42 23.57 -24.78 -33.44
CA GLY W 42 22.63 -25.31 -32.44
C GLY W 42 21.25 -25.50 -33.04
N THR W 43 20.82 -24.56 -33.91
CA THR W 43 19.50 -24.66 -34.58
C THR W 43 19.50 -25.87 -35.52
N LEU W 44 20.55 -26.04 -36.32
CA LEU W 44 20.65 -27.24 -37.21
C LEU W 44 20.60 -28.50 -36.32
N TYR W 45 21.27 -28.48 -35.18
CA TYR W 45 21.28 -29.65 -34.26
C TYR W 45 19.88 -29.86 -33.69
N SER W 46 19.15 -28.79 -33.40
CA SER W 46 17.77 -28.92 -32.86
C SER W 46 16.87 -29.59 -33.90
N LEU W 47 17.05 -29.28 -35.19
CA LEU W 47 16.22 -29.90 -36.27
C LEU W 47 16.51 -31.40 -36.36
N TYR W 48 17.79 -31.78 -36.33
CA TYR W 48 18.22 -33.20 -36.27
C TYR W 48 17.54 -33.89 -35.07
N CYS W 49 17.56 -33.25 -33.90
CA CYS W 49 16.95 -33.80 -32.66
C CYS W 49 15.47 -34.03 -32.91
N LEU W 50 14.79 -33.10 -33.61
CA LEU W 50 13.36 -33.21 -34.01
C LEU W 50 13.14 -34.45 -34.89
N GLY W 51 13.94 -34.58 -35.94
CA GLY W 51 13.88 -35.74 -36.87
C GLY W 51 14.01 -37.05 -36.11
N TRP W 52 14.97 -37.11 -35.19
CA TRP W 52 15.14 -38.29 -34.28
C TRP W 52 13.90 -38.48 -33.40
N ALA W 53 13.35 -37.43 -32.78
CA ALA W 53 12.29 -37.58 -31.78
C ALA W 53 10.95 -37.87 -32.46
N SER W 54 10.87 -37.66 -33.78
CA SER W 54 9.60 -37.72 -34.56
C SER W 54 9.24 -39.18 -34.88
N PHE W 55 10.18 -40.10 -34.66
CA PHE W 55 10.01 -41.55 -34.93
C PHE W 55 10.31 -42.34 -33.68
N PRO W 56 9.62 -43.48 -33.44
CA PRO W 56 9.92 -44.32 -32.26
C PRO W 56 11.32 -44.95 -32.22
N ALA X 6 -17.24 3.76 -74.87
CA ALA X 6 -16.04 2.90 -74.49
C ALA X 6 -16.49 1.68 -73.68
N PRO X 7 -17.11 0.64 -74.33
CA PRO X 7 -17.58 -0.55 -73.61
C PRO X 7 -16.45 -1.34 -72.91
N ASP X 8 -16.65 -1.62 -71.62
CA ASP X 8 -15.64 -2.27 -70.75
C ASP X 8 -15.90 -3.78 -70.73
N PHE X 9 -15.08 -4.52 -69.98
CA PHE X 9 -15.16 -5.99 -69.86
C PHE X 9 -16.58 -6.39 -69.43
N HIS X 10 -17.19 -5.63 -68.52
CA HIS X 10 -18.50 -5.99 -67.91
C HIS X 10 -19.61 -5.81 -68.94
N ASP X 11 -19.50 -4.75 -69.75
CA ASP X 11 -20.46 -4.46 -70.85
C ASP X 11 -20.43 -5.61 -71.86
N LYS X 12 -19.23 -6.09 -72.19
CA LYS X 12 -18.97 -7.11 -73.25
C LYS X 12 -19.30 -8.52 -72.72
N TYR X 13 -18.88 -8.90 -71.51
CA TYR X 13 -18.93 -10.31 -71.06
C TYR X 13 -19.83 -10.53 -69.84
N GLY X 14 -20.31 -9.46 -69.21
CA GLY X 14 -21.05 -9.53 -67.95
C GLY X 14 -22.25 -10.47 -68.03
N ASN X 15 -23.08 -10.31 -69.06
CA ASN X 15 -24.31 -11.12 -69.27
C ASN X 15 -23.95 -12.62 -69.33
N ALA X 16 -22.91 -12.94 -70.10
CA ALA X 16 -22.45 -14.33 -70.34
C ALA X 16 -21.84 -14.91 -69.05
N VAL X 17 -21.00 -14.15 -68.35
CA VAL X 17 -20.41 -14.61 -67.05
C VAL X 17 -21.55 -14.94 -66.06
N LEU X 18 -22.53 -14.07 -65.93
CA LEU X 18 -23.67 -14.26 -64.99
C LEU X 18 -24.46 -15.52 -65.38
N ALA X 19 -24.83 -15.67 -66.66
CA ALA X 19 -25.73 -16.78 -67.09
C ALA X 19 -24.96 -18.09 -66.96
N SER X 20 -23.72 -18.14 -67.44
CA SER X 20 -22.88 -19.37 -67.40
C SER X 20 -22.54 -19.76 -65.97
N GLY X 21 -22.08 -18.80 -65.18
CA GLY X 21 -21.77 -19.01 -63.77
C GLY X 21 -22.94 -19.62 -63.04
N ALA X 22 -24.14 -19.04 -63.17
CA ALA X 22 -25.36 -19.49 -62.47
C ALA X 22 -25.70 -20.90 -62.95
N THR X 23 -25.66 -21.11 -64.26
CA THR X 23 -26.05 -22.40 -64.90
C THR X 23 -25.12 -23.49 -64.37
N PHE X 24 -23.80 -23.25 -64.42
CA PHE X 24 -22.78 -24.21 -63.95
C PHE X 24 -22.94 -24.53 -62.46
N CYS X 25 -23.04 -23.50 -61.63
CA CYS X 25 -23.17 -23.63 -60.16
C CYS X 25 -24.37 -24.52 -59.81
N VAL X 26 -25.55 -24.19 -60.34
CA VAL X 26 -26.79 -24.96 -60.05
C VAL X 26 -26.57 -26.41 -60.50
N ALA X 27 -26.09 -26.61 -61.72
CA ALA X 27 -25.97 -27.96 -62.33
C ALA X 27 -25.02 -28.78 -61.45
N VAL X 28 -23.88 -28.23 -61.05
CA VAL X 28 -22.87 -29.10 -60.37
C VAL X 28 -23.32 -29.38 -58.91
N TRP X 29 -23.93 -28.40 -58.23
CA TRP X 29 -24.43 -28.59 -56.84
C TRP X 29 -25.59 -29.57 -56.85
N VAL X 30 -26.49 -29.50 -57.84
CA VAL X 30 -27.65 -30.44 -57.91
C VAL X 30 -27.06 -31.83 -58.10
N TYR X 31 -26.04 -31.98 -58.95
CA TYR X 31 -25.43 -33.30 -59.24
C TYR X 31 -24.79 -33.82 -57.95
N MET X 32 -23.91 -33.03 -57.33
CA MET X 32 -23.26 -33.42 -56.05
C MET X 32 -24.31 -33.86 -55.02
N ALA X 33 -25.42 -33.12 -54.91
CA ALA X 33 -26.42 -33.30 -53.84
C ALA X 33 -27.25 -34.58 -54.08
N THR X 34 -27.50 -34.97 -55.33
CA THR X 34 -28.53 -36.01 -55.64
C THR X 34 -27.95 -37.28 -56.28
N GLN X 35 -26.71 -37.31 -56.77
CA GLN X 35 -26.27 -38.35 -57.73
C GLN X 35 -25.08 -39.15 -57.23
N ILE X 36 -24.40 -38.80 -56.13
CA ILE X 36 -23.13 -39.52 -55.77
C ILE X 36 -23.22 -40.24 -54.41
N GLY X 37 -24.43 -40.40 -53.86
CA GLY X 37 -24.67 -41.21 -52.65
C GLY X 37 -24.43 -40.44 -51.36
N ILE X 38 -24.35 -39.13 -51.39
CA ILE X 38 -24.20 -38.36 -50.12
C ILE X 38 -25.41 -38.70 -49.25
N GLU X 39 -25.16 -38.97 -47.95
CA GLU X 39 -26.22 -39.22 -46.95
C GLU X 39 -26.59 -37.91 -46.26
N TRP X 40 -27.79 -37.40 -46.52
CA TRP X 40 -28.28 -36.14 -45.94
C TRP X 40 -28.98 -36.39 -44.61
N ASN X 41 -29.54 -37.58 -44.44
CA ASN X 41 -30.25 -38.02 -43.22
C ASN X 41 -31.40 -37.06 -42.93
N PRO X 42 -32.37 -36.93 -43.86
CA PRO X 42 -33.52 -36.07 -43.64
C PRO X 42 -34.41 -36.63 -42.52
N SER X 43 -35.32 -35.82 -42.00
CA SER X 43 -36.31 -36.28 -41.00
C SER X 43 -37.06 -37.50 -41.52
N PRO X 44 -37.27 -38.55 -40.71
CA PRO X 44 -38.20 -39.62 -41.07
C PRO X 44 -39.68 -39.17 -41.04
N VAL X 45 -39.95 -37.99 -40.49
CA VAL X 45 -41.35 -37.51 -40.37
C VAL X 45 -41.98 -37.37 -41.75
N GLY X 46 -43.08 -38.06 -42.00
CA GLY X 46 -43.85 -38.06 -43.27
C GLY X 46 -43.17 -38.87 -44.37
N ARG X 47 -42.07 -39.61 -44.07
CA ARG X 47 -41.20 -40.29 -45.08
C ARG X 47 -41.04 -41.78 -44.71
N VAL X 48 -40.70 -42.10 -43.47
CA VAL X 48 -40.33 -43.50 -43.10
C VAL X 48 -41.56 -44.20 -42.53
N THR X 49 -41.72 -45.46 -42.90
CA THR X 49 -42.69 -46.39 -42.29
C THR X 49 -41.98 -47.12 -41.15
N PRO X 50 -42.40 -46.89 -39.88
CA PRO X 50 -41.78 -47.52 -38.73
C PRO X 50 -41.95 -49.03 -38.89
N LYS X 51 -40.93 -49.79 -38.54
CA LYS X 51 -40.88 -51.28 -38.64
C LYS X 51 -40.52 -51.84 -37.26
N GLU X 52 -41.16 -52.95 -36.87
CA GLU X 52 -40.94 -53.71 -35.62
C GLU X 52 -39.43 -53.97 -35.44
N TRP X 53 -38.90 -53.74 -34.25
CA TRP X 53 -37.44 -53.88 -33.97
C TRP X 53 -37.26 -54.92 -32.87
N ARG X 54 -38.27 -55.13 -32.02
CA ARG X 54 -38.09 -55.88 -30.74
C ARG X 54 -38.14 -57.39 -30.97
N TYR Y 3 19.85 0.92 -49.24
CA TYR Y 3 18.72 -0.07 -49.71
C TYR Y 3 17.92 0.50 -50.87
N GLU Y 4 17.39 -0.39 -51.69
CA GLU Y 4 16.54 -0.04 -52.86
C GLU Y 4 15.14 0.34 -52.35
N GLU Y 5 14.52 1.28 -53.03
CA GLU Y 5 13.25 1.91 -52.57
C GLU Y 5 12.27 1.74 -53.71
N GLY Y 6 10.99 1.74 -53.42
CA GLY Y 6 9.99 1.84 -54.49
C GLY Y 6 9.24 0.53 -54.66
N PRO Y 7 8.17 0.58 -55.48
CA PRO Y 7 7.37 -0.59 -55.74
C PRO Y 7 8.23 -1.76 -56.20
N GLY Y 8 8.03 -2.91 -55.56
CA GLY Y 8 8.70 -4.19 -55.89
C GLY Y 8 10.09 -4.27 -55.29
N LYS Y 9 10.52 -3.24 -54.56
CA LYS Y 9 11.91 -3.11 -54.02
C LYS Y 9 11.91 -3.19 -52.49
N ASN Y 10 10.75 -3.14 -51.83
CA ASN Y 10 10.66 -3.04 -50.36
C ASN Y 10 10.19 -4.40 -49.79
N ILE Y 11 10.55 -5.48 -50.47
CA ILE Y 11 10.05 -6.86 -50.19
C ILE Y 11 11.23 -7.82 -50.25
N PRO Y 12 11.24 -8.89 -49.42
CA PRO Y 12 12.32 -9.89 -49.45
C PRO Y 12 12.20 -10.90 -50.61
N PHE Y 13 11.28 -10.69 -51.54
CA PHE Y 13 11.14 -11.58 -52.72
C PHE Y 13 11.10 -10.70 -53.96
N SER Y 14 11.51 -11.24 -55.09
CA SER Y 14 11.60 -10.52 -56.38
C SER Y 14 10.24 -10.57 -57.06
N VAL Y 15 9.86 -9.47 -57.69
CA VAL Y 15 8.67 -9.44 -58.61
C VAL Y 15 9.13 -9.05 -60.01
N GLU Y 16 10.40 -9.28 -60.32
CA GLU Y 16 11.00 -8.87 -61.61
C GLU Y 16 10.39 -9.70 -62.75
N ASN Y 17 10.08 -10.96 -62.48
CA ASN Y 17 9.53 -11.95 -63.44
C ASN Y 17 8.28 -12.56 -62.80
N LYS Y 18 7.12 -12.36 -63.42
CA LYS Y 18 5.84 -12.80 -62.81
C LYS Y 18 5.76 -14.34 -62.76
N TRP Y 19 6.50 -15.06 -63.59
CA TRP Y 19 6.42 -16.55 -63.60
C TRP Y 19 7.33 -17.11 -62.50
N ARG Y 20 8.53 -16.55 -62.32
CA ARG Y 20 9.37 -16.88 -61.16
C ARG Y 20 8.54 -16.53 -59.91
N LEU Y 21 7.88 -15.38 -59.91
CA LEU Y 21 7.08 -14.99 -58.74
C LEU Y 21 6.03 -16.07 -58.47
N LEU Y 22 5.35 -16.54 -59.50
CA LEU Y 22 4.28 -17.53 -59.33
C LEU Y 22 4.85 -18.80 -58.72
N ALA Y 23 6.02 -19.23 -59.17
CA ALA Y 23 6.70 -20.41 -58.58
C ALA Y 23 6.95 -20.14 -57.08
N MET Y 24 7.55 -18.99 -56.73
CA MET Y 24 7.92 -18.68 -55.32
C MET Y 24 6.63 -18.64 -54.47
N MET Y 25 5.57 -18.00 -54.99
CA MET Y 25 4.33 -17.82 -54.20
C MET Y 25 3.67 -19.19 -53.98
N THR Y 26 3.69 -20.01 -55.01
CA THR Y 26 3.16 -21.40 -55.02
C THR Y 26 3.92 -22.24 -53.97
N LEU Y 27 5.25 -22.16 -53.95
CA LEU Y 27 6.08 -22.90 -52.96
C LEU Y 27 5.74 -22.37 -51.57
N PHE Y 28 5.63 -21.07 -51.42
CA PHE Y 28 5.42 -20.40 -50.10
C PHE Y 28 4.05 -20.81 -49.52
N PHE Y 29 2.95 -20.43 -50.14
CA PHE Y 29 1.59 -20.74 -49.60
C PHE Y 29 1.27 -22.23 -49.68
N GLY Y 30 1.70 -22.91 -50.75
CA GLY Y 30 1.51 -24.37 -50.89
C GLY Y 30 2.24 -25.13 -49.79
N SER Y 31 3.46 -24.74 -49.42
CA SER Y 31 4.18 -25.46 -48.32
C SER Y 31 3.35 -25.38 -47.03
N GLY Y 32 2.85 -24.19 -46.72
CA GLY Y 32 2.03 -23.95 -45.51
C GLY Y 32 0.78 -24.79 -45.55
N PHE Y 33 0.08 -24.76 -46.67
CA PHE Y 33 -1.18 -25.53 -46.80
C PHE Y 33 -0.88 -27.04 -46.73
N ALA Y 34 0.22 -27.51 -47.34
CA ALA Y 34 0.53 -28.95 -47.37
C ALA Y 34 0.89 -29.49 -45.98
N ALA Y 35 1.60 -28.68 -45.17
CA ALA Y 35 2.26 -29.17 -43.94
C ALA Y 35 1.31 -30.00 -43.10
N PRO Y 36 0.10 -29.55 -42.73
CA PRO Y 36 -0.76 -30.36 -41.87
C PRO Y 36 -1.17 -31.71 -42.46
N PHE Y 37 -1.39 -31.79 -43.78
CA PHE Y 37 -1.72 -33.08 -44.44
C PHE Y 37 -0.55 -34.04 -44.22
N PHE Y 38 0.68 -33.59 -44.35
CA PHE Y 38 1.88 -34.47 -44.19
C PHE Y 38 2.12 -34.81 -42.73
N ILE Y 39 1.77 -33.93 -41.78
CA ILE Y 39 1.89 -34.25 -40.33
C ILE Y 39 0.86 -35.31 -39.96
N VAL Y 40 -0.37 -35.15 -40.41
CA VAL Y 40 -1.42 -36.18 -40.21
C VAL Y 40 -0.93 -37.50 -40.82
N ARG Y 41 -0.41 -37.51 -42.05
CA ARG Y 41 0.11 -38.76 -42.66
C ARG Y 41 1.18 -39.37 -41.75
N HIS Y 42 2.11 -38.56 -41.27
CA HIS Y 42 3.22 -38.96 -40.36
C HIS Y 42 2.67 -39.66 -39.10
N GLN Y 43 1.66 -39.07 -38.45
CA GLN Y 43 1.02 -39.65 -37.22
C GLN Y 43 0.26 -40.96 -37.56
N LEU Y 44 -0.44 -41.03 -38.69
CA LEU Y 44 -1.19 -42.24 -39.09
C LEU Y 44 -0.21 -43.37 -39.38
N LEU Y 45 0.98 -43.08 -39.91
CA LEU Y 45 1.97 -44.10 -40.36
C LEU Y 45 2.74 -44.67 -39.17
N LYS Y 46 2.72 -44.02 -38.02
CA LYS Y 46 3.20 -44.61 -36.75
C LYS Y 46 2.26 -45.78 -36.40
N ILE Z 1 -8.60 5.55 -55.63
CA ILE Z 1 -7.18 5.47 -55.93
C ILE Z 1 -7.02 5.58 -57.45
N THR Z 2 -5.98 6.26 -57.90
CA THR Z 2 -5.55 6.29 -59.32
C THR Z 2 -4.16 5.68 -59.43
N ALA Z 3 -3.94 5.06 -60.56
CA ALA Z 3 -2.75 4.22 -60.81
C ALA Z 3 -2.27 4.44 -62.25
N LYS Z 4 -0.98 4.25 -62.47
CA LYS Z 4 -0.45 4.10 -63.84
C LYS Z 4 -1.04 2.85 -64.48
N PRO Z 5 -1.10 2.84 -65.83
CA PRO Z 5 -1.33 1.58 -66.54
C PRO Z 5 -0.28 0.56 -66.08
N ALA Z 6 -0.70 -0.70 -66.02
CA ALA Z 6 0.17 -1.86 -65.70
C ALA Z 6 1.47 -1.79 -66.49
N LYS Z 7 2.60 -1.87 -65.81
CA LYS Z 7 3.90 -2.00 -66.50
C LYS Z 7 3.93 -3.30 -67.27
N THR Z 8 3.33 -4.38 -66.77
CA THR Z 8 3.49 -5.74 -67.35
C THR Z 8 2.13 -6.39 -67.32
N PRO Z 9 1.18 -5.92 -68.18
CA PRO Z 9 -0.22 -6.33 -68.10
C PRO Z 9 -0.37 -7.86 -68.12
N THR Z 10 -1.31 -8.37 -67.32
CA THR Z 10 -1.56 -9.82 -67.22
C THR Z 10 -2.86 -10.11 -67.96
N SER Z 11 -2.73 -10.67 -69.17
CA SER Z 11 -3.81 -11.05 -70.10
C SER Z 11 -4.73 -12.11 -69.48
N PRO Z 12 -5.97 -12.22 -69.98
CA PRO Z 12 -6.90 -13.29 -69.53
C PRO Z 12 -6.25 -14.68 -69.54
N LYS Z 13 -5.45 -14.95 -70.57
CA LYS Z 13 -4.75 -16.26 -70.69
C LYS Z 13 -3.73 -16.40 -69.53
N GLU Z 14 -2.91 -15.38 -69.29
CA GLU Z 14 -1.90 -15.38 -68.20
C GLU Z 14 -2.62 -15.58 -66.87
N GLN Z 15 -3.78 -14.95 -66.66
CA GLN Z 15 -4.59 -15.08 -65.43
C GLN Z 15 -5.06 -16.53 -65.25
N ALA Z 16 -5.53 -17.18 -66.34
CA ALA Z 16 -6.01 -18.57 -66.31
C ALA Z 16 -4.83 -19.44 -65.87
N ILE Z 17 -3.63 -19.12 -66.36
CA ILE Z 17 -2.43 -19.91 -65.97
C ILE Z 17 -2.16 -19.69 -64.46
N GLY Z 18 -2.05 -18.45 -64.03
CA GLY Z 18 -1.75 -18.15 -62.61
C GLY Z 18 -2.77 -18.79 -61.68
N LEU Z 19 -4.03 -18.69 -62.04
CA LEU Z 19 -5.14 -19.26 -61.24
C LEU Z 19 -5.00 -20.77 -61.13
N SER Z 20 -4.83 -21.42 -62.27
CA SER Z 20 -4.72 -22.88 -62.39
C SER Z 20 -3.54 -23.34 -61.54
N VAL Z 21 -2.38 -22.67 -61.67
CA VAL Z 21 -1.16 -23.10 -60.94
C VAL Z 21 -1.40 -22.91 -59.44
N THR Z 22 -2.02 -21.80 -59.07
CA THR Z 22 -2.31 -21.49 -57.64
C THR Z 22 -3.19 -22.61 -57.09
N PHE Z 23 -4.29 -22.93 -57.78
CA PHE Z 23 -5.28 -23.88 -57.25
C PHE Z 23 -4.58 -25.24 -57.14
N LEU Z 24 -3.81 -25.61 -58.15
CA LEU Z 24 -3.15 -26.95 -58.17
C LEU Z 24 -2.14 -27.07 -56.99
N SER Z 25 -1.47 -25.98 -56.62
CA SER Z 25 -0.41 -26.01 -55.57
C SER Z 25 -1.05 -26.33 -54.22
N PHE Z 26 -2.31 -25.92 -54.00
CA PHE Z 26 -3.10 -26.26 -52.80
C PHE Z 26 -3.68 -27.69 -52.92
N LEU Z 27 -4.22 -28.04 -54.09
CA LEU Z 27 -5.12 -29.20 -54.23
C LEU Z 27 -4.30 -30.47 -54.38
N LEU Z 28 -3.19 -30.44 -55.10
CA LEU Z 28 -2.52 -31.73 -55.47
C LEU Z 28 -1.89 -32.38 -54.24
N PRO Z 29 -1.10 -31.69 -53.40
CA PRO Z 29 -0.45 -32.35 -52.26
C PRO Z 29 -1.48 -32.92 -51.28
N ALA Z 30 -2.45 -32.11 -50.87
CA ALA Z 30 -3.53 -32.52 -49.94
C ALA Z 30 -4.30 -33.69 -50.58
N GLY Z 31 -4.65 -33.61 -51.87
CA GLY Z 31 -5.36 -34.69 -52.57
C GLY Z 31 -4.56 -35.98 -52.52
N TRP Z 32 -3.26 -35.89 -52.74
CA TRP Z 32 -2.37 -37.08 -52.69
C TRP Z 32 -2.50 -37.72 -51.29
N VAL Z 33 -2.40 -36.94 -50.22
CA VAL Z 33 -2.46 -37.50 -48.83
C VAL Z 33 -3.84 -38.12 -48.63
N LEU Z 34 -4.91 -37.37 -48.93
CA LEU Z 34 -6.29 -37.83 -48.65
C LEU Z 34 -6.63 -39.06 -49.50
N TYR Z 35 -6.18 -39.12 -50.75
CA TYR Z 35 -6.41 -40.30 -51.62
C TYR Z 35 -5.76 -41.54 -50.96
N HIS Z 36 -4.61 -41.37 -50.30
CA HIS Z 36 -3.81 -42.50 -49.76
C HIS Z 36 -4.10 -42.78 -48.28
N LEU Z 37 -5.13 -42.20 -47.66
CA LEU Z 37 -5.43 -42.44 -46.22
C LEU Z 37 -5.57 -43.92 -45.97
N ASP Z 38 -6.40 -44.59 -46.79
CA ASP Z 38 -6.34 -46.03 -47.07
C ASP Z 38 -4.99 -46.61 -46.61
N ASN Z 39 -3.94 -46.38 -47.42
CA ASN Z 39 -2.57 -46.96 -47.32
C ASN Z 39 -1.93 -46.63 -45.97
N TYR Z 40 -2.20 -45.43 -45.41
CA TYR Z 40 -1.89 -45.08 -44.01
C TYR Z 40 -2.94 -45.79 -43.13
#